data_5SCE
#
_entry.id   5SCE
#
_cell.length_a   208.154
_cell.length_b   113.098
_cell.length_c   189.301
_cell.angle_alpha   90.000
_cell.angle_beta   91.490
_cell.angle_gamma   90.000
#
_symmetry.space_group_name_H-M   'C 1 2 1'
#
loop_
_entity.id
_entity.type
_entity.pdbx_description
1 polymer 'Pyruvate kinase'
2 non-polymer 1,6-di-O-phosphono-beta-D-fructofuranose
3 non-polymer 'OXALATE ION'
4 non-polymer 'MAGNESIUM ION'
5 non-polymer 'POTASSIUM ION'
6 non-polymer '3-amino-4-hydroxy-9,10-dioxo-9,10-dihydroanthracene-2-sulfonic acid'
7 water water
#
_entity_poly.entity_id   1
_entity_poly.type   'polypeptide(L)'
_entity_poly.pdbx_seq_one_letter_code
;GSMEGPAGYLRRADVAQLTQELGTAFFQQQQLPAAMADTFLEHLCLLDIDSEPVAARSTSIIATIGPASRSVERLKEMIK
AGMNIARLNFSHGSHEYHAESIANVREAVESFAGSPLSYRPVAIALDTKGPGSGPGLSEQDVRDLRFGVEHGVDIVFASF
VRKASDVAAVRAALGPEGHGIKIISKIENHEGVKRFDEILEVSDGIMVARGDLGIEIPAEKVFLAQKMMIGRCNLAGKPV
VCATQMLESMITKPRPTRAETSDVANAVLDGADCIMLSGETAKGNFPVEAVKMQHAIAREAEAAVYHRQLFEELRRAAPL
SRDPTEVTAIGAVEAAFKCCAAAIIVLTTTGRSAQLLSRYRPRAAVIAVTRSAQAARQVHLCRGVFPLLYREPPEAIWAD
DVDRRVQFGIESGKLRGFLRVGDLVIVVTGWRPGSGYTNIMRVLSIS
;
_entity_poly.pdbx_strand_id   A,B,C,D,E,F,G,H
#
# COMPACT_ATOMS: atom_id res chain seq x y z
N GLN A 28 15.40 14.23 -24.00
CA GLN A 28 16.06 14.95 -25.09
C GLN A 28 16.57 16.35 -24.70
N GLN A 29 17.57 16.82 -25.45
CA GLN A 29 18.26 18.11 -25.43
C GLN A 29 17.31 19.28 -25.77
N GLN A 30 17.81 20.53 -25.62
CA GLN A 30 17.16 21.81 -25.89
C GLN A 30 15.69 21.91 -25.41
N GLN A 31 15.43 21.39 -24.19
CA GLN A 31 14.12 21.38 -23.53
C GLN A 31 13.00 20.84 -24.43
N LEU A 32 13.32 19.84 -25.28
CA LEU A 32 12.32 19.24 -26.16
C LEU A 32 11.20 18.51 -25.40
N PRO A 33 11.44 17.82 -24.26
CA PRO A 33 10.31 17.25 -23.50
C PRO A 33 9.33 18.34 -23.02
N ALA A 34 9.86 19.50 -22.57
CA ALA A 34 9.04 20.63 -22.11
C ALA A 34 8.33 21.34 -23.29
N ALA A 35 8.91 21.25 -24.51
CA ALA A 35 8.35 21.87 -25.71
C ALA A 35 7.09 21.14 -26.21
N MET A 36 7.00 19.82 -25.97
CA MET A 36 5.82 19.06 -26.41
C MET A 36 4.66 19.07 -25.40
N ALA A 37 4.78 19.80 -24.28
CA ALA A 37 3.73 19.86 -23.27
C ALA A 37 2.43 20.48 -23.79
N ASP A 38 1.30 19.99 -23.30
CA ASP A 38 -0.02 20.47 -23.74
C ASP A 38 -0.50 21.75 -23.04
N THR A 39 0.13 22.10 -21.91
CA THR A 39 -0.16 23.34 -21.18
C THR A 39 1.15 24.04 -20.80
N PHE A 40 1.06 25.34 -20.57
CA PHE A 40 2.23 26.12 -20.13
C PHE A 40 2.71 25.65 -18.75
N LEU A 41 1.78 25.27 -17.88
CA LEU A 41 2.07 24.75 -16.56
C LEU A 41 2.86 23.46 -16.65
N GLU A 42 2.43 22.51 -17.51
CA GLU A 42 3.13 21.23 -17.76
CA GLU A 42 3.16 21.26 -17.67
C GLU A 42 4.52 21.48 -18.36
N HIS A 43 4.64 22.52 -19.21
CA HIS A 43 5.86 22.93 -19.88
C HIS A 43 6.86 23.36 -18.80
N LEU A 44 6.41 24.19 -17.82
CA LEU A 44 7.29 24.62 -16.73
C LEU A 44 7.77 23.41 -15.92
N CYS A 45 6.86 22.49 -15.58
CA CYS A 45 7.16 21.28 -14.81
C CYS A 45 8.19 20.38 -15.51
N LEU A 46 8.21 20.41 -16.84
CA LEU A 46 9.12 19.57 -17.61
C LEU A 46 10.49 20.19 -17.89
N LEU A 47 10.74 21.42 -17.41
CA LEU A 47 12.04 22.06 -17.61
C LEU A 47 13.13 21.25 -16.87
N ASP A 48 14.23 20.96 -17.56
CA ASP A 48 15.29 20.10 -17.05
C ASP A 48 16.64 20.81 -17.09
N ILE A 49 17.28 20.98 -15.93
CA ILE A 49 18.61 21.61 -15.87
C ILE A 49 19.69 20.77 -16.60
N ASP A 50 19.44 19.47 -16.81
CA ASP A 50 20.36 18.59 -17.53
C ASP A 50 20.11 18.56 -19.05
N SER A 51 19.03 19.20 -19.54
CA SER A 51 18.71 19.28 -20.96
C SER A 51 19.55 20.42 -21.53
N GLU A 52 20.65 20.08 -22.20
CA GLU A 52 21.59 21.09 -22.71
C GLU A 52 21.15 21.79 -23.98
N PRO A 53 21.36 23.12 -24.05
CA PRO A 53 20.98 23.85 -25.27
C PRO A 53 21.86 23.43 -26.46
N VAL A 54 21.27 23.27 -27.65
CA VAL A 54 22.04 22.86 -28.83
C VAL A 54 22.06 23.97 -29.89
N ALA A 55 20.92 24.64 -30.08
CA ALA A 55 20.83 25.72 -31.05
C ALA A 55 21.72 26.92 -30.69
N ALA A 56 22.08 27.69 -31.72
CA ALA A 56 22.90 28.88 -31.53
C ALA A 56 22.07 29.95 -30.82
N ARG A 57 22.75 30.79 -30.05
CA ARG A 57 22.13 31.87 -29.29
C ARG A 57 21.50 32.88 -30.24
N SER A 58 20.17 33.04 -30.14
CA SER A 58 19.29 33.88 -30.93
C SER A 58 19.19 35.34 -30.50
N THR A 59 19.22 35.64 -29.20
CA THR A 59 19.03 37.00 -28.68
C THR A 59 20.34 37.74 -28.80
N SER A 60 20.38 38.84 -29.56
CA SER A 60 21.63 39.58 -29.73
C SER A 60 22.06 40.30 -28.48
N ILE A 61 23.37 40.42 -28.32
CA ILE A 61 23.94 41.11 -27.18
C ILE A 61 24.48 42.44 -27.65
N ILE A 62 24.03 43.51 -27.01
CA ILE A 62 24.51 44.85 -27.28
C ILE A 62 25.46 45.19 -26.13
N ALA A 63 26.72 45.54 -26.45
CA ALA A 63 27.69 45.88 -25.42
C ALA A 63 28.12 47.31 -25.59
N THR A 64 28.07 48.09 -24.50
CA THR A 64 28.51 49.48 -24.55
C THR A 64 30.05 49.54 -24.55
N ILE A 65 30.62 50.19 -25.56
CA ILE A 65 32.07 50.32 -25.65
C ILE A 65 32.53 51.61 -24.96
N GLY A 66 33.41 51.45 -23.98
CA GLY A 66 33.94 52.57 -23.21
C GLY A 66 35.37 52.33 -22.76
N PRO A 67 35.81 53.05 -21.72
CA PRO A 67 37.18 52.88 -21.24
C PRO A 67 37.65 51.45 -20.98
N ALA A 68 36.76 50.60 -20.42
CA ALA A 68 37.09 49.22 -20.08
C ALA A 68 37.09 48.24 -21.26
N SER A 69 36.55 48.65 -22.41
CA SER A 69 36.39 47.74 -23.54
C SER A 69 36.84 48.31 -24.89
N ARG A 70 37.62 49.39 -24.88
CA ARG A 70 38.06 50.08 -26.09
C ARG A 70 39.17 49.44 -26.92
N SER A 71 40.11 48.75 -26.27
CA SER A 71 41.26 48.21 -26.99
C SER A 71 40.90 47.18 -28.02
N VAL A 72 41.63 47.16 -29.15
CA VAL A 72 41.42 46.22 -30.24
C VAL A 72 41.50 44.76 -29.77
N GLU A 73 42.46 44.46 -28.89
CA GLU A 73 42.64 43.13 -28.32
C GLU A 73 41.44 42.72 -27.44
N ARG A 74 40.91 43.66 -26.62
CA ARG A 74 39.75 43.44 -25.76
C ARG A 74 38.49 43.23 -26.62
N LEU A 75 38.34 44.05 -27.66
CA LEU A 75 37.22 43.95 -28.58
C LEU A 75 37.16 42.61 -29.31
N LYS A 76 38.31 42.02 -29.66
CA LYS A 76 38.34 40.70 -30.31
C LYS A 76 37.80 39.64 -29.35
N GLU A 77 38.14 39.75 -28.05
CA GLU A 77 37.67 38.85 -26.99
CA GLU A 77 37.64 38.82 -27.05
C GLU A 77 36.15 39.00 -26.84
N MET A 78 35.62 40.25 -26.92
CA MET A 78 34.20 40.53 -26.79
CA MET A 78 34.20 40.51 -26.77
C MET A 78 33.40 39.98 -27.97
N ILE A 79 33.99 40.02 -29.18
CA ILE A 79 33.36 39.49 -30.37
C ILE A 79 33.26 37.96 -30.23
N LYS A 80 34.35 37.32 -29.77
CA LYS A 80 34.37 35.87 -29.56
C LYS A 80 33.40 35.45 -28.44
N ALA A 81 33.23 36.30 -27.40
CA ALA A 81 32.30 36.06 -26.29
C ALA A 81 30.83 36.18 -26.73
N GLY A 82 30.55 36.92 -27.80
CA GLY A 82 29.21 37.02 -28.33
C GLY A 82 28.64 38.40 -28.65
N MET A 83 29.42 39.46 -28.51
CA MET A 83 28.92 40.82 -28.80
C MET A 83 28.49 40.94 -30.26
N ASN A 84 27.25 41.37 -30.50
CA ASN A 84 26.73 41.50 -31.87
C ASN A 84 26.62 42.95 -32.28
N ILE A 85 26.35 43.85 -31.31
CA ILE A 85 26.18 45.27 -31.55
C ILE A 85 27.01 46.04 -30.53
N ALA A 86 27.80 47.01 -31.01
CA ALA A 86 28.63 47.85 -30.16
C ALA A 86 27.88 49.16 -29.97
N ARG A 87 27.62 49.54 -28.72
CA ARG A 87 26.89 50.78 -28.42
C ARG A 87 27.87 51.88 -28.00
N LEU A 88 27.79 53.08 -28.59
CA LEU A 88 28.63 54.21 -28.17
C LEU A 88 27.71 55.23 -27.49
N ASN A 89 27.87 55.45 -26.19
CA ASN A 89 27.01 56.36 -25.44
C ASN A 89 27.46 57.80 -25.63
N PHE A 90 26.71 58.58 -26.43
CA PHE A 90 27.07 59.97 -26.67
C PHE A 90 26.74 60.91 -25.51
N SER A 91 26.36 60.37 -24.35
CA SER A 91 26.20 61.16 -23.13
C SER A 91 27.60 61.42 -22.52
N HIS A 92 28.60 60.55 -22.81
CA HIS A 92 29.98 60.64 -22.34
C HIS A 92 30.91 60.76 -23.55
N GLY A 93 32.17 61.15 -23.29
CA GLY A 93 33.19 61.27 -24.32
C GLY A 93 32.99 62.40 -25.32
N SER A 94 33.83 62.38 -26.35
CA SER A 94 33.78 63.37 -27.41
C SER A 94 33.66 62.68 -28.77
N HIS A 95 33.50 63.46 -29.86
CA HIS A 95 33.45 62.91 -31.21
C HIS A 95 34.75 62.18 -31.54
N GLU A 96 35.90 62.74 -31.12
CA GLU A 96 37.21 62.14 -31.36
C GLU A 96 37.35 60.81 -30.63
N TYR A 97 36.83 60.76 -29.39
CA TYR A 97 36.87 59.55 -28.55
C TYR A 97 36.04 58.43 -29.19
N HIS A 98 34.79 58.74 -29.57
CA HIS A 98 33.92 57.75 -30.18
C HIS A 98 34.38 57.31 -31.55
N ALA A 99 35.02 58.22 -32.33
CA ALA A 99 35.57 57.84 -33.63
C ALA A 99 36.69 56.80 -33.46
N GLU A 100 37.52 56.96 -32.40
CA GLU A 100 38.59 56.04 -32.09
C GLU A 100 38.01 54.68 -31.69
N SER A 101 36.94 54.69 -30.88
CA SER A 101 36.26 53.45 -30.47
C SER A 101 35.71 52.70 -31.69
N ILE A 102 35.02 53.42 -32.62
CA ILE A 102 34.46 52.88 -33.86
C ILE A 102 35.57 52.24 -34.70
N ALA A 103 36.70 52.94 -34.84
CA ALA A 103 37.84 52.43 -35.61
C ALA A 103 38.39 51.15 -34.98
N ASN A 104 38.45 51.08 -33.65
CA ASN A 104 38.94 49.91 -32.93
C ASN A 104 37.98 48.72 -33.08
N VAL A 105 36.66 48.99 -33.06
CA VAL A 105 35.65 47.95 -33.25
C VAL A 105 35.81 47.37 -34.67
N ARG A 106 35.87 48.25 -35.68
CA ARG A 106 36.06 47.84 -37.08
C ARG A 106 37.37 47.06 -37.31
N GLU A 107 38.44 47.44 -36.62
CA GLU A 107 39.72 46.73 -36.74
C GLU A 107 39.61 45.31 -36.15
N ALA A 108 38.96 45.20 -34.98
CA ALA A 108 38.77 43.90 -34.34
C ALA A 108 37.82 43.02 -35.17
N VAL A 109 36.77 43.61 -35.76
CA VAL A 109 35.81 42.87 -36.58
C VAL A 109 36.49 42.35 -37.85
N GLU A 110 37.25 43.24 -38.52
CA GLU A 110 37.91 42.85 -39.76
C GLU A 110 39.09 41.91 -39.59
N SER A 111 39.59 41.73 -38.36
CA SER A 111 40.66 40.76 -38.11
C SER A 111 40.21 39.31 -38.37
N PHE A 112 38.89 39.03 -38.43
CA PHE A 112 38.34 37.70 -38.69
C PHE A 112 37.81 37.54 -40.14
N ALA A 113 37.92 38.59 -40.98
CA ALA A 113 37.41 38.58 -42.36
C ALA A 113 38.15 37.62 -43.32
N GLY A 114 39.33 37.14 -42.92
CA GLY A 114 40.13 36.20 -43.71
C GLY A 114 39.44 34.88 -43.97
N SER A 115 38.52 34.49 -43.08
CA SER A 115 37.74 33.27 -43.23
C SER A 115 36.27 33.67 -43.37
N PRO A 116 35.80 33.91 -44.62
CA PRO A 116 34.42 34.37 -44.84
C PRO A 116 33.29 33.44 -44.38
N LEU A 117 33.57 32.12 -44.29
CA LEU A 117 32.57 31.18 -43.81
C LEU A 117 32.32 31.31 -42.29
N SER A 118 33.24 31.93 -41.52
CA SER A 118 33.08 32.08 -40.06
C SER A 118 33.04 33.55 -39.55
N TYR A 119 33.27 34.53 -40.45
CA TYR A 119 33.28 35.96 -40.13
C TYR A 119 31.96 36.39 -39.50
N ARG A 120 32.05 37.18 -38.41
CA ARG A 120 30.86 37.68 -37.74
C ARG A 120 30.74 39.20 -37.87
N PRO A 121 29.69 39.68 -38.57
CA PRO A 121 29.46 41.13 -38.65
C PRO A 121 29.05 41.71 -37.29
N VAL A 122 29.45 42.94 -36.98
CA VAL A 122 29.09 43.60 -35.71
C VAL A 122 28.53 44.97 -36.02
N ALA A 123 27.32 45.26 -35.60
CA ALA A 123 26.68 46.56 -35.86
C ALA A 123 27.25 47.64 -34.95
N ILE A 124 27.17 48.90 -35.38
CA ILE A 124 27.59 50.03 -34.56
C ILE A 124 26.39 50.90 -34.30
N ALA A 125 26.06 51.08 -33.03
CA ALA A 125 24.89 51.84 -32.62
C ALA A 125 25.28 53.10 -31.86
N LEU A 126 24.68 54.23 -32.22
CA LEU A 126 24.95 55.49 -31.55
C LEU A 126 23.79 55.78 -30.59
N ASP A 127 24.06 55.89 -29.29
CA ASP A 127 23.03 56.23 -28.31
C ASP A 127 23.12 57.73 -28.06
N THR A 128 22.08 58.50 -28.40
CA THR A 128 22.10 59.96 -28.23
C THR A 128 22.00 60.42 -26.77
N LYS A 129 22.48 61.65 -26.50
CA LYS A 129 22.44 62.25 -25.15
C LYS A 129 21.00 62.56 -24.73
N GLY A 130 20.19 63.05 -25.65
CA GLY A 130 18.80 63.34 -25.36
C GLY A 130 18.42 64.80 -25.39
N PRO A 131 17.12 65.10 -25.25
CA PRO A 131 16.67 66.50 -25.33
C PRO A 131 16.83 67.31 -24.05
N GLY A 132 16.96 66.66 -22.90
CA GLY A 132 17.03 67.37 -21.63
C GLY A 132 15.78 68.20 -21.35
N SER A 133 15.94 69.52 -21.14
CA SER A 133 14.78 70.39 -20.90
C SER A 133 14.18 70.94 -22.20
N GLY A 136 12.47 70.20 -28.05
CA GLY A 136 12.69 69.56 -29.34
C GLY A 136 13.98 68.75 -29.40
N LEU A 137 14.58 68.61 -30.58
CA LEU A 137 15.85 67.89 -30.72
C LEU A 137 16.97 68.86 -30.30
N SER A 138 17.80 68.44 -29.32
CA SER A 138 18.88 69.31 -28.86
C SER A 138 19.93 69.57 -29.94
N GLU A 139 20.66 70.68 -29.83
CA GLU A 139 21.67 71.01 -30.83
C GLU A 139 22.84 70.02 -30.79
N GLN A 140 23.15 69.46 -29.61
CA GLN A 140 24.21 68.46 -29.50
C GLN A 140 23.78 67.17 -30.22
N ASP A 141 22.50 66.79 -30.09
CA ASP A 141 21.96 65.62 -30.77
C ASP A 141 22.07 65.78 -32.27
N VAL A 142 21.78 66.97 -32.81
CA VAL A 142 21.89 67.23 -34.24
C VAL A 142 23.33 67.01 -34.74
N ARG A 143 24.31 67.48 -33.96
CA ARG A 143 25.72 67.29 -34.29
C ARG A 143 26.17 65.83 -34.18
N ASP A 144 25.71 65.12 -33.13
CA ASP A 144 26.05 63.73 -32.91
C ASP A 144 25.44 62.82 -33.98
N LEU A 145 24.18 63.10 -34.37
CA LEU A 145 23.49 62.36 -35.41
C LEU A 145 24.22 62.53 -36.73
N ARG A 146 24.69 63.76 -37.03
CA ARG A 146 25.47 64.06 -38.24
C ARG A 146 26.80 63.28 -38.21
N PHE A 147 27.42 63.16 -37.01
CA PHE A 147 28.65 62.40 -36.81
C PHE A 147 28.40 60.93 -37.17
N GLY A 148 27.27 60.39 -36.73
CA GLY A 148 26.88 59.01 -36.99
C GLY A 148 26.76 58.70 -38.46
N VAL A 149 26.14 59.61 -39.21
CA VAL A 149 26.00 59.47 -40.66
C VAL A 149 27.38 59.47 -41.31
N GLU A 150 28.24 60.42 -40.91
CA GLU A 150 29.60 60.54 -41.45
C GLU A 150 30.47 59.33 -41.12
N HIS A 151 30.23 58.69 -39.98
CA HIS A 151 30.99 57.51 -39.59
C HIS A 151 30.31 56.18 -39.92
N GLY A 152 29.22 56.23 -40.67
CA GLY A 152 28.49 55.04 -41.12
C GLY A 152 27.91 54.14 -40.05
N VAL A 153 27.31 54.73 -39.00
CA VAL A 153 26.68 53.92 -37.96
C VAL A 153 25.45 53.20 -38.54
N ASP A 154 25.13 52.04 -38.01
CA ASP A 154 24.02 51.24 -38.49
C ASP A 154 22.72 51.54 -37.76
N ILE A 155 22.80 51.91 -36.47
CA ILE A 155 21.63 52.13 -35.63
C ILE A 155 21.74 53.39 -34.79
N VAL A 156 20.60 53.98 -34.46
CA VAL A 156 20.52 55.11 -33.53
C VAL A 156 19.58 54.69 -32.40
N PHE A 157 20.06 54.73 -31.15
CA PHE A 157 19.20 54.50 -30.00
C PHE A 157 18.83 55.90 -29.59
N ALA A 158 17.65 56.38 -29.98
CA ALA A 158 17.22 57.74 -29.68
C ALA A 158 16.69 57.91 -28.26
N SER A 159 17.44 58.65 -27.41
CA SER A 159 17.05 58.91 -26.02
C SER A 159 15.80 59.73 -25.86
N PHE A 160 15.04 59.45 -24.79
CA PHE A 160 13.84 60.13 -24.36
C PHE A 160 12.82 60.45 -25.46
N VAL A 161 12.42 59.43 -26.24
CA VAL A 161 11.39 59.64 -27.26
C VAL A 161 10.04 59.67 -26.52
N ARG A 162 9.24 60.73 -26.74
CA ARG A 162 7.95 60.83 -26.03
C ARG A 162 6.73 61.00 -26.95
N LYS A 163 6.94 61.07 -28.27
CA LYS A 163 5.87 61.20 -29.26
C LYS A 163 6.41 60.91 -30.67
N ALA A 164 5.51 60.71 -31.65
CA ALA A 164 5.91 60.43 -33.02
C ALA A 164 6.75 61.55 -33.65
N SER A 165 6.52 62.81 -33.25
CA SER A 165 7.27 63.94 -33.80
C SER A 165 8.75 63.91 -33.40
N ASP A 166 9.08 63.30 -32.25
CA ASP A 166 10.47 63.16 -31.80
C ASP A 166 11.23 62.25 -32.75
N VAL A 167 10.60 61.17 -33.21
CA VAL A 167 11.20 60.23 -34.16
C VAL A 167 11.43 60.92 -35.51
N ALA A 168 10.45 61.73 -35.95
CA ALA A 168 10.54 62.48 -37.21
C ALA A 168 11.71 63.46 -37.17
N ALA A 169 11.95 64.10 -36.01
CA ALA A 169 13.07 65.03 -35.84
C ALA A 169 14.41 64.31 -35.97
N VAL A 170 14.52 63.11 -35.37
CA VAL A 170 15.74 62.30 -35.45
C VAL A 170 15.95 61.86 -36.90
N ARG A 171 14.86 61.46 -37.59
CA ARG A 171 14.89 61.06 -38.97
C ARG A 171 15.37 62.21 -39.87
N ALA A 172 14.88 63.44 -39.62
CA ALA A 172 15.26 64.64 -40.36
C ALA A 172 16.74 64.96 -40.14
N ALA A 173 17.23 64.87 -38.89
CA ALA A 173 18.63 65.15 -38.57
C ALA A 173 19.62 64.16 -39.20
N LEU A 174 19.15 62.98 -39.62
CA LEU A 174 20.01 62.03 -40.34
C LEU A 174 20.19 62.39 -41.83
N GLY A 175 19.41 63.36 -42.33
CA GLY A 175 19.47 63.86 -43.69
C GLY A 175 19.02 62.90 -44.76
N PRO A 176 19.25 63.29 -46.04
CA PRO A 176 18.87 62.39 -47.16
C PRO A 176 19.70 61.12 -47.22
N GLU A 177 20.95 61.18 -46.76
CA GLU A 177 21.87 60.03 -46.68
C GLU A 177 21.76 59.38 -45.28
N GLY A 178 20.54 59.33 -44.73
CA GLY A 178 20.31 58.78 -43.40
C GLY A 178 19.11 57.87 -43.27
N HIS A 179 18.46 57.49 -44.40
CA HIS A 179 17.33 56.55 -44.31
C HIS A 179 17.79 55.10 -44.00
N GLY A 180 19.04 54.77 -44.35
CA GLY A 180 19.57 53.44 -44.11
C GLY A 180 19.66 53.07 -42.65
N ILE A 181 19.93 54.04 -41.76
CA ILE A 181 20.08 53.84 -40.32
C ILE A 181 18.77 53.51 -39.59
N LYS A 182 18.73 52.37 -38.86
CA LYS A 182 17.53 52.00 -38.11
C LYS A 182 17.41 52.82 -36.81
N ILE A 183 16.23 53.45 -36.59
CA ILE A 183 15.96 54.25 -35.41
C ILE A 183 15.22 53.41 -34.37
N ILE A 184 15.89 53.14 -33.25
CA ILE A 184 15.31 52.40 -32.12
C ILE A 184 14.97 53.46 -31.08
N SER A 185 13.67 53.66 -30.82
CA SER A 185 13.23 54.68 -29.86
C SER A 185 13.37 54.20 -28.42
N LYS A 186 14.07 54.97 -27.58
CA LYS A 186 14.17 54.64 -26.17
C LYS A 186 12.99 55.18 -25.41
N ILE A 187 12.22 54.29 -24.75
CA ILE A 187 11.08 54.71 -23.94
C ILE A 187 11.59 54.84 -22.52
N GLU A 188 11.69 56.08 -22.00
CA GLU A 188 12.27 56.33 -20.68
C GLU A 188 11.40 57.10 -19.71
N ASN A 189 10.15 57.43 -20.07
CA ASN A 189 9.28 58.19 -19.18
C ASN A 189 7.79 57.84 -19.34
N HIS A 190 6.91 58.43 -18.50
CA HIS A 190 5.48 58.17 -18.55
C HIS A 190 4.88 58.49 -19.90
N GLU A 191 5.26 59.64 -20.51
CA GLU A 191 4.70 60.03 -21.80
C GLU A 191 5.03 59.05 -22.90
N GLY A 192 6.27 58.55 -22.92
CA GLY A 192 6.71 57.57 -23.91
C GLY A 192 5.91 56.28 -23.80
N VAL A 193 5.58 55.86 -22.56
CA VAL A 193 4.79 54.66 -22.31
C VAL A 193 3.36 54.87 -22.80
N LYS A 194 2.77 56.04 -22.47
CA LYS A 194 1.40 56.34 -22.86
C LYS A 194 1.21 56.54 -24.36
N ARG A 195 2.19 57.15 -25.02
CA ARG A 195 2.12 57.35 -26.47
C ARG A 195 2.88 56.27 -27.25
N PHE A 196 3.10 55.09 -26.62
CA PHE A 196 3.83 53.96 -27.18
C PHE A 196 3.40 53.56 -28.58
N ASP A 197 2.10 53.35 -28.81
CA ASP A 197 1.61 52.92 -30.11
C ASP A 197 1.99 53.88 -31.24
N GLU A 198 1.90 55.19 -31.00
CA GLU A 198 2.24 56.16 -32.05
C GLU A 198 3.75 56.20 -32.30
N ILE A 199 4.56 55.95 -31.26
CA ILE A 199 6.01 55.93 -31.36
C ILE A 199 6.45 54.68 -32.12
N LEU A 200 5.92 53.51 -31.75
CA LEU A 200 6.27 52.25 -32.38
C LEU A 200 5.93 52.26 -33.88
N GLU A 201 4.80 52.87 -34.23
CA GLU A 201 4.32 52.99 -35.61
CA GLU A 201 4.34 52.97 -35.61
C GLU A 201 5.37 53.62 -36.52
N VAL A 202 6.05 54.69 -36.05
CA VAL A 202 7.04 55.38 -36.85
C VAL A 202 8.49 54.95 -36.60
N SER A 203 8.74 54.11 -35.58
CA SER A 203 10.11 53.68 -35.27
C SER A 203 10.44 52.36 -35.92
N ASP A 204 11.73 52.06 -36.06
CA ASP A 204 12.15 50.75 -36.55
C ASP A 204 12.13 49.69 -35.43
N GLY A 205 12.17 50.15 -34.18
CA GLY A 205 12.15 49.31 -32.99
C GLY A 205 12.14 50.13 -31.71
N ILE A 206 12.18 49.45 -30.56
CA ILE A 206 12.06 50.10 -29.26
C ILE A 206 13.12 49.61 -28.28
N MET A 207 13.53 50.48 -27.35
CA MET A 207 14.42 50.07 -26.26
C MET A 207 13.69 50.40 -24.97
N VAL A 208 13.57 49.40 -24.09
CA VAL A 208 12.98 49.61 -22.77
C VAL A 208 14.15 50.09 -21.93
N ALA A 209 14.29 51.42 -21.82
CA ALA A 209 15.38 52.07 -21.10
C ALA A 209 14.98 52.17 -19.64
N ARG A 210 15.18 51.07 -18.90
CA ARG A 210 14.72 50.89 -17.52
C ARG A 210 15.34 51.83 -16.47
N GLY A 211 16.55 52.34 -16.70
CA GLY A 211 17.22 53.26 -15.80
C GLY A 211 16.41 54.52 -15.57
N ASP A 212 16.18 55.30 -16.63
CA ASP A 212 15.37 56.51 -16.50
C ASP A 212 13.92 56.19 -16.23
N LEU A 213 13.40 55.13 -16.88
CA LEU A 213 12.00 54.72 -16.68
C LEU A 213 11.70 54.40 -15.21
N GLY A 214 12.67 53.82 -14.51
CA GLY A 214 12.57 53.47 -13.09
C GLY A 214 12.57 54.66 -12.14
N ILE A 215 12.97 55.84 -12.64
CA ILE A 215 12.99 57.10 -11.89
C ILE A 215 11.75 57.94 -12.29
N GLU A 216 11.34 57.87 -13.58
CA GLU A 216 10.21 58.62 -14.10
C GLU A 216 8.86 58.06 -13.67
N ILE A 217 8.77 56.74 -13.52
CA ILE A 217 7.56 56.06 -13.04
C ILE A 217 7.93 55.24 -11.78
N PRO A 218 6.97 54.81 -10.93
CA PRO A 218 7.35 54.00 -9.75
C PRO A 218 8.16 52.76 -10.14
N ALA A 219 9.23 52.48 -9.40
CA ALA A 219 10.12 51.37 -9.70
C ALA A 219 9.40 50.02 -9.81
N GLU A 220 8.38 49.81 -8.98
CA GLU A 220 7.59 48.58 -8.96
C GLU A 220 6.66 48.41 -10.18
N LYS A 221 6.59 49.42 -11.07
CA LYS A 221 5.75 49.36 -12.27
C LYS A 221 6.56 49.12 -13.56
N VAL A 222 7.90 49.23 -13.50
CA VAL A 222 8.74 49.04 -14.68
C VAL A 222 8.51 47.68 -15.38
N PHE A 223 8.38 46.58 -14.61
CA PHE A 223 8.15 45.27 -15.21
C PHE A 223 6.87 45.24 -16.07
N LEU A 224 5.84 46.02 -15.70
CA LEU A 224 4.59 46.06 -16.46
C LEU A 224 4.86 46.74 -17.81
N ALA A 225 5.62 47.84 -17.78
CA ALA A 225 5.96 48.58 -18.97
C ALA A 225 6.84 47.73 -19.88
N GLN A 226 7.81 47.00 -19.31
CA GLN A 226 8.68 46.13 -20.09
C GLN A 226 7.88 45.02 -20.78
N LYS A 227 7.05 44.30 -20.01
CA LYS A 227 6.28 43.19 -20.57
C LYS A 227 5.25 43.65 -21.61
N MET A 228 4.62 44.83 -21.40
CA MET A 228 3.68 45.39 -22.36
C MET A 228 4.39 45.76 -23.67
N MET A 229 5.51 46.50 -23.59
CA MET A 229 6.26 46.94 -24.76
C MET A 229 6.84 45.80 -25.54
N ILE A 230 7.38 44.79 -24.86
CA ILE A 230 7.92 43.61 -25.56
C ILE A 230 6.80 42.88 -26.30
N GLY A 231 5.66 42.68 -25.64
CA GLY A 231 4.49 42.06 -26.26
C GLY A 231 4.01 42.80 -27.50
N ARG A 232 3.87 44.12 -27.41
CA ARG A 232 3.42 44.94 -28.54
C ARG A 232 4.41 44.95 -29.69
N CYS A 233 5.73 44.92 -29.39
CA CYS A 233 6.74 44.86 -30.44
C CYS A 233 6.74 43.51 -31.10
N ASN A 234 6.55 42.44 -30.33
CA ASN A 234 6.47 41.09 -30.90
C ASN A 234 5.27 40.99 -31.85
N LEU A 235 4.16 41.63 -31.47
CA LEU A 235 2.93 41.67 -32.25
CA LEU A 235 2.95 41.66 -32.26
C LEU A 235 3.18 42.47 -33.54
N ALA A 236 3.87 43.62 -33.44
CA ALA A 236 4.19 44.46 -34.59
C ALA A 236 5.30 43.89 -35.49
N GLY A 237 6.05 42.91 -34.99
CA GLY A 237 7.17 42.33 -35.73
C GLY A 237 8.37 43.28 -35.78
N LYS A 238 8.51 44.18 -34.79
CA LYS A 238 9.62 45.13 -34.73
C LYS A 238 10.57 44.80 -33.58
N PRO A 239 11.89 45.01 -33.78
CA PRO A 239 12.85 44.71 -32.69
C PRO A 239 12.60 45.44 -31.37
N VAL A 240 12.82 44.74 -30.26
CA VAL A 240 12.70 45.33 -28.93
C VAL A 240 13.94 44.94 -28.13
N VAL A 241 14.55 45.93 -27.46
CA VAL A 241 15.76 45.75 -26.66
C VAL A 241 15.42 45.90 -25.18
N CYS A 242 15.93 45.00 -24.33
CA CYS A 242 15.77 45.17 -22.89
C CYS A 242 17.11 45.73 -22.40
N ALA A 243 17.08 46.85 -21.68
CA ALA A 243 18.32 47.50 -21.26
C ALA A 243 18.34 47.91 -19.79
N THR A 244 19.57 48.09 -19.24
CA THR A 244 19.98 48.69 -17.97
C THR A 244 19.86 47.82 -16.72
N GLN A 245 21.00 47.69 -16.03
CA GLN A 245 21.18 46.99 -14.76
C GLN A 245 20.90 45.50 -14.82
N MET A 246 20.97 44.89 -16.02
CA MET A 246 20.74 43.48 -16.21
C MET A 246 21.74 42.63 -15.42
N LEU A 247 23.04 43.01 -15.44
CA LEU A 247 24.08 42.31 -14.69
C LEU A 247 24.90 43.33 -13.88
N GLU A 248 24.25 44.37 -13.34
CA GLU A 248 24.88 45.49 -12.62
C GLU A 248 26.03 45.12 -11.68
N SER A 249 25.85 44.13 -10.81
CA SER A 249 26.90 43.73 -9.85
C SER A 249 28.20 43.26 -10.53
N MET A 250 28.11 42.81 -11.79
CA MET A 250 29.29 42.38 -12.53
C MET A 250 30.24 43.54 -12.92
N ILE A 251 29.88 44.80 -12.59
CA ILE A 251 30.76 45.95 -12.79
C ILE A 251 31.98 45.76 -11.85
N THR A 252 31.78 45.23 -10.63
CA THR A 252 32.87 45.00 -9.69
C THR A 252 33.10 43.52 -9.32
N LYS A 253 32.08 42.63 -9.50
CA LYS A 253 32.20 41.22 -9.11
C LYS A 253 32.26 40.28 -10.31
N PRO A 254 33.02 39.18 -10.22
CA PRO A 254 33.15 38.28 -11.40
C PRO A 254 31.91 37.45 -11.74
N ARG A 255 30.97 37.32 -10.78
CA ARG A 255 29.74 36.57 -10.98
C ARG A 255 28.55 37.46 -10.62
N PRO A 256 27.40 37.31 -11.32
CA PRO A 256 26.23 38.14 -10.99
C PRO A 256 25.40 37.59 -9.83
N THR A 257 24.40 38.37 -9.38
CA THR A 257 23.48 37.93 -8.36
C THR A 257 22.40 37.00 -8.98
N ARG A 258 21.65 36.30 -8.13
CA ARG A 258 20.57 35.43 -8.56
C ARG A 258 19.44 36.22 -9.24
N ALA A 259 19.23 37.48 -8.82
CA ALA A 259 18.23 38.34 -9.43
C ALA A 259 18.63 38.76 -10.83
N GLU A 260 19.94 38.97 -11.05
CA GLU A 260 20.49 39.39 -12.33
C GLU A 260 20.38 38.32 -13.41
N THR A 261 20.77 37.07 -13.10
CA THR A 261 20.64 35.99 -14.09
C THR A 261 19.16 35.75 -14.42
N SER A 262 18.28 35.86 -13.39
CA SER A 262 16.85 35.70 -13.53
C SER A 262 16.30 36.81 -14.46
N ASP A 263 16.74 38.07 -14.27
CA ASP A 263 16.32 39.20 -15.08
C ASP A 263 16.67 38.99 -16.56
N VAL A 264 17.89 38.50 -16.84
CA VAL A 264 18.32 38.24 -18.21
C VAL A 264 17.45 37.14 -18.82
N ALA A 265 17.26 36.03 -18.09
CA ALA A 265 16.46 34.93 -18.60
C ALA A 265 15.01 35.36 -18.84
N ASN A 266 14.45 36.18 -17.94
CA ASN A 266 13.08 36.65 -18.06
C ASN A 266 12.89 37.64 -19.19
N ALA A 267 13.92 38.44 -19.52
CA ALA A 267 13.81 39.37 -20.67
C ALA A 267 13.70 38.53 -21.96
N VAL A 268 14.49 37.45 -22.06
CA VAL A 268 14.45 36.54 -23.21
C VAL A 268 13.06 35.83 -23.26
N LEU A 269 12.61 35.29 -22.12
CA LEU A 269 11.31 34.62 -22.04
C LEU A 269 10.15 35.58 -22.35
N ASP A 270 10.31 36.88 -22.06
CA ASP A 270 9.32 37.92 -22.36
C ASP A 270 9.16 38.11 -23.88
N GLY A 271 10.24 37.91 -24.63
CA GLY A 271 10.24 38.05 -26.09
C GLY A 271 11.21 39.10 -26.62
N ALA A 272 12.17 39.57 -25.79
CA ALA A 272 13.13 40.59 -26.23
C ALA A 272 14.03 40.08 -27.36
N ASP A 273 14.23 40.91 -28.39
CA ASP A 273 15.12 40.55 -29.50
C ASP A 273 16.57 40.73 -29.08
N CYS A 274 16.86 41.78 -28.29
CA CYS A 274 18.21 42.09 -27.83
C CYS A 274 18.26 42.31 -26.34
N ILE A 275 19.41 42.02 -25.75
CA ILE A 275 19.72 42.30 -24.35
C ILE A 275 20.97 43.20 -24.34
N MET A 276 21.04 44.12 -23.39
CA MET A 276 22.11 45.10 -23.36
C MET A 276 22.95 45.13 -22.09
N LEU A 277 24.21 45.51 -22.25
CA LEU A 277 25.15 45.72 -21.15
C LEU A 277 25.60 47.18 -21.23
N SER A 278 25.47 47.94 -20.13
CA SER A 278 25.89 49.35 -20.12
C SER A 278 27.24 49.51 -19.37
N GLY A 279 27.20 49.88 -18.07
CA GLY A 279 28.38 50.01 -17.23
C GLY A 279 29.16 48.72 -17.09
N GLU A 280 28.49 47.58 -17.22
CA GLU A 280 29.09 46.25 -17.12
C GLU A 280 30.22 46.08 -18.15
N THR A 281 30.06 46.68 -19.34
CA THR A 281 31.07 46.58 -20.41
C THR A 281 31.80 47.91 -20.65
N ALA A 282 31.16 49.05 -20.37
CA ALA A 282 31.77 50.35 -20.61
C ALA A 282 32.82 50.73 -19.58
N LYS A 283 32.55 50.48 -18.29
CA LYS A 283 33.48 50.88 -17.24
C LYS A 283 33.83 49.77 -16.22
N GLY A 284 33.18 48.62 -16.30
CA GLY A 284 33.38 47.55 -15.33
C GLY A 284 34.61 46.69 -15.49
N ASN A 285 35.02 46.04 -14.38
CA ASN A 285 36.20 45.19 -14.31
C ASN A 285 36.07 43.86 -15.03
N PHE A 286 34.85 43.46 -15.46
CA PHE A 286 34.68 42.16 -16.13
C PHE A 286 33.85 42.28 -17.43
N PRO A 287 34.26 43.13 -18.41
CA PRO A 287 33.45 43.28 -19.63
C PRO A 287 33.24 42.01 -20.45
N VAL A 288 34.30 41.22 -20.64
CA VAL A 288 34.20 39.99 -21.41
C VAL A 288 33.35 38.94 -20.67
N GLU A 289 33.48 38.89 -19.35
CA GLU A 289 32.73 37.95 -18.51
C GLU A 289 31.23 38.29 -18.52
N ALA A 290 30.90 39.59 -18.57
CA ALA A 290 29.50 40.02 -18.62
C ALA A 290 28.86 39.56 -19.95
N VAL A 291 29.60 39.69 -21.08
CA VAL A 291 29.11 39.23 -22.39
C VAL A 291 28.92 37.70 -22.37
N LYS A 292 29.91 36.98 -21.82
CA LYS A 292 29.85 35.52 -21.73
C LYS A 292 28.66 35.07 -20.88
N MET A 293 28.36 35.79 -19.79
CA MET A 293 27.26 35.49 -18.91
C MET A 293 25.92 35.70 -19.62
N GLN A 294 25.76 36.83 -20.35
CA GLN A 294 24.54 37.07 -21.11
C GLN A 294 24.35 36.01 -22.19
N HIS A 295 25.45 35.59 -22.83
CA HIS A 295 25.39 34.56 -23.86
C HIS A 295 24.88 33.23 -23.28
N ALA A 296 25.46 32.80 -22.15
CA ALA A 296 25.13 31.55 -21.48
C ALA A 296 23.68 31.53 -21.02
N ILE A 297 23.19 32.64 -20.41
CA ILE A 297 21.80 32.72 -19.95
C ILE A 297 20.83 32.71 -21.13
N ALA A 298 21.07 33.55 -22.15
CA ALA A 298 20.19 33.64 -23.31
C ALA A 298 20.00 32.29 -24.00
N ARG A 299 21.07 31.51 -24.17
CA ARG A 299 20.97 30.18 -24.77
C ARG A 299 20.02 29.28 -23.98
N GLU A 300 20.15 29.28 -22.64
CA GLU A 300 19.31 28.48 -21.77
C GLU A 300 17.86 28.94 -21.86
N ALA A 301 17.62 30.27 -21.81
CA ALA A 301 16.29 30.84 -21.86
C ALA A 301 15.58 30.65 -23.19
N GLU A 302 16.32 30.66 -24.30
CA GLU A 302 15.72 30.44 -25.62
C GLU A 302 15.19 29.00 -25.78
N ALA A 303 15.92 28.02 -25.25
CA ALA A 303 15.47 26.63 -25.28
C ALA A 303 14.22 26.43 -24.39
N ALA A 304 14.08 27.23 -23.31
CA ALA A 304 12.94 27.17 -22.40
C ALA A 304 11.71 27.94 -22.88
N VAL A 305 11.76 28.55 -24.09
CA VAL A 305 10.60 29.25 -24.67
C VAL A 305 9.55 28.19 -25.06
N TYR A 306 8.28 28.42 -24.70
CA TYR A 306 7.20 27.50 -25.02
C TYR A 306 6.70 27.80 -26.43
N HIS A 307 7.42 27.34 -27.46
CA HIS A 307 7.09 27.63 -28.87
C HIS A 307 5.67 27.26 -29.29
N ARG A 308 5.11 26.18 -28.71
CA ARG A 308 3.76 25.75 -29.07
C ARG A 308 2.72 26.88 -28.90
N GLN A 309 2.74 27.52 -27.73
CA GLN A 309 1.82 28.62 -27.47
C GLN A 309 2.26 29.87 -28.20
N LEU A 310 3.57 30.18 -28.19
CA LEU A 310 4.11 31.36 -28.84
C LEU A 310 3.78 31.44 -30.33
N PHE A 311 4.09 30.38 -31.10
CA PHE A 311 3.80 30.35 -32.53
C PHE A 311 2.32 30.45 -32.79
N GLU A 312 1.48 29.70 -32.05
CA GLU A 312 0.02 29.74 -32.18
CA GLU A 312 0.04 29.78 -32.25
C GLU A 312 -0.51 31.17 -31.97
N GLU A 313 -0.01 31.85 -30.93
CA GLU A 313 -0.47 33.19 -30.60
C GLU A 313 0.04 34.22 -31.57
N LEU A 314 1.28 34.07 -32.07
CA LEU A 314 1.83 34.99 -33.06
C LEU A 314 1.06 34.85 -34.36
N ARG A 315 0.77 33.61 -34.78
CA ARG A 315 -0.03 33.35 -35.96
C ARG A 315 -1.44 33.94 -35.84
N ARG A 316 -2.18 33.61 -34.77
CA ARG A 316 -3.56 34.11 -34.55
C ARG A 316 -3.61 35.64 -34.55
N ALA A 317 -2.66 36.30 -33.85
CA ALA A 317 -2.64 37.77 -33.75
C ALA A 317 -2.18 38.49 -34.99
N ALA A 318 -1.41 37.82 -35.85
CA ALA A 318 -0.89 38.44 -37.07
C ALA A 318 -2.02 38.60 -38.06
N PRO A 319 -2.15 39.78 -38.66
CA PRO A 319 -3.24 40.00 -39.61
C PRO A 319 -3.05 39.26 -40.92
N LEU A 320 -4.16 39.09 -41.66
CA LEU A 320 -4.09 38.47 -42.99
C LEU A 320 -3.30 39.41 -43.90
N SER A 321 -2.52 38.86 -44.84
CA SER A 321 -1.68 39.70 -45.68
C SER A 321 -1.70 39.26 -47.09
N ARG A 322 -1.63 40.21 -48.01
CA ARG A 322 -1.55 39.93 -49.43
CA ARG A 322 -1.53 39.87 -49.42
C ARG A 322 -0.11 40.17 -49.98
N ASP A 323 0.90 40.39 -49.09
CA ASP A 323 2.29 40.61 -49.43
C ASP A 323 2.96 39.24 -49.52
N PRO A 324 3.49 38.88 -50.70
CA PRO A 324 4.10 37.55 -50.86
C PRO A 324 5.29 37.26 -49.95
N THR A 325 5.99 38.29 -49.46
CA THR A 325 7.11 38.06 -48.56
C THR A 325 6.56 37.58 -47.21
N GLU A 326 5.52 38.25 -46.71
CA GLU A 326 4.84 37.93 -45.45
C GLU A 326 4.19 36.52 -45.53
N VAL A 327 3.54 36.23 -46.67
CA VAL A 327 2.92 34.94 -46.94
C VAL A 327 3.97 33.82 -47.01
N THR A 328 5.10 34.04 -47.68
CA THR A 328 6.15 33.03 -47.78
C THR A 328 6.79 32.80 -46.42
N ALA A 329 6.97 33.87 -45.63
CA ALA A 329 7.59 33.78 -44.31
C ALA A 329 6.83 32.83 -43.36
N ILE A 330 5.49 32.97 -43.29
CA ILE A 330 4.70 32.10 -42.42
C ILE A 330 4.69 30.66 -42.93
N GLY A 331 4.67 30.48 -44.24
CA GLY A 331 4.74 29.15 -44.84
C GLY A 331 6.06 28.46 -44.51
N ALA A 332 7.17 29.21 -44.59
CA ALA A 332 8.49 28.70 -44.30
C ALA A 332 8.65 28.35 -42.81
N VAL A 333 8.14 29.19 -41.90
CA VAL A 333 8.23 28.91 -40.46
C VAL A 333 7.39 27.67 -40.09
N GLU A 334 6.20 27.54 -40.71
CA GLU A 334 5.34 26.37 -40.51
C GLU A 334 6.07 25.11 -40.99
N ALA A 335 6.66 25.17 -42.19
CA ALA A 335 7.39 24.04 -42.80
C ALA A 335 8.61 23.65 -41.96
N ALA A 336 9.30 24.64 -41.39
CA ALA A 336 10.46 24.39 -40.54
C ALA A 336 10.07 23.60 -39.28
N PHE A 337 8.95 23.98 -38.62
CA PHE A 337 8.48 23.27 -37.44
C PHE A 337 8.04 21.83 -37.78
N LYS A 338 7.44 21.64 -38.94
CA LYS A 338 6.95 20.33 -39.40
C LYS A 338 8.05 19.28 -39.52
N CYS A 339 9.24 19.69 -39.99
CA CYS A 339 10.34 18.75 -40.17
C CYS A 339 11.48 18.91 -39.18
N CYS A 340 11.36 19.84 -38.20
CA CYS A 340 12.44 20.15 -37.25
C CYS A 340 13.67 20.58 -38.05
N ALA A 341 13.46 21.51 -39.00
CA ALA A 341 14.50 22.02 -39.87
C ALA A 341 15.59 22.64 -39.05
N ALA A 342 16.84 22.32 -39.40
CA ALA A 342 17.99 22.87 -38.69
C ALA A 342 18.12 24.37 -38.90
N ALA A 343 17.71 24.85 -40.08
CA ALA A 343 17.81 26.26 -40.41
C ALA A 343 16.82 26.64 -41.53
N ILE A 344 16.57 27.94 -41.67
CA ILE A 344 15.84 28.54 -42.76
C ILE A 344 16.90 29.47 -43.40
N ILE A 345 17.33 29.17 -44.63
CA ILE A 345 18.31 30.01 -45.31
C ILE A 345 17.56 30.98 -46.17
N VAL A 346 17.74 32.28 -45.95
CA VAL A 346 17.03 33.29 -46.71
C VAL A 346 17.97 34.27 -47.40
N LEU A 347 17.67 34.63 -48.64
CA LEU A 347 18.48 35.60 -49.38
C LEU A 347 17.80 36.93 -49.14
N THR A 348 18.55 37.91 -48.69
CA THR A 348 17.98 39.22 -48.43
C THR A 348 18.93 40.33 -48.82
N THR A 349 18.33 41.44 -49.30
CA THR A 349 19.08 42.61 -49.70
C THR A 349 19.00 43.64 -48.58
N THR A 350 17.80 43.93 -48.08
CA THR A 350 17.57 44.91 -47.02
C THR A 350 17.44 44.30 -45.61
N GLY A 351 17.29 42.97 -45.54
CA GLY A 351 17.09 42.25 -44.30
C GLY A 351 15.62 41.99 -43.99
N ARG A 352 14.70 42.61 -44.75
CA ARG A 352 13.25 42.48 -44.52
C ARG A 352 12.72 41.05 -44.57
N SER A 353 13.16 40.25 -45.53
CA SER A 353 12.71 38.85 -45.63
C SER A 353 13.12 38.06 -44.39
N ALA A 354 14.29 38.36 -43.82
CA ALA A 354 14.76 37.69 -42.60
C ALA A 354 13.94 38.17 -41.40
N GLN A 355 13.63 39.48 -41.35
CA GLN A 355 12.85 40.06 -40.28
C GLN A 355 11.44 39.45 -40.23
N LEU A 356 10.81 39.25 -41.40
CA LEU A 356 9.48 38.66 -41.45
C LEU A 356 9.49 37.19 -41.04
N LEU A 357 10.60 36.46 -41.27
CA LEU A 357 10.72 35.09 -40.79
C LEU A 357 10.83 35.12 -39.25
N SER A 358 11.69 36.04 -38.73
CA SER A 358 11.99 36.24 -37.31
CA SER A 358 11.98 36.20 -37.31
C SER A 358 10.77 36.56 -36.45
N ARG A 359 9.81 37.33 -37.00
CA ARG A 359 8.63 37.70 -36.22
C ARG A 359 7.76 36.50 -35.79
N TYR A 360 7.88 35.36 -36.48
CA TYR A 360 7.14 34.15 -36.12
C TYR A 360 7.90 33.25 -35.15
N ARG A 361 9.05 33.71 -34.64
CA ARG A 361 9.89 33.01 -33.68
C ARG A 361 10.13 31.54 -33.99
N PRO A 362 10.72 31.22 -35.15
CA PRO A 362 11.01 29.81 -35.44
C PRO A 362 12.09 29.27 -34.49
N ARG A 363 12.05 27.97 -34.22
CA ARG A 363 13.13 27.33 -33.45
C ARG A 363 14.37 27.22 -34.39
N ALA A 364 14.14 26.98 -35.71
CA ALA A 364 15.18 26.89 -36.74
C ALA A 364 15.88 28.24 -36.86
N ALA A 365 17.21 28.20 -37.00
CA ALA A 365 18.01 29.41 -37.16
C ALA A 365 17.70 30.06 -38.49
N VAL A 366 17.59 31.39 -38.54
CA VAL A 366 17.35 32.07 -39.81
C VAL A 366 18.70 32.56 -40.33
N ILE A 367 19.31 31.82 -41.25
CA ILE A 367 20.60 32.18 -41.82
C ILE A 367 20.35 33.15 -42.99
N ALA A 368 20.61 34.45 -42.77
CA ALA A 368 20.41 35.50 -43.78
C ALA A 368 21.66 35.76 -44.66
N VAL A 369 21.73 35.10 -45.87
CA VAL A 369 22.82 35.28 -46.86
C VAL A 369 22.59 36.60 -47.62
N THR A 370 23.48 37.59 -47.41
CA THR A 370 23.34 38.95 -48.00
C THR A 370 24.63 39.50 -48.63
N ARG A 371 24.49 40.34 -49.68
CA ARG A 371 25.65 41.04 -50.27
C ARG A 371 25.88 42.39 -49.55
N SER A 372 24.82 42.99 -48.97
CA SER A 372 24.93 44.25 -48.24
C SER A 372 25.58 44.04 -46.88
N ALA A 373 26.65 44.79 -46.58
CA ALA A 373 27.33 44.72 -45.29
C ALA A 373 26.53 45.42 -44.18
N GLN A 374 25.82 46.52 -44.52
CA GLN A 374 24.98 47.22 -43.56
C GLN A 374 23.80 46.35 -43.10
N ALA A 375 23.14 45.67 -44.06
CA ALA A 375 22.05 44.75 -43.76
C ALA A 375 22.52 43.60 -42.88
N ALA A 376 23.74 43.10 -43.10
CA ALA A 376 24.30 42.02 -42.29
C ALA A 376 24.49 42.49 -40.84
N ARG A 377 24.86 43.76 -40.64
CA ARG A 377 25.03 44.28 -39.29
C ARG A 377 23.69 44.57 -38.62
N GLN A 378 22.76 45.21 -39.35
CA GLN A 378 21.47 45.60 -38.80
C GLN A 378 20.51 44.45 -38.48
N VAL A 379 20.69 43.32 -39.13
CA VAL A 379 19.83 42.17 -38.93
C VAL A 379 20.04 41.49 -37.54
N HIS A 380 21.08 41.91 -36.80
CA HIS A 380 21.33 41.48 -35.42
C HIS A 380 20.21 41.98 -34.49
N LEU A 381 19.48 43.05 -34.89
CA LEU A 381 18.35 43.56 -34.12
C LEU A 381 17.17 42.54 -34.06
N CYS A 382 17.11 41.58 -35.01
CA CYS A 382 16.04 40.60 -35.09
C CYS A 382 16.47 39.27 -34.50
N ARG A 383 15.73 38.80 -33.49
CA ARG A 383 16.03 37.55 -32.82
C ARG A 383 16.07 36.35 -33.78
N GLY A 384 17.11 35.55 -33.67
CA GLY A 384 17.25 34.33 -34.46
C GLY A 384 17.76 34.50 -35.87
N VAL A 385 18.19 35.72 -36.23
CA VAL A 385 18.76 35.97 -37.55
C VAL A 385 20.28 35.97 -37.44
N PHE A 386 20.92 35.07 -38.19
CA PHE A 386 22.37 34.89 -38.25
C PHE A 386 22.85 35.43 -39.60
N PRO A 387 23.40 36.65 -39.64
CA PRO A 387 23.85 37.23 -40.93
C PRO A 387 25.15 36.65 -41.52
N LEU A 388 25.12 36.42 -42.85
CA LEU A 388 26.29 35.92 -43.57
C LEU A 388 26.58 36.85 -44.70
N LEU A 389 27.80 37.41 -44.76
CA LEU A 389 28.15 38.32 -45.85
C LEU A 389 28.72 37.55 -47.06
N TYR A 390 28.02 37.63 -48.20
CA TYR A 390 28.44 36.95 -49.42
C TYR A 390 29.55 37.73 -50.13
N ARG A 391 30.77 37.16 -50.18
CA ARG A 391 31.90 37.86 -50.83
C ARG A 391 32.59 37.01 -51.92
N GLU A 392 31.78 36.22 -52.61
CA GLU A 392 32.25 35.40 -53.70
CA GLU A 392 32.22 35.38 -53.71
C GLU A 392 31.81 36.07 -55.02
N PRO A 393 32.46 35.75 -56.16
CA PRO A 393 32.08 36.45 -57.41
C PRO A 393 30.73 36.05 -57.98
N PRO A 394 29.98 37.04 -58.51
CA PRO A 394 28.68 36.74 -59.09
C PRO A 394 28.77 35.73 -60.25
N GLU A 395 27.90 34.70 -60.25
CA GLU A 395 27.87 33.77 -61.37
C GLU A 395 27.15 34.50 -62.54
N ALA A 396 27.32 33.98 -63.78
CA ALA A 396 26.74 34.61 -64.97
C ALA A 396 25.21 34.53 -65.01
N ILE A 397 24.65 33.33 -64.79
CA ILE A 397 23.21 33.12 -64.78
C ILE A 397 22.66 33.51 -63.39
N TRP A 398 21.67 34.44 -63.29
CA TRP A 398 21.09 34.83 -61.97
C TRP A 398 20.60 33.60 -61.20
N ALA A 399 19.98 32.64 -61.91
CA ALA A 399 19.53 31.37 -61.35
C ALA A 399 20.70 30.55 -60.76
N ASP A 400 21.87 30.61 -61.40
CA ASP A 400 23.09 29.93 -60.96
C ASP A 400 23.70 30.65 -59.75
N ASP A 401 23.62 32.00 -59.74
CA ASP A 401 24.15 32.90 -58.70
C ASP A 401 23.44 32.65 -57.38
N VAL A 402 22.10 32.48 -57.44
CA VAL A 402 21.24 32.23 -56.30
C VAL A 402 21.64 30.92 -55.66
N ASP A 403 21.74 29.84 -56.46
CA ASP A 403 22.11 28.52 -55.95
CA ASP A 403 22.12 28.51 -55.96
C ASP A 403 23.46 28.53 -55.22
N ARG A 404 24.40 29.40 -55.65
CA ARG A 404 25.69 29.48 -54.98
C ARG A 404 25.56 30.22 -53.64
N ARG A 405 24.71 31.25 -53.57
CA ARG A 405 24.46 31.93 -52.29
C ARG A 405 23.78 30.98 -51.28
N VAL A 406 22.99 30.02 -51.77
CA VAL A 406 22.31 29.03 -50.95
C VAL A 406 23.32 27.97 -50.47
N GLN A 407 24.25 27.56 -51.36
CA GLN A 407 25.34 26.64 -51.01
C GLN A 407 26.33 27.31 -50.06
N PHE A 408 26.50 28.62 -50.15
CA PHE A 408 27.34 29.37 -49.24
C PHE A 408 26.76 29.27 -47.82
N GLY A 409 25.44 29.48 -47.68
CA GLY A 409 24.73 29.39 -46.42
C GLY A 409 24.89 28.01 -45.82
N ILE A 410 24.77 26.98 -46.65
CA ILE A 410 24.94 25.60 -46.23
C ILE A 410 26.37 25.32 -45.75
N GLU A 411 27.40 25.77 -46.52
CA GLU A 411 28.79 25.58 -46.12
C GLU A 411 29.14 26.33 -44.84
N SER A 412 28.67 27.59 -44.68
CA SER A 412 28.90 28.34 -43.44
C SER A 412 28.20 27.65 -42.27
N GLY A 413 26.97 27.19 -42.50
CA GLY A 413 26.18 26.51 -41.49
C GLY A 413 26.84 25.23 -41.02
N LYS A 414 27.42 24.47 -41.94
CA LYS A 414 28.11 23.22 -41.61
C LYS A 414 29.32 23.54 -40.75
N LEU A 415 30.11 24.55 -41.16
CA LEU A 415 31.31 24.99 -40.46
C LEU A 415 31.00 25.52 -39.06
N ARG A 416 29.91 26.28 -38.92
CA ARG A 416 29.54 26.86 -37.61
C ARG A 416 28.78 25.93 -36.68
N GLY A 417 28.42 24.73 -37.14
CA GLY A 417 27.71 23.76 -36.32
C GLY A 417 26.20 23.77 -36.45
N PHE A 418 25.62 24.71 -37.22
CA PHE A 418 24.19 24.80 -37.45
C PHE A 418 23.67 23.57 -38.22
N LEU A 419 24.43 23.07 -39.19
CA LEU A 419 23.98 21.99 -40.08
C LEU A 419 24.88 20.78 -40.10
N ARG A 420 24.29 19.63 -40.41
CA ARG A 420 24.95 18.34 -40.57
C ARG A 420 24.31 17.64 -41.79
N VAL A 421 25.04 16.70 -42.41
CA VAL A 421 24.51 15.95 -43.54
C VAL A 421 23.29 15.15 -43.10
N GLY A 422 22.23 15.19 -43.91
CA GLY A 422 20.99 14.53 -43.55
C GLY A 422 19.95 15.46 -42.97
N ASP A 423 20.34 16.67 -42.51
CA ASP A 423 19.40 17.65 -41.97
C ASP A 423 18.48 18.20 -43.07
N LEU A 424 17.34 18.78 -42.68
CA LEU A 424 16.45 19.43 -43.61
C LEU A 424 16.56 20.92 -43.41
N VAL A 425 16.59 21.67 -44.48
CA VAL A 425 16.62 23.12 -44.42
C VAL A 425 15.49 23.66 -45.28
N ILE A 426 15.02 24.84 -44.92
CA ILE A 426 14.00 25.53 -45.70
C ILE A 426 14.74 26.67 -46.36
N VAL A 427 14.61 26.82 -47.67
CA VAL A 427 15.30 27.90 -48.39
C VAL A 427 14.31 28.91 -48.92
N VAL A 428 14.48 30.18 -48.55
CA VAL A 428 13.58 31.25 -48.95
C VAL A 428 14.29 32.18 -49.94
N THR A 429 13.91 32.05 -51.22
CA THR A 429 14.46 32.81 -52.34
C THR A 429 13.35 33.65 -53.04
N GLY A 430 13.72 34.50 -53.99
CA GLY A 430 12.77 35.30 -54.76
C GLY A 430 12.68 34.88 -56.20
N TRP A 431 11.77 35.51 -56.99
CA TRP A 431 11.60 35.13 -58.41
C TRP A 431 12.43 35.99 -59.38
N ARG A 432 12.78 37.22 -58.95
CA ARG A 432 13.53 38.17 -59.75
C ARG A 432 14.53 38.93 -58.85
N PRO A 433 15.72 39.35 -59.35
CA PRO A 433 16.63 40.12 -58.50
C PRO A 433 16.02 41.44 -57.99
N GLY A 434 16.61 42.03 -56.97
CA GLY A 434 16.09 43.25 -56.38
C GLY A 434 15.28 42.97 -55.13
N SER A 435 15.17 43.96 -54.26
CA SER A 435 14.46 43.87 -53.00
CA SER A 435 14.43 43.84 -53.00
C SER A 435 12.93 43.83 -53.20
N GLY A 436 12.21 43.11 -52.32
CA GLY A 436 10.76 43.03 -52.31
C GLY A 436 10.07 41.94 -53.10
N TYR A 437 10.83 40.98 -53.64
CA TYR A 437 10.25 39.93 -54.48
C TYR A 437 10.36 38.52 -53.93
N THR A 438 10.51 38.36 -52.59
CA THR A 438 10.57 37.00 -52.01
C THR A 438 9.19 36.37 -52.15
N ASN A 439 9.16 35.14 -52.63
CA ASN A 439 7.91 34.44 -52.85
C ASN A 439 8.11 32.92 -52.98
N ILE A 440 9.31 32.38 -52.70
CA ILE A 440 9.57 30.96 -52.89
C ILE A 440 10.11 30.32 -51.63
N MET A 441 9.60 29.14 -51.33
CA MET A 441 10.10 28.36 -50.21
CA MET A 441 10.03 28.34 -50.19
C MET A 441 10.36 26.94 -50.71
N ARG A 442 11.56 26.43 -50.43
CA ARG A 442 11.97 25.11 -50.90
C ARG A 442 12.47 24.24 -49.75
N VAL A 443 12.12 22.96 -49.75
CA VAL A 443 12.57 22.03 -48.73
C VAL A 443 13.77 21.28 -49.30
N LEU A 444 14.93 21.44 -48.67
CA LEU A 444 16.16 20.85 -49.15
C LEU A 444 16.84 19.94 -48.13
N SER A 445 17.35 18.79 -48.56
CA SER A 445 18.06 17.87 -47.67
CA SER A 445 18.06 17.87 -47.67
C SER A 445 19.56 18.14 -47.80
N ILE A 446 20.26 18.31 -46.69
CA ILE A 446 21.69 18.59 -46.69
C ILE A 446 22.58 17.42 -47.13
N SER A 447 23.38 17.67 -48.19
CA SER A 447 24.38 16.79 -48.81
C SER A 447 23.85 15.40 -49.27
N ARG B 12 -10.41 41.83 -34.70
CA ARG B 12 -10.67 43.01 -35.53
C ARG B 12 -9.39 43.55 -36.21
N ALA B 13 -8.26 43.61 -35.49
CA ALA B 13 -7.00 44.13 -36.04
C ALA B 13 -6.31 43.15 -36.99
N ASP B 14 -6.56 41.84 -36.82
CA ASP B 14 -5.95 40.80 -37.67
C ASP B 14 -6.73 40.57 -39.01
N VAL B 15 -7.68 41.44 -39.33
CA VAL B 15 -8.44 41.42 -40.57
C VAL B 15 -8.68 42.83 -41.12
N ALA B 16 -8.33 43.91 -40.36
CA ALA B 16 -8.57 45.31 -40.72
C ALA B 16 -7.96 45.76 -42.06
N GLN B 17 -6.68 45.46 -42.32
CA GLN B 17 -6.06 45.88 -43.58
C GLN B 17 -6.65 45.10 -44.74
N LEU B 18 -6.82 43.78 -44.58
CA LEU B 18 -7.43 42.97 -45.64
C LEU B 18 -8.90 43.29 -45.88
N THR B 19 -9.59 43.87 -44.87
CA THR B 19 -11.00 44.28 -44.95
C THR B 19 -11.09 45.58 -45.75
N GLN B 20 -10.16 46.52 -45.51
CA GLN B 20 -10.12 47.75 -46.28
C GLN B 20 -9.78 47.43 -47.75
N GLU B 21 -8.89 46.45 -47.97
CA GLU B 21 -8.48 46.01 -49.30
C GLU B 21 -9.59 45.25 -50.06
N LEU B 22 -10.06 44.12 -49.51
CA LEU B 22 -11.04 43.25 -50.17
C LEU B 22 -12.49 43.69 -50.01
N GLY B 23 -12.77 44.54 -49.03
CA GLY B 23 -14.11 45.06 -48.81
C GLY B 23 -14.94 44.32 -47.79
N THR B 24 -15.92 45.02 -47.20
CA THR B 24 -16.80 44.43 -46.21
C THR B 24 -17.66 43.32 -46.82
N ALA B 25 -18.14 43.49 -48.07
CA ALA B 25 -18.95 42.47 -48.74
C ALA B 25 -18.21 41.14 -48.87
N PHE B 26 -16.89 41.17 -49.11
CA PHE B 26 -16.07 39.96 -49.21
C PHE B 26 -16.10 39.19 -47.89
N PHE B 27 -15.97 39.92 -46.77
CA PHE B 27 -15.91 39.29 -45.45
C PHE B 27 -17.29 38.93 -44.87
N GLN B 28 -18.39 39.17 -45.60
CA GLN B 28 -19.72 38.73 -45.19
C GLN B 28 -20.08 37.41 -45.89
N GLN B 29 -19.48 37.11 -47.05
CA GLN B 29 -19.73 35.90 -47.82
C GLN B 29 -18.99 34.69 -47.25
N GLN B 30 -19.32 33.47 -47.74
CA GLN B 30 -18.77 32.15 -47.40
C GLN B 30 -18.54 31.91 -45.89
N GLN B 31 -19.49 32.34 -45.06
CA GLN B 31 -19.45 32.23 -43.60
C GLN B 31 -18.14 32.74 -42.99
N LEU B 32 -17.56 33.79 -43.59
CA LEU B 32 -16.33 34.36 -43.07
C LEU B 32 -16.49 34.96 -41.69
N PRO B 33 -17.60 35.63 -41.30
CA PRO B 33 -17.72 36.10 -39.91
C PRO B 33 -17.66 34.94 -38.93
N ALA B 34 -18.29 33.79 -39.26
CA ALA B 34 -18.30 32.59 -38.42
C ALA B 34 -16.93 31.90 -38.38
N ALA B 35 -16.14 32.06 -39.45
CA ALA B 35 -14.82 31.46 -39.57
C ALA B 35 -13.79 32.13 -38.66
N MET B 36 -13.94 33.43 -38.38
CA MET B 36 -13.01 34.14 -37.50
C MET B 36 -13.36 34.05 -36.02
N ALA B 37 -14.40 33.27 -35.65
CA ALA B 37 -14.80 33.14 -34.25
C ALA B 37 -13.73 32.49 -33.40
N ASP B 38 -13.63 32.90 -32.14
CA ASP B 38 -12.63 32.37 -31.21
C ASP B 38 -13.02 31.05 -30.57
N THR B 39 -14.32 30.68 -30.60
CA THR B 39 -14.82 29.42 -30.07
C THR B 39 -15.77 28.76 -31.06
N PHE B 40 -15.94 27.45 -30.96
CA PHE B 40 -16.88 26.71 -31.82
C PHE B 40 -18.33 27.17 -31.57
N LEU B 41 -18.65 27.48 -30.31
CA LEU B 41 -19.94 27.97 -29.92
C LEU B 41 -20.24 29.32 -30.60
N GLU B 42 -19.27 30.25 -30.57
CA GLU B 42 -19.38 31.57 -31.23
CA GLU B 42 -19.47 31.54 -31.23
C GLU B 42 -19.50 31.40 -32.75
N HIS B 43 -18.81 30.38 -33.31
CA HIS B 43 -18.80 30.05 -34.72
C HIS B 43 -20.20 29.65 -35.13
N LEU B 44 -20.87 28.77 -34.33
CA LEU B 44 -22.26 28.37 -34.62
C LEU B 44 -23.19 29.58 -34.59
N CYS B 45 -23.07 30.45 -33.54
CA CYS B 45 -23.87 31.66 -33.39
C CYS B 45 -23.72 32.61 -34.57
N LEU B 46 -22.56 32.63 -35.21
CA LEU B 46 -22.31 33.53 -36.33
C LEU B 46 -22.71 32.98 -37.69
N LEU B 47 -23.25 31.75 -37.77
CA LEU B 47 -23.66 31.18 -39.06
C LEU B 47 -24.84 32.03 -39.62
N ASP B 48 -24.78 32.38 -40.90
CA ASP B 48 -25.76 33.27 -41.50
C ASP B 48 -26.34 32.69 -42.78
N ILE B 49 -27.66 32.54 -42.84
CA ILE B 49 -28.32 32.03 -44.05
C ILE B 49 -28.18 32.98 -45.26
N ASP B 50 -27.88 34.27 -45.00
CA ASP B 50 -27.64 35.26 -46.04
C ASP B 50 -26.17 35.33 -46.50
N SER B 51 -25.28 34.59 -45.85
CA SER B 51 -23.87 34.53 -46.23
C SER B 51 -23.76 33.48 -47.33
N GLU B 52 -23.66 33.93 -48.58
CA GLU B 52 -23.63 33.03 -49.72
C GLU B 52 -22.29 32.34 -49.97
N PRO B 53 -22.33 31.03 -50.28
CA PRO B 53 -21.07 30.34 -50.61
C PRO B 53 -20.44 30.87 -51.91
N VAL B 54 -19.10 31.01 -51.94
CA VAL B 54 -18.42 31.52 -53.12
C VAL B 54 -17.52 30.43 -53.72
N ALA B 55 -16.83 29.68 -52.86
CA ALA B 55 -15.91 28.63 -53.29
C ALA B 55 -16.58 27.51 -54.08
N ALA B 56 -15.81 26.83 -54.96
CA ALA B 56 -16.30 25.70 -55.73
C ALA B 56 -16.52 24.53 -54.75
N ARG B 57 -17.53 23.70 -55.05
CA ARG B 57 -17.88 22.57 -54.19
C ARG B 57 -16.77 21.57 -54.15
N SER B 58 -16.26 21.30 -52.96
CA SER B 58 -15.12 20.45 -52.78
C SER B 58 -15.40 18.97 -52.41
N THR B 59 -16.58 18.64 -51.85
CA THR B 59 -16.90 17.24 -51.51
C THR B 59 -17.44 16.59 -52.77
N SER B 60 -16.82 15.51 -53.20
CA SER B 60 -17.23 14.85 -54.43
C SER B 60 -18.51 14.10 -54.29
N ILE B 61 -19.26 14.02 -55.38
CA ILE B 61 -20.52 13.32 -55.39
C ILE B 61 -20.34 12.05 -56.17
N ILE B 62 -20.68 10.93 -55.53
CA ILE B 62 -20.66 9.63 -56.18
C ILE B 62 -22.11 9.31 -56.52
N ALA B 63 -22.42 9.05 -57.80
CA ALA B 63 -23.78 8.72 -58.19
C ALA B 63 -23.81 7.31 -58.76
N THR B 64 -24.72 6.47 -58.28
CA THR B 64 -24.86 5.12 -58.79
C THR B 64 -25.58 5.19 -60.14
N ILE B 65 -24.99 4.54 -61.15
CA ILE B 65 -25.58 4.55 -62.47
C ILE B 65 -26.41 3.30 -62.64
N GLY B 66 -27.68 3.48 -63.00
CA GLY B 66 -28.61 2.37 -63.20
C GLY B 66 -29.67 2.69 -64.23
N PRO B 67 -30.80 1.97 -64.17
CA PRO B 67 -31.87 2.21 -65.15
C PRO B 67 -32.34 3.66 -65.31
N ALA B 68 -32.36 4.45 -64.23
CA ALA B 68 -32.84 5.84 -64.30
C ALA B 68 -31.80 6.85 -64.80
N SER B 69 -30.54 6.45 -64.83
CA SER B 69 -29.46 7.37 -65.16
C SER B 69 -28.47 6.86 -66.22
N ARG B 70 -28.84 5.83 -66.98
CA ARG B 70 -27.96 5.18 -67.97
C ARG B 70 -27.74 5.88 -69.28
N SER B 71 -28.76 6.60 -69.79
CA SER B 71 -28.65 7.22 -71.09
C SER B 71 -27.57 8.28 -71.17
N VAL B 72 -26.89 8.37 -72.32
CA VAL B 72 -25.82 9.32 -72.58
C VAL B 72 -26.29 10.77 -72.33
N GLU B 73 -27.53 11.09 -72.76
CA GLU B 73 -28.11 12.43 -72.59
C GLU B 73 -28.33 12.75 -71.10
N ARG B 74 -28.82 11.77 -70.31
CA ARG B 74 -29.06 11.92 -68.88
C ARG B 74 -27.72 12.06 -68.15
N LEU B 75 -26.72 11.26 -68.54
CA LEU B 75 -25.39 11.31 -67.95
C LEU B 75 -24.70 12.66 -68.15
N LYS B 76 -24.91 13.32 -69.31
CA LYS B 76 -24.34 14.65 -69.54
C LYS B 76 -24.96 15.65 -68.55
N GLU B 77 -26.27 15.53 -68.27
CA GLU B 77 -26.99 16.38 -67.32
CA GLU B 77 -26.92 16.42 -67.32
C GLU B 77 -26.43 16.14 -65.91
N MET B 78 -26.13 14.86 -65.55
CA MET B 78 -25.60 14.50 -64.24
CA MET B 78 -25.60 14.52 -64.23
C MET B 78 -24.18 15.05 -64.04
N ILE B 79 -23.37 15.07 -65.12
CA ILE B 79 -22.02 15.60 -65.08
C ILE B 79 -22.12 17.12 -64.84
N LYS B 80 -23.03 17.79 -65.56
CA LYS B 80 -23.25 19.23 -65.41
C LYS B 80 -23.80 19.58 -64.02
N ALA B 81 -24.63 18.68 -63.42
CA ALA B 81 -25.17 18.85 -62.06
C ALA B 81 -24.09 18.68 -60.97
N GLY B 82 -23.02 17.95 -61.27
CA GLY B 82 -21.93 17.77 -60.33
C GLY B 82 -21.40 16.38 -60.04
N MET B 83 -21.87 15.34 -60.75
CA MET B 83 -21.39 13.98 -60.52
C MET B 83 -19.89 13.89 -60.82
N ASN B 84 -19.09 13.40 -59.86
CA ASN B 84 -17.64 13.26 -60.03
C ASN B 84 -17.22 11.83 -60.24
N ILE B 85 -17.94 10.89 -59.62
CA ILE B 85 -17.64 9.47 -59.65
C ILE B 85 -18.93 8.70 -59.96
N ALA B 86 -18.86 7.79 -60.95
CA ALA B 86 -19.99 6.96 -61.33
C ALA B 86 -19.79 5.62 -60.68
N ARG B 87 -20.77 5.18 -59.88
CA ARG B 87 -20.69 3.91 -59.18
C ARG B 87 -21.50 2.85 -59.92
N LEU B 88 -20.92 1.66 -60.10
CA LEU B 88 -21.62 0.54 -60.71
C LEU B 88 -21.78 -0.52 -59.67
N ASN B 89 -23.04 -0.81 -59.30
CA ASN B 89 -23.30 -1.78 -58.25
C ASN B 89 -23.34 -3.19 -58.81
N PHE B 90 -22.29 -3.98 -58.56
CA PHE B 90 -22.24 -5.35 -59.07
C PHE B 90 -23.10 -6.35 -58.27
N SER B 91 -23.95 -5.85 -57.37
CA SER B 91 -24.96 -6.68 -56.71
C SER B 91 -26.16 -6.88 -57.67
N HIS B 92 -26.36 -5.94 -58.63
CA HIS B 92 -27.42 -5.97 -59.64
C HIS B 92 -26.79 -6.00 -61.06
N GLY B 93 -27.61 -6.30 -62.06
CA GLY B 93 -27.18 -6.34 -63.45
C GLY B 93 -26.20 -7.45 -63.81
N SER B 94 -25.67 -7.36 -65.02
CA SER B 94 -24.71 -8.33 -65.52
C SER B 94 -23.45 -7.60 -66.01
N HIS B 95 -22.41 -8.36 -66.42
CA HIS B 95 -21.20 -7.76 -66.98
C HIS B 95 -21.52 -6.94 -68.23
N GLU B 96 -22.42 -7.46 -69.08
CA GLU B 96 -22.82 -6.78 -70.30
C GLU B 96 -23.55 -5.48 -69.99
N TYR B 97 -24.40 -5.49 -68.97
CA TYR B 97 -25.16 -4.31 -68.56
C TYR B 97 -24.22 -3.21 -68.05
N HIS B 98 -23.30 -3.56 -67.14
CA HIS B 98 -22.36 -2.61 -66.59
C HIS B 98 -21.36 -2.11 -67.62
N ALA B 99 -20.98 -2.94 -68.61
CA ALA B 99 -20.09 -2.49 -69.68
C ALA B 99 -20.77 -1.41 -70.52
N GLU B 100 -22.08 -1.58 -70.76
CA GLU B 100 -22.86 -0.60 -71.52
C GLU B 100 -22.96 0.71 -70.75
N SER B 101 -23.17 0.63 -69.42
CA SER B 101 -23.25 1.82 -68.56
C SER B 101 -21.90 2.57 -68.58
N ILE B 102 -20.76 1.84 -68.43
CA ILE B 102 -19.41 2.40 -68.49
C ILE B 102 -19.18 3.12 -69.81
N ALA B 103 -19.58 2.49 -70.93
CA ALA B 103 -19.41 3.08 -72.26
C ALA B 103 -20.24 4.36 -72.39
N ASN B 104 -21.45 4.39 -71.82
CA ASN B 104 -22.31 5.57 -71.85
C ASN B 104 -21.75 6.71 -71.00
N VAL B 105 -21.15 6.37 -69.84
CA VAL B 105 -20.51 7.37 -68.97
C VAL B 105 -19.33 7.97 -69.74
N ARG B 106 -18.46 7.11 -70.30
CA ARG B 106 -17.31 7.57 -71.10
C ARG B 106 -17.71 8.42 -72.31
N GLU B 107 -18.82 8.09 -72.97
CA GLU B 107 -19.28 8.88 -74.12
C GLU B 107 -19.76 10.27 -73.66
N ALA B 108 -20.50 10.33 -72.53
CA ALA B 108 -20.97 11.61 -71.97
C ALA B 108 -19.78 12.43 -71.47
N VAL B 109 -18.78 11.80 -70.84
CA VAL B 109 -17.59 12.48 -70.34
C VAL B 109 -16.77 13.06 -71.49
N GLU B 110 -16.55 12.25 -72.55
CA GLU B 110 -15.77 12.69 -73.69
C GLU B 110 -16.47 13.69 -74.59
N SER B 111 -17.78 13.89 -74.43
CA SER B 111 -18.48 14.92 -75.19
C SER B 111 -18.03 16.36 -74.79
N PHE B 112 -17.36 16.52 -73.63
CA PHE B 112 -16.84 17.81 -73.16
C PHE B 112 -15.31 17.92 -73.31
N ALA B 113 -14.62 16.92 -73.93
CA ALA B 113 -13.17 16.90 -74.11
C ALA B 113 -12.59 17.97 -75.02
N GLY B 114 -13.44 18.67 -75.76
CA GLY B 114 -13.03 19.73 -76.68
C GLY B 114 -12.18 20.85 -76.09
N SER B 115 -12.34 21.15 -74.79
CA SER B 115 -11.56 22.21 -74.15
C SER B 115 -11.41 21.95 -72.66
N PRO B 116 -10.23 22.26 -72.06
CA PRO B 116 -10.09 22.11 -70.60
C PRO B 116 -11.10 22.95 -69.81
N LEU B 117 -11.67 24.01 -70.41
CA LEU B 117 -12.67 24.82 -69.73
C LEU B 117 -14.02 24.11 -69.56
N SER B 118 -14.33 23.16 -70.47
CA SER B 118 -15.54 22.37 -70.37
C SER B 118 -15.27 20.94 -69.83
N TYR B 119 -14.02 20.45 -69.90
CA TYR B 119 -13.73 19.09 -69.50
C TYR B 119 -13.92 18.86 -68.04
N ARG B 120 -14.57 17.74 -67.71
CA ARG B 120 -14.84 17.30 -66.34
C ARG B 120 -14.54 15.81 -66.27
N PRO B 121 -13.35 15.41 -65.77
CA PRO B 121 -13.05 13.96 -65.69
C PRO B 121 -13.94 13.29 -64.65
N VAL B 122 -14.40 12.08 -64.93
CA VAL B 122 -15.31 11.36 -64.05
C VAL B 122 -14.73 10.00 -63.78
N ALA B 123 -14.52 9.65 -62.50
CA ALA B 123 -14.01 8.34 -62.14
C ALA B 123 -15.08 7.25 -62.27
N ILE B 124 -14.66 6.01 -62.50
CA ILE B 124 -15.56 4.89 -62.58
C ILE B 124 -15.24 3.94 -61.46
N ALA B 125 -16.20 3.71 -60.59
CA ALA B 125 -16.01 2.86 -59.41
C ALA B 125 -16.86 1.62 -59.48
N LEU B 126 -16.26 0.47 -59.19
CA LEU B 126 -16.97 -0.81 -59.20
C LEU B 126 -17.27 -1.19 -57.76
N ASP B 127 -18.54 -1.33 -57.40
CA ASP B 127 -18.92 -1.76 -56.06
C ASP B 127 -19.17 -3.26 -56.11
N THR B 128 -18.37 -4.07 -55.40
CA THR B 128 -18.52 -5.54 -55.42
C THR B 128 -19.76 -6.06 -54.68
N LYS B 129 -20.23 -7.27 -55.06
CA LYS B 129 -21.39 -7.92 -54.43
C LYS B 129 -21.08 -8.31 -52.97
N GLY B 130 -19.88 -8.80 -52.72
CA GLY B 130 -19.48 -9.17 -51.37
C GLY B 130 -19.27 -10.66 -51.15
N PRO B 131 -18.82 -11.07 -49.94
CA PRO B 131 -18.52 -12.47 -49.68
C PRO B 131 -19.70 -13.28 -49.14
N GLY B 132 -20.90 -12.70 -49.14
CA GLY B 132 -22.07 -13.40 -48.59
C GLY B 132 -21.71 -14.13 -47.31
N SER B 133 -22.05 -15.42 -47.22
CA SER B 133 -21.73 -16.21 -46.00
C SER B 133 -20.27 -16.65 -46.06
N GLY B 134 -19.63 -16.49 -47.22
CA GLY B 134 -18.24 -16.92 -47.38
C GLY B 134 -17.30 -16.06 -46.56
N PRO B 135 -16.26 -16.64 -45.93
CA PRO B 135 -15.28 -15.84 -45.21
C PRO B 135 -14.35 -15.17 -46.24
N GLY B 136 -13.87 -15.95 -47.21
CA GLY B 136 -12.90 -15.42 -48.19
C GLY B 136 -13.56 -14.63 -49.31
N LEU B 137 -12.81 -14.36 -50.38
CA LEU B 137 -13.37 -13.65 -51.55
C LEU B 137 -14.28 -14.61 -52.29
N SER B 138 -15.48 -14.15 -52.63
CA SER B 138 -16.40 -14.99 -53.40
C SER B 138 -15.94 -15.17 -54.87
N GLU B 139 -16.38 -16.25 -55.52
CA GLU B 139 -16.00 -16.50 -56.91
C GLU B 139 -16.57 -15.45 -57.86
N GLN B 140 -17.77 -14.91 -57.54
CA GLN B 140 -18.36 -13.85 -58.36
C GLN B 140 -17.54 -12.57 -58.26
N ASP B 141 -17.05 -12.26 -57.05
CA ASP B 141 -16.18 -11.11 -56.82
C ASP B 141 -14.91 -11.22 -57.64
N VAL B 142 -14.31 -12.41 -57.69
CA VAL B 142 -13.09 -12.62 -58.49
C VAL B 142 -13.35 -12.31 -59.97
N ARG B 143 -14.49 -12.74 -60.49
CA ARG B 143 -14.86 -12.46 -61.89
C ARG B 143 -15.16 -10.99 -62.14
N ASP B 144 -15.87 -10.34 -61.20
CA ASP B 144 -16.23 -8.93 -61.31
C ASP B 144 -15.00 -8.02 -61.20
N LEU B 145 -14.07 -8.37 -60.31
CA LEU B 145 -12.83 -7.63 -60.14
C LEU B 145 -11.98 -7.73 -61.41
N ARG B 146 -11.93 -8.92 -62.04
CA ARG B 146 -11.19 -9.05 -63.30
C ARG B 146 -11.89 -8.22 -64.41
N PHE B 147 -13.24 -8.15 -64.40
CA PHE B 147 -14.01 -7.33 -65.34
C PHE B 147 -13.58 -5.86 -65.19
N GLY B 148 -13.44 -5.40 -63.95
CA GLY B 148 -13.03 -4.03 -63.63
C GLY B 148 -11.67 -3.68 -64.20
N VAL B 149 -10.71 -4.61 -64.07
CA VAL B 149 -9.38 -4.42 -64.62
C VAL B 149 -9.45 -4.33 -66.15
N GLU B 150 -10.21 -5.24 -66.78
CA GLU B 150 -10.38 -5.27 -68.23
C GLU B 150 -11.09 -4.03 -68.77
N HIS B 151 -11.99 -3.43 -67.96
CA HIS B 151 -12.69 -2.23 -68.37
C HIS B 151 -12.08 -0.93 -67.84
N GLY B 152 -10.90 -1.01 -67.23
CA GLY B 152 -10.16 0.15 -66.74
C GLY B 152 -10.83 0.98 -65.67
N VAL B 153 -11.46 0.32 -64.68
CA VAL B 153 -12.09 1.08 -63.59
C VAL B 153 -11.00 1.76 -62.75
N ASP B 154 -11.34 2.87 -62.13
CA ASP B 154 -10.39 3.63 -61.31
C ASP B 154 -10.43 3.21 -59.85
N ILE B 155 -11.62 2.83 -59.36
CA ILE B 155 -11.81 2.52 -57.94
C ILE B 155 -12.61 1.25 -57.75
N VAL B 156 -12.36 0.58 -56.63
CA VAL B 156 -13.14 -0.57 -56.20
C VAL B 156 -13.71 -0.23 -54.81
N PHE B 157 -15.04 -0.29 -54.66
CA PHE B 157 -15.66 -0.14 -53.35
C PHE B 157 -15.84 -1.60 -52.92
N ALA B 158 -14.93 -2.11 -52.09
CA ALA B 158 -14.98 -3.51 -51.66
C ALA B 158 -15.98 -3.76 -50.55
N SER B 159 -17.06 -4.49 -50.86
CA SER B 159 -18.10 -4.83 -49.88
C SER B 159 -17.64 -5.72 -48.74
N PHE B 160 -18.24 -5.52 -47.56
CA PHE B 160 -18.04 -6.27 -46.32
C PHE B 160 -16.59 -6.61 -45.98
N VAL B 161 -15.72 -5.58 -45.91
CA VAL B 161 -14.34 -5.80 -45.48
C VAL B 161 -14.36 -5.96 -43.96
N ARG B 162 -13.80 -7.06 -43.44
CA ARG B 162 -13.79 -7.35 -42.00
C ARG B 162 -12.41 -7.40 -41.36
N LYS B 163 -11.35 -7.45 -42.16
CA LYS B 163 -9.96 -7.55 -41.68
C LYS B 163 -8.98 -7.18 -42.79
N ALA B 164 -7.69 -6.99 -42.43
CA ALA B 164 -6.67 -6.63 -43.41
C ALA B 164 -6.48 -7.66 -44.52
N SER B 165 -6.72 -8.95 -44.21
CA SER B 165 -6.57 -10.00 -45.22
C SER B 165 -7.61 -9.90 -46.34
N ASP B 166 -8.78 -9.33 -46.04
CA ASP B 166 -9.83 -9.16 -47.05
C ASP B 166 -9.38 -8.20 -48.13
N VAL B 167 -8.70 -7.11 -47.74
CA VAL B 167 -8.25 -6.13 -48.72
C VAL B 167 -7.08 -6.73 -49.54
N ALA B 168 -6.21 -7.56 -48.91
CA ALA B 168 -5.13 -8.24 -49.63
C ALA B 168 -5.71 -9.19 -50.70
N ALA B 169 -6.84 -9.86 -50.40
CA ALA B 169 -7.50 -10.74 -51.36
C ALA B 169 -8.03 -9.96 -52.56
N VAL B 170 -8.63 -8.79 -52.31
CA VAL B 170 -9.14 -7.93 -53.38
C VAL B 170 -7.96 -7.45 -54.25
N ARG B 171 -6.86 -7.07 -53.60
CA ARG B 171 -5.66 -6.61 -54.27
CA ARG B 171 -5.65 -6.60 -54.28
C ARG B 171 -5.10 -7.70 -55.17
N ALA B 172 -5.05 -8.95 -54.66
CA ALA B 172 -4.56 -10.11 -55.41
C ALA B 172 -5.45 -10.40 -56.62
N ALA B 173 -6.80 -10.37 -56.44
CA ALA B 173 -7.74 -10.60 -57.52
C ALA B 173 -7.68 -9.58 -58.65
N LEU B 174 -7.15 -8.37 -58.38
CA LEU B 174 -6.99 -7.36 -59.42
C LEU B 174 -5.77 -7.67 -60.36
N GLY B 175 -4.89 -8.57 -59.92
CA GLY B 175 -3.72 -8.99 -60.68
C GLY B 175 -2.63 -7.95 -60.78
N PRO B 176 -1.66 -8.21 -61.67
CA PRO B 176 -0.55 -7.25 -61.83
C PRO B 176 -0.95 -5.97 -62.55
N GLU B 177 -1.98 -6.04 -63.44
CA GLU B 177 -2.42 -4.87 -64.19
C GLU B 177 -3.41 -3.96 -63.44
N GLY B 178 -3.89 -4.38 -62.28
CA GLY B 178 -4.79 -3.57 -61.47
C GLY B 178 -4.09 -2.93 -60.28
N HIS B 179 -2.78 -2.70 -60.40
CA HIS B 179 -1.97 -2.09 -59.34
C HIS B 179 -2.39 -0.66 -59.04
N GLY B 180 -2.80 0.07 -60.08
CA GLY B 180 -3.19 1.47 -59.99
C GLY B 180 -4.57 1.75 -59.45
N ILE B 181 -5.46 0.73 -59.44
CA ILE B 181 -6.83 0.86 -58.94
C ILE B 181 -6.88 1.13 -57.44
N LYS B 182 -7.67 2.14 -57.02
CA LYS B 182 -7.80 2.45 -55.60
C LYS B 182 -8.79 1.51 -54.93
N ILE B 183 -8.43 1.01 -53.75
CA ILE B 183 -9.33 0.14 -53.01
C ILE B 183 -9.93 0.89 -51.82
N ILE B 184 -11.24 1.14 -51.87
CA ILE B 184 -11.98 1.80 -50.80
C ILE B 184 -12.72 0.69 -50.06
N SER B 185 -12.35 0.41 -48.82
CA SER B 185 -12.98 -0.67 -48.05
C SER B 185 -14.30 -0.24 -47.46
N LYS B 186 -15.38 -1.01 -47.71
CA LYS B 186 -16.67 -0.72 -47.14
C LYS B 186 -16.78 -1.34 -45.77
N ILE B 187 -17.01 -0.51 -44.73
CA ILE B 187 -17.19 -1.02 -43.36
C ILE B 187 -18.68 -1.17 -43.16
N GLU B 188 -19.16 -2.43 -43.08
CA GLU B 188 -20.60 -2.71 -43.01
C GLU B 188 -21.04 -3.57 -41.83
N ASN B 189 -20.13 -3.94 -40.92
CA ASN B 189 -20.52 -4.77 -39.78
C ASN B 189 -19.68 -4.48 -38.51
N HIS B 190 -20.01 -5.13 -37.38
CA HIS B 190 -19.29 -4.95 -36.14
C HIS B 190 -17.79 -5.25 -36.26
N GLU B 191 -17.44 -6.35 -36.93
CA GLU B 191 -16.04 -6.75 -37.07
C GLU B 191 -15.21 -5.70 -37.82
N GLY B 192 -15.78 -5.15 -38.90
CA GLY B 192 -15.14 -4.11 -39.67
C GLY B 192 -14.86 -2.87 -38.84
N VAL B 193 -15.80 -2.50 -37.94
CA VAL B 193 -15.64 -1.35 -37.06
C VAL B 193 -14.55 -1.62 -36.04
N LYS B 194 -14.56 -2.82 -35.44
CA LYS B 194 -13.56 -3.18 -34.43
C LYS B 194 -12.14 -3.34 -34.97
N ARG B 195 -12.02 -3.85 -36.18
CA ARG B 195 -10.71 -4.01 -36.80
C ARG B 195 -10.39 -2.85 -37.77
N PHE B 196 -11.07 -1.69 -37.60
CA PHE B 196 -10.94 -0.52 -38.45
C PHE B 196 -9.49 -0.09 -38.71
N ASP B 197 -8.68 0.08 -37.66
CA ASP B 197 -7.31 0.54 -37.82
C ASP B 197 -6.47 -0.34 -38.72
N GLU B 198 -6.62 -1.68 -38.62
CA GLU B 198 -5.86 -2.58 -39.47
C GLU B 198 -6.35 -2.55 -40.92
N ILE B 199 -7.63 -2.29 -41.13
CA ILE B 199 -8.23 -2.20 -42.45
C ILE B 199 -7.80 -0.90 -43.13
N LEU B 200 -7.88 0.22 -42.41
CA LEU B 200 -7.51 1.52 -42.95
C LEU B 200 -6.05 1.55 -43.37
N GLU B 201 -5.18 0.90 -42.58
CA GLU B 201 -3.75 0.86 -42.86
C GLU B 201 -3.43 0.28 -44.24
N VAL B 202 -4.15 -0.77 -44.64
CA VAL B 202 -3.91 -1.40 -45.94
C VAL B 202 -4.83 -0.92 -47.08
N SER B 203 -5.83 -0.09 -46.78
CA SER B 203 -6.76 0.40 -47.80
C SER B 203 -6.34 1.77 -48.30
N ASP B 204 -6.83 2.16 -49.46
CA ASP B 204 -6.62 3.52 -49.97
C ASP B 204 -7.60 4.51 -49.33
N GLY B 205 -8.74 4.01 -48.83
CA GLY B 205 -9.78 4.79 -48.22
C GLY B 205 -10.88 3.91 -47.66
N ILE B 206 -11.93 4.53 -47.12
CA ILE B 206 -13.02 3.83 -46.46
C ILE B 206 -14.39 4.34 -46.91
N MET B 207 -15.38 3.45 -46.89
CA MET B 207 -16.75 3.85 -47.12
C MET B 207 -17.54 3.44 -45.89
N VAL B 208 -18.28 4.40 -45.32
CA VAL B 208 -19.18 4.12 -44.21
C VAL B 208 -20.48 3.66 -44.88
N ALA B 209 -20.62 2.34 -45.03
CA ALA B 209 -21.75 1.71 -45.71
C ALA B 209 -22.86 1.54 -44.67
N ARG B 210 -23.63 2.62 -44.46
CA ARG B 210 -24.64 2.71 -43.41
C ARG B 210 -25.84 1.76 -43.52
N GLY B 211 -26.20 1.34 -44.73
CA GLY B 211 -27.29 0.42 -44.93
C GLY B 211 -27.08 -0.90 -44.21
N ASP B 212 -26.01 -1.64 -44.54
CA ASP B 212 -25.74 -2.90 -43.85
C ASP B 212 -25.31 -2.65 -42.42
N LEU B 213 -24.50 -1.62 -42.19
CA LEU B 213 -24.04 -1.28 -40.84
C LEU B 213 -25.21 -1.04 -39.86
N GLY B 214 -26.29 -0.45 -40.37
CA GLY B 214 -27.51 -0.18 -39.60
C GLY B 214 -28.32 -1.40 -39.24
N ILE B 215 -28.04 -2.54 -39.90
CA ILE B 215 -28.69 -3.83 -39.66
C ILE B 215 -27.76 -4.71 -38.79
N GLU B 216 -26.45 -4.61 -39.01
CA GLU B 216 -25.44 -5.39 -38.30
C GLU B 216 -25.21 -4.92 -36.86
N ILE B 217 -25.29 -3.59 -36.64
CA ILE B 217 -25.16 -2.99 -35.31
C ILE B 217 -26.47 -2.22 -35.00
N PRO B 218 -26.76 -1.85 -33.73
CA PRO B 218 -28.01 -1.09 -33.45
C PRO B 218 -28.06 0.19 -34.29
N ALA B 219 -29.22 0.48 -34.87
CA ALA B 219 -29.36 1.65 -35.73
C ALA B 219 -28.95 2.97 -35.04
N GLU B 220 -29.22 3.08 -33.73
CA GLU B 220 -28.88 4.28 -32.97
C GLU B 220 -27.38 4.45 -32.72
N LYS B 221 -26.54 3.49 -33.12
CA LYS B 221 -25.09 3.55 -32.94
C LYS B 221 -24.34 3.87 -34.22
N VAL B 222 -25.01 3.82 -35.41
CA VAL B 222 -24.37 4.10 -36.69
C VAL B 222 -23.66 5.47 -36.72
N PHE B 223 -24.29 6.52 -36.19
CA PHE B 223 -23.67 7.85 -36.19
C PHE B 223 -22.33 7.87 -35.46
N LEU B 224 -22.17 7.01 -34.42
CA LEU B 224 -20.91 6.94 -33.67
C LEU B 224 -19.84 6.35 -34.55
N ALA B 225 -20.17 5.29 -35.29
CA ALA B 225 -19.27 4.61 -36.18
C ALA B 225 -18.89 5.55 -37.32
N GLN B 226 -19.86 6.28 -37.89
CA GLN B 226 -19.59 7.23 -38.96
C GLN B 226 -18.63 8.34 -38.49
N LYS B 227 -18.93 8.99 -37.36
CA LYS B 227 -18.09 10.07 -36.85
C LYS B 227 -16.69 9.60 -36.46
N MET B 228 -16.55 8.38 -35.89
CA MET B 228 -15.26 7.81 -35.52
C MET B 228 -14.42 7.52 -36.80
N MET B 229 -15.00 6.84 -37.79
CA MET B 229 -14.30 6.49 -39.01
C MET B 229 -13.90 7.70 -39.83
N ILE B 230 -14.76 8.72 -39.92
CA ILE B 230 -14.42 9.93 -40.65
C ILE B 230 -13.24 10.64 -39.94
N GLY B 231 -13.29 10.74 -38.62
CA GLY B 231 -12.22 11.35 -37.83
C GLY B 231 -10.89 10.65 -38.03
N ARG B 232 -10.87 9.30 -37.96
CA ARG B 232 -9.66 8.51 -38.14
C ARG B 232 -9.12 8.60 -39.56
N CYS B 233 -10.00 8.70 -40.57
CA CYS B 233 -9.56 8.86 -41.96
C CYS B 233 -8.98 10.23 -42.15
N ASN B 234 -9.58 11.27 -41.55
CA ASN B 234 -9.05 12.63 -41.62
C ASN B 234 -7.65 12.69 -40.99
N LEU B 235 -7.46 11.97 -39.88
CA LEU B 235 -6.19 11.88 -39.16
C LEU B 235 -5.16 11.18 -40.05
N ALA B 236 -5.55 10.06 -40.70
CA ALA B 236 -4.67 9.30 -41.60
C ALA B 236 -4.42 9.99 -42.94
N GLY B 237 -5.22 10.97 -43.30
CA GLY B 237 -5.11 11.62 -44.59
C GLY B 237 -5.64 10.75 -45.73
N LYS B 238 -6.56 9.81 -45.44
CA LYS B 238 -7.11 8.92 -46.48
C LYS B 238 -8.57 9.23 -46.78
N PRO B 239 -9.01 9.09 -48.05
CA PRO B 239 -10.42 9.41 -48.38
C PRO B 239 -11.48 8.60 -47.62
N VAL B 240 -12.56 9.27 -47.25
CA VAL B 240 -13.67 8.61 -46.57
C VAL B 240 -14.96 9.04 -47.26
N VAL B 241 -15.80 8.05 -47.57
CA VAL B 241 -17.09 8.25 -48.24
C VAL B 241 -18.22 8.02 -47.26
N CYS B 242 -19.22 8.91 -47.26
CA CYS B 242 -20.42 8.68 -46.47
C CYS B 242 -21.47 8.18 -47.44
N ALA B 243 -22.07 7.03 -47.15
CA ALA B 243 -23.02 6.44 -48.10
C ALA B 243 -24.34 5.99 -47.46
N THR B 244 -25.40 5.87 -48.31
CA THR B 244 -26.70 5.24 -48.13
C THR B 244 -27.77 6.05 -47.40
N GLN B 245 -28.90 6.22 -48.08
CA GLN B 245 -30.11 6.89 -47.61
C GLN B 245 -29.93 8.36 -47.30
N MET B 246 -28.92 9.00 -47.88
CA MET B 246 -28.68 10.42 -47.66
C MET B 246 -29.86 11.28 -48.12
N LEU B 247 -30.43 10.99 -49.30
CA LEU B 247 -31.58 11.72 -49.82
C LEU B 247 -32.66 10.74 -50.27
N GLU B 248 -32.82 9.62 -49.53
CA GLU B 248 -33.72 8.53 -49.85
C GLU B 248 -35.10 8.95 -50.40
N SER B 249 -35.81 9.89 -49.76
CA SER B 249 -37.14 10.31 -50.20
C SER B 249 -37.16 10.91 -51.60
N MET B 250 -36.01 11.41 -52.09
CA MET B 250 -35.91 11.96 -53.44
C MET B 250 -35.99 10.89 -54.53
N ILE B 251 -36.11 9.58 -54.16
CA ILE B 251 -36.34 8.51 -55.10
C ILE B 251 -37.73 8.74 -55.76
N THR B 252 -38.73 9.23 -54.97
CA THR B 252 -40.07 9.52 -55.48
C THR B 252 -40.47 10.99 -55.40
N LYS B 253 -39.86 11.80 -54.51
CA LYS B 253 -40.27 13.19 -54.36
C LYS B 253 -39.24 14.18 -54.88
N PRO B 254 -39.69 15.33 -55.44
CA PRO B 254 -38.72 16.29 -55.99
C PRO B 254 -37.89 17.07 -54.95
N ARG B 255 -38.33 17.08 -53.69
CA ARG B 255 -37.57 17.74 -52.63
C ARG B 255 -37.31 16.73 -51.48
N PRO B 256 -36.15 16.81 -50.79
CA PRO B 256 -35.90 15.87 -49.68
C PRO B 256 -36.56 16.31 -48.35
N THR B 257 -36.50 15.43 -47.34
CA THR B 257 -36.99 15.75 -46.00
C THR B 257 -35.95 16.63 -45.26
N ARG B 258 -36.37 17.22 -44.13
CA ARG B 258 -35.47 18.05 -43.32
C ARG B 258 -34.34 17.23 -42.72
N ALA B 259 -34.59 15.93 -42.42
CA ALA B 259 -33.58 15.02 -41.91
C ALA B 259 -32.54 14.70 -42.95
N GLU B 260 -32.94 14.60 -44.21
CA GLU B 260 -32.07 14.28 -45.33
C GLU B 260 -31.09 15.38 -45.64
N THR B 261 -31.54 16.64 -45.75
CA THR B 261 -30.60 17.74 -46.01
C THR B 261 -29.61 17.89 -44.84
N SER B 262 -30.11 17.69 -43.63
CA SER B 262 -29.34 17.74 -42.40
C SER B 262 -28.25 16.65 -42.44
N ASP B 263 -28.60 15.43 -42.84
CA ASP B 263 -27.67 14.31 -42.92
C ASP B 263 -26.52 14.61 -43.93
N VAL B 264 -26.85 15.19 -45.08
CA VAL B 264 -25.86 15.55 -46.07
C VAL B 264 -24.93 16.62 -45.50
N ALA B 265 -25.50 17.68 -44.91
CA ALA B 265 -24.68 18.74 -44.35
C ALA B 265 -23.77 18.24 -43.24
N ASN B 266 -24.31 17.34 -42.39
CA ASN B 266 -23.55 16.80 -41.27
C ASN B 266 -22.48 15.85 -41.70
N ALA B 267 -22.64 15.13 -42.82
CA ALA B 267 -21.58 14.26 -43.31
C ALA B 267 -20.39 15.12 -43.76
N VAL B 268 -20.67 16.27 -44.42
CA VAL B 268 -19.63 17.20 -44.85
C VAL B 268 -18.97 17.83 -43.62
N LEU B 269 -19.78 18.29 -42.64
CA LEU B 269 -19.23 18.88 -41.41
C LEU B 269 -18.41 17.86 -40.61
N ASP B 270 -18.74 16.59 -40.70
CA ASP B 270 -18.00 15.52 -40.04
C ASP B 270 -16.59 15.39 -40.60
N GLY B 271 -16.42 15.65 -41.90
CA GLY B 271 -15.13 15.59 -42.58
C GLY B 271 -15.09 14.62 -43.75
N ALA B 272 -16.26 14.21 -44.26
CA ALA B 272 -16.30 13.26 -45.38
C ALA B 272 -15.72 13.86 -46.65
N ASP B 273 -14.92 13.08 -47.37
CA ASP B 273 -14.36 13.53 -48.66
C ASP B 273 -15.40 13.41 -49.75
N CYS B 274 -16.21 12.34 -49.72
CA CYS B 274 -17.24 12.10 -50.70
C CYS B 274 -18.59 11.83 -50.06
N ILE B 275 -19.64 12.13 -50.80
CA ILE B 275 -21.02 11.82 -50.42
C ILE B 275 -21.60 11.00 -51.57
N MET B 276 -22.49 10.04 -51.26
CA MET B 276 -22.99 9.13 -52.27
C MET B 276 -24.51 9.09 -52.43
N LEU B 277 -24.97 8.79 -53.64
CA LEU B 277 -26.37 8.62 -53.97
C LEU B 277 -26.50 7.23 -54.55
N SER B 278 -27.46 6.46 -54.06
CA SER B 278 -27.69 5.08 -54.52
C SER B 278 -28.98 5.03 -55.35
N GLY B 279 -30.09 4.54 -54.76
CA GLY B 279 -31.38 4.49 -55.43
C GLY B 279 -31.84 5.84 -55.94
N GLU B 280 -31.35 6.93 -55.34
CA GLU B 280 -31.71 8.29 -55.74
C GLU B 280 -31.39 8.53 -57.22
N THR B 281 -30.26 7.95 -57.72
CA THR B 281 -29.83 8.10 -59.12
C THR B 281 -29.92 6.79 -59.94
N ALA B 282 -29.87 5.63 -59.28
CA ALA B 282 -29.96 4.36 -59.95
C ALA B 282 -31.40 4.04 -60.43
N LYS B 283 -32.41 4.25 -59.56
CA LYS B 283 -33.78 3.92 -59.92
C LYS B 283 -34.82 5.01 -59.69
N GLY B 284 -34.44 6.12 -59.07
CA GLY B 284 -35.38 7.18 -58.74
C GLY B 284 -35.89 8.02 -59.88
N ASN B 285 -36.92 8.82 -59.61
CA ASN B 285 -37.56 9.71 -60.57
C ASN B 285 -36.86 11.06 -60.71
N PHE B 286 -35.92 11.40 -59.80
CA PHE B 286 -35.24 12.67 -59.86
C PHE B 286 -33.69 12.53 -59.77
N PRO B 287 -33.03 11.72 -60.65
CA PRO B 287 -31.57 11.54 -60.50
C PRO B 287 -30.75 12.82 -60.60
N VAL B 288 -31.08 13.68 -61.54
CA VAL B 288 -30.35 14.92 -61.73
C VAL B 288 -30.61 15.88 -60.56
N GLU B 289 -31.87 15.92 -60.08
CA GLU B 289 -32.26 16.77 -58.97
C GLU B 289 -31.60 16.33 -57.66
N ALA B 290 -31.39 15.01 -57.47
CA ALA B 290 -30.70 14.48 -56.31
C ALA B 290 -29.22 14.95 -56.30
N VAL B 291 -28.55 14.91 -57.48
CA VAL B 291 -27.16 15.37 -57.61
C VAL B 291 -27.10 16.89 -57.33
N LYS B 292 -28.04 17.65 -57.91
CA LYS B 292 -28.08 19.10 -57.71
C LYS B 292 -28.30 19.44 -56.21
N MET B 293 -29.12 18.65 -55.51
CA MET B 293 -29.40 18.85 -54.10
C MET B 293 -28.16 18.58 -53.27
N GLN B 294 -27.45 17.48 -53.55
CA GLN B 294 -26.20 17.18 -52.84
C GLN B 294 -25.16 18.27 -53.10
N HIS B 295 -25.10 18.80 -54.33
CA HIS B 295 -24.16 19.86 -54.67
C HIS B 295 -24.46 21.15 -53.87
N ALA B 296 -25.73 21.55 -53.82
CA ALA B 296 -26.17 22.75 -53.11
C ALA B 296 -25.90 22.65 -51.62
N ILE B 297 -26.21 21.48 -51.00
CA ILE B 297 -25.98 21.31 -49.57
C ILE B 297 -24.48 21.27 -49.26
N ALA B 298 -23.68 20.50 -50.02
CA ALA B 298 -22.23 20.42 -49.80
C ALA B 298 -21.56 21.78 -49.86
N ARG B 299 -21.97 22.65 -50.83
CA ARG B 299 -21.40 24.01 -50.90
C ARG B 299 -21.70 24.83 -49.65
N GLU B 300 -22.91 24.72 -49.10
CA GLU B 300 -23.27 25.45 -47.90
C GLU B 300 -22.52 24.90 -46.70
N ALA B 301 -22.39 23.56 -46.60
CA ALA B 301 -21.75 22.90 -45.46
C ALA B 301 -20.25 23.10 -45.44
N GLU B 302 -19.62 23.19 -46.62
CA GLU B 302 -18.17 23.43 -46.67
C GLU B 302 -17.81 24.83 -46.15
N ALA B 303 -18.63 25.85 -46.46
CA ALA B 303 -18.39 27.20 -45.96
C ALA B 303 -18.60 27.26 -44.44
N ALA B 304 -19.47 26.40 -43.89
CA ALA B 304 -19.78 26.35 -42.46
C ALA B 304 -18.77 25.53 -41.65
N VAL B 305 -17.74 24.95 -42.30
CA VAL B 305 -16.70 24.20 -41.58
C VAL B 305 -15.87 25.20 -40.75
N TYR B 306 -15.60 24.88 -39.48
CA TYR B 306 -14.84 25.77 -38.59
C TYR B 306 -13.35 25.47 -38.84
N HIS B 307 -12.78 26.03 -39.92
CA HIS B 307 -11.39 25.78 -40.30
C HIS B 307 -10.37 26.11 -39.24
N ARG B 308 -10.61 27.14 -38.41
CA ARG B 308 -9.66 27.51 -37.35
C ARG B 308 -9.35 26.33 -36.42
N GLN B 309 -10.38 25.65 -35.91
CA GLN B 309 -10.16 24.50 -35.05
C GLN B 309 -9.69 23.31 -35.85
N LEU B 310 -10.28 23.07 -37.01
CA LEU B 310 -9.91 21.94 -37.86
C LEU B 310 -8.44 21.93 -38.24
N PHE B 311 -7.91 23.05 -38.77
CA PHE B 311 -6.51 23.15 -39.18
C PHE B 311 -5.57 23.01 -38.00
N GLU B 312 -5.87 23.68 -36.87
CA GLU B 312 -5.06 23.55 -35.66
C GLU B 312 -5.02 22.11 -35.15
N GLU B 313 -6.15 21.41 -35.17
CA GLU B 313 -6.22 20.04 -34.69
C GLU B 313 -5.54 19.07 -35.64
N LEU B 314 -5.66 19.30 -36.96
CA LEU B 314 -4.98 18.48 -37.96
C LEU B 314 -3.46 18.67 -37.81
N ARG B 315 -3.00 19.92 -37.55
CA ARG B 315 -1.59 20.25 -37.28
C ARG B 315 -1.09 19.52 -36.02
N ARG B 316 -1.74 19.75 -34.86
CA ARG B 316 -1.36 19.15 -33.58
C ARG B 316 -1.31 17.61 -33.66
N ALA B 317 -2.31 16.97 -34.29
CA ALA B 317 -2.36 15.50 -34.37
C ALA B 317 -1.39 14.90 -35.36
N ALA B 318 -1.02 15.65 -36.42
CA ALA B 318 -0.11 15.11 -37.43
C ALA B 318 1.31 15.06 -36.86
N PRO B 319 2.00 13.93 -37.03
CA PRO B 319 3.37 13.83 -36.50
C PRO B 319 4.35 14.64 -37.34
N LEU B 320 5.55 14.92 -36.79
CA LEU B 320 6.59 15.61 -37.55
C LEU B 320 6.99 14.75 -38.74
N SER B 321 7.33 15.38 -39.87
CA SER B 321 7.65 14.62 -41.06
C SER B 321 8.92 15.05 -41.70
N ARG B 322 9.66 14.10 -42.23
CA ARG B 322 10.89 14.41 -42.97
C ARG B 322 10.69 14.25 -44.49
N ASP B 323 9.43 14.03 -44.96
CA ASP B 323 9.08 13.90 -46.36
C ASP B 323 8.83 15.29 -46.92
N PRO B 324 9.61 15.72 -47.91
CA PRO B 324 9.45 17.08 -48.44
C PRO B 324 8.09 17.38 -49.04
N THR B 325 7.36 16.36 -49.53
CA THR B 325 6.03 16.58 -50.09
C THR B 325 5.07 16.98 -48.95
N GLU B 326 5.13 16.26 -47.83
CA GLU B 326 4.33 16.51 -46.65
C GLU B 326 4.68 17.88 -46.04
N VAL B 327 5.98 18.21 -45.96
CA VAL B 327 6.46 19.48 -45.43
C VAL B 327 6.01 20.65 -46.32
N THR B 328 6.09 20.49 -47.66
CA THR B 328 5.68 21.54 -48.58
C THR B 328 4.17 21.76 -48.49
N ALA B 329 3.40 20.64 -48.38
CA ALA B 329 1.95 20.70 -48.29
C ALA B 329 1.46 21.55 -47.11
N ILE B 330 2.02 21.36 -45.90
CA ILE B 330 1.59 22.14 -44.75
C ILE B 330 2.01 23.61 -44.88
N GLY B 331 3.18 23.87 -45.46
CA GLY B 331 3.62 25.24 -45.70
C GLY B 331 2.71 25.95 -46.68
N ALA B 332 2.29 25.24 -47.75
CA ALA B 332 1.40 25.80 -48.77
C ALA B 332 -0.02 26.06 -48.23
N VAL B 333 -0.54 25.15 -47.39
CA VAL B 333 -1.87 25.34 -46.79
C VAL B 333 -1.85 26.52 -45.82
N GLU B 334 -0.75 26.66 -45.03
CA GLU B 334 -0.59 27.76 -44.09
CA GLU B 334 -0.58 27.76 -44.09
C GLU B 334 -0.54 29.08 -44.86
N ALA B 335 0.24 29.12 -45.97
CA ALA B 335 0.40 30.30 -46.81
C ALA B 335 -0.93 30.69 -47.46
N ALA B 336 -1.69 29.69 -47.91
CA ALA B 336 -2.99 29.93 -48.52
C ALA B 336 -3.96 30.61 -47.54
N PHE B 337 -4.01 30.15 -46.27
CA PHE B 337 -4.90 30.74 -45.28
C PHE B 337 -4.48 32.17 -44.96
N LYS B 338 -3.17 32.44 -44.90
CA LYS B 338 -2.61 33.75 -44.58
C LYS B 338 -3.06 34.86 -45.53
N CYS B 339 -3.16 34.54 -46.82
CA CYS B 339 -3.54 35.55 -47.81
C CYS B 339 -4.93 35.37 -48.41
N CYS B 340 -5.70 34.35 -47.95
CA CYS B 340 -7.02 34.01 -48.50
C CYS B 340 -6.85 33.69 -49.97
N ALA B 341 -5.84 32.85 -50.28
CA ALA B 341 -5.51 32.44 -51.65
C ALA B 341 -6.70 31.83 -52.30
N ALA B 342 -6.95 32.20 -53.56
CA ALA B 342 -8.09 31.66 -54.29
C ALA B 342 -7.87 30.17 -54.61
N ALA B 343 -6.63 29.75 -54.82
CA ALA B 343 -6.34 28.38 -55.17
C ALA B 343 -4.89 28.00 -54.82
N ILE B 344 -4.61 26.68 -54.77
CA ILE B 344 -3.30 26.10 -54.63
C ILE B 344 -3.15 25.26 -55.91
N ILE B 345 -2.24 25.63 -56.83
CA ILE B 345 -2.05 24.88 -58.07
C ILE B 345 -0.92 23.91 -57.84
N VAL B 346 -1.17 22.62 -58.01
CA VAL B 346 -0.14 21.61 -57.75
C VAL B 346 0.08 20.72 -58.96
N LEU B 347 1.36 20.37 -59.24
CA LEU B 347 1.67 19.45 -60.34
C LEU B 347 1.74 18.08 -59.71
N THR B 348 1.03 17.09 -60.28
CA THR B 348 1.05 15.75 -59.74
C THR B 348 1.04 14.67 -60.81
N THR B 349 1.73 13.56 -60.54
CA THR B 349 1.76 12.45 -61.47
C THR B 349 0.78 11.39 -60.98
N THR B 350 0.88 11.02 -59.69
CA THR B 350 0.02 10.00 -59.08
C THR B 350 -1.17 10.57 -58.31
N GLY B 351 -1.18 11.88 -58.05
CA GLY B 351 -2.21 12.53 -57.26
C GLY B 351 -1.77 12.76 -55.81
N ARG B 352 -0.66 12.12 -55.38
CA ARG B 352 -0.19 12.18 -54.00
C ARG B 352 0.06 13.58 -53.45
N SER B 353 0.69 14.47 -54.22
CA SER B 353 0.94 15.84 -53.74
C SER B 353 -0.36 16.59 -53.50
N ALA B 354 -1.38 16.33 -54.30
CA ALA B 354 -2.69 16.95 -54.14
C ALA B 354 -3.37 16.36 -52.89
N GLN B 355 -3.25 15.05 -52.66
CA GLN B 355 -3.81 14.37 -51.51
C GLN B 355 -3.23 14.93 -50.21
N LEU B 356 -1.90 15.17 -50.17
CA LEU B 356 -1.27 15.71 -48.98
C LEU B 356 -1.68 17.15 -48.70
N LEU B 357 -2.00 17.92 -49.75
CA LEU B 357 -2.52 19.28 -49.56
C LEU B 357 -3.94 19.18 -48.95
N SER B 358 -4.76 18.29 -49.53
CA SER B 358 -6.13 18.01 -49.18
C SER B 358 -6.31 17.56 -47.71
N ARG B 359 -5.37 16.80 -47.13
CA ARG B 359 -5.49 16.35 -45.75
C ARG B 359 -5.49 17.49 -44.72
N TYR B 360 -4.94 18.66 -45.06
CA TYR B 360 -4.96 19.80 -44.16
C TYR B 360 -6.19 20.70 -44.31
N ARG B 361 -7.14 20.28 -45.15
CA ARG B 361 -8.41 20.93 -45.41
C ARG B 361 -8.31 22.42 -45.69
N PRO B 362 -7.57 22.82 -46.74
CA PRO B 362 -7.52 24.26 -47.06
C PRO B 362 -8.88 24.74 -47.58
N ARG B 363 -9.16 26.01 -47.33
CA ARG B 363 -10.35 26.65 -47.88
C ARG B 363 -10.06 26.92 -49.40
N ALA B 364 -8.79 27.20 -49.79
CA ALA B 364 -8.38 27.39 -51.19
C ALA B 364 -8.57 26.10 -51.97
N ALA B 365 -9.04 26.22 -53.21
CA ALA B 365 -9.23 25.07 -54.09
C ALA B 365 -7.88 24.48 -54.49
N VAL B 366 -7.75 23.15 -54.50
CA VAL B 366 -6.50 22.52 -54.91
C VAL B 366 -6.63 22.13 -56.36
N ILE B 367 -6.09 22.95 -57.28
CA ILE B 367 -6.14 22.65 -58.71
C ILE B 367 -4.98 21.72 -59.07
N ALA B 368 -5.27 20.45 -59.31
CA ALA B 368 -4.23 19.46 -59.58
C ALA B 368 -4.00 19.25 -61.08
N VAL B 369 -2.79 19.63 -61.56
CA VAL B 369 -2.36 19.52 -62.96
C VAL B 369 -1.60 18.22 -63.16
N THR B 370 -2.17 17.34 -63.97
CA THR B 370 -1.60 16.04 -64.21
C THR B 370 -1.70 15.65 -65.70
N ARG B 371 -0.83 14.75 -66.13
CA ARG B 371 -0.88 14.17 -67.47
C ARG B 371 -1.60 12.80 -67.43
N SER B 372 -1.70 12.18 -66.23
CA SER B 372 -2.31 10.89 -65.99
C SER B 372 -3.84 11.02 -65.98
N ALA B 373 -4.52 10.43 -66.96
CA ALA B 373 -5.98 10.44 -67.02
C ALA B 373 -6.56 9.70 -65.80
N GLN B 374 -5.93 8.57 -65.40
CA GLN B 374 -6.38 7.82 -64.24
C GLN B 374 -6.24 8.63 -62.93
N ALA B 375 -5.09 9.29 -62.71
CA ALA B 375 -4.90 10.10 -61.52
C ALA B 375 -5.90 11.26 -61.50
N ALA B 376 -6.18 11.86 -62.67
CA ALA B 376 -7.17 12.93 -62.75
C ALA B 376 -8.56 12.46 -62.28
N ARG B 377 -8.94 11.21 -62.60
CA ARG B 377 -10.21 10.66 -62.17
C ARG B 377 -10.18 10.30 -60.68
N GLN B 378 -9.12 9.62 -60.23
CA GLN B 378 -8.99 9.18 -58.85
C GLN B 378 -8.84 10.30 -57.80
N VAL B 379 -8.34 11.51 -58.18
CA VAL B 379 -8.20 12.58 -57.18
C VAL B 379 -9.55 13.15 -56.71
N HIS B 380 -10.66 12.78 -57.38
CA HIS B 380 -12.00 13.16 -56.94
C HIS B 380 -12.30 12.55 -55.54
N LEU B 381 -11.60 11.46 -55.15
CA LEU B 381 -11.75 10.89 -53.83
C LEU B 381 -11.27 11.85 -52.72
N CYS B 382 -10.41 12.83 -53.04
CA CYS B 382 -9.83 13.77 -52.07
C CYS B 382 -10.53 15.08 -52.07
N ARG B 383 -11.08 15.47 -50.90
CA ARG B 383 -11.83 16.70 -50.79
C ARG B 383 -11.06 17.93 -51.23
N GLY B 384 -11.67 18.74 -52.08
CA GLY B 384 -11.10 20.01 -52.52
C GLY B 384 -10.10 19.91 -53.64
N VAL B 385 -9.97 18.75 -54.26
CA VAL B 385 -9.06 18.59 -55.38
C VAL B 385 -9.84 18.67 -56.70
N PHE B 386 -9.46 19.64 -57.55
CA PHE B 386 -10.07 19.87 -58.84
C PHE B 386 -9.07 19.42 -59.91
N PRO B 387 -9.30 18.24 -60.51
CA PRO B 387 -8.33 17.73 -61.52
C PRO B 387 -8.38 18.41 -62.90
N LEU B 388 -7.22 18.85 -63.40
CA LEU B 388 -7.06 19.50 -64.68
C LEU B 388 -6.14 18.63 -65.54
N LEU B 389 -6.69 17.85 -66.46
CA LEU B 389 -5.85 17.00 -67.33
C LEU B 389 -5.12 17.84 -68.40
N TYR B 390 -3.79 17.67 -68.48
CA TYR B 390 -2.90 18.37 -69.43
C TYR B 390 -2.66 17.43 -70.60
N ARG B 391 -3.01 17.86 -71.81
CA ARG B 391 -2.88 17.00 -72.98
C ARG B 391 -1.68 17.34 -73.89
N GLU B 392 -1.03 18.48 -73.65
CA GLU B 392 0.09 18.96 -74.48
C GLU B 392 1.33 18.10 -74.44
N PRO B 393 2.04 18.02 -75.58
CA PRO B 393 3.29 17.25 -75.61
C PRO B 393 4.38 17.95 -74.81
N PRO B 394 5.28 17.15 -74.20
CA PRO B 394 6.34 17.75 -73.36
C PRO B 394 7.26 18.71 -74.09
N GLU B 395 7.66 19.80 -73.41
CA GLU B 395 8.63 20.77 -73.93
C GLU B 395 10.04 20.14 -73.87
N ALA B 396 10.99 20.69 -74.64
CA ALA B 396 12.36 20.18 -74.65
C ALA B 396 13.03 20.43 -73.29
N ILE B 397 12.82 21.63 -72.73
CA ILE B 397 13.38 21.97 -71.43
C ILE B 397 12.35 21.68 -70.32
N TRP B 398 12.70 20.79 -69.36
CA TRP B 398 11.85 20.38 -68.23
C TRP B 398 11.28 21.56 -67.44
N ALA B 399 12.10 22.58 -67.16
CA ALA B 399 11.64 23.76 -66.43
C ALA B 399 10.54 24.52 -67.19
N ASP B 400 10.62 24.57 -68.53
CA ASP B 400 9.62 25.25 -69.35
C ASP B 400 8.32 24.45 -69.39
N ASP B 401 8.42 23.11 -69.35
CA ASP B 401 7.25 22.23 -69.35
C ASP B 401 6.43 22.47 -68.07
N VAL B 402 7.13 22.56 -66.93
CA VAL B 402 6.55 22.85 -65.61
C VAL B 402 5.85 24.20 -65.67
N ASP B 403 6.54 25.25 -66.15
CA ASP B 403 5.95 26.60 -66.24
C ASP B 403 4.73 26.66 -67.15
N ARG B 404 4.71 25.88 -68.24
CA ARG B 404 3.57 25.83 -69.14
C ARG B 404 2.38 25.21 -68.43
N ARG B 405 2.61 24.13 -67.66
CA ARG B 405 1.61 23.43 -66.86
C ARG B 405 1.03 24.34 -65.77
N VAL B 406 1.87 25.14 -65.09
CA VAL B 406 1.43 26.10 -64.07
C VAL B 406 0.55 27.19 -64.69
N GLN B 407 0.98 27.75 -65.84
CA GLN B 407 0.21 28.77 -66.56
C GLN B 407 -1.10 28.23 -67.09
N PHE B 408 -1.13 26.95 -67.47
CA PHE B 408 -2.33 26.27 -67.93
C PHE B 408 -3.36 26.24 -66.78
N GLY B 409 -2.89 25.96 -65.55
CA GLY B 409 -3.71 25.92 -64.36
C GLY B 409 -4.28 27.27 -64.03
N ILE B 410 -3.47 28.34 -64.21
CA ILE B 410 -3.88 29.73 -63.99
C ILE B 410 -4.90 30.18 -65.00
N GLU B 411 -4.65 29.92 -66.29
CA GLU B 411 -5.57 30.30 -67.35
C GLU B 411 -6.88 29.54 -67.25
N SER B 412 -6.85 28.23 -66.98
CA SER B 412 -8.07 27.46 -66.80
C SER B 412 -8.84 27.97 -65.57
N GLY B 413 -8.11 28.27 -64.50
CA GLY B 413 -8.67 28.79 -63.25
C GLY B 413 -9.36 30.12 -63.43
N LYS B 414 -8.80 30.98 -64.26
CA LYS B 414 -9.37 32.29 -64.55
C LYS B 414 -10.67 32.12 -65.36
N LEU B 415 -10.61 31.26 -66.37
CA LEU B 415 -11.73 30.96 -67.23
C LEU B 415 -12.86 30.24 -66.53
N ARG B 416 -12.58 29.37 -65.55
CA ARG B 416 -13.61 28.68 -64.79
C ARG B 416 -14.15 29.49 -63.59
N GLY B 417 -13.55 30.64 -63.31
CA GLY B 417 -13.97 31.51 -62.22
C GLY B 417 -13.27 31.28 -60.89
N PHE B 418 -12.42 30.24 -60.79
CA PHE B 418 -11.68 30.00 -59.55
C PHE B 418 -10.75 31.19 -59.26
N LEU B 419 -10.11 31.71 -60.30
CA LEU B 419 -9.15 32.78 -60.14
C LEU B 419 -9.61 34.07 -60.77
N ARG B 420 -9.26 35.17 -60.12
CA ARG B 420 -9.57 36.53 -60.54
C ARG B 420 -8.30 37.39 -60.50
N VAL B 421 -8.27 38.44 -61.33
CA VAL B 421 -7.14 39.35 -61.34
C VAL B 421 -7.01 40.03 -59.97
N GLY B 422 -5.80 40.04 -59.42
CA GLY B 422 -5.58 40.57 -58.08
C GLY B 422 -5.52 39.49 -57.02
N ASP B 423 -6.00 38.28 -57.34
CA ASP B 423 -5.95 37.16 -56.40
C ASP B 423 -4.52 36.68 -56.21
N LEU B 424 -4.31 35.97 -55.12
CA LEU B 424 -3.05 35.31 -54.85
C LEU B 424 -3.26 33.81 -54.99
N VAL B 425 -2.31 33.13 -55.61
CA VAL B 425 -2.35 31.69 -55.76
C VAL B 425 -1.06 31.12 -55.19
N ILE B 426 -1.13 29.91 -54.66
CA ILE B 426 0.04 29.22 -54.13
C ILE B 426 0.35 28.14 -55.15
N VAL B 427 1.60 28.03 -55.61
CA VAL B 427 1.97 27.02 -56.61
C VAL B 427 2.91 25.98 -56.03
N VAL B 428 2.55 24.72 -56.10
CA VAL B 428 3.33 23.63 -55.54
C VAL B 428 3.93 22.73 -56.63
N THR B 429 5.26 22.69 -56.74
CA THR B 429 5.99 21.90 -57.76
C THR B 429 7.18 21.10 -57.11
N GLY B 430 7.91 20.35 -57.93
CA GLY B 430 9.10 19.60 -57.50
C GLY B 430 10.39 20.13 -58.13
N TRP B 431 11.55 19.59 -57.69
CA TRP B 431 12.86 20.04 -58.18
C TRP B 431 13.39 19.21 -59.37
N ARG B 432 12.94 17.97 -59.50
CA ARG B 432 13.31 17.04 -60.59
C ARG B 432 12.05 16.31 -61.11
N PRO B 433 12.03 15.84 -62.38
CA PRO B 433 10.85 15.11 -62.86
C PRO B 433 10.62 13.78 -62.13
N GLY B 434 9.43 13.23 -62.29
CA GLY B 434 9.07 11.99 -61.63
C GLY B 434 8.32 12.23 -60.33
N SER B 435 7.58 11.22 -59.91
CA SER B 435 6.79 11.25 -58.69
C SER B 435 7.67 11.22 -57.42
N GLY B 436 7.22 11.90 -56.36
CA GLY B 436 7.88 11.92 -55.06
C GLY B 436 8.87 13.01 -54.77
N TYR B 437 8.98 14.03 -55.64
CA TYR B 437 9.99 15.07 -55.45
C TYR B 437 9.44 16.46 -55.23
N THR B 438 8.15 16.59 -54.84
CA THR B 438 7.54 17.89 -54.55
C THR B 438 8.25 18.52 -53.37
N ASN B 439 8.69 19.78 -53.51
CA ASN B 439 9.43 20.45 -52.46
C ASN B 439 9.42 21.97 -52.60
N ILE B 440 8.63 22.54 -53.53
CA ILE B 440 8.64 23.97 -53.76
C ILE B 440 7.26 24.59 -53.64
N MET B 441 7.18 25.72 -52.97
CA MET B 441 5.94 26.45 -52.85
CA MET B 441 5.95 26.47 -52.79
C MET B 441 6.21 27.91 -53.24
N ARG B 442 5.40 28.45 -54.16
CA ARG B 442 5.59 29.81 -54.64
C ARG B 442 4.31 30.64 -54.50
N VAL B 443 4.43 31.90 -54.12
CA VAL B 443 3.29 32.80 -53.98
C VAL B 443 3.26 33.64 -55.25
N LEU B 444 2.17 33.52 -56.01
CA LEU B 444 2.02 34.27 -57.27
CA LEU B 444 2.02 34.25 -57.27
C LEU B 444 0.79 35.17 -57.27
N SER B 445 0.93 36.39 -57.82
CA SER B 445 -0.19 37.32 -57.90
C SER B 445 -0.77 37.23 -59.30
N ILE B 446 -2.11 37.11 -59.39
CA ILE B 446 -2.78 36.98 -60.68
C ILE B 446 -2.90 38.32 -61.42
N SER B 447 -2.34 38.39 -62.62
CA SER B 447 -2.40 39.60 -63.43
C SER B 447 -3.33 39.45 -64.67
N GLU C 21 -24.51 48.66 -11.00
CA GLU C 21 -23.26 48.10 -11.52
C GLU C 21 -22.01 48.57 -10.72
N LEU C 22 -20.83 48.00 -11.03
CA LEU C 22 -19.57 48.32 -10.35
C LEU C 22 -18.87 49.59 -10.88
N GLY C 23 -19.20 50.00 -12.10
CA GLY C 23 -18.63 51.19 -12.70
C GLY C 23 -17.48 50.94 -13.65
N THR C 24 -17.26 51.87 -14.59
CA THR C 24 -16.17 51.77 -15.57
C THR C 24 -14.80 51.86 -14.89
N ALA C 25 -14.69 52.70 -13.84
CA ALA C 25 -13.46 52.89 -13.08
C ALA C 25 -13.02 51.58 -12.43
N PHE C 26 -13.99 50.75 -11.96
CA PHE C 26 -13.69 49.45 -11.36
C PHE C 26 -12.99 48.54 -12.37
N PHE C 27 -13.49 48.51 -13.62
CA PHE C 27 -12.94 47.62 -14.64
C PHE C 27 -11.64 48.13 -15.30
N GLN C 28 -11.14 49.30 -14.89
CA GLN C 28 -9.86 49.82 -15.39
C GLN C 28 -8.73 49.53 -14.36
N GLN C 29 -9.08 49.33 -13.07
CA GLN C 29 -8.15 49.02 -11.98
C GLN C 29 -7.75 47.53 -11.98
N GLN C 30 -6.72 47.17 -11.17
CA GLN C 30 -6.16 45.84 -10.95
C GLN C 30 -5.98 45.00 -12.22
N GLN C 31 -5.49 45.62 -13.30
CA GLN C 31 -5.23 45.01 -14.61
C GLN C 31 -6.42 44.20 -15.14
N LEU C 32 -7.66 44.66 -14.86
CA LEU C 32 -8.85 43.98 -15.34
C LEU C 32 -8.96 43.98 -16.88
N PRO C 33 -8.57 45.04 -17.63
CA PRO C 33 -8.59 44.92 -19.11
C PRO C 33 -7.67 43.82 -19.61
N ALA C 34 -6.48 43.66 -19.00
CA ALA C 34 -5.51 42.61 -19.35
C ALA C 34 -5.99 41.20 -18.90
N ALA C 35 -6.84 41.14 -17.86
CA ALA C 35 -7.37 39.89 -17.34
C ALA C 35 -8.42 39.27 -18.27
N MET C 36 -9.16 40.10 -19.04
CA MET C 36 -10.16 39.57 -19.96
C MET C 36 -9.61 39.20 -21.34
N ALA C 37 -8.29 39.30 -21.55
CA ALA C 37 -7.69 38.98 -22.84
C ALA C 37 -7.85 37.52 -23.23
N ASP C 38 -8.00 37.25 -24.54
CA ASP C 38 -8.19 35.89 -25.05
C ASP C 38 -6.88 35.10 -25.24
N THR C 39 -5.74 35.80 -25.27
CA THR C 39 -4.42 35.17 -25.36
C THR C 39 -3.46 35.78 -24.34
N PHE C 40 -2.41 35.04 -23.98
CA PHE C 40 -1.39 35.53 -23.06
C PHE C 40 -0.65 36.74 -23.66
N LEU C 41 -0.42 36.70 -24.97
CA LEU C 41 0.23 37.77 -25.72
C LEU C 41 -0.61 39.06 -25.63
N GLU C 42 -1.95 38.96 -25.86
CA GLU C 42 -2.87 40.09 -25.75
CA GLU C 42 -2.80 40.14 -25.76
C GLU C 42 -2.91 40.62 -24.31
N HIS C 43 -2.80 39.71 -23.32
CA HIS C 43 -2.82 40.01 -21.90
C HIS C 43 -1.61 40.88 -21.60
N LEU C 44 -0.40 40.51 -22.10
CA LEU C 44 0.81 41.31 -21.89
C LEU C 44 0.64 42.69 -22.50
N CYS C 45 0.12 42.77 -23.74
CA CYS C 45 -0.09 44.03 -24.45
C CYS C 45 -1.05 44.96 -23.72
N LEU C 46 -1.99 44.41 -22.96
CA LEU C 46 -2.98 45.19 -22.23
C LEU C 46 -2.54 45.63 -20.83
N LEU C 47 -1.32 45.25 -20.39
CA LEU C 47 -0.85 45.67 -19.06
C LEU C 47 -0.69 47.19 -19.03
N ASP C 48 -1.23 47.83 -18.00
CA ASP C 48 -1.26 49.29 -17.92
C ASP C 48 -0.60 49.78 -16.65
N ILE C 49 0.44 50.64 -16.78
CA ILE C 49 1.11 51.20 -15.61
C ILE C 49 0.20 52.12 -14.79
N ASP C 50 -0.88 52.62 -15.39
CA ASP C 50 -1.85 53.46 -14.69
C ASP C 50 -2.97 52.66 -14.02
N SER C 51 -3.05 51.33 -14.26
CA SER C 51 -4.04 50.47 -13.64
C SER C 51 -3.54 50.12 -12.24
N GLU C 52 -4.11 50.77 -11.22
CA GLU C 52 -3.66 50.60 -9.85
C GLU C 52 -4.16 49.34 -9.17
N PRO C 53 -3.29 48.66 -8.40
CA PRO C 53 -3.74 47.47 -7.67
C PRO C 53 -4.73 47.83 -6.54
N VAL C 54 -5.77 47.02 -6.37
CA VAL C 54 -6.77 47.30 -5.33
C VAL C 54 -6.80 46.22 -4.27
N ALA C 55 -6.65 44.96 -4.69
CA ALA C 55 -6.65 43.84 -3.77
C ALA C 55 -5.46 43.86 -2.79
N ALA C 56 -5.64 43.21 -1.63
CA ALA C 56 -4.59 43.09 -0.63
C ALA C 56 -3.49 42.19 -1.21
N ARG C 57 -2.23 42.46 -0.82
CA ARG C 57 -1.06 41.70 -1.24
C ARG C 57 -1.16 40.26 -0.76
N SER C 58 -1.14 39.33 -1.68
CA SER C 58 -1.35 37.94 -1.36
C SER C 58 -0.07 37.07 -1.23
N THR C 59 1.09 37.48 -1.79
CA THR C 59 2.34 36.71 -1.66
C THR C 59 2.96 37.10 -0.32
N SER C 60 3.17 36.14 0.57
CA SER C 60 3.74 36.47 1.89
C SER C 60 5.20 36.85 1.82
N ILE C 61 5.60 37.72 2.71
CA ILE C 61 6.97 38.16 2.79
C ILE C 61 7.62 37.49 4.01
N ILE C 62 8.73 36.79 3.76
CA ILE C 62 9.53 36.18 4.83
C ILE C 62 10.72 37.10 5.01
N ALA C 63 10.92 37.59 6.25
CA ALA C 63 12.05 38.48 6.51
C ALA C 63 12.97 37.83 7.52
N THR C 64 14.26 37.79 7.21
CA THR C 64 15.24 37.22 8.14
C THR C 64 15.52 38.21 9.28
N ILE C 65 15.31 37.77 10.52
CA ILE C 65 15.56 38.58 11.69
C ILE C 65 17.00 38.38 12.19
N GLY C 66 17.79 39.45 12.17
CA GLY C 66 19.19 39.44 12.57
C GLY C 66 19.59 40.72 13.26
N PRO C 67 20.89 41.03 13.31
CA PRO C 67 21.33 42.26 14.03
C PRO C 67 20.59 43.55 13.64
N ALA C 68 20.33 43.72 12.32
CA ALA C 68 19.69 44.93 11.78
C ALA C 68 18.17 45.00 12.01
N SER C 69 17.53 43.92 12.49
CA SER C 69 16.09 43.88 12.63
C SER C 69 15.56 43.25 13.92
N ARG C 70 16.42 43.05 14.96
CA ARG C 70 16.02 42.39 16.22
C ARG C 70 15.18 43.18 17.17
N SER C 71 15.37 44.51 17.22
CA SER C 71 14.70 45.32 18.22
C SER C 71 13.18 45.30 18.09
N VAL C 72 12.46 45.34 19.23
CA VAL C 72 11.00 45.35 19.29
C VAL C 72 10.42 46.48 18.46
N GLU C 73 11.03 47.67 18.55
CA GLU C 73 10.58 48.83 17.79
C GLU C 73 10.75 48.67 16.29
N ARG C 74 11.88 48.10 15.86
CA ARG C 74 12.17 47.84 14.45
C ARG C 74 11.21 46.76 13.91
N LEU C 75 10.96 45.71 14.70
CA LEU C 75 10.05 44.64 14.35
C LEU C 75 8.60 45.12 14.14
N LYS C 76 8.15 46.11 14.94
CA LYS C 76 6.81 46.68 14.76
C LYS C 76 6.72 47.38 13.41
N GLU C 77 7.79 48.07 13.02
CA GLU C 77 7.85 48.74 11.72
C GLU C 77 7.84 47.72 10.57
N MET C 78 8.52 46.57 10.76
CA MET C 78 8.58 45.51 9.75
CA MET C 78 8.57 45.52 9.74
C MET C 78 7.22 44.83 9.59
N ILE C 79 6.46 44.68 10.70
CA ILE C 79 5.15 44.10 10.68
C ILE C 79 4.23 45.06 9.89
N LYS C 80 4.31 46.38 10.17
CA LYS C 80 3.53 47.40 9.47
C LYS C 80 3.88 47.46 7.97
N ALA C 81 5.15 47.23 7.63
CA ALA C 81 5.60 47.19 6.25
C ALA C 81 5.09 45.94 5.47
N GLY C 82 4.74 44.88 6.18
CA GLY C 82 4.21 43.67 5.56
C GLY C 82 4.83 42.32 5.88
N MET C 83 5.80 42.24 6.80
CA MET C 83 6.42 40.97 7.15
C MET C 83 5.38 39.99 7.71
N ASN C 84 5.27 38.80 7.11
CA ASN C 84 4.29 37.79 7.57
C ASN C 84 4.96 36.65 8.32
N ILE C 85 6.22 36.33 7.96
CA ILE C 85 6.99 35.25 8.54
C ILE C 85 8.37 35.77 8.91
N ALA C 86 8.80 35.50 10.15
CA ALA C 86 10.12 35.89 10.64
C ALA C 86 11.03 34.67 10.52
N ARG C 87 12.12 34.79 9.79
CA ARG C 87 13.06 33.69 9.61
C ARG C 87 14.26 33.85 10.53
N LEU C 88 14.63 32.78 11.25
CA LEU C 88 15.81 32.78 12.12
C LEU C 88 16.84 31.85 11.52
N ASN C 89 17.98 32.41 11.09
CA ASN C 89 19.00 31.62 10.43
C ASN C 89 19.92 30.97 11.43
N PHE C 90 19.75 29.65 11.65
CA PHE C 90 20.58 28.93 12.62
C PHE C 90 22.01 28.63 12.11
N SER C 91 22.40 29.19 10.98
CA SER C 91 23.77 29.14 10.51
C SER C 91 24.62 30.19 11.29
N HIS C 92 23.97 31.24 11.84
CA HIS C 92 24.61 32.30 12.62
C HIS C 92 23.96 32.35 14.02
N GLY C 93 24.58 33.06 14.94
CA GLY C 93 24.07 33.23 16.30
C GLY C 93 24.07 32.00 17.17
N SER C 94 23.43 32.11 18.35
CA SER C 94 23.33 31.01 19.28
C SER C 94 21.84 30.75 19.64
N HIS C 95 21.57 29.70 20.44
CA HIS C 95 20.22 29.44 20.91
C HIS C 95 19.70 30.64 21.71
N GLU C 96 20.55 31.21 22.57
CA GLU C 96 20.19 32.34 23.41
C GLU C 96 19.85 33.58 22.56
N TYR C 97 20.64 33.82 21.50
CA TYR C 97 20.45 34.94 20.60
C TYR C 97 19.10 34.81 19.85
N HIS C 98 18.82 33.62 19.26
CA HIS C 98 17.59 33.38 18.55
C HIS C 98 16.39 33.37 19.46
N ALA C 99 16.52 32.91 20.73
CA ALA C 99 15.40 32.95 21.68
C ALA C 99 15.02 34.40 21.95
N GLU C 100 16.03 35.30 22.05
CA GLU C 100 15.79 36.73 22.29
CA GLU C 100 15.77 36.72 22.29
C GLU C 100 15.08 37.34 21.08
N SER C 101 15.51 36.99 19.88
CA SER C 101 14.88 37.46 18.64
C SER C 101 13.40 36.98 18.56
N ILE C 102 13.10 35.70 18.87
CA ILE C 102 11.74 35.13 18.92
C ILE C 102 10.89 35.88 19.91
N ALA C 103 11.44 36.15 21.11
CA ALA C 103 10.71 36.87 22.15
C ALA C 103 10.38 38.30 21.68
N ASN C 104 11.32 38.95 20.97
CA ASN C 104 11.11 40.30 20.45
C ASN C 104 10.06 40.33 19.33
N VAL C 105 10.02 39.27 18.45
CA VAL C 105 9.03 39.16 17.41
C VAL C 105 7.67 39.02 18.05
N ARG C 106 7.53 38.10 19.02
CA ARG C 106 6.27 37.90 19.74
C ARG C 106 5.79 39.14 20.50
N GLU C 107 6.73 39.92 21.06
CA GLU C 107 6.38 41.16 21.75
C GLU C 107 5.85 42.21 20.77
N ALA C 108 6.51 42.35 19.61
CA ALA C 108 6.08 43.29 18.58
C ALA C 108 4.74 42.86 17.98
N VAL C 109 4.51 41.55 17.80
CA VAL C 109 3.25 41.02 17.26
C VAL C 109 2.11 41.27 18.25
N GLU C 110 2.35 40.98 19.54
CA GLU C 110 1.32 41.16 20.55
C GLU C 110 1.04 42.60 20.93
N SER C 111 1.89 43.55 20.52
CA SER C 111 1.63 44.96 20.77
C SER C 111 0.41 45.49 19.98
N PHE C 112 -0.05 44.75 18.95
CA PHE C 112 -1.22 45.13 18.17
C PHE C 112 -2.46 44.29 18.52
N ALA C 113 -2.40 43.43 19.57
CA ALA C 113 -3.52 42.55 19.93
C ALA C 113 -4.80 43.27 20.40
N GLY C 114 -4.82 44.61 20.37
CA GLY C 114 -6.00 45.37 20.72
C GLY C 114 -6.78 45.66 19.46
N SER C 115 -6.39 46.75 18.76
CA SER C 115 -6.91 47.22 17.47
C SER C 115 -6.86 46.09 16.42
N PRO C 116 -8.02 45.48 16.07
CA PRO C 116 -7.99 44.35 15.13
C PRO C 116 -7.57 44.72 13.70
N LEU C 117 -7.66 46.02 13.34
CA LEU C 117 -7.24 46.55 12.03
C LEU C 117 -5.67 46.48 11.88
N SER C 118 -4.93 46.28 13.00
CA SER C 118 -3.48 46.17 12.93
CA SER C 118 -3.47 46.19 12.98
C SER C 118 -2.96 44.81 13.44
N TYR C 119 -3.77 44.05 14.24
CA TYR C 119 -3.31 42.72 14.68
C TYR C 119 -3.24 41.74 13.54
N ARG C 120 -2.02 41.30 13.25
CA ARG C 120 -1.73 40.33 12.22
C ARG C 120 -0.86 39.20 12.81
N PRO C 121 -1.29 37.93 12.68
CA PRO C 121 -0.43 36.83 13.13
C PRO C 121 0.89 36.80 12.33
N VAL C 122 2.02 36.46 12.98
CA VAL C 122 3.31 36.39 12.28
C VAL C 122 3.92 35.03 12.61
N ALA C 123 4.22 34.24 11.58
CA ALA C 123 4.80 32.92 11.79
C ALA C 123 6.29 33.03 12.15
N ILE C 124 6.81 32.03 12.87
CA ILE C 124 8.24 31.96 13.17
C ILE C 124 8.84 30.75 12.51
N ALA C 125 9.84 30.97 11.66
CA ALA C 125 10.45 29.90 10.90
C ALA C 125 11.92 29.72 11.28
N LEU C 126 12.34 28.48 11.52
CA LEU C 126 13.72 28.16 11.87
C LEU C 126 14.44 27.63 10.64
N ASP C 127 15.48 28.30 10.17
CA ASP C 127 16.24 27.83 9.01
C ASP C 127 17.47 27.07 9.57
N THR C 128 17.58 25.76 9.31
CA THR C 128 18.68 24.95 9.84
C THR C 128 20.04 25.22 9.15
N LYS C 129 21.15 24.92 9.88
CA LYS C 129 22.50 25.07 9.35
C LYS C 129 22.76 24.10 8.19
N GLY C 130 22.33 22.86 8.32
CA GLY C 130 22.50 21.88 7.26
C GLY C 130 23.41 20.71 7.61
N PRO C 131 23.50 19.71 6.72
CA PRO C 131 24.31 18.50 7.02
C PRO C 131 25.81 18.66 6.81
N PRO C 135 25.93 12.84 5.32
CA PRO C 135 25.88 11.48 5.89
C PRO C 135 24.63 11.18 6.75
N GLY C 136 23.80 12.21 6.96
CA GLY C 136 22.54 12.19 7.70
C GLY C 136 22.23 13.58 8.25
N LEU C 137 21.46 13.63 9.33
CA LEU C 137 21.16 14.90 9.99
C LEU C 137 22.32 15.26 10.95
N SER C 138 22.85 16.47 10.89
CA SER C 138 23.96 16.86 11.77
C SER C 138 23.53 17.02 13.20
N GLU C 139 24.47 16.83 14.14
CA GLU C 139 24.23 16.93 15.58
C GLU C 139 23.69 18.31 15.96
N GLN C 140 24.19 19.35 15.31
CA GLN C 140 23.75 20.71 15.59
C GLN C 140 22.31 20.89 15.11
N ASP C 141 21.96 20.33 13.94
CA ASP C 141 20.59 20.36 13.44
C ASP C 141 19.64 19.70 14.40
N VAL C 142 20.01 18.54 14.96
CA VAL C 142 19.16 17.83 15.93
C VAL C 142 18.87 18.72 17.13
N ARG C 143 19.89 19.43 17.63
CA ARG C 143 19.73 20.33 18.76
C ARG C 143 18.92 21.57 18.43
N ASP C 144 19.12 22.15 17.24
CA ASP C 144 18.40 23.33 16.79
C ASP C 144 16.93 23.02 16.52
N LEU C 145 16.64 21.85 15.93
CA LEU C 145 15.27 21.40 15.70
C LEU C 145 14.56 21.20 17.03
N ARG C 146 15.26 20.66 18.04
CA ARG C 146 14.72 20.49 19.39
C ARG C 146 14.41 21.86 20.02
N PHE C 147 15.26 22.84 19.75
CA PHE C 147 15.08 24.21 20.23
C PHE C 147 13.78 24.79 19.63
N GLY C 148 13.56 24.56 18.34
CA GLY C 148 12.39 25.00 17.64
C GLY C 148 11.10 24.47 18.23
N VAL C 149 11.08 23.18 18.58
CA VAL C 149 9.93 22.56 19.20
C VAL C 149 9.68 23.20 20.56
N GLU C 150 10.74 23.38 21.35
CA GLU C 150 10.63 23.98 22.68
C GLU C 150 10.20 25.42 22.64
N HIS C 151 10.54 26.14 21.60
CA HIS C 151 10.14 27.54 21.45
C HIS C 151 8.89 27.75 20.58
N GLY C 152 8.21 26.67 20.20
CA GLY C 152 6.98 26.71 19.44
C GLY C 152 7.06 27.32 18.06
N VAL C 153 8.13 27.04 17.30
CA VAL C 153 8.23 27.53 15.94
C VAL C 153 7.12 26.88 15.07
N ASP C 154 6.72 27.59 14.04
CA ASP C 154 5.65 27.14 13.16
C ASP C 154 6.20 26.40 11.95
N ILE C 155 7.39 26.80 11.47
CA ILE C 155 7.96 26.27 10.25
C ILE C 155 9.44 25.96 10.41
N VAL C 156 9.94 24.97 9.64
CA VAL C 156 11.33 24.65 9.54
C VAL C 156 11.71 24.78 8.08
N PHE C 157 12.72 25.60 7.77
CA PHE C 157 13.26 25.66 6.42
C PHE C 157 14.45 24.71 6.52
N ALA C 158 14.29 23.46 6.04
CA ALA C 158 15.37 22.47 6.15
C ALA C 158 16.43 22.63 5.06
N SER C 159 17.65 23.00 5.46
CA SER C 159 18.76 23.17 4.53
C SER C 159 19.24 21.90 3.87
N PHE C 160 19.69 22.04 2.61
CA PHE C 160 20.28 21.00 1.78
C PHE C 160 19.53 19.66 1.77
N VAL C 161 18.23 19.68 1.45
CA VAL C 161 17.46 18.45 1.37
C VAL C 161 17.82 17.83 0.01
N ARG C 162 18.22 16.55 0.01
CA ARG C 162 18.69 15.91 -1.21
C ARG C 162 17.84 14.76 -1.67
N LYS C 163 17.09 14.16 -0.74
CA LYS C 163 16.28 12.98 -0.98
C LYS C 163 15.15 12.90 0.07
N ALA C 164 14.17 12.01 -0.14
CA ALA C 164 13.05 11.83 0.78
C ALA C 164 13.49 11.45 2.20
N SER C 165 14.59 10.70 2.33
CA SER C 165 15.06 10.28 3.66
C SER C 165 15.57 11.47 4.51
N ASP C 166 16.03 12.54 3.86
CA ASP C 166 16.48 13.73 4.58
C ASP C 166 15.29 14.39 5.27
N VAL C 167 14.11 14.42 4.61
CA VAL C 167 12.90 14.99 5.16
C VAL C 167 12.43 14.14 6.32
N ALA C 168 12.53 12.80 6.18
CA ALA C 168 12.11 11.89 7.23
C ALA C 168 12.96 12.10 8.48
N ALA C 169 14.25 12.38 8.31
CA ALA C 169 15.14 12.63 9.44
C ALA C 169 14.76 13.92 10.16
N VAL C 170 14.42 14.98 9.40
CA VAL C 170 13.98 16.24 10.01
C VAL C 170 12.65 16.02 10.75
N ARG C 171 11.75 15.25 10.15
CA ARG C 171 10.45 14.92 10.70
C ARG C 171 10.63 14.17 12.02
N ALA C 172 11.56 13.20 12.06
CA ALA C 172 11.87 12.41 13.28
C ALA C 172 12.45 13.29 14.36
N ALA C 173 13.31 14.25 13.99
CA ALA C 173 13.90 15.19 14.94
C ALA C 173 12.90 16.19 15.54
N LEU C 174 11.76 16.41 14.85
CA LEU C 174 10.69 17.27 15.34
CA LEU C 174 10.75 17.30 15.38
C LEU C 174 10.01 16.66 16.59
N GLY C 175 10.44 15.44 16.95
CA GLY C 175 10.13 14.70 18.17
C GLY C 175 8.71 14.46 18.45
N PRO C 176 8.39 14.13 19.72
CA PRO C 176 6.99 13.80 20.04
C PRO C 176 6.04 15.02 20.02
N GLU C 177 6.57 16.22 20.31
CA GLU C 177 5.73 17.41 20.40
C GLU C 177 5.61 18.27 19.14
N GLY C 178 6.43 18.11 18.11
CA GLY C 178 6.42 19.02 16.98
C GLY C 178 5.96 18.51 15.63
N HIS C 179 5.09 17.47 15.62
CA HIS C 179 4.59 16.93 14.36
C HIS C 179 3.71 17.93 13.59
N GLY C 180 3.23 19.00 14.22
CA GLY C 180 2.45 20.05 13.56
C GLY C 180 3.26 21.14 12.84
N ILE C 181 4.58 21.15 13.06
CA ILE C 181 5.46 22.11 12.43
C ILE C 181 5.61 21.80 10.94
N LYS C 182 5.50 22.81 10.08
CA LYS C 182 5.59 22.62 8.65
C LYS C 182 7.06 22.49 8.23
N ILE C 183 7.36 21.52 7.35
CA ILE C 183 8.69 21.33 6.87
C ILE C 183 8.76 21.79 5.46
N ILE C 184 9.48 22.88 5.22
CA ILE C 184 9.69 23.43 3.89
C ILE C 184 11.13 23.01 3.50
N SER C 185 11.26 22.12 2.50
CA SER C 185 12.55 21.61 2.08
C SER C 185 13.29 22.58 1.20
N LYS C 186 14.53 22.93 1.57
CA LYS C 186 15.33 23.81 0.75
C LYS C 186 16.07 23.00 -0.31
N ILE C 187 15.83 23.32 -1.58
CA ILE C 187 16.51 22.64 -2.68
C ILE C 187 17.69 23.52 -3.02
N GLU C 188 18.92 23.05 -2.71
CA GLU C 188 20.14 23.83 -2.88
C GLU C 188 21.23 23.19 -3.73
N ASN C 189 20.99 21.99 -4.30
CA ASN C 189 22.02 21.34 -5.10
C ASN C 189 21.43 20.49 -6.23
N HIS C 190 22.30 19.89 -7.10
CA HIS C 190 21.88 19.09 -8.22
C HIS C 190 21.04 17.90 -7.78
N GLU C 191 21.44 17.21 -6.72
CA GLU C 191 20.69 16.03 -6.24
C GLU C 191 19.25 16.36 -5.81
N GLY C 192 19.06 17.45 -5.08
CA GLY C 192 17.73 17.88 -4.67
C GLY C 192 16.85 18.20 -5.88
N VAL C 193 17.44 18.82 -6.92
CA VAL C 193 16.69 19.12 -8.13
C VAL C 193 16.26 17.84 -8.83
N LYS C 194 17.20 16.88 -8.97
CA LYS C 194 16.92 15.62 -9.62
C LYS C 194 15.99 14.73 -8.84
N ARG C 195 16.05 14.78 -7.50
CA ARG C 195 15.15 14.01 -6.66
C ARG C 195 13.94 14.83 -6.17
N PHE C 196 13.60 15.93 -6.88
CA PHE C 196 12.55 16.87 -6.51
C PHE C 196 11.18 16.21 -6.24
N ASP C 197 10.68 15.39 -7.14
CA ASP C 197 9.37 14.77 -6.97
C ASP C 197 9.24 13.97 -5.69
N GLU C 198 10.30 13.20 -5.35
CA GLU C 198 10.26 12.41 -4.12
C GLU C 198 10.35 13.28 -2.87
N ILE C 199 11.03 14.43 -2.97
CA ILE C 199 11.18 15.36 -1.86
C ILE C 199 9.86 16.09 -1.61
N LEU C 200 9.26 16.61 -2.68
CA LEU C 200 7.99 17.34 -2.59
C LEU C 200 6.89 16.47 -2.02
N GLU C 201 6.87 15.20 -2.40
CA GLU C 201 5.84 14.27 -1.93
C GLU C 201 5.81 14.15 -0.40
N VAL C 202 6.98 14.18 0.25
CA VAL C 202 7.04 14.04 1.70
C VAL C 202 7.17 15.38 2.45
N SER C 203 7.37 16.49 1.75
CA SER C 203 7.52 17.79 2.38
C SER C 203 6.19 18.55 2.42
N ASP C 204 6.07 19.55 3.30
CA ASP C 204 4.90 20.41 3.32
C ASP C 204 5.01 21.52 2.25
N GLY C 205 6.22 21.80 1.79
CA GLY C 205 6.50 22.81 0.79
C GLY C 205 7.97 22.85 0.42
N ILE C 206 8.36 23.78 -0.44
CA ILE C 206 9.70 23.87 -0.98
C ILE C 206 10.25 25.29 -0.93
N MET C 207 11.56 25.42 -0.78
CA MET C 207 12.21 26.72 -0.89
C MET C 207 13.25 26.58 -2.01
N VAL C 208 13.21 27.46 -3.00
CA VAL C 208 14.20 27.50 -4.06
C VAL C 208 15.31 28.36 -3.48
N ALA C 209 16.30 27.70 -2.86
CA ALA C 209 17.43 28.33 -2.17
C ALA C 209 18.51 28.62 -3.21
N ARG C 210 18.33 29.73 -3.92
CA ARG C 210 19.14 30.13 -5.07
C ARG C 210 20.61 30.41 -4.79
N GLY C 211 20.95 30.80 -3.57
CA GLY C 211 22.34 31.06 -3.19
C GLY C 211 23.24 29.86 -3.39
N ASP C 212 22.98 28.79 -2.66
CA ASP C 212 23.76 27.57 -2.81
C ASP C 212 23.50 26.90 -4.14
N LEU C 213 22.25 26.92 -4.62
CA LEU C 213 21.90 26.32 -5.91
C LEU C 213 22.72 26.94 -7.06
N GLY C 214 22.96 28.24 -6.99
CA GLY C 214 23.74 28.98 -7.97
C GLY C 214 25.22 28.68 -7.97
N ILE C 215 25.71 28.00 -6.91
CA ILE C 215 27.12 27.56 -6.76
C ILE C 215 27.22 26.06 -7.11
N GLU C 216 26.18 25.27 -6.74
CA GLU C 216 26.12 23.84 -6.97
C GLU C 216 25.84 23.46 -8.41
N ILE C 217 25.07 24.27 -9.12
CA ILE C 217 24.76 24.07 -10.55
C ILE C 217 25.19 25.36 -11.30
N PRO C 218 25.36 25.33 -12.64
CA PRO C 218 25.72 26.57 -13.36
C PRO C 218 24.73 27.69 -13.07
N ALA C 219 25.23 28.90 -12.82
CA ALA C 219 24.42 30.04 -12.47
C ALA C 219 23.31 30.33 -13.52
N GLU C 220 23.61 30.11 -14.79
CA GLU C 220 22.66 30.36 -15.87
C GLU C 220 21.53 29.32 -15.94
N LYS C 221 21.56 28.27 -15.08
CA LYS C 221 20.52 27.24 -15.07
C LYS C 221 19.55 27.40 -13.89
N VAL C 222 19.85 28.26 -12.91
CA VAL C 222 19.02 28.45 -11.73
C VAL C 222 17.57 28.84 -12.08
N PHE C 223 17.36 29.75 -13.05
CA PHE C 223 16.01 30.14 -13.43
C PHE C 223 15.16 28.92 -13.92
N LEU C 224 15.80 27.91 -14.54
CA LEU C 224 15.07 26.73 -15.01
C LEU C 224 14.61 25.92 -13.82
N ALA C 225 15.48 25.79 -12.81
CA ALA C 225 15.18 25.05 -11.60
C ALA C 225 14.06 25.77 -10.83
N GLN C 226 14.14 27.10 -10.74
CA GLN C 226 13.12 27.88 -10.05
C GLN C 226 11.74 27.73 -10.74
N LYS C 227 11.68 27.93 -12.05
CA LYS C 227 10.42 27.84 -12.76
C LYS C 227 9.83 26.43 -12.73
N MET C 228 10.68 25.41 -12.78
CA MET C 228 10.22 24.01 -12.72
C MET C 228 9.63 23.68 -11.33
N MET C 229 10.37 24.02 -10.27
CA MET C 229 9.92 23.76 -8.92
C MET C 229 8.65 24.53 -8.53
N ILE C 230 8.54 25.81 -8.96
CA ILE C 230 7.33 26.58 -8.67
C ILE C 230 6.13 25.95 -9.41
N GLY C 231 6.31 25.57 -10.66
CA GLY C 231 5.26 24.93 -11.43
C GLY C 231 4.78 23.62 -10.80
N ARG C 232 5.71 22.75 -10.37
CA ARG C 232 5.39 21.48 -9.75
C ARG C 232 4.71 21.65 -8.41
N CYS C 233 5.10 22.68 -7.64
CA CYS C 233 4.47 22.96 -6.35
C CYS C 233 3.06 23.46 -6.56
N ASN C 234 2.84 24.32 -7.57
CA ASN C 234 1.52 24.84 -7.90
C ASN C 234 0.59 23.68 -8.29
N LEU C 235 1.12 22.71 -9.04
CA LEU C 235 0.40 21.52 -9.48
C LEU C 235 0.06 20.65 -8.26
N ALA C 236 1.02 20.46 -7.34
CA ALA C 236 0.80 19.67 -6.11
C ALA C 236 -0.04 20.38 -5.06
N GLY C 237 -0.22 21.68 -5.18
CA GLY C 237 -0.97 22.47 -4.21
C GLY C 237 -0.19 22.70 -2.92
N LYS C 238 1.17 22.70 -3.00
CA LYS C 238 2.01 22.89 -1.82
C LYS C 238 2.76 24.21 -1.90
N PRO C 239 2.96 24.89 -0.74
CA PRO C 239 3.68 26.18 -0.76
C PRO C 239 5.09 26.14 -1.34
N VAL C 240 5.46 27.20 -2.06
CA VAL C 240 6.78 27.31 -2.63
C VAL C 240 7.30 28.72 -2.34
N VAL C 241 8.54 28.80 -1.84
CA VAL C 241 9.20 30.05 -1.50
C VAL C 241 10.30 30.36 -2.50
N CYS C 242 10.37 31.59 -2.98
CA CYS C 242 11.51 32.00 -3.81
C CYS C 242 12.44 32.75 -2.87
N ALA C 243 13.72 32.36 -2.80
CA ALA C 243 14.64 32.97 -1.88
C ALA C 243 15.98 33.36 -2.50
N THR C 244 16.68 34.32 -1.81
CA THR C 244 18.07 34.77 -1.94
C THR C 244 18.37 35.74 -3.07
N GLN C 245 18.97 36.88 -2.68
CA GLN C 245 19.44 37.95 -3.55
C GLN C 245 18.35 38.65 -4.34
N MET C 246 17.08 38.56 -3.87
CA MET C 246 15.95 39.19 -4.56
C MET C 246 16.12 40.71 -4.63
N LEU C 247 16.55 41.34 -3.52
CA LEU C 247 16.79 42.79 -3.49
C LEU C 247 18.20 43.06 -2.90
N GLU C 248 19.20 42.20 -3.24
CA GLU C 248 20.55 42.24 -2.70
C GLU C 248 21.17 43.62 -2.54
N SER C 249 21.12 44.47 -3.57
CA SER C 249 21.68 45.81 -3.52
C SER C 249 21.08 46.68 -2.40
N MET C 250 19.86 46.36 -1.94
CA MET C 250 19.24 47.11 -0.84
C MET C 250 19.90 46.86 0.53
N ILE C 251 20.92 46.00 0.59
CA ILE C 251 21.69 45.81 1.82
C ILE C 251 22.44 47.13 2.12
N THR C 252 22.95 47.83 1.08
CA THR C 252 23.66 49.08 1.22
C THR C 252 22.95 50.29 0.57
N LYS C 253 22.07 50.08 -0.42
CA LYS C 253 21.41 51.18 -1.13
C LYS C 253 19.93 51.31 -0.82
N PRO C 254 19.37 52.53 -0.76
CA PRO C 254 17.94 52.68 -0.40
C PRO C 254 16.93 52.24 -1.47
N ARG C 255 17.38 52.06 -2.71
CA ARG C 255 16.54 51.63 -3.82
C ARG C 255 17.20 50.43 -4.52
N PRO C 256 16.41 49.46 -5.02
CA PRO C 256 17.01 48.31 -5.72
C PRO C 256 17.32 48.56 -7.19
N THR C 257 18.01 47.62 -7.82
CA THR C 257 18.31 47.71 -9.24
C THR C 257 17.05 47.27 -10.08
N ARG C 258 17.08 47.54 -11.37
CA ARG C 258 16.03 47.16 -12.29
C ARG C 258 15.90 45.64 -12.38
N ALA C 259 17.00 44.91 -12.27
CA ALA C 259 17.01 43.46 -12.29
C ALA C 259 16.36 42.86 -11.02
N GLU C 260 16.53 43.55 -9.89
CA GLU C 260 15.99 43.12 -8.61
C GLU C 260 14.48 43.24 -8.53
N THR C 261 13.91 44.38 -8.94
CA THR C 261 12.44 44.52 -8.94
C THR C 261 11.82 43.53 -9.94
N SER C 262 12.50 43.32 -11.08
CA SER C 262 12.07 42.38 -12.11
C SER C 262 12.06 40.96 -11.55
N ASP C 263 13.10 40.58 -10.78
CA ASP C 263 13.21 39.27 -10.17
C ASP C 263 12.05 39.02 -9.19
N VAL C 264 11.71 40.01 -8.35
CA VAL C 264 10.62 39.89 -7.41
C VAL C 264 9.28 39.73 -8.16
N ALA C 265 9.05 40.57 -9.17
CA ALA C 265 7.81 40.50 -9.95
C ALA C 265 7.68 39.15 -10.67
N ASN C 266 8.80 38.66 -11.23
CA ASN C 266 8.80 37.41 -11.96
C ASN C 266 8.64 36.21 -11.06
N ALA C 267 9.11 36.26 -9.80
CA ALA C 267 8.90 35.17 -8.87
C ALA C 267 7.39 35.04 -8.59
N VAL C 268 6.69 36.19 -8.42
CA VAL C 268 5.24 36.22 -8.18
C VAL C 268 4.51 35.70 -9.45
N LEU C 269 4.90 36.20 -10.64
CA LEU C 269 4.28 35.74 -11.89
C LEU C 269 4.54 34.26 -12.15
N ASP C 270 5.66 33.71 -11.67
CA ASP C 270 6.01 32.30 -11.79
C ASP C 270 5.05 31.43 -11.01
N GLY C 271 4.55 31.94 -9.87
CA GLY C 271 3.60 31.22 -9.03
C GLY C 271 4.05 31.03 -7.61
N ALA C 272 5.08 31.77 -7.16
CA ALA C 272 5.59 31.62 -5.79
C ALA C 272 4.58 32.05 -4.73
N ASP C 273 4.42 31.25 -3.68
CA ASP C 273 3.53 31.60 -2.57
C ASP C 273 4.18 32.63 -1.67
N CYS C 274 5.50 32.52 -1.46
CA CYS C 274 6.24 33.43 -0.59
C CYS C 274 7.47 33.95 -1.28
N ILE C 275 7.90 35.13 -0.86
CA ILE C 275 9.13 35.75 -1.32
C ILE C 275 9.94 36.04 -0.05
N MET C 276 11.27 35.95 -0.14
CA MET C 276 12.12 36.08 1.02
C MET C 276 13.17 37.17 0.94
N LEU C 277 13.55 37.70 2.11
CA LEU C 277 14.62 38.66 2.28
C LEU C 277 15.61 38.03 3.25
N SER C 278 16.89 37.97 2.88
CA SER C 278 17.93 37.40 3.76
C SER C 278 18.79 38.51 4.39
N GLY C 279 19.96 38.80 3.80
CA GLY C 279 20.86 39.86 4.24
C GLY C 279 20.21 41.23 4.19
N GLU C 280 19.23 41.42 3.29
CA GLU C 280 18.47 42.67 3.14
C GLU C 280 17.82 43.11 4.45
N THR C 281 17.35 42.16 5.26
CA THR C 281 16.69 42.42 6.55
C THR C 281 17.51 41.97 7.76
N ALA C 282 18.40 40.98 7.58
CA ALA C 282 19.20 40.47 8.69
C ALA C 282 20.38 41.39 9.05
N LYS C 283 21.09 41.91 8.05
CA LYS C 283 22.28 42.70 8.30
C LYS C 283 22.39 44.04 7.55
N GLY C 284 21.48 44.30 6.62
CA GLY C 284 21.53 45.52 5.81
C GLY C 284 21.11 46.81 6.50
N ASN C 285 21.34 47.94 5.82
CA ASN C 285 21.02 49.28 6.30
C ASN C 285 19.57 49.72 6.05
N PHE C 286 18.80 48.96 5.24
CA PHE C 286 17.41 49.33 4.95
C PHE C 286 16.43 48.16 5.10
N PRO C 287 16.36 47.50 6.28
CA PRO C 287 15.45 46.35 6.43
C PRO C 287 13.98 46.64 6.18
N VAL C 288 13.46 47.75 6.73
CA VAL C 288 12.05 48.10 6.58
C VAL C 288 11.73 48.50 5.13
N GLU C 289 12.67 49.18 4.47
CA GLU C 289 12.53 49.60 3.09
C GLU C 289 12.51 48.41 2.14
N ALA C 290 13.30 47.36 2.45
CA ALA C 290 13.34 46.13 1.66
C ALA C 290 11.97 45.42 1.73
N VAL C 291 11.35 45.38 2.93
CA VAL C 291 10.03 44.77 3.11
C VAL C 291 8.99 45.57 2.32
N LYS C 292 9.04 46.91 2.43
CA LYS C 292 8.11 47.79 1.72
C LYS C 292 8.21 47.62 0.22
N MET C 293 9.43 47.44 -0.29
CA MET C 293 9.68 47.26 -1.70
C MET C 293 9.09 45.94 -2.18
N GLN C 294 9.31 44.85 -1.43
CA GLN C 294 8.73 43.55 -1.80
C GLN C 294 7.20 43.61 -1.78
N HIS C 295 6.63 44.33 -0.81
CA HIS C 295 5.20 44.47 -0.72
C HIS C 295 4.64 45.18 -1.97
N ALA C 296 5.25 46.31 -2.35
CA ALA C 296 4.83 47.12 -3.49
C ALA C 296 4.91 46.35 -4.80
N ILE C 297 6.03 45.62 -5.01
CA ILE C 297 6.18 44.85 -6.24
C ILE C 297 5.18 43.68 -6.32
N ALA C 298 5.05 42.90 -5.21
CA ALA C 298 4.12 41.78 -5.17
C ALA C 298 2.70 42.18 -5.50
N ARG C 299 2.20 43.31 -4.97
CA ARG C 299 0.85 43.81 -5.28
C ARG C 299 0.68 44.05 -6.77
N GLU C 300 1.66 44.71 -7.40
CA GLU C 300 1.61 44.99 -8.82
C GLU C 300 1.63 43.70 -9.63
N ALA C 301 2.51 42.75 -9.26
CA ALA C 301 2.67 41.49 -9.97
C ALA C 301 1.47 40.57 -9.83
N GLU C 302 0.79 40.59 -8.67
CA GLU C 302 -0.39 39.76 -8.48
C GLU C 302 -1.56 40.20 -9.38
N ALA C 303 -1.73 41.53 -9.57
CA ALA C 303 -2.77 42.03 -10.46
C ALA C 303 -2.45 41.67 -11.91
N ALA C 304 -1.16 41.55 -12.28
CA ALA C 304 -0.74 41.21 -13.63
C ALA C 304 -0.78 39.70 -13.93
N VAL C 305 -1.22 38.86 -12.97
CA VAL C 305 -1.29 37.43 -13.20
C VAL C 305 -2.46 37.17 -14.19
N TYR C 306 -2.24 36.30 -15.19
CA TYR C 306 -3.24 35.97 -16.20
C TYR C 306 -4.10 34.84 -15.65
N HIS C 307 -5.04 35.17 -14.77
CA HIS C 307 -5.90 34.18 -14.11
C HIS C 307 -6.68 33.28 -15.06
N ARG C 308 -7.08 33.79 -16.24
CA ARG C 308 -7.85 32.99 -17.20
C ARG C 308 -7.12 31.69 -17.56
N GLN C 309 -5.85 31.81 -17.94
CA GLN C 309 -5.06 30.64 -18.31
C GLN C 309 -4.67 29.85 -17.07
N LEU C 310 -4.26 30.55 -16.00
CA LEU C 310 -3.83 29.91 -14.76
C LEU C 310 -4.91 29.01 -14.17
N PHE C 311 -6.12 29.53 -13.97
CA PHE C 311 -7.21 28.76 -13.41
C PHE C 311 -7.59 27.58 -14.30
N GLU C 312 -7.69 27.81 -15.60
CA GLU C 312 -8.02 26.73 -16.55
C GLU C 312 -6.96 25.61 -16.51
N GLU C 313 -5.68 25.99 -16.46
CA GLU C 313 -4.61 25.00 -16.43
C GLU C 313 -4.51 24.28 -15.10
N LEU C 314 -4.76 25.00 -13.98
CA LEU C 314 -4.76 24.36 -12.66
C LEU C 314 -5.89 23.35 -12.60
N ARG C 315 -7.05 23.71 -13.13
CA ARG C 315 -8.26 22.91 -13.23
C ARG C 315 -8.05 21.68 -14.10
N ARG C 316 -7.52 21.84 -15.31
CA ARG C 316 -7.28 20.73 -16.23
C ARG C 316 -6.22 19.75 -15.70
N ALA C 317 -5.13 20.27 -15.11
CA ALA C 317 -4.07 19.40 -14.59
C ALA C 317 -4.44 18.69 -13.30
N ALA C 318 -5.34 19.29 -12.48
CA ALA C 318 -5.70 18.69 -11.20
C ALA C 318 -6.56 17.47 -11.47
N PRO C 319 -6.23 16.33 -10.82
CA PRO C 319 -7.04 15.13 -11.04
C PRO C 319 -8.42 15.24 -10.39
N LEU C 320 -9.35 14.36 -10.80
CA LEU C 320 -10.66 14.31 -10.19
C LEU C 320 -10.51 13.92 -8.72
N SER C 321 -11.39 14.43 -7.87
CA SER C 321 -11.29 14.14 -6.46
C SER C 321 -12.63 13.77 -5.88
N ARG C 322 -12.62 12.85 -4.94
CA ARG C 322 -13.82 12.51 -4.21
C ARG C 322 -13.79 13.06 -2.78
N ASP C 323 -12.82 13.96 -2.46
CA ASP C 323 -12.69 14.61 -1.16
C ASP C 323 -13.57 15.88 -1.21
N PRO C 324 -14.58 15.95 -0.33
CA PRO C 324 -15.49 17.09 -0.36
C PRO C 324 -14.84 18.44 -0.15
N THR C 325 -13.68 18.51 0.55
CA THR C 325 -13.01 19.77 0.77
C THR C 325 -12.45 20.27 -0.56
N GLU C 326 -11.80 19.38 -1.31
CA GLU C 326 -11.22 19.71 -2.60
CA GLU C 326 -11.22 19.71 -2.60
C GLU C 326 -12.32 20.07 -3.62
N VAL C 327 -13.43 19.32 -3.63
CA VAL C 327 -14.58 19.57 -4.49
C VAL C 327 -15.25 20.94 -4.16
N THR C 328 -15.45 21.25 -2.86
CA THR C 328 -16.01 22.53 -2.43
C THR C 328 -15.11 23.69 -2.81
N ALA C 329 -13.78 23.50 -2.66
CA ALA C 329 -12.82 24.54 -2.97
C ALA C 329 -12.86 24.98 -4.43
N ILE C 330 -12.91 24.02 -5.38
CA ILE C 330 -12.96 24.41 -6.80
C ILE C 330 -14.31 25.08 -7.15
N GLY C 331 -15.40 24.61 -6.54
CA GLY C 331 -16.72 25.22 -6.71
C GLY C 331 -16.72 26.65 -6.21
N ALA C 332 -16.10 26.90 -5.05
CA ALA C 332 -16.04 28.22 -4.44
C ALA C 332 -15.18 29.18 -5.23
N VAL C 333 -14.07 28.69 -5.77
CA VAL C 333 -13.17 29.55 -6.58
C VAL C 333 -13.87 29.91 -7.91
N GLU C 334 -14.58 28.94 -8.51
CA GLU C 334 -15.35 29.19 -9.74
CA GLU C 334 -15.35 29.19 -9.74
C GLU C 334 -16.43 30.24 -9.48
N ALA C 335 -17.17 30.09 -8.36
CA ALA C 335 -18.22 31.02 -7.96
C ALA C 335 -17.65 32.43 -7.70
N ALA C 336 -16.48 32.50 -7.07
CA ALA C 336 -15.84 33.78 -6.78
C ALA C 336 -15.48 34.54 -8.06
N PHE C 337 -14.92 33.84 -9.07
CA PHE C 337 -14.59 34.48 -10.34
C PHE C 337 -15.86 34.96 -11.06
N LYS C 338 -16.92 34.17 -11.04
CA LYS C 338 -18.17 34.49 -11.70
C LYS C 338 -18.78 35.84 -11.26
N CYS C 339 -18.71 36.17 -9.98
CA CYS C 339 -19.31 37.39 -9.47
C CYS C 339 -18.28 38.46 -9.06
N CYS C 340 -16.97 38.22 -9.28
CA CYS C 340 -15.92 39.13 -8.83
C CYS C 340 -16.02 39.35 -7.31
N ALA C 341 -16.13 38.25 -6.55
CA ALA C 341 -16.28 38.24 -5.11
C ALA C 341 -15.13 38.97 -4.45
N ALA C 342 -15.45 39.78 -3.45
CA ALA C 342 -14.45 40.54 -2.73
C ALA C 342 -13.57 39.59 -1.86
N ALA C 343 -14.15 38.45 -1.42
CA ALA C 343 -13.44 37.52 -0.59
C ALA C 343 -14.15 36.16 -0.57
N ILE C 344 -13.40 35.13 -0.13
CA ILE C 344 -13.89 33.79 0.14
C ILE C 344 -13.61 33.61 1.64
N ILE C 345 -14.63 33.53 2.48
CA ILE C 345 -14.44 33.36 3.90
C ILE C 345 -14.51 31.90 4.23
N VAL C 346 -13.44 31.34 4.78
CA VAL C 346 -13.41 29.92 5.09
C VAL C 346 -13.15 29.64 6.57
N LEU C 347 -13.89 28.72 7.13
CA LEU C 347 -13.69 28.29 8.51
C LEU C 347 -12.72 27.14 8.47
N THR C 348 -11.56 27.29 9.15
CA THR C 348 -10.56 26.22 9.13
C THR C 348 -9.86 26.02 10.46
N THR C 349 -9.66 24.74 10.85
CA THR C 349 -8.95 24.46 12.10
C THR C 349 -7.47 24.20 11.89
N THR C 350 -7.12 23.45 10.86
CA THR C 350 -5.74 23.11 10.54
C THR C 350 -5.18 23.99 9.41
N GLY C 351 -6.04 24.73 8.69
CA GLY C 351 -5.61 25.55 7.57
C GLY C 351 -5.83 24.86 6.23
N ARG C 352 -6.18 23.55 6.25
CA ARG C 352 -6.30 22.76 5.03
C ARG C 352 -7.35 23.26 4.05
N SER C 353 -8.53 23.64 4.55
CA SER C 353 -9.58 24.17 3.67
C SER C 353 -9.12 25.45 2.96
N ALA C 354 -8.33 26.29 3.65
CA ALA C 354 -7.82 27.54 3.06
C ALA C 354 -6.74 27.20 2.04
N GLN C 355 -5.90 26.22 2.32
CA GLN C 355 -4.84 25.79 1.41
C GLN C 355 -5.43 25.25 0.10
N LEU C 356 -6.49 24.45 0.18
CA LEU C 356 -7.13 23.92 -1.01
C LEU C 356 -7.80 25.01 -1.84
N LEU C 357 -8.28 26.09 -1.20
CA LEU C 357 -8.86 27.22 -1.95
C LEU C 357 -7.71 27.92 -2.66
N SER C 358 -6.61 28.16 -1.94
CA SER C 358 -5.38 28.82 -2.39
C SER C 358 -4.74 28.16 -3.61
N ARG C 359 -4.77 26.83 -3.72
CA ARG C 359 -4.15 26.13 -4.86
C ARG C 359 -4.80 26.48 -6.21
N TYR C 360 -6.06 26.95 -6.21
CA TYR C 360 -6.71 27.35 -7.47
C TYR C 360 -6.50 28.82 -7.83
N ARG C 361 -5.68 29.52 -7.07
CA ARG C 361 -5.30 30.91 -7.27
C ARG C 361 -6.48 31.85 -7.53
N PRO C 362 -7.40 31.97 -6.57
CA PRO C 362 -8.50 32.92 -6.78
C PRO C 362 -8.00 34.35 -6.73
N ARG C 363 -8.67 35.24 -7.44
CA ARG C 363 -8.36 36.67 -7.33
C ARG C 363 -8.93 37.18 -5.98
N ALA C 364 -10.03 36.60 -5.52
CA ALA C 364 -10.66 36.93 -4.26
C ALA C 364 -9.75 36.53 -3.09
N ALA C 365 -9.62 37.39 -2.08
CA ALA C 365 -8.84 37.08 -0.89
C ALA C 365 -9.49 35.92 -0.15
N VAL C 366 -8.67 35.02 0.39
CA VAL C 366 -9.19 33.90 1.16
C VAL C 366 -9.04 34.26 2.62
N ILE C 367 -10.14 34.72 3.25
CA ILE C 367 -10.13 35.08 4.66
C ILE C 367 -10.33 33.81 5.49
N ALA C 368 -9.28 33.34 6.15
CA ALA C 368 -9.37 32.10 6.94
C ALA C 368 -9.60 32.42 8.36
N VAL C 369 -10.75 32.05 8.87
CA VAL C 369 -11.11 32.29 10.27
C VAL C 369 -10.84 30.99 11.06
N THR C 370 -9.99 31.12 12.09
CA THR C 370 -9.59 29.96 12.87
C THR C 370 -9.48 30.21 14.36
N ARG C 371 -9.65 29.15 15.16
CA ARG C 371 -9.41 29.21 16.61
C ARG C 371 -7.95 28.83 16.97
N SER C 372 -7.21 28.29 15.99
CA SER C 372 -5.83 27.86 16.16
C SER C 372 -4.86 28.94 15.85
N ALA C 373 -4.12 29.35 16.87
CA ALA C 373 -3.07 30.34 16.70
C ALA C 373 -1.98 29.83 15.75
N GLN C 374 -1.67 28.53 15.82
CA GLN C 374 -0.63 27.98 14.94
C GLN C 374 -1.04 27.94 13.48
N ALA C 375 -2.28 27.47 13.22
CA ALA C 375 -2.84 27.42 11.88
C ALA C 375 -2.93 28.85 11.31
N ALA C 376 -3.23 29.85 12.15
CA ALA C 376 -3.26 31.25 11.71
C ALA C 376 -1.90 31.74 11.26
N ARG C 377 -0.81 31.33 11.95
CA ARG C 377 0.53 31.71 11.54
C ARG C 377 1.00 30.93 10.32
N GLN C 378 0.73 29.60 10.28
CA GLN C 378 1.17 28.73 9.20
C GLN C 378 0.50 28.97 7.88
N VAL C 379 -0.76 29.50 7.86
CA VAL C 379 -1.43 29.72 6.57
C VAL C 379 -0.81 30.85 5.75
N HIS C 380 0.11 31.66 6.33
CA HIS C 380 0.86 32.66 5.58
C HIS C 380 1.71 31.99 4.47
N LEU C 381 2.01 30.68 4.58
CA LEU C 381 2.74 29.96 3.56
C LEU C 381 1.92 29.83 2.26
N CYS C 382 0.59 29.95 2.33
CA CYS C 382 -0.30 29.80 1.17
C CYS C 382 -0.71 31.13 0.61
N ARG C 383 -0.42 31.36 -0.67
CA ARG C 383 -0.74 32.62 -1.33
C ARG C 383 -2.21 32.98 -1.25
N GLY C 384 -2.47 34.21 -0.84
CA GLY C 384 -3.81 34.76 -0.80
C GLY C 384 -4.63 34.37 0.39
N VAL C 385 -4.01 33.77 1.41
CA VAL C 385 -4.74 33.42 2.64
C VAL C 385 -4.45 34.49 3.68
N PHE C 386 -5.52 35.13 4.17
CA PHE C 386 -5.45 36.19 5.17
C PHE C 386 -6.00 35.62 6.44
N PRO C 387 -5.12 35.26 7.40
CA PRO C 387 -5.62 34.63 8.64
C PRO C 387 -6.25 35.57 9.68
N LEU C 388 -7.33 35.11 10.31
CA LEU C 388 -8.01 35.78 11.41
C LEU C 388 -8.12 34.81 12.59
N LEU C 389 -7.46 35.11 13.70
CA LEU C 389 -7.53 34.28 14.89
C LEU C 389 -8.75 34.70 15.70
N TYR C 390 -9.61 33.76 16.04
CA TYR C 390 -10.86 34.00 16.71
C TYR C 390 -10.73 33.54 18.15
N ARG C 391 -11.01 34.41 19.08
CA ARG C 391 -10.82 34.18 20.50
C ARG C 391 -12.10 34.11 21.31
N GLU C 392 -13.25 34.23 20.69
CA GLU C 392 -14.52 34.22 21.41
C GLU C 392 -14.82 32.90 22.02
N PRO C 393 -15.52 32.88 23.15
CA PRO C 393 -15.96 31.59 23.71
C PRO C 393 -17.02 30.94 22.82
N PRO C 394 -16.98 29.59 22.73
CA PRO C 394 -17.93 28.88 21.88
C PRO C 394 -19.38 29.05 22.28
N GLU C 395 -20.28 29.12 21.28
CA GLU C 395 -21.72 29.16 21.52
C GLU C 395 -22.18 27.72 21.80
N ALA C 396 -23.31 27.57 22.50
CA ALA C 396 -23.89 26.26 22.83
C ALA C 396 -24.38 25.58 21.55
N ILE C 397 -25.02 26.35 20.66
CA ILE C 397 -25.48 25.82 19.39
C ILE C 397 -24.40 26.00 18.30
N TRP C 398 -23.93 24.89 17.76
CA TRP C 398 -22.89 24.89 16.76
C TRP C 398 -23.19 25.76 15.54
N ALA C 399 -24.40 25.69 15.00
CA ALA C 399 -24.80 26.54 13.88
C ALA C 399 -24.66 28.03 14.22
N ASP C 400 -24.92 28.42 15.48
CA ASP C 400 -24.73 29.81 15.91
C ASP C 400 -23.29 30.15 15.97
N ASP C 401 -22.43 29.22 16.50
CA ASP C 401 -20.98 29.45 16.61
C ASP C 401 -20.37 29.65 15.23
N VAL C 402 -20.86 28.90 14.22
CA VAL C 402 -20.43 29.02 12.83
C VAL C 402 -20.81 30.40 12.27
N ASP C 403 -22.05 30.86 12.52
CA ASP C 403 -22.51 32.17 12.05
C ASP C 403 -21.73 33.30 12.70
N ARG C 404 -21.41 33.16 13.99
CA ARG C 404 -20.60 34.17 14.67
C ARG C 404 -19.21 34.32 14.03
N ARG C 405 -18.57 33.19 13.64
CA ARG C 405 -17.24 33.28 13.00
C ARG C 405 -17.34 33.80 11.58
N VAL C 406 -18.39 33.42 10.85
CA VAL C 406 -18.60 33.97 9.49
C VAL C 406 -18.76 35.51 9.56
N GLN C 407 -19.57 35.99 10.53
CA GLN C 407 -19.75 37.44 10.74
C GLN C 407 -18.49 38.12 11.21
N PHE C 408 -17.66 37.41 11.98
CA PHE C 408 -16.34 37.91 12.40
C PHE C 408 -15.46 38.18 11.19
N GLY C 409 -15.50 37.26 10.22
CA GLY C 409 -14.75 37.41 8.98
C GLY C 409 -15.24 38.57 8.13
N ILE C 410 -16.58 38.77 8.06
CA ILE C 410 -17.15 39.88 7.33
C ILE C 410 -16.82 41.22 8.03
N GLU C 411 -16.94 41.27 9.35
CA GLU C 411 -16.66 42.51 10.08
C GLU C 411 -15.19 42.88 10.01
N SER C 412 -14.27 41.90 10.12
CA SER C 412 -12.83 42.16 9.98
C SER C 412 -12.54 42.63 8.57
N GLY C 413 -13.16 42.00 7.57
CA GLY C 413 -13.00 42.36 6.19
C GLY C 413 -13.46 43.76 5.90
N LYS C 414 -14.58 44.20 6.51
CA LYS C 414 -15.13 45.55 6.36
C LYS C 414 -14.14 46.56 6.96
N LEU C 415 -13.66 46.26 8.17
CA LEU C 415 -12.71 47.09 8.89
C LEU C 415 -11.37 47.22 8.14
N ARG C 416 -10.87 46.13 7.55
CA ARG C 416 -9.59 46.15 6.84
C ARG C 416 -9.65 46.67 5.41
N GLY C 417 -10.84 46.92 4.88
CA GLY C 417 -10.98 47.44 3.53
C GLY C 417 -11.24 46.40 2.46
N PHE C 418 -11.25 45.10 2.81
CA PHE C 418 -11.55 44.03 1.86
C PHE C 418 -13.05 44.15 1.38
N LEU C 419 -13.97 44.51 2.29
CA LEU C 419 -15.41 44.48 2.02
C LEU C 419 -16.24 45.78 2.20
N ARG C 420 -17.37 45.84 1.51
CA ARG C 420 -18.35 46.94 1.58
C ARG C 420 -19.77 46.31 1.50
N VAL C 421 -20.78 47.02 2.02
CA VAL C 421 -22.16 46.55 1.95
C VAL C 421 -22.58 46.48 0.48
N GLY C 422 -23.26 45.42 0.11
CA GLY C 422 -23.63 45.19 -1.28
C GLY C 422 -22.67 44.28 -2.02
N ASP C 423 -21.47 44.04 -1.46
CA ASP C 423 -20.52 43.09 -2.08
C ASP C 423 -21.04 41.65 -1.93
N LEU C 424 -20.53 40.75 -2.78
CA LEU C 424 -20.84 39.35 -2.65
C LEU C 424 -19.58 38.67 -2.11
N VAL C 425 -19.73 37.78 -1.14
CA VAL C 425 -18.62 36.96 -0.66
C VAL C 425 -19.05 35.50 -0.80
N ILE C 426 -18.08 34.60 -0.93
CA ILE C 426 -18.33 33.17 -0.96
C ILE C 426 -17.94 32.64 0.42
N VAL C 427 -18.77 31.85 1.04
CA VAL C 427 -18.49 31.33 2.39
C VAL C 427 -18.33 29.83 2.37
N VAL C 428 -17.17 29.33 2.82
CA VAL C 428 -16.88 27.91 2.86
C VAL C 428 -16.88 27.33 4.27
N THR C 429 -17.80 26.40 4.54
CA THR C 429 -17.92 25.75 5.85
C THR C 429 -18.11 24.21 5.67
N GLY C 430 -18.28 23.48 6.74
CA GLY C 430 -18.58 22.06 6.73
C GLY C 430 -19.90 21.81 7.40
N TRP C 431 -20.34 20.57 7.38
CA TRP C 431 -21.66 20.16 7.89
C TRP C 431 -21.71 19.78 9.36
N ARG C 432 -20.54 19.59 9.95
CA ARG C 432 -20.43 19.24 11.33
C ARG C 432 -19.10 19.72 11.90
N PRO C 433 -19.01 19.86 13.24
CA PRO C 433 -17.74 20.35 13.82
C PRO C 433 -16.59 19.38 13.63
N GLY C 434 -15.39 19.91 13.75
CA GLY C 434 -14.17 19.16 13.60
C GLY C 434 -13.55 19.36 12.24
N SER C 435 -12.27 19.07 12.15
CA SER C 435 -11.54 19.19 10.91
C SER C 435 -11.90 18.06 9.91
N GLY C 436 -11.80 18.34 8.62
CA GLY C 436 -12.02 17.36 7.56
C GLY C 436 -13.39 17.19 6.98
N TYR C 437 -14.35 18.06 7.33
CA TYR C 437 -15.74 17.96 6.88
C TYR C 437 -16.22 19.11 6.02
N THR C 438 -15.32 19.96 5.47
CA THR C 438 -15.73 21.07 4.61
C THR C 438 -16.47 20.54 3.39
N ASN C 439 -17.69 21.03 3.15
CA ASN C 439 -18.50 20.55 2.04
C ASN C 439 -19.56 21.55 1.58
N ILE C 440 -19.56 22.78 2.12
CA ILE C 440 -20.59 23.76 1.80
C ILE C 440 -19.98 25.05 1.28
N MET C 441 -20.57 25.58 0.25
CA MET C 441 -20.19 26.84 -0.34
C MET C 441 -21.50 27.67 -0.40
N ARG C 442 -21.49 28.89 0.16
CA ARG C 442 -22.68 29.74 0.15
C ARG C 442 -22.33 31.08 -0.49
N VAL C 443 -23.27 31.69 -1.24
CA VAL C 443 -23.06 33.01 -1.83
C VAL C 443 -23.79 33.97 -0.92
N LEU C 444 -23.06 34.81 -0.18
CA LEU C 444 -23.68 35.81 0.69
C LEU C 444 -23.54 37.24 0.18
N SER C 445 -24.59 38.03 0.36
CA SER C 445 -24.57 39.45 0.04
CA SER C 445 -24.55 39.44 0.04
C SER C 445 -24.21 40.16 1.35
N ILE C 446 -23.23 41.07 1.34
CA ILE C 446 -22.82 41.79 2.52
C ILE C 446 -23.85 42.81 3.01
N SER C 447 -24.39 42.62 4.21
CA SER C 447 -25.34 43.57 4.77
C SER C 447 -24.67 44.39 5.90
N GLY D 23 -13.66 1.97 -10.68
CA GLY D 23 -13.39 0.78 -11.48
C GLY D 23 -13.06 1.08 -12.93
N THR D 24 -12.32 0.17 -13.58
CA THR D 24 -11.93 0.32 -15.00
C THR D 24 -13.17 0.28 -15.91
N ALA D 25 -14.14 -0.61 -15.58
CA ALA D 25 -15.37 -0.76 -16.35
C ALA D 25 -16.16 0.55 -16.39
N PHE D 26 -16.15 1.33 -15.29
CA PHE D 26 -16.83 2.63 -15.22
C PHE D 26 -16.25 3.59 -16.25
N PHE D 27 -14.91 3.64 -16.38
CA PHE D 27 -14.27 4.57 -17.30
C PHE D 27 -14.25 4.11 -18.78
N GLN D 28 -14.84 2.95 -19.09
CA GLN D 28 -14.98 2.49 -20.48
C GLN D 28 -16.41 2.80 -21.02
N GLN D 29 -17.40 2.95 -20.11
CA GLN D 29 -18.79 3.26 -20.42
C GLN D 29 -18.97 4.77 -20.70
N GLN D 30 -20.17 5.15 -21.22
CA GLN D 30 -20.64 6.50 -21.55
C GLN D 30 -19.60 7.39 -22.25
N GLN D 31 -18.86 6.81 -23.21
CA GLN D 31 -17.83 7.47 -24.00
C GLN D 31 -16.82 8.24 -23.16
N LEU D 32 -16.49 7.71 -21.96
CA LEU D 32 -15.52 8.37 -21.08
C LEU D 32 -14.11 8.41 -21.70
N PRO D 33 -13.61 7.39 -22.42
CA PRO D 33 -12.30 7.54 -23.11
C PRO D 33 -12.29 8.72 -24.10
N ALA D 34 -13.39 8.89 -24.87
CA ALA D 34 -13.53 10.00 -25.83
C ALA D 34 -13.71 11.38 -25.12
N ALA D 35 -14.24 11.36 -23.89
CA ALA D 35 -14.47 12.57 -23.11
C ALA D 35 -13.18 13.18 -22.56
N MET D 36 -12.16 12.35 -22.29
CA MET D 36 -10.89 12.86 -21.79
C MET D 36 -9.92 13.31 -22.88
N ALA D 37 -10.33 13.27 -24.16
CA ALA D 37 -9.47 13.66 -25.27
C ALA D 37 -9.08 15.14 -25.21
N ASP D 38 -7.86 15.46 -25.64
CA ASP D 38 -7.35 16.84 -25.62
C ASP D 38 -7.81 17.68 -26.82
N THR D 39 -8.28 17.03 -27.89
CA THR D 39 -8.82 17.71 -29.06
C THR D 39 -10.16 17.10 -29.47
N PHE D 40 -10.98 17.87 -30.19
CA PHE D 40 -12.25 17.40 -30.72
C PHE D 40 -12.03 16.27 -31.74
N LEU D 41 -10.97 16.36 -32.53
CA LEU D 41 -10.62 15.35 -33.51
C LEU D 41 -10.28 14.02 -32.83
N GLU D 42 -9.46 14.05 -31.76
CA GLU D 42 -9.13 12.81 -31.03
C GLU D 42 -10.37 12.27 -30.29
N HIS D 43 -11.29 13.16 -29.86
CA HIS D 43 -12.55 12.81 -29.22
C HIS D 43 -13.37 11.98 -30.22
N LEU D 44 -13.49 12.44 -31.49
CA LEU D 44 -14.23 11.69 -32.51
C LEU D 44 -13.59 10.32 -32.73
N CYS D 45 -12.26 10.26 -32.85
CA CYS D 45 -11.50 9.02 -33.07
C CYS D 45 -11.70 8.01 -31.95
N LEU D 46 -11.97 8.49 -30.72
CA LEU D 46 -12.15 7.61 -29.56
C LEU D 46 -13.58 7.15 -29.34
N LEU D 47 -14.55 7.57 -30.19
CA LEU D 47 -15.94 7.16 -30.02
C LEU D 47 -16.04 5.65 -30.24
N ASP D 48 -16.72 4.97 -29.33
CA ASP D 48 -16.79 3.52 -29.31
C ASP D 48 -18.24 3.02 -29.33
N ILE D 49 -18.60 2.24 -30.35
CA ILE D 49 -19.93 1.67 -30.43
C ILE D 49 -20.21 0.65 -29.30
N ASP D 50 -19.16 0.13 -28.65
CA ASP D 50 -19.29 -0.80 -27.54
C ASP D 50 -19.37 -0.08 -26.18
N SER D 51 -19.13 1.25 -26.14
CA SER D 51 -19.20 2.04 -24.90
C SER D 51 -20.68 2.35 -24.68
N GLU D 52 -21.32 1.62 -23.76
CA GLU D 52 -22.74 1.79 -23.51
C GLU D 52 -23.11 3.00 -22.68
N PRO D 53 -24.20 3.70 -23.06
CA PRO D 53 -24.62 4.85 -22.26
C PRO D 53 -25.10 4.42 -20.86
N VAL D 54 -24.70 5.21 -19.84
CA VAL D 54 -24.93 4.94 -18.41
C VAL D 54 -25.98 5.89 -17.83
N ALA D 55 -25.86 7.17 -18.19
CA ALA D 55 -26.68 8.27 -17.71
C ALA D 55 -28.13 8.23 -18.25
N ALA D 56 -29.05 8.86 -17.53
CA ALA D 56 -30.42 8.98 -17.97
C ALA D 56 -30.46 9.95 -19.16
N ARG D 57 -31.42 9.73 -20.07
CA ARG D 57 -31.58 10.54 -21.27
C ARG D 57 -32.00 11.93 -20.87
N SER D 58 -31.22 12.91 -21.26
CA SER D 58 -31.42 14.28 -20.84
C SER D 58 -32.15 15.19 -21.85
N THR D 59 -32.19 14.86 -23.15
CA THR D 59 -32.94 15.64 -24.15
C THR D 59 -34.42 15.23 -24.08
N SER D 60 -35.32 16.16 -23.83
CA SER D 60 -36.74 15.87 -23.73
CA SER D 60 -36.75 15.88 -23.71
C SER D 60 -37.37 15.50 -25.05
N ILE D 61 -38.38 14.62 -25.02
CA ILE D 61 -39.07 14.22 -26.23
C ILE D 61 -40.47 14.85 -26.20
N ILE D 62 -40.79 15.62 -27.24
CA ILE D 62 -42.13 16.18 -27.40
C ILE D 62 -42.87 15.30 -28.43
N ALA D 63 -44.04 14.76 -28.06
CA ALA D 63 -44.80 13.91 -28.98
C ALA D 63 -46.07 14.64 -29.31
N THR D 64 -46.39 14.79 -30.60
CA THR D 64 -47.63 15.44 -31.01
C THR D 64 -48.79 14.46 -30.87
N ILE D 65 -49.88 14.92 -30.24
CA ILE D 65 -51.07 14.12 -30.01
C ILE D 65 -52.03 14.12 -31.20
N GLY D 66 -52.64 12.99 -31.42
CA GLY D 66 -53.62 12.85 -32.48
C GLY D 66 -54.33 11.52 -32.43
N PRO D 67 -54.98 11.16 -33.53
CA PRO D 67 -55.71 9.87 -33.59
C PRO D 67 -54.90 8.64 -33.15
N ALA D 68 -53.62 8.59 -33.53
CA ALA D 68 -52.70 7.50 -33.22
C ALA D 68 -52.21 7.47 -31.78
N SER D 69 -52.49 8.51 -30.98
CA SER D 69 -51.94 8.57 -29.64
C SER D 69 -52.86 9.20 -28.60
N ARG D 70 -54.17 9.05 -28.72
CA ARG D 70 -55.08 9.66 -27.74
C ARG D 70 -55.64 8.74 -26.76
N SER D 71 -55.60 7.45 -27.04
CA SER D 71 -56.10 6.44 -26.17
C SER D 71 -55.33 6.50 -24.85
N VAL D 72 -56.04 6.69 -23.74
CA VAL D 72 -55.41 6.70 -22.41
C VAL D 72 -54.39 5.55 -22.22
N GLU D 73 -54.74 4.36 -22.70
CA GLU D 73 -53.87 3.19 -22.58
CA GLU D 73 -53.92 3.17 -22.59
C GLU D 73 -52.62 3.30 -23.46
N ARG D 74 -52.73 3.94 -24.60
CA ARG D 74 -51.61 4.14 -25.47
C ARG D 74 -50.69 5.31 -24.91
N LEU D 75 -51.31 6.35 -24.36
CA LEU D 75 -50.56 7.44 -23.73
C LEU D 75 -49.72 6.94 -22.55
N LYS D 76 -50.21 5.94 -21.80
CA LYS D 76 -49.44 5.34 -20.70
C LYS D 76 -48.19 4.65 -21.25
N GLU D 77 -48.33 3.99 -22.41
CA GLU D 77 -47.19 3.36 -23.06
C GLU D 77 -46.17 4.41 -23.55
N MET D 78 -46.65 5.57 -24.03
CA MET D 78 -45.75 6.61 -24.51
CA MET D 78 -45.81 6.67 -24.52
C MET D 78 -45.04 7.32 -23.37
N ILE D 79 -45.68 7.41 -22.20
CA ILE D 79 -45.05 7.98 -21.03
C ILE D 79 -43.93 7.04 -20.59
N LYS D 80 -44.18 5.72 -20.59
CA LYS D 80 -43.18 4.72 -20.24
C LYS D 80 -42.02 4.69 -21.25
N ALA D 81 -42.30 4.97 -22.55
CA ALA D 81 -41.29 5.01 -23.62
C ALA D 81 -40.38 6.25 -23.52
N GLY D 82 -40.87 7.31 -22.85
CA GLY D 82 -40.08 8.51 -22.69
C GLY D 82 -40.70 9.85 -23.08
N MET D 83 -41.99 9.91 -23.48
CA MET D 83 -42.61 11.18 -23.82
C MET D 83 -42.62 12.14 -22.59
N ASN D 84 -42.10 13.36 -22.77
CA ASN D 84 -42.05 14.32 -21.67
C ASN D 84 -43.03 15.44 -21.82
N ILE D 85 -43.32 15.82 -23.07
CA ILE D 85 -44.24 16.91 -23.41
C ILE D 85 -45.21 16.44 -24.47
N ALA D 86 -46.50 16.67 -24.25
CA ALA D 86 -47.55 16.34 -25.19
C ALA D 86 -47.90 17.62 -25.96
N ARG D 87 -47.77 17.58 -27.29
CA ARG D 87 -48.06 18.74 -28.12
C ARG D 87 -49.46 18.63 -28.73
N LEU D 88 -50.22 19.73 -28.63
CA LEU D 88 -51.57 19.83 -29.20
C LEU D 88 -51.50 20.76 -30.39
N ASN D 89 -51.66 20.21 -31.60
CA ASN D 89 -51.54 21.05 -32.78
C ASN D 89 -52.87 21.71 -33.05
N PHE D 90 -52.99 23.00 -32.69
CA PHE D 90 -54.24 23.71 -32.91
C PHE D 90 -54.53 24.08 -34.38
N SER D 91 -53.70 23.60 -35.31
CA SER D 91 -53.96 23.74 -36.74
C SER D 91 -55.03 22.71 -37.17
N HIS D 92 -55.19 21.60 -36.42
CA HIS D 92 -56.17 20.53 -36.68
C HIS D 92 -57.09 20.38 -35.45
N GLY D 93 -58.34 20.01 -35.67
CA GLY D 93 -59.29 19.78 -34.59
C GLY D 93 -59.90 21.00 -33.94
N SER D 94 -61.00 20.77 -33.25
CA SER D 94 -61.74 21.79 -32.53
C SER D 94 -61.28 21.85 -31.05
N HIS D 95 -61.78 22.86 -30.30
CA HIS D 95 -61.56 23.01 -28.87
C HIS D 95 -62.04 21.77 -28.11
N GLU D 96 -63.12 21.18 -28.57
CA GLU D 96 -63.68 19.98 -27.95
C GLU D 96 -62.73 18.81 -28.10
N TYR D 97 -62.11 18.68 -29.27
CA TYR D 97 -61.16 17.61 -29.54
C TYR D 97 -59.91 17.80 -28.65
N HIS D 98 -59.41 19.03 -28.57
CA HIS D 98 -58.21 19.32 -27.76
C HIS D 98 -58.47 19.18 -26.27
N ALA D 99 -59.68 19.47 -25.80
CA ALA D 99 -60.03 19.28 -24.39
C ALA D 99 -60.05 17.81 -24.04
N GLU D 100 -60.57 16.96 -24.94
CA GLU D 100 -60.55 15.51 -24.77
C GLU D 100 -59.09 15.01 -24.74
N SER D 101 -58.21 15.60 -25.59
CA SER D 101 -56.78 15.21 -25.67
C SER D 101 -56.12 15.43 -24.31
N ILE D 102 -56.34 16.65 -23.77
CA ILE D 102 -55.83 17.11 -22.50
C ILE D 102 -56.28 16.19 -21.38
N ALA D 103 -57.58 15.88 -21.36
CA ALA D 103 -58.12 15.01 -20.33
C ALA D 103 -57.50 13.61 -20.39
N ASN D 104 -57.27 13.07 -21.60
CA ASN D 104 -56.67 11.74 -21.75
C ASN D 104 -55.24 11.72 -21.35
N VAL D 105 -54.50 12.80 -21.69
CA VAL D 105 -53.12 12.96 -21.28
C VAL D 105 -53.05 12.97 -19.77
N ARG D 106 -53.81 13.85 -19.11
CA ARG D 106 -53.85 13.94 -17.67
C ARG D 106 -54.27 12.65 -16.98
N GLU D 107 -55.20 11.88 -17.57
CA GLU D 107 -55.63 10.62 -16.98
C GLU D 107 -54.49 9.60 -17.05
N ALA D 108 -53.76 9.54 -18.18
CA ALA D 108 -52.63 8.62 -18.29
C ALA D 108 -51.49 9.02 -17.35
N VAL D 109 -51.23 10.32 -17.22
CA VAL D 109 -50.18 10.82 -16.35
C VAL D 109 -50.51 10.53 -14.88
N GLU D 110 -51.75 10.83 -14.47
CA GLU D 110 -52.16 10.63 -13.08
C GLU D 110 -52.36 9.17 -12.70
N SER D 111 -52.38 8.24 -13.67
CA SER D 111 -52.48 6.82 -13.36
C SER D 111 -51.22 6.31 -12.64
N PHE D 112 -50.10 7.04 -12.72
CA PHE D 112 -48.86 6.68 -12.05
C PHE D 112 -48.61 7.50 -10.76
N ALA D 113 -49.53 8.39 -10.37
CA ALA D 113 -49.34 9.24 -9.19
C ALA D 113 -49.33 8.47 -7.85
N GLY D 114 -49.89 7.26 -7.83
CA GLY D 114 -49.95 6.40 -6.65
C GLY D 114 -48.58 6.00 -6.12
N SER D 115 -47.54 6.06 -6.95
CA SER D 115 -46.16 5.78 -6.57
C SER D 115 -45.34 7.09 -6.77
N PRO D 116 -45.28 7.96 -5.75
CA PRO D 116 -44.62 9.27 -5.94
C PRO D 116 -43.14 9.25 -6.27
N LEU D 117 -42.42 8.20 -5.87
CA LEU D 117 -41.00 8.10 -6.17
C LEU D 117 -40.75 7.82 -7.66
N SER D 118 -41.76 7.29 -8.41
CA SER D 118 -41.59 6.93 -9.81
CA SER D 118 -41.54 6.97 -9.81
C SER D 118 -42.43 7.79 -10.79
N TYR D 119 -43.36 8.59 -10.27
CA TYR D 119 -44.27 9.44 -11.05
C TYR D 119 -43.50 10.38 -11.98
N ARG D 120 -43.93 10.41 -13.23
CA ARG D 120 -43.33 11.27 -14.22
C ARG D 120 -44.26 12.40 -14.64
N PRO D 121 -43.94 13.67 -14.33
CA PRO D 121 -44.78 14.76 -14.82
C PRO D 121 -44.65 14.85 -16.37
N VAL D 122 -45.75 15.27 -17.06
CA VAL D 122 -45.75 15.44 -18.51
C VAL D 122 -46.36 16.79 -18.82
N ALA D 123 -45.63 17.65 -19.51
CA ALA D 123 -46.14 18.99 -19.84
C ALA D 123 -47.14 18.94 -20.99
N ILE D 124 -48.02 19.94 -21.06
CA ILE D 124 -48.98 20.08 -22.14
C ILE D 124 -48.68 21.36 -22.87
N ALA D 125 -48.35 21.23 -24.14
CA ALA D 125 -48.00 22.37 -24.98
C ALA D 125 -49.05 22.60 -26.07
N LEU D 126 -49.50 23.84 -26.24
CA LEU D 126 -50.47 24.21 -27.24
C LEU D 126 -49.71 24.86 -28.42
N ASP D 127 -49.75 24.25 -29.60
CA ASP D 127 -49.08 24.79 -30.77
C ASP D 127 -50.17 25.58 -31.55
N THR D 128 -50.02 26.90 -31.68
CA THR D 128 -51.01 27.72 -32.34
C THR D 128 -51.05 27.55 -33.87
N LYS D 129 -52.22 27.87 -34.48
CA LYS D 129 -52.41 27.80 -35.92
C LYS D 129 -51.51 28.82 -36.66
N GLY D 130 -51.43 30.02 -36.14
CA GLY D 130 -50.59 31.05 -36.74
C GLY D 130 -51.35 32.23 -37.31
N PRO D 131 -50.60 33.25 -37.77
CA PRO D 131 -51.25 34.47 -38.27
C PRO D 131 -51.75 34.42 -39.71
N GLY D 132 -51.33 33.40 -40.45
CA GLY D 132 -51.73 33.27 -41.86
C GLY D 132 -51.29 34.46 -42.70
N SER D 133 -52.19 34.97 -43.54
CA SER D 133 -51.83 36.10 -44.43
C SER D 133 -51.93 37.41 -43.66
N GLY D 134 -52.01 37.32 -42.32
CA GLY D 134 -52.17 38.54 -41.52
C GLY D 134 -50.88 38.97 -40.86
N PRO D 135 -50.80 40.20 -40.31
CA PRO D 135 -49.57 40.71 -39.72
C PRO D 135 -49.49 40.47 -38.22
N GLY D 136 -50.64 40.45 -37.52
CA GLY D 136 -50.63 40.28 -36.05
C GLY D 136 -51.28 38.99 -35.60
N LEU D 137 -51.78 38.98 -34.35
CA LEU D 137 -52.38 37.75 -33.79
C LEU D 137 -53.75 37.54 -34.42
N SER D 138 -53.91 36.42 -35.10
CA SER D 138 -55.20 36.08 -35.67
C SER D 138 -56.29 35.95 -34.60
N GLU D 139 -57.56 36.12 -34.99
CA GLU D 139 -58.67 36.02 -34.04
C GLU D 139 -58.84 34.60 -33.52
N GLN D 140 -58.50 33.58 -34.35
CA GLN D 140 -58.57 32.18 -33.92
C GLN D 140 -57.49 31.91 -32.86
N ASP D 141 -56.29 32.50 -33.04
CA ASP D 141 -55.20 32.37 -32.08
C ASP D 141 -55.62 32.96 -30.75
N VAL D 142 -56.30 34.12 -30.75
CA VAL D 142 -56.78 34.72 -29.51
C VAL D 142 -57.73 33.80 -28.75
N ARG D 143 -58.61 33.14 -29.46
CA ARG D 143 -59.55 32.19 -28.86
C ARG D 143 -58.87 30.92 -28.35
N ASP D 144 -57.90 30.39 -29.12
CA ASP D 144 -57.16 29.19 -28.77
C ASP D 144 -56.26 29.44 -27.57
N LEU D 145 -55.61 30.62 -27.52
CA LEU D 145 -54.76 31.00 -26.39
C LEU D 145 -55.60 31.11 -25.13
N ARG D 146 -56.83 31.67 -25.23
CA ARG D 146 -57.67 31.74 -24.03
CA ARG D 146 -57.74 31.77 -24.07
C ARG D 146 -58.14 30.36 -23.62
N PHE D 147 -58.33 29.43 -24.57
CA PHE D 147 -58.68 28.04 -24.29
C PHE D 147 -57.53 27.41 -23.46
N GLY D 148 -56.29 27.67 -23.87
CA GLY D 148 -55.11 27.14 -23.19
C GLY D 148 -55.03 27.59 -21.75
N VAL D 149 -55.28 28.86 -21.48
CA VAL D 149 -55.29 29.40 -20.13
C VAL D 149 -56.41 28.71 -19.31
N GLU D 150 -57.61 28.59 -19.89
CA GLU D 150 -58.72 27.95 -19.22
C GLU D 150 -58.48 26.49 -18.92
N HIS D 151 -57.71 25.79 -19.77
CA HIS D 151 -57.39 24.38 -19.56
C HIS D 151 -56.02 24.13 -18.92
N GLY D 152 -55.35 25.18 -18.45
CA GLY D 152 -54.09 25.09 -17.75
C GLY D 152 -52.90 24.52 -18.52
N VAL D 153 -52.74 24.91 -19.80
CA VAL D 153 -51.57 24.43 -20.55
C VAL D 153 -50.30 25.04 -19.95
N ASP D 154 -49.18 24.33 -20.08
CA ASP D 154 -47.92 24.77 -19.52
C ASP D 154 -47.09 25.61 -20.51
N ILE D 155 -47.19 25.28 -21.79
CA ILE D 155 -46.36 25.90 -22.81
C ILE D 155 -47.21 26.29 -24.02
N VAL D 156 -46.76 27.33 -24.73
CA VAL D 156 -47.35 27.72 -25.98
C VAL D 156 -46.21 27.68 -27.03
N PHE D 157 -46.38 26.93 -28.11
CA PHE D 157 -45.43 26.93 -29.21
C PHE D 157 -46.10 27.92 -30.15
N ALA D 158 -45.66 29.19 -30.14
CA ALA D 158 -46.27 30.23 -30.97
C ALA D 158 -45.81 30.18 -32.43
N SER D 159 -46.72 29.83 -33.35
CA SER D 159 -46.40 29.74 -34.77
C SER D 159 -46.05 31.06 -35.42
N PHE D 160 -45.13 31.00 -36.40
CA PHE D 160 -44.68 32.10 -37.25
C PHE D 160 -44.36 33.40 -36.51
N VAL D 161 -43.50 33.32 -35.49
CA VAL D 161 -43.08 34.51 -34.78
C VAL D 161 -42.06 35.23 -35.69
N ARG D 162 -42.31 36.52 -36.00
CA ARG D 162 -41.43 37.29 -36.89
C ARG D 162 -40.73 38.48 -36.22
N LYS D 163 -41.18 38.88 -35.03
CA LYS D 163 -40.62 40.02 -34.33
C LYS D 163 -41.02 39.98 -32.84
N ALA D 164 -40.40 40.82 -32.00
CA ALA D 164 -40.71 40.87 -30.58
C ALA D 164 -42.14 41.21 -30.29
N SER D 165 -42.80 42.03 -31.14
CA SER D 165 -44.20 42.42 -30.91
C SER D 165 -45.16 41.24 -31.02
N ASP D 166 -44.82 40.22 -31.83
CA ASP D 166 -45.63 39.00 -31.97
C ASP D 166 -45.67 38.26 -30.63
N VAL D 167 -44.53 38.19 -29.92
CA VAL D 167 -44.46 37.53 -28.62
C VAL D 167 -45.26 38.31 -27.58
N ALA D 168 -45.22 39.64 -27.64
CA ALA D 168 -45.98 40.49 -26.71
C ALA D 168 -47.47 40.30 -26.92
N ALA D 169 -47.90 40.15 -28.17
CA ALA D 169 -49.33 39.92 -28.46
C ALA D 169 -49.78 38.58 -27.91
N VAL D 170 -48.95 37.52 -28.00
CA VAL D 170 -49.27 36.20 -27.44
C VAL D 170 -49.37 36.32 -25.93
N ARG D 171 -48.43 37.05 -25.31
CA ARG D 171 -48.39 37.27 -23.89
C ARG D 171 -49.66 38.00 -23.42
N ALA D 172 -50.09 39.03 -24.17
CA ALA D 172 -51.29 39.81 -23.85
C ALA D 172 -52.54 38.93 -23.96
N ALA D 173 -52.65 38.09 -25.04
CA ALA D 173 -53.77 37.19 -25.24
C ALA D 173 -53.90 36.12 -24.16
N LEU D 174 -52.81 35.80 -23.44
CA LEU D 174 -52.87 34.85 -22.33
C LEU D 174 -53.47 35.48 -21.04
N GLY D 175 -53.59 36.80 -21.00
CA GLY D 175 -54.17 37.56 -19.89
C GLY D 175 -53.38 37.52 -18.60
N PRO D 176 -54.01 37.97 -17.51
CA PRO D 176 -53.32 37.97 -16.21
C PRO D 176 -53.12 36.59 -15.61
N GLU D 177 -54.00 35.62 -15.93
CA GLU D 177 -53.86 34.27 -15.38
C GLU D 177 -52.89 33.35 -16.14
N GLY D 178 -52.41 33.79 -17.30
CA GLY D 178 -51.45 33.01 -18.07
C GLY D 178 -50.03 33.54 -17.96
N HIS D 179 -49.70 34.21 -16.84
CA HIS D 179 -48.36 34.77 -16.63
CA HIS D 179 -48.36 34.76 -16.64
C HIS D 179 -47.29 33.68 -16.52
N GLY D 180 -47.66 32.54 -15.95
CA GLY D 180 -46.76 31.42 -15.76
C GLY D 180 -46.54 30.52 -16.98
N ILE D 181 -47.35 30.65 -18.04
CA ILE D 181 -47.20 29.83 -19.23
C ILE D 181 -45.94 30.20 -19.99
N LYS D 182 -45.13 29.21 -20.40
CA LYS D 182 -43.91 29.47 -21.15
C LYS D 182 -44.22 29.70 -22.62
N ILE D 183 -43.62 30.74 -23.22
CA ILE D 183 -43.81 31.01 -24.62
C ILE D 183 -42.56 30.60 -25.40
N ILE D 184 -42.69 29.56 -26.22
CA ILE D 184 -41.60 29.10 -27.09
C ILE D 184 -41.93 29.63 -28.48
N SER D 185 -41.11 30.53 -29.01
CA SER D 185 -41.36 31.11 -30.32
C SER D 185 -40.92 30.22 -31.44
N LYS D 186 -41.82 29.91 -32.38
CA LYS D 186 -41.46 29.09 -33.53
C LYS D 186 -40.86 29.97 -34.62
N ILE D 187 -39.61 29.68 -35.03
CA ILE D 187 -38.97 30.43 -36.10
C ILE D 187 -39.21 29.62 -37.36
N GLU D 188 -40.04 30.15 -38.27
CA GLU D 188 -40.43 29.42 -39.48
C GLU D 188 -40.19 30.14 -40.79
N ASN D 189 -39.61 31.33 -40.77
CA ASN D 189 -39.38 32.08 -42.01
C ASN D 189 -38.12 32.95 -41.96
N HIS D 190 -37.78 33.63 -43.08
CA HIS D 190 -36.59 34.47 -43.14
C HIS D 190 -36.61 35.59 -42.11
N GLU D 191 -37.76 36.27 -41.92
CA GLU D 191 -37.84 37.38 -40.97
C GLU D 191 -37.57 36.94 -39.54
N GLY D 192 -38.10 35.79 -39.16
CA GLY D 192 -37.86 35.22 -37.84
C GLY D 192 -36.38 34.94 -37.60
N VAL D 193 -35.67 34.42 -38.63
CA VAL D 193 -34.24 34.15 -38.54
C VAL D 193 -33.44 35.47 -38.41
N LYS D 194 -33.81 36.49 -39.21
CA LYS D 194 -33.13 37.78 -39.16
C LYS D 194 -33.39 38.57 -37.89
N ARG D 195 -34.58 38.50 -37.35
CA ARG D 195 -34.91 39.20 -36.11
C ARG D 195 -34.80 38.28 -34.87
N PHE D 196 -34.05 37.16 -35.00
CA PHE D 196 -33.87 36.14 -33.96
C PHE D 196 -33.51 36.72 -32.58
N ASP D 197 -32.47 37.55 -32.49
CA ASP D 197 -32.04 38.10 -31.22
C ASP D 197 -33.13 38.86 -30.47
N GLU D 198 -33.94 39.65 -31.17
CA GLU D 198 -35.02 40.40 -30.51
C GLU D 198 -36.17 39.48 -30.06
N ILE D 199 -36.39 38.38 -30.80
CA ILE D 199 -37.42 37.42 -30.47
C ILE D 199 -36.97 36.61 -29.24
N LEU D 200 -35.73 36.10 -29.24
CA LEU D 200 -35.18 35.31 -28.14
C LEU D 200 -35.20 36.08 -26.85
N GLU D 201 -34.90 37.38 -26.91
CA GLU D 201 -34.85 38.21 -25.72
C GLU D 201 -36.16 38.26 -24.98
N VAL D 202 -37.29 38.30 -25.70
CA VAL D 202 -38.60 38.36 -25.05
C VAL D 202 -39.29 36.98 -24.90
N SER D 203 -38.76 35.93 -25.53
CA SER D 203 -39.34 34.60 -25.45
C SER D 203 -38.73 33.79 -24.31
N ASP D 204 -39.44 32.75 -23.87
CA ASP D 204 -38.87 31.81 -22.91
C ASP D 204 -37.95 30.79 -23.60
N GLY D 205 -38.09 30.61 -24.91
CA GLY D 205 -37.33 29.66 -25.69
C GLY D 205 -37.71 29.71 -27.15
N ILE D 206 -37.11 28.82 -27.96
CA ILE D 206 -37.29 28.81 -29.40
C ILE D 206 -37.56 27.43 -29.95
N MET D 207 -38.32 27.35 -31.04
CA MET D 207 -38.50 26.10 -31.76
C MET D 207 -38.00 26.32 -33.19
N VAL D 208 -37.11 25.45 -33.67
CA VAL D 208 -36.62 25.51 -35.04
C VAL D 208 -37.63 24.68 -35.80
N ALA D 209 -38.67 25.35 -36.37
CA ALA D 209 -39.78 24.75 -37.07
C ALA D 209 -39.37 24.53 -38.51
N ARG D 210 -38.63 23.44 -38.76
CA ARG D 210 -37.98 23.12 -40.03
C ARG D 210 -38.90 22.91 -41.23
N GLY D 211 -40.14 22.46 -41.01
CA GLY D 211 -41.11 22.26 -42.08
C GLY D 211 -41.36 23.53 -42.87
N ASP D 212 -41.89 24.56 -42.22
CA ASP D 212 -42.14 25.83 -42.88
C ASP D 212 -40.85 26.53 -43.24
N LEU D 213 -39.84 26.48 -42.36
CA LEU D 213 -38.56 27.10 -42.62
C LEU D 213 -37.91 26.57 -43.91
N GLY D 214 -38.08 25.28 -44.18
CA GLY D 214 -37.54 24.65 -45.38
C GLY D 214 -38.25 25.02 -46.69
N ILE D 215 -39.41 25.68 -46.59
CA ILE D 215 -40.21 26.18 -47.71
C ILE D 215 -39.98 27.69 -47.83
N GLU D 216 -39.81 28.41 -46.70
CA GLU D 216 -39.62 29.85 -46.67
C GLU D 216 -38.22 30.28 -47.08
N ILE D 217 -37.21 29.46 -46.76
CA ILE D 217 -35.82 29.68 -47.14
C ILE D 217 -35.32 28.45 -47.95
N PRO D 218 -34.22 28.55 -48.73
CA PRO D 218 -33.76 27.35 -49.49
C PRO D 218 -33.53 26.18 -48.54
N ALA D 219 -33.96 24.99 -48.94
CA ALA D 219 -33.87 23.78 -48.12
C ALA D 219 -32.45 23.51 -47.64
N GLU D 220 -31.45 23.75 -48.50
CA GLU D 220 -30.04 23.52 -48.19
C GLU D 220 -29.46 24.52 -47.16
N LYS D 221 -30.23 25.52 -46.73
CA LYS D 221 -29.78 26.49 -45.74
C LYS D 221 -30.37 26.23 -44.34
N VAL D 222 -31.37 25.34 -44.20
CA VAL D 222 -32.02 25.08 -42.92
C VAL D 222 -31.03 24.65 -41.83
N PHE D 223 -30.08 23.76 -42.15
CA PHE D 223 -29.09 23.34 -41.15
C PHE D 223 -28.28 24.53 -40.56
N LEU D 224 -28.03 25.59 -41.34
CA LEU D 224 -27.30 26.75 -40.86
C LEU D 224 -28.17 27.48 -39.84
N ALA D 225 -29.48 27.64 -40.15
CA ALA D 225 -30.42 28.31 -39.27
C ALA D 225 -30.59 27.50 -37.97
N GLN D 226 -30.70 26.18 -38.08
CA GLN D 226 -30.84 25.31 -36.93
C GLN D 226 -29.61 25.42 -36.01
N LYS D 227 -28.39 25.26 -36.59
CA LYS D 227 -27.18 25.31 -35.80
C LYS D 227 -26.94 26.69 -35.16
N MET D 228 -27.29 27.78 -35.86
CA MET D 228 -27.15 29.13 -35.34
C MET D 228 -28.10 29.34 -34.14
N MET D 229 -29.38 29.02 -34.31
CA MET D 229 -30.37 29.21 -33.28
C MET D 229 -30.09 28.36 -32.03
N ILE D 230 -29.65 27.10 -32.21
CA ILE D 230 -29.32 26.26 -31.08
C ILE D 230 -28.14 26.86 -30.31
N GLY D 231 -27.09 27.29 -31.04
CA GLY D 231 -25.93 27.94 -30.43
C GLY D 231 -26.30 29.17 -29.62
N ARG D 232 -27.12 30.07 -30.18
CA ARG D 232 -27.54 31.30 -29.51
C ARG D 232 -28.42 31.05 -28.30
N CYS D 233 -29.27 30.02 -28.37
CA CYS D 233 -30.10 29.64 -27.22
C CYS D 233 -29.25 29.04 -26.12
N ASN D 234 -28.24 28.23 -26.47
CA ASN D 234 -27.32 27.66 -25.49
C ASN D 234 -26.56 28.78 -24.78
N LEU D 235 -26.13 29.81 -25.54
CA LEU D 235 -25.44 30.97 -25.02
C LEU D 235 -26.36 31.75 -24.07
N ALA D 236 -27.64 31.96 -24.46
CA ALA D 236 -28.63 32.67 -23.66
C ALA D 236 -29.16 31.87 -22.47
N GLY D 237 -28.92 30.56 -22.45
CA GLY D 237 -29.45 29.69 -21.40
C GLY D 237 -30.95 29.48 -21.52
N LYS D 238 -31.50 29.55 -22.74
CA LYS D 238 -32.95 29.39 -22.95
C LYS D 238 -33.24 28.12 -23.76
N PRO D 239 -34.34 27.42 -23.46
CA PRO D 239 -34.61 26.16 -24.19
C PRO D 239 -34.74 26.29 -25.70
N VAL D 240 -34.24 25.30 -26.43
CA VAL D 240 -34.39 25.27 -27.87
C VAL D 240 -34.88 23.88 -28.29
N VAL D 241 -35.91 23.85 -29.15
CA VAL D 241 -36.51 22.61 -29.64
C VAL D 241 -36.14 22.40 -31.10
N CYS D 242 -35.76 21.18 -31.48
CA CYS D 242 -35.53 20.86 -32.88
C CYS D 242 -36.78 20.09 -33.32
N ALA D 243 -37.44 20.56 -34.39
CA ALA D 243 -38.69 19.96 -34.83
C ALA D 243 -38.76 19.63 -36.29
N THR D 244 -39.64 18.66 -36.64
CA THR D 244 -40.18 18.29 -37.95
C THR D 244 -39.32 17.37 -38.80
N GLN D 245 -39.94 16.25 -39.18
CA GLN D 245 -39.41 15.21 -40.07
C GLN D 245 -38.18 14.50 -39.53
N MET D 246 -37.99 14.54 -38.19
CA MET D 246 -36.84 13.86 -37.57
C MET D 246 -36.83 12.36 -37.82
N LEU D 247 -38.01 11.70 -37.73
CA LEU D 247 -38.11 10.25 -38.01
C LEU D 247 -39.29 10.02 -38.97
N GLU D 248 -39.51 10.93 -39.94
CA GLU D 248 -40.64 10.92 -40.86
C GLU D 248 -41.04 9.55 -41.43
N SER D 249 -40.07 8.75 -41.90
CA SER D 249 -40.36 7.47 -42.48
C SER D 249 -41.04 6.51 -41.48
N MET D 250 -40.87 6.73 -40.17
CA MET D 250 -41.50 5.88 -39.14
C MET D 250 -43.04 6.10 -39.02
N ILE D 251 -43.60 7.04 -39.80
CA ILE D 251 -45.03 7.19 -39.90
C ILE D 251 -45.64 5.87 -40.49
N THR D 252 -44.96 5.28 -41.49
CA THR D 252 -45.40 4.06 -42.14
C THR D 252 -44.48 2.85 -41.95
N LYS D 253 -43.17 3.06 -41.66
CA LYS D 253 -42.22 1.97 -41.52
C LYS D 253 -41.76 1.75 -40.07
N PRO D 254 -41.50 0.49 -39.69
CA PRO D 254 -41.15 0.21 -38.28
C PRO D 254 -39.76 0.68 -37.86
N ARG D 255 -38.87 0.94 -38.82
CA ARG D 255 -37.52 1.43 -38.54
C ARG D 255 -37.23 2.69 -39.35
N PRO D 256 -36.44 3.65 -38.82
CA PRO D 256 -36.15 4.86 -39.61
C PRO D 256 -34.99 4.69 -40.63
N THR D 257 -34.79 5.71 -41.48
CA THR D 257 -33.69 5.71 -42.42
C THR D 257 -32.38 6.13 -41.71
N ARG D 258 -31.23 5.91 -42.36
CA ARG D 258 -29.93 6.27 -41.82
C ARG D 258 -29.81 7.77 -41.64
N ALA D 259 -30.46 8.57 -42.52
CA ALA D 259 -30.46 10.01 -42.44
C ALA D 259 -31.25 10.51 -41.23
N GLU D 260 -32.34 9.79 -40.87
CA GLU D 260 -33.21 10.13 -39.76
C GLU D 260 -32.54 9.91 -38.42
N THR D 261 -31.91 8.75 -38.18
CA THR D 261 -31.21 8.54 -36.91
C THR D 261 -30.03 9.55 -36.76
N SER D 262 -29.37 9.84 -37.87
CA SER D 262 -28.27 10.79 -37.93
C SER D 262 -28.79 12.19 -37.57
N ASP D 263 -29.93 12.60 -38.12
CA ASP D 263 -30.54 13.90 -37.85
C ASP D 263 -30.88 14.05 -36.34
N VAL D 264 -31.45 13.01 -35.72
CA VAL D 264 -31.77 13.04 -34.30
C VAL D 264 -30.46 13.17 -33.48
N ALA D 265 -29.46 12.34 -33.79
CA ALA D 265 -28.19 12.40 -33.06
C ALA D 265 -27.52 13.78 -33.21
N ASN D 266 -27.57 14.34 -34.42
CA ASN D 266 -26.95 15.62 -34.69
C ASN D 266 -27.69 16.78 -34.06
N ALA D 267 -29.02 16.71 -33.89
CA ALA D 267 -29.75 17.76 -33.18
C ALA D 267 -29.29 17.77 -31.71
N VAL D 268 -29.10 16.58 -31.09
CA VAL D 268 -28.60 16.47 -29.72
C VAL D 268 -27.15 17.00 -29.63
N LEU D 269 -26.28 16.57 -30.56
CA LEU D 269 -24.90 17.04 -30.59
C LEU D 269 -24.83 18.55 -30.84
N ASP D 270 -25.81 19.14 -31.55
CA ASP D 270 -25.85 20.57 -31.79
C ASP D 270 -26.08 21.35 -30.49
N GLY D 271 -26.83 20.77 -29.55
CA GLY D 271 -27.16 21.40 -28.28
C GLY D 271 -28.66 21.56 -28.01
N ALA D 272 -29.51 20.87 -28.79
CA ALA D 272 -30.96 21.01 -28.60
C ALA D 272 -31.40 20.50 -27.23
N ASP D 273 -32.27 21.25 -26.56
CA ASP D 273 -32.83 20.81 -25.28
C ASP D 273 -33.90 19.78 -25.51
N CYS D 274 -34.74 19.96 -26.56
CA CYS D 274 -35.83 19.05 -26.87
C CYS D 274 -35.79 18.61 -28.31
N ILE D 275 -36.33 17.41 -28.56
CA ILE D 275 -36.52 16.88 -29.90
C ILE D 275 -38.03 16.57 -30.04
N MET D 276 -38.57 16.70 -31.24
CA MET D 276 -40.00 16.56 -31.44
C MET D 276 -40.42 15.53 -32.47
N LEU D 277 -41.61 14.94 -32.23
CA LEU D 277 -42.28 14.03 -33.15
C LEU D 277 -43.64 14.67 -33.53
N SER D 278 -43.93 14.72 -34.84
CA SER D 278 -45.18 15.32 -35.33
C SER D 278 -46.11 14.15 -35.81
N GLY D 279 -46.13 13.87 -37.13
CA GLY D 279 -46.90 12.79 -37.70
C GLY D 279 -46.53 11.42 -37.18
N GLU D 280 -45.29 11.25 -36.73
CA GLU D 280 -44.81 9.99 -36.19
C GLU D 280 -45.60 9.56 -34.99
N THR D 281 -46.12 10.49 -34.18
CA THR D 281 -46.92 10.12 -33.01
C THR D 281 -48.39 10.51 -33.20
N ALA D 282 -48.69 11.55 -34.01
CA ALA D 282 -50.06 12.02 -34.19
C ALA D 282 -50.90 11.11 -35.07
N LYS D 283 -50.35 10.66 -36.20
CA LYS D 283 -51.13 9.89 -37.16
C LYS D 283 -50.50 8.59 -37.64
N GLY D 284 -49.26 8.32 -37.26
CA GLY D 284 -48.56 7.14 -37.74
C GLY D 284 -48.93 5.81 -37.13
N ASN D 285 -48.32 4.74 -37.65
CA ASN D 285 -48.57 3.40 -37.08
C ASN D 285 -47.57 2.99 -36.01
N PHE D 286 -46.59 3.85 -35.70
CA PHE D 286 -45.55 3.51 -34.75
C PHE D 286 -45.31 4.61 -33.72
N PRO D 287 -46.36 5.19 -33.08
CA PRO D 287 -46.10 6.26 -32.11
C PRO D 287 -45.21 5.85 -30.92
N VAL D 288 -45.41 4.65 -30.35
CA VAL D 288 -44.59 4.23 -29.22
C VAL D 288 -43.17 3.91 -29.68
N GLU D 289 -43.02 3.29 -30.87
CA GLU D 289 -41.70 2.97 -31.40
C GLU D 289 -40.95 4.22 -31.81
N ALA D 290 -41.64 5.27 -32.27
CA ALA D 290 -40.95 6.53 -32.65
C ALA D 290 -40.38 7.19 -31.35
N VAL D 291 -41.14 7.13 -30.23
CA VAL D 291 -40.66 7.68 -28.97
C VAL D 291 -39.45 6.87 -28.46
N LYS D 292 -39.56 5.54 -28.52
CA LYS D 292 -38.47 4.67 -28.08
C LYS D 292 -37.21 4.89 -28.94
N MET D 293 -37.36 5.13 -30.24
CA MET D 293 -36.23 5.39 -31.13
C MET D 293 -35.55 6.70 -30.77
N GLN D 294 -36.32 7.78 -30.58
CA GLN D 294 -35.75 9.06 -30.18
C GLN D 294 -35.04 8.95 -28.84
N HIS D 295 -35.61 8.19 -27.89
CA HIS D 295 -34.99 7.95 -26.60
C HIS D 295 -33.62 7.26 -26.73
N ALA D 296 -33.56 6.18 -27.50
CA ALA D 296 -32.35 5.40 -27.72
C ALA D 296 -31.26 6.23 -28.41
N ILE D 297 -31.62 7.02 -29.43
CA ILE D 297 -30.63 7.85 -30.12
C ILE D 297 -30.11 8.96 -29.22
N ALA D 298 -31.02 9.67 -28.54
CA ALA D 298 -30.62 10.77 -27.65
C ALA D 298 -29.63 10.32 -26.56
N ARG D 299 -29.83 9.15 -25.95
CA ARG D 299 -28.91 8.62 -24.94
C ARG D 299 -27.52 8.42 -25.53
N GLU D 300 -27.43 7.83 -26.73
CA GLU D 300 -26.14 7.61 -27.41
C GLU D 300 -25.47 8.93 -27.72
N ALA D 301 -26.25 9.91 -28.26
CA ALA D 301 -25.70 11.20 -28.64
C ALA D 301 -25.25 12.04 -27.47
N GLU D 302 -25.92 11.95 -26.31
CA GLU D 302 -25.54 12.72 -25.14
C GLU D 302 -24.20 12.23 -24.58
N ALA D 303 -23.94 10.93 -24.61
CA ALA D 303 -22.67 10.40 -24.14
C ALA D 303 -21.52 10.83 -25.08
N ALA D 304 -21.81 11.03 -26.37
CA ALA D 304 -20.83 11.45 -27.36
C ALA D 304 -20.59 12.98 -27.39
N VAL D 305 -21.23 13.74 -26.50
CA VAL D 305 -21.02 15.20 -26.42
C VAL D 305 -19.62 15.44 -25.83
N TYR D 306 -18.83 16.29 -26.45
CA TYR D 306 -17.48 16.62 -25.98
C TYR D 306 -17.59 17.70 -24.88
N HIS D 307 -17.95 17.30 -23.65
CA HIS D 307 -18.15 18.23 -22.55
C HIS D 307 -16.95 19.11 -22.23
N ARG D 308 -15.72 18.62 -22.43
CA ARG D 308 -14.54 19.42 -22.15
C ARG D 308 -14.58 20.79 -22.88
N GLN D 309 -14.83 20.77 -24.19
CA GLN D 309 -14.90 21.99 -24.95
C GLN D 309 -16.20 22.73 -24.67
N LEU D 310 -17.32 21.99 -24.60
CA LEU D 310 -18.63 22.61 -24.34
C LEU D 310 -18.68 23.42 -23.01
N PHE D 311 -18.28 22.81 -21.89
CA PHE D 311 -18.30 23.50 -20.61
C PHE D 311 -17.40 24.71 -20.61
N GLU D 312 -16.17 24.54 -21.11
CA GLU D 312 -15.22 25.64 -21.20
C GLU D 312 -15.76 26.81 -22.02
N GLU D 313 -16.38 26.53 -23.15
CA GLU D 313 -16.94 27.58 -24.00
C GLU D 313 -18.18 28.21 -23.39
N LEU D 314 -19.02 27.42 -22.67
CA LEU D 314 -20.20 28.00 -22.01
C LEU D 314 -19.76 28.93 -20.89
N ARG D 315 -18.71 28.54 -20.14
CA ARG D 315 -18.14 29.33 -19.04
C ARG D 315 -17.50 30.62 -19.53
N ARG D 316 -16.67 30.53 -20.59
CA ARG D 316 -16.00 31.69 -21.17
C ARG D 316 -17.04 32.67 -21.74
N ALA D 317 -18.06 32.18 -22.45
CA ALA D 317 -19.06 33.06 -23.05
C ALA D 317 -20.04 33.66 -22.09
N ALA D 318 -20.27 33.02 -20.93
CA ALA D 318 -21.26 33.55 -20.00
C ALA D 318 -20.69 34.76 -19.29
N PRO D 319 -21.47 35.87 -19.25
CA PRO D 319 -20.98 37.09 -18.58
C PRO D 319 -20.90 36.95 -17.06
N LEU D 320 -20.22 37.89 -16.40
CA LEU D 320 -20.17 37.94 -14.95
C LEU D 320 -21.58 38.17 -14.40
N SER D 321 -21.88 37.65 -13.21
CA SER D 321 -23.22 37.79 -12.65
C SER D 321 -23.15 38.10 -11.18
N ARG D 322 -24.05 38.95 -10.70
CA ARG D 322 -24.16 39.24 -9.28
C ARG D 322 -25.41 38.56 -8.64
N ASP D 323 -26.05 37.65 -9.35
CA ASP D 323 -27.21 36.93 -8.88
C ASP D 323 -26.72 35.65 -8.18
N PRO D 324 -27.04 35.48 -6.90
CA PRO D 324 -26.57 34.30 -6.16
C PRO D 324 -27.02 32.96 -6.72
N THR D 325 -28.17 32.90 -7.44
CA THR D 325 -28.64 31.65 -8.04
C THR D 325 -27.70 31.26 -9.17
N GLU D 326 -27.34 32.22 -10.02
CA GLU D 326 -26.46 32.02 -11.16
C GLU D 326 -25.03 31.68 -10.67
N VAL D 327 -24.56 32.36 -9.61
CA VAL D 327 -23.27 32.13 -9.02
C VAL D 327 -23.18 30.73 -8.37
N THR D 328 -24.23 30.31 -7.65
CA THR D 328 -24.28 28.97 -7.05
C THR D 328 -24.31 27.92 -8.15
N ALA D 329 -25.08 28.16 -9.23
CA ALA D 329 -25.21 27.18 -10.32
C ALA D 329 -23.88 26.85 -10.97
N ILE D 330 -23.03 27.85 -11.29
CA ILE D 330 -21.74 27.57 -11.91
C ILE D 330 -20.78 26.88 -10.91
N GLY D 331 -20.85 27.25 -9.64
CA GLY D 331 -20.07 26.59 -8.60
C GLY D 331 -20.44 25.13 -8.49
N ALA D 332 -21.76 24.82 -8.50
CA ALA D 332 -22.26 23.46 -8.37
C ALA D 332 -21.90 22.62 -9.59
N VAL D 333 -21.96 23.22 -10.81
CA VAL D 333 -21.63 22.47 -12.01
C VAL D 333 -20.12 22.14 -11.99
N GLU D 334 -19.28 23.11 -11.57
CA GLU D 334 -17.85 22.91 -11.48
CA GLU D 334 -17.84 22.92 -11.48
C GLU D 334 -17.51 21.82 -10.44
N ALA D 335 -18.17 21.85 -9.29
CA ALA D 335 -18.02 20.85 -8.24
C ALA D 335 -18.48 19.48 -8.76
N ALA D 336 -19.56 19.44 -9.55
CA ALA D 336 -20.11 18.20 -10.10
C ALA D 336 -19.15 17.53 -11.08
N PHE D 337 -18.42 18.33 -11.84
CA PHE D 337 -17.45 17.81 -12.77
C PHE D 337 -16.22 17.28 -12.04
N LYS D 338 -15.78 17.97 -10.99
CA LYS D 338 -14.62 17.62 -10.17
C LYS D 338 -14.67 16.24 -9.52
N CYS D 339 -15.86 15.81 -9.11
CA CYS D 339 -16.01 14.53 -8.44
C CYS D 339 -16.76 13.49 -9.24
N CYS D 340 -17.14 13.78 -10.50
CA CYS D 340 -17.99 12.87 -11.30
C CYS D 340 -19.29 12.58 -10.55
N ALA D 341 -19.93 13.66 -10.05
CA ALA D 341 -21.17 13.54 -9.28
C ALA D 341 -22.25 12.84 -10.13
N ALA D 342 -22.98 11.88 -9.55
CA ALA D 342 -24.04 11.20 -10.26
C ALA D 342 -25.21 12.14 -10.53
N ALA D 343 -25.44 13.13 -9.64
CA ALA D 343 -26.54 14.05 -9.79
C ALA D 343 -26.29 15.37 -9.04
N ILE D 344 -27.05 16.42 -9.41
CA ILE D 344 -27.14 17.69 -8.73
C ILE D 344 -28.62 17.74 -8.31
N ILE D 345 -28.91 17.67 -7.01
CA ILE D 345 -30.29 17.70 -6.54
C ILE D 345 -30.61 19.15 -6.17
N VAL D 346 -31.62 19.74 -6.79
CA VAL D 346 -31.95 21.14 -6.57
C VAL D 346 -33.40 21.31 -6.14
N LEU D 347 -33.65 22.19 -5.17
CA LEU D 347 -35.01 22.48 -4.73
C LEU D 347 -35.42 23.70 -5.55
N THR D 348 -36.62 23.68 -6.18
CA THR D 348 -37.00 24.83 -7.01
C THR D 348 -38.49 25.08 -6.93
N THR D 349 -38.94 26.35 -7.01
CA THR D 349 -40.37 26.68 -6.97
C THR D 349 -40.85 26.99 -8.39
N THR D 350 -40.11 27.82 -9.14
CA THR D 350 -40.47 28.20 -10.50
C THR D 350 -39.74 27.37 -11.58
N GLY D 351 -38.71 26.60 -11.19
CA GLY D 351 -37.86 25.86 -12.11
C GLY D 351 -36.56 26.60 -12.45
N ARG D 352 -36.47 27.89 -12.10
CA ARG D 352 -35.34 28.73 -12.46
C ARG D 352 -33.98 28.22 -11.98
N SER D 353 -33.87 27.75 -10.72
CA SER D 353 -32.60 27.25 -10.21
C SER D 353 -32.14 26.05 -11.00
N ALA D 354 -33.07 25.20 -11.48
CA ALA D 354 -32.75 24.03 -12.27
C ALA D 354 -32.31 24.46 -13.69
N GLN D 355 -32.96 25.47 -14.25
CA GLN D 355 -32.64 25.99 -15.55
C GLN D 355 -31.24 26.58 -15.57
N LEU D 356 -30.85 27.31 -14.50
CA LEU D 356 -29.51 27.90 -14.44
C LEU D 356 -28.43 26.83 -14.28
N LEU D 357 -28.75 25.69 -13.65
CA LEU D 357 -27.79 24.59 -13.56
C LEU D 357 -27.62 23.98 -14.98
N SER D 358 -28.74 23.76 -15.66
CA SER D 358 -28.88 23.18 -16.99
C SER D 358 -28.12 23.94 -18.08
N ARG D 359 -28.07 25.27 -17.98
CA ARG D 359 -27.39 26.06 -19.01
C ARG D 359 -25.87 25.79 -19.11
N TYR D 360 -25.27 25.25 -18.04
CA TYR D 360 -23.84 24.91 -18.08
C TYR D 360 -23.59 23.48 -18.53
N ARG D 361 -24.62 22.76 -18.97
CA ARG D 361 -24.56 21.40 -19.49
C ARG D 361 -23.72 20.45 -18.65
N PRO D 362 -24.10 20.24 -17.38
CA PRO D 362 -23.36 19.26 -16.58
C PRO D 362 -23.60 17.85 -17.11
N ARG D 363 -22.62 16.95 -16.89
CA ARG D 363 -22.81 15.56 -17.21
C ARG D 363 -23.75 14.95 -16.13
N ALA D 364 -23.67 15.44 -14.86
CA ALA D 364 -24.54 15.02 -13.77
C ALA D 364 -25.98 15.39 -14.06
N ALA D 365 -26.91 14.48 -13.76
CA ALA D 365 -28.35 14.74 -13.93
C ALA D 365 -28.79 15.82 -12.94
N VAL D 366 -29.65 16.74 -13.36
CA VAL D 366 -30.18 17.76 -12.47
C VAL D 366 -31.55 17.29 -11.98
N ILE D 367 -31.60 16.73 -10.78
CA ILE D 367 -32.84 16.25 -10.21
C ILE D 367 -33.51 17.42 -9.52
N ALA D 368 -34.61 17.93 -10.10
CA ALA D 368 -35.29 19.11 -9.58
C ALA D 368 -36.45 18.70 -8.73
N VAL D 369 -36.41 19.03 -7.43
CA VAL D 369 -37.52 18.73 -6.55
C VAL D 369 -38.38 19.96 -6.37
N THR D 370 -39.68 19.83 -6.66
CA THR D 370 -40.61 20.95 -6.57
C THR D 370 -42.00 20.54 -6.10
N ARG D 371 -42.69 21.47 -5.46
CA ARG D 371 -44.10 21.30 -5.09
C ARG D 371 -45.02 21.86 -6.17
N SER D 372 -44.52 22.69 -7.08
CA SER D 372 -45.31 23.25 -8.17
C SER D 372 -45.49 22.21 -9.29
N ALA D 373 -46.72 21.74 -9.52
CA ALA D 373 -47.00 20.77 -10.58
C ALA D 373 -46.68 21.42 -11.94
N GLN D 374 -46.99 22.69 -12.12
CA GLN D 374 -46.68 23.40 -13.37
C GLN D 374 -45.18 23.50 -13.64
N ALA D 375 -44.38 23.90 -12.63
CA ALA D 375 -42.94 23.95 -12.77
C ALA D 375 -42.37 22.57 -13.07
N ALA D 376 -42.87 21.54 -12.42
CA ALA D 376 -42.42 20.17 -12.67
C ALA D 376 -42.62 19.77 -14.14
N ARG D 377 -43.71 20.22 -14.75
CA ARG D 377 -43.98 19.97 -16.15
C ARG D 377 -43.09 20.82 -17.06
N GLN D 378 -43.01 22.11 -16.79
CA GLN D 378 -42.25 23.05 -17.60
C GLN D 378 -40.74 22.86 -17.59
N VAL D 379 -40.14 22.24 -16.52
CA VAL D 379 -38.67 22.08 -16.53
C VAL D 379 -38.20 21.05 -17.55
N HIS D 380 -39.11 20.23 -18.13
CA HIS D 380 -38.77 19.31 -19.22
C HIS D 380 -38.18 20.07 -20.42
N LEU D 381 -38.45 21.37 -20.54
CA LEU D 381 -37.89 22.19 -21.62
C LEU D 381 -36.37 22.33 -21.49
N CYS D 382 -35.79 22.14 -20.28
CA CYS D 382 -34.36 22.29 -20.04
C CYS D 382 -33.63 20.98 -20.03
N ARG D 383 -32.61 20.85 -20.88
CA ARG D 383 -31.87 19.60 -20.99
C ARG D 383 -31.22 19.16 -19.67
N GLY D 384 -31.40 17.90 -19.37
CA GLY D 384 -30.80 17.31 -18.19
C GLY D 384 -31.53 17.56 -16.91
N VAL D 385 -32.75 18.15 -16.96
CA VAL D 385 -33.53 18.38 -15.75
C VAL D 385 -34.58 17.29 -15.61
N PHE D 386 -34.54 16.57 -14.51
CA PHE D 386 -35.45 15.48 -14.20
C PHE D 386 -36.35 15.95 -13.07
N PRO D 387 -37.60 16.33 -13.39
CA PRO D 387 -38.50 16.85 -12.34
C PRO D 387 -39.14 15.82 -11.43
N LEU D 388 -39.18 16.14 -10.12
CA LEU D 388 -39.83 15.27 -9.17
C LEU D 388 -40.88 16.09 -8.46
N LEU D 389 -42.16 15.66 -8.56
CA LEU D 389 -43.25 16.36 -7.88
C LEU D 389 -43.38 15.93 -6.41
N TYR D 390 -43.04 16.84 -5.49
CA TYR D 390 -43.16 16.59 -4.07
C TYR D 390 -44.60 16.90 -3.58
N ARG D 391 -45.25 15.91 -2.95
CA ARG D 391 -46.66 16.07 -2.56
C ARG D 391 -46.92 16.32 -1.10
N GLU D 392 -45.97 16.02 -0.22
CA GLU D 392 -46.17 16.18 1.21
C GLU D 392 -46.44 17.61 1.66
N PRO D 393 -47.31 17.79 2.68
CA PRO D 393 -47.51 19.14 3.22
C PRO D 393 -46.25 19.59 3.98
N PRO D 394 -45.97 20.90 3.98
CA PRO D 394 -44.75 21.40 4.63
C PRO D 394 -44.59 21.01 6.09
N GLU D 395 -43.37 20.67 6.50
CA GLU D 395 -42.99 20.43 7.88
C GLU D 395 -43.02 21.77 8.63
N ALA D 396 -43.17 21.72 9.97
CA ALA D 396 -43.23 22.92 10.78
C ALA D 396 -41.86 23.61 10.80
N ILE D 397 -40.77 22.83 10.82
CA ILE D 397 -39.44 23.41 10.80
C ILE D 397 -38.94 23.42 9.35
N TRP D 398 -38.73 24.63 8.77
CA TRP D 398 -38.28 24.79 7.40
C TRP D 398 -37.06 23.94 7.03
N ALA D 399 -36.03 23.92 7.87
CA ALA D 399 -34.85 23.11 7.60
C ALA D 399 -35.19 21.62 7.46
N ASP D 400 -36.14 21.11 8.25
CA ASP D 400 -36.57 19.71 8.13
C ASP D 400 -37.34 19.47 6.82
N ASP D 401 -38.09 20.47 6.39
CA ASP D 401 -38.87 20.39 5.17
C ASP D 401 -37.91 20.35 3.96
N VAL D 402 -36.85 21.14 4.03
CA VAL D 402 -35.84 21.16 2.93
C VAL D 402 -35.17 19.78 2.88
N ASP D 403 -34.88 19.19 4.03
CA ASP D 403 -34.15 17.89 4.07
C ASP D 403 -35.02 16.74 3.56
N ARG D 404 -36.31 16.74 3.89
CA ARG D 404 -37.23 15.66 3.43
C ARG D 404 -37.30 15.70 1.91
N ARG D 405 -37.29 16.89 1.34
CA ARG D 405 -37.33 17.05 -0.14
C ARG D 405 -36.02 16.58 -0.75
N VAL D 406 -34.88 16.85 -0.10
CA VAL D 406 -33.58 16.38 -0.58
C VAL D 406 -33.55 14.84 -0.51
N GLN D 407 -34.07 14.25 0.59
CA GLN D 407 -34.17 12.80 0.74
C GLN D 407 -35.14 12.19 -0.27
N PHE D 408 -36.22 12.89 -0.60
CA PHE D 408 -37.13 12.44 -1.63
C PHE D 408 -36.40 12.35 -3.02
N GLY D 409 -35.52 13.32 -3.31
CA GLY D 409 -34.72 13.32 -4.51
C GLY D 409 -33.75 12.16 -4.54
N ILE D 410 -33.12 11.84 -3.39
CA ILE D 410 -32.20 10.72 -3.25
C ILE D 410 -32.94 9.38 -3.42
N GLU D 411 -34.07 9.19 -2.72
CA GLU D 411 -34.86 7.96 -2.80
C GLU D 411 -35.43 7.75 -4.20
N SER D 412 -35.93 8.80 -4.86
CA SER D 412 -36.42 8.67 -6.25
C SER D 412 -35.28 8.30 -7.17
N GLY D 413 -34.12 8.96 -6.99
CA GLY D 413 -32.93 8.73 -7.79
C GLY D 413 -32.43 7.32 -7.66
N LYS D 414 -32.48 6.75 -6.46
CA LYS D 414 -32.04 5.38 -6.20
C LYS D 414 -33.00 4.40 -6.94
N LEU D 415 -34.29 4.62 -6.79
CA LEU D 415 -35.33 3.82 -7.42
C LEU D 415 -35.24 3.87 -8.96
N ARG D 416 -35.00 5.05 -9.53
CA ARG D 416 -34.92 5.21 -10.98
C ARG D 416 -33.57 4.84 -11.61
N GLY D 417 -32.56 4.52 -10.80
CA GLY D 417 -31.26 4.14 -11.31
C GLY D 417 -30.25 5.25 -11.42
N PHE D 418 -30.62 6.50 -11.11
CA PHE D 418 -29.67 7.63 -11.18
C PHE D 418 -28.58 7.52 -10.10
N LEU D 419 -28.92 6.98 -8.92
CA LEU D 419 -28.02 6.97 -7.80
C LEU D 419 -27.82 5.60 -7.22
N ARG D 420 -26.66 5.42 -6.58
CA ARG D 420 -26.26 4.22 -5.86
C ARG D 420 -25.51 4.66 -4.60
N VAL D 421 -25.46 3.79 -3.60
CA VAL D 421 -24.69 4.04 -2.38
C VAL D 421 -23.20 4.24 -2.71
N GLY D 422 -22.60 5.26 -2.14
CA GLY D 422 -21.22 5.59 -2.44
C GLY D 422 -21.06 6.69 -3.47
N ASP D 423 -22.13 7.02 -4.23
CA ASP D 423 -22.07 8.11 -5.21
C ASP D 423 -21.94 9.49 -4.49
N LEU D 424 -21.40 10.47 -5.20
CA LEU D 424 -21.37 11.82 -4.68
C LEU D 424 -22.47 12.59 -5.40
N VAL D 425 -23.17 13.40 -4.67
CA VAL D 425 -24.23 14.23 -5.18
C VAL D 425 -23.95 15.69 -4.73
N ILE D 426 -24.31 16.68 -5.55
CA ILE D 426 -24.21 18.09 -5.23
C ILE D 426 -25.64 18.52 -4.90
N VAL D 427 -25.86 19.17 -3.76
CA VAL D 427 -27.20 19.59 -3.36
C VAL D 427 -27.31 21.12 -3.36
N VAL D 428 -28.27 21.66 -4.13
CA VAL D 428 -28.46 23.10 -4.29
C VAL D 428 -29.75 23.53 -3.64
N THR D 429 -29.64 24.38 -2.60
CA THR D 429 -30.77 24.92 -1.84
C THR D 429 -30.60 26.46 -1.67
N GLY D 430 -31.44 27.06 -0.83
CA GLY D 430 -31.47 28.48 -0.52
C GLY D 430 -31.50 28.75 0.97
N TRP D 431 -31.34 30.00 1.33
CA TRP D 431 -31.25 30.39 2.74
C TRP D 431 -32.61 30.69 3.41
N ARG D 432 -33.68 30.80 2.61
CA ARG D 432 -34.98 31.09 3.13
C ARG D 432 -36.06 30.58 2.21
N PRO D 433 -37.31 30.42 2.71
CA PRO D 433 -38.42 29.99 1.82
C PRO D 433 -38.70 30.99 0.70
N GLY D 434 -39.48 30.59 -0.29
CA GLY D 434 -39.79 31.48 -1.40
C GLY D 434 -38.82 31.38 -2.55
N SER D 435 -39.29 31.74 -3.73
CA SER D 435 -38.51 31.72 -4.96
CA SER D 435 -38.48 31.72 -4.95
C SER D 435 -37.46 32.82 -4.96
N GLY D 436 -36.32 32.56 -5.64
CA GLY D 436 -35.27 33.55 -5.87
C GLY D 436 -34.15 33.65 -4.87
N TYR D 437 -34.06 32.72 -3.92
CA TYR D 437 -33.07 32.76 -2.84
C TYR D 437 -32.06 31.61 -2.80
N THR D 438 -31.93 30.84 -3.89
CA THR D 438 -30.92 29.77 -3.98
C THR D 438 -29.51 30.41 -3.84
N ASN D 439 -28.69 29.84 -2.96
CA ASN D 439 -27.36 30.38 -2.71
C ASN D 439 -26.42 29.36 -2.02
N ILE D 440 -26.83 28.10 -1.84
CA ILE D 440 -26.04 27.12 -1.13
C ILE D 440 -25.80 25.89 -2.02
N MET D 441 -24.57 25.43 -2.05
CA MET D 441 -24.13 24.25 -2.78
C MET D 441 -23.42 23.33 -1.72
N ARG D 442 -23.86 22.08 -1.58
CA ARG D 442 -23.28 21.15 -0.60
C ARG D 442 -22.87 19.81 -1.27
N VAL D 443 -21.72 19.26 -0.89
CA VAL D 443 -21.26 17.98 -1.43
C VAL D 443 -21.71 16.88 -0.49
N LEU D 444 -22.52 15.94 -0.97
CA LEU D 444 -23.11 14.89 -0.16
C LEU D 444 -22.76 13.50 -0.67
N SER D 445 -22.52 12.57 0.24
CA SER D 445 -22.23 11.19 -0.14
C SER D 445 -23.49 10.38 0.04
N ILE D 446 -23.83 9.54 -0.94
CA ILE D 446 -25.03 8.74 -0.84
C ILE D 446 -24.86 7.55 0.11
N SER D 447 -25.72 7.47 1.13
CA SER D 447 -25.69 6.36 2.09
C SER D 447 -26.97 5.47 1.91
N ALA E 25 -20.02 -25.16 13.74
CA ALA E 25 -20.73 -24.52 14.85
C ALA E 25 -20.29 -25.08 16.21
N PHE E 26 -20.07 -26.41 16.27
CA PHE E 26 -19.62 -27.09 17.49
C PHE E 26 -18.25 -26.55 17.92
N PHE E 27 -17.33 -26.37 16.97
CA PHE E 27 -15.98 -25.92 17.28
C PHE E 27 -15.85 -24.40 17.50
N GLN E 28 -16.96 -23.64 17.41
CA GLN E 28 -16.96 -22.21 17.72
C GLN E 28 -17.49 -21.95 19.16
N GLN E 29 -18.27 -22.90 19.72
CA GLN E 29 -18.83 -22.85 21.07
C GLN E 29 -17.79 -23.27 22.13
N GLN E 30 -18.11 -23.02 23.42
CA GLN E 30 -17.34 -23.34 24.63
C GLN E 30 -15.84 -23.04 24.54
N GLN E 31 -15.50 -21.88 23.94
CA GLN E 31 -14.12 -21.39 23.75
C GLN E 31 -13.20 -22.44 23.11
N LEU E 32 -13.74 -23.26 22.19
CA LEU E 32 -12.92 -24.28 21.52
C LEU E 32 -11.82 -23.68 20.64
N PRO E 33 -12.02 -22.55 19.93
CA PRO E 33 -10.88 -21.95 19.20
C PRO E 33 -9.72 -21.58 20.14
N ALA E 34 -10.03 -21.03 21.32
CA ALA E 34 -9.04 -20.65 22.33
C ALA E 34 -8.40 -21.88 23.00
N ALA E 35 -9.11 -23.01 23.04
CA ALA E 35 -8.63 -24.25 23.64
C ALA E 35 -7.55 -24.93 22.78
N MET E 36 -7.58 -24.74 21.45
CA MET E 36 -6.57 -25.34 20.57
C MET E 36 -5.31 -24.50 20.40
N ALA E 37 -5.20 -23.35 21.10
CA ALA E 37 -4.03 -22.47 20.99
C ALA E 37 -2.75 -23.14 21.47
N ASP E 38 -1.63 -22.80 20.83
CA ASP E 38 -0.32 -23.38 21.18
C ASP E 38 0.37 -22.70 22.37
N THR E 39 -0.07 -21.48 22.72
CA THR E 39 0.46 -20.75 23.89
C THR E 39 -0.70 -20.19 24.71
N PHE E 40 -0.44 -19.91 25.99
CA PHE E 40 -1.41 -19.31 26.89
C PHE E 40 -1.79 -17.90 26.40
N LEU E 41 -0.82 -17.16 25.87
CA LEU E 41 -1.02 -15.83 25.33
C LEU E 41 -1.98 -15.88 24.13
N GLU E 42 -1.76 -16.83 23.20
CA GLU E 42 -2.64 -17.04 22.03
CA GLU E 42 -2.65 -16.95 22.05
C GLU E 42 -4.05 -17.45 22.47
N HIS E 43 -4.12 -18.25 23.56
CA HIS E 43 -5.37 -18.73 24.14
C HIS E 43 -6.16 -17.54 24.62
N LEU E 44 -5.53 -16.59 25.36
CA LEU E 44 -6.21 -15.39 25.82
C LEU E 44 -6.74 -14.57 24.66
N CYS E 45 -5.91 -14.39 23.61
CA CYS E 45 -6.27 -13.63 22.41
C CYS E 45 -7.47 -14.21 21.69
N LEU E 46 -7.64 -15.53 21.75
CA LEU E 46 -8.73 -16.21 21.07
C LEU E 46 -10.04 -16.30 21.88
N LEU E 47 -10.08 -15.78 23.13
CA LEU E 47 -11.31 -15.81 23.91
C LEU E 47 -12.38 -14.96 23.23
N ASP E 48 -13.58 -15.51 23.11
CA ASP E 48 -14.67 -14.86 22.38
C ASP E 48 -15.91 -14.70 23.25
N ILE E 49 -16.39 -13.45 23.39
CA ILE E 49 -17.61 -13.20 24.16
C ILE E 49 -18.87 -13.81 23.49
N ASP E 50 -18.81 -14.09 22.20
CA ASP E 50 -19.89 -14.72 21.45
C ASP E 50 -19.83 -16.27 21.49
N SER E 51 -18.76 -16.85 22.04
CA SER E 51 -18.60 -18.31 22.13
C SER E 51 -19.35 -18.74 23.37
N GLU E 52 -20.56 -19.31 23.19
CA GLU E 52 -21.42 -19.67 24.31
C GLU E 52 -21.04 -20.97 25.01
N PRO E 53 -21.12 -20.97 26.36
CA PRO E 53 -20.80 -22.22 27.09
C PRO E 53 -21.86 -23.29 26.84
N VAL E 54 -21.44 -24.54 26.66
CA VAL E 54 -22.39 -25.62 26.41
C VAL E 54 -22.40 -26.65 27.54
N ALA E 55 -21.22 -26.94 28.10
CA ALA E 55 -21.08 -27.87 29.20
C ALA E 55 -21.80 -27.41 30.48
N ALA E 56 -22.16 -28.38 31.33
CA ALA E 56 -22.80 -28.08 32.59
C ALA E 56 -21.79 -27.42 33.53
N ARG E 57 -22.27 -26.53 34.43
CA ARG E 57 -21.44 -25.82 35.38
C ARG E 57 -20.81 -26.80 36.35
N SER E 58 -19.50 -26.87 36.38
CA SER E 58 -18.76 -27.84 37.17
C SER E 58 -18.24 -27.34 38.53
N THR E 59 -18.13 -26.03 38.78
CA THR E 59 -17.67 -25.52 40.07
C THR E 59 -18.89 -25.42 40.96
N SER E 60 -18.88 -26.13 42.10
CA SER E 60 -20.05 -26.11 42.98
C SER E 60 -20.22 -24.80 43.71
N ILE E 61 -21.48 -24.48 43.99
CA ILE E 61 -21.80 -23.26 44.71
C ILE E 61 -22.22 -23.63 46.12
N ILE E 62 -21.56 -23.03 47.11
CA ILE E 62 -21.90 -23.21 48.50
C ILE E 62 -22.66 -21.94 48.90
N ALA E 63 -23.88 -22.09 49.43
CA ALA E 63 -24.67 -20.92 49.84
C ALA E 63 -24.94 -21.01 51.32
N THR E 64 -24.67 -19.90 52.05
CA THR E 64 -24.92 -19.86 53.48
C THR E 64 -26.41 -19.65 53.75
N ILE E 65 -27.01 -20.57 54.52
CA ILE E 65 -28.43 -20.48 54.82
C ILE E 65 -28.65 -19.71 56.12
N GLY E 66 -29.41 -18.61 56.02
CA GLY E 66 -29.69 -17.74 57.16
C GLY E 66 -31.07 -17.12 57.08
N PRO E 67 -31.29 -16.01 57.79
CA PRO E 67 -32.62 -15.37 57.77
C PRO E 67 -33.22 -15.09 56.38
N ALA E 68 -32.37 -14.67 55.42
CA ALA E 68 -32.83 -14.33 54.07
C ALA E 68 -33.09 -15.51 53.14
N SER E 69 -32.66 -16.71 53.53
CA SER E 69 -32.74 -17.88 52.66
C SER E 69 -33.25 -19.16 53.34
N ARG E 70 -33.83 -19.04 54.53
CA ARG E 70 -34.31 -20.20 55.28
C ARG E 70 -35.59 -20.86 54.82
N SER E 71 -36.56 -20.09 54.28
CA SER E 71 -37.86 -20.67 53.91
C SER E 71 -37.76 -21.75 52.88
N VAL E 72 -38.60 -22.79 53.00
CA VAL E 72 -38.65 -23.94 52.10
C VAL E 72 -38.86 -23.51 50.65
N GLU E 73 -39.75 -22.53 50.43
CA GLU E 73 -40.04 -21.99 49.11
C GLU E 73 -38.80 -21.28 48.49
N ARG E 74 -38.08 -20.49 49.31
CA ARG E 74 -36.87 -19.77 48.90
C ARG E 74 -35.76 -20.78 48.59
N LEU E 75 -35.61 -21.81 49.43
CA LEU E 75 -34.63 -22.87 49.25
C LEU E 75 -34.83 -23.64 47.95
N LYS E 76 -36.07 -23.88 47.53
CA LYS E 76 -36.34 -24.56 46.26
C LYS E 76 -35.84 -23.70 45.09
N GLU E 77 -36.01 -22.37 45.18
CA GLU E 77 -35.54 -21.44 44.16
C GLU E 77 -34.01 -21.42 44.13
N MET E 78 -33.35 -21.53 45.30
CA MET E 78 -31.89 -21.55 45.39
CA MET E 78 -31.89 -21.54 45.38
C MET E 78 -31.32 -22.85 44.81
N ILE E 79 -32.04 -23.97 44.99
CA ILE E 79 -31.62 -25.26 44.43
C ILE E 79 -31.71 -25.17 42.92
N LYS E 80 -32.81 -24.60 42.39
CA LYS E 80 -32.99 -24.42 40.95
C LYS E 80 -31.96 -23.45 40.36
N ALA E 81 -31.55 -22.42 41.13
CA ALA E 81 -30.55 -21.44 40.71
C ALA E 81 -29.13 -22.06 40.66
N GLY E 82 -28.89 -23.13 41.41
CA GLY E 82 -27.62 -23.84 41.36
C GLY E 82 -26.93 -24.20 42.66
N MET E 83 -27.55 -23.94 43.82
CA MET E 83 -26.92 -24.25 45.10
C MET E 83 -26.66 -25.76 45.23
N ASN E 84 -25.41 -26.14 45.52
CA ASN E 84 -25.04 -27.56 45.65
C ASN E 84 -24.79 -27.95 47.08
N ILE E 85 -24.31 -27.00 47.90
CA ILE E 85 -23.98 -27.21 49.30
C ILE E 85 -24.59 -26.09 50.13
N ALA E 86 -25.30 -26.44 51.21
CA ALA E 86 -25.89 -25.47 52.12
C ALA E 86 -24.96 -25.33 53.31
N ARG E 87 -24.51 -24.12 53.60
CA ARG E 87 -23.60 -23.89 54.72
C ARG E 87 -24.37 -23.30 55.92
N LEU E 88 -24.11 -23.83 57.13
CA LEU E 88 -24.73 -23.32 58.36
C LEU E 88 -23.63 -22.74 59.21
N ASN E 89 -23.67 -21.43 59.44
CA ASN E 89 -22.62 -20.77 60.20
C ASN E 89 -22.89 -20.84 61.70
N PHE E 90 -22.15 -21.71 62.41
CA PHE E 90 -22.34 -21.85 63.86
C PHE E 90 -21.73 -20.72 64.68
N SER E 91 -21.27 -19.64 64.04
CA SER E 91 -20.86 -18.44 64.73
C SER E 91 -22.12 -17.62 65.14
N HIS E 92 -23.24 -17.80 64.43
CA HIS E 92 -24.52 -17.15 64.68
C HIS E 92 -25.60 -18.23 64.98
N GLY E 93 -26.73 -17.80 65.52
CA GLY E 93 -27.84 -18.70 65.82
C GLY E 93 -27.62 -19.69 66.93
N SER E 94 -28.56 -20.60 67.07
CA SER E 94 -28.53 -21.63 68.09
C SER E 94 -28.69 -23.00 67.44
N HIS E 95 -28.56 -24.09 68.24
CA HIS E 95 -28.76 -25.45 67.74
C HIS E 95 -30.18 -25.62 67.20
N GLU E 96 -31.17 -25.04 67.88
CA GLU E 96 -32.56 -25.12 67.47
C GLU E 96 -32.79 -24.39 66.14
N TYR E 97 -32.14 -23.24 65.97
CA TYR E 97 -32.24 -22.43 64.76
C TYR E 97 -31.65 -23.19 63.55
N HIS E 98 -30.43 -23.74 63.71
CA HIS E 98 -29.77 -24.49 62.64
C HIS E 98 -30.46 -25.80 62.33
N ALA E 99 -31.06 -26.46 63.34
CA ALA E 99 -31.82 -27.69 63.07
C ALA E 99 -33.02 -27.39 62.19
N GLU E 100 -33.68 -26.24 62.42
CA GLU E 100 -34.83 -25.82 61.62
C GLU E 100 -34.40 -25.53 60.19
N SER E 101 -33.24 -24.86 60.02
CA SER E 101 -32.69 -24.57 58.70
C SER E 101 -32.37 -25.88 57.94
N ILE E 102 -31.72 -26.86 58.61
CA ILE E 102 -31.39 -28.16 58.04
C ILE E 102 -32.66 -28.88 57.58
N ALA E 103 -33.72 -28.86 58.43
CA ALA E 103 -34.97 -29.50 58.09
C ALA E 103 -35.61 -28.85 56.87
N ASN E 104 -35.53 -27.51 56.75
CA ASN E 104 -36.07 -26.78 55.60
C ASN E 104 -35.29 -27.08 54.33
N VAL E 105 -33.95 -27.22 54.42
CA VAL E 105 -33.12 -27.56 53.27
C VAL E 105 -33.52 -28.96 52.79
N ARG E 106 -33.56 -29.93 53.73
CA ARG E 106 -33.96 -31.30 53.39
C ARG E 106 -35.36 -31.40 52.80
N GLU E 107 -36.30 -30.57 53.27
CA GLU E 107 -37.65 -30.57 52.72
C GLU E 107 -37.66 -30.04 51.29
N ALA E 108 -36.90 -28.96 51.03
CA ALA E 108 -36.79 -28.40 49.68
C ALA E 108 -36.07 -29.36 48.74
N VAL E 109 -35.02 -30.06 49.22
CA VAL E 109 -34.26 -31.02 48.42
C VAL E 109 -35.13 -32.23 48.08
N GLU E 110 -35.85 -32.77 49.08
CA GLU E 110 -36.69 -33.94 48.87
C GLU E 110 -37.95 -33.66 48.09
N SER E 111 -38.33 -32.38 47.88
CA SER E 111 -39.48 -32.05 47.05
C SER E 111 -39.25 -32.43 45.57
N PHE E 112 -38.00 -32.65 45.15
CA PHE E 112 -37.66 -33.04 43.78
C PHE E 112 -37.32 -34.55 43.66
N ALA E 113 -37.37 -35.33 44.76
CA ALA E 113 -37.02 -36.76 44.77
C ALA E 113 -37.97 -37.67 43.99
N GLY E 114 -39.18 -37.19 43.71
CA GLY E 114 -40.19 -37.93 42.97
C GLY E 114 -39.80 -38.23 41.53
N SER E 115 -38.88 -37.44 40.97
CA SER E 115 -38.35 -37.65 39.62
C SER E 115 -36.85 -37.98 39.78
N PRO E 116 -36.50 -39.26 39.99
CA PRO E 116 -35.08 -39.62 40.23
C PRO E 116 -34.08 -39.30 39.11
N LEU E 117 -34.57 -39.16 37.86
CA LEU E 117 -33.77 -38.83 36.69
C LEU E 117 -33.32 -37.35 36.65
N SER E 118 -33.90 -36.50 37.54
CA SER E 118 -33.56 -35.06 37.62
C SER E 118 -33.26 -34.57 39.06
N TYR E 119 -33.39 -35.44 40.07
CA TYR E 119 -33.12 -35.12 41.48
C TYR E 119 -31.69 -34.64 41.69
N ARG E 120 -31.54 -33.53 42.41
CA ARG E 120 -30.23 -32.99 42.69
C ARG E 120 -29.89 -33.11 44.17
N PRO E 121 -28.89 -33.93 44.52
CA PRO E 121 -28.47 -34.01 45.92
C PRO E 121 -27.86 -32.69 46.40
N VAL E 122 -28.08 -32.29 47.66
CA VAL E 122 -27.51 -31.05 48.21
C VAL E 122 -26.81 -31.39 49.51
N ALA E 123 -25.51 -31.11 49.62
CA ALA E 123 -24.78 -31.40 50.82
C ALA E 123 -25.09 -30.40 51.94
N ILE E 124 -24.91 -30.80 53.19
CA ILE E 124 -25.09 -29.90 54.32
C ILE E 124 -23.77 -29.76 55.05
N ALA E 125 -23.27 -28.54 55.14
CA ALA E 125 -21.99 -28.26 55.74
C ALA E 125 -22.12 -27.41 56.99
N LEU E 126 -21.42 -27.81 58.06
CA LEU E 126 -21.44 -27.10 59.32
C LEU E 126 -20.16 -26.30 59.44
N ASP E 127 -20.26 -24.98 59.52
CA ASP E 127 -19.07 -24.13 59.69
C ASP E 127 -18.94 -23.82 61.19
N THR E 128 -17.86 -24.30 61.85
CA THR E 128 -17.68 -24.09 63.28
C THR E 128 -17.32 -22.65 63.67
N LYS E 129 -17.61 -22.28 64.94
CA LYS E 129 -17.31 -20.95 65.47
C LYS E 129 -15.79 -20.70 65.56
N GLY E 130 -15.05 -21.72 65.99
CA GLY E 130 -13.61 -21.63 66.07
C GLY E 130 -13.05 -21.66 67.48
N PRO E 131 -11.71 -21.66 67.65
CA PRO E 131 -11.11 -21.78 68.98
C PRO E 131 -10.94 -20.46 69.73
N GLY E 132 -9.75 -20.23 70.30
CA GLY E 132 -9.48 -18.99 71.05
C GLY E 132 -8.38 -19.19 72.07
N GLY E 136 -6.92 -24.07 70.43
CA GLY E 136 -7.32 -25.40 70.89
C GLY E 136 -8.68 -25.80 70.37
N LEU E 137 -9.28 -26.87 70.90
CA LEU E 137 -10.65 -27.25 70.49
C LEU E 137 -11.61 -26.70 71.55
N SER E 138 -12.36 -25.65 71.21
CA SER E 138 -13.25 -24.97 72.18
C SER E 138 -14.34 -25.92 72.70
N GLU E 139 -15.01 -25.53 73.80
CA GLU E 139 -16.10 -26.34 74.32
C GLU E 139 -17.36 -26.21 73.48
N GLN E 140 -17.61 -25.01 72.90
CA GLN E 140 -18.77 -24.80 72.03
C GLN E 140 -18.61 -25.61 70.75
N ASP E 141 -17.38 -25.67 70.20
CA ASP E 141 -17.09 -26.45 69.00
C ASP E 141 -17.37 -27.92 69.25
N VAL E 142 -16.99 -28.44 70.42
CA VAL E 142 -17.26 -29.84 70.76
C VAL E 142 -18.77 -30.15 70.72
N ARG E 143 -19.57 -29.23 71.27
CA ARG E 143 -21.02 -29.38 71.27
C ARG E 143 -21.63 -29.26 69.87
N ASP E 144 -21.14 -28.30 69.07
CA ASP E 144 -21.64 -28.07 67.71
C ASP E 144 -21.26 -29.22 66.78
N LEU E 145 -20.04 -29.76 66.92
CA LEU E 145 -19.60 -30.90 66.14
C LEU E 145 -20.45 -32.13 66.45
N ARG E 146 -20.79 -32.31 67.74
CA ARG E 146 -21.67 -33.40 68.18
C ARG E 146 -23.06 -33.23 67.55
N PHE E 147 -23.54 -31.99 67.47
CA PHE E 147 -24.83 -31.65 66.86
C PHE E 147 -24.81 -32.08 65.39
N GLY E 148 -23.71 -31.79 64.70
CA GLY E 148 -23.54 -32.13 63.28
C GLY E 148 -23.63 -33.61 63.02
N VAL E 149 -23.00 -34.41 63.88
CA VAL E 149 -23.06 -35.87 63.77
C VAL E 149 -24.50 -36.34 63.98
N GLU E 150 -25.18 -35.81 65.01
CA GLU E 150 -26.56 -36.16 65.31
C GLU E 150 -27.54 -35.75 64.21
N HIS E 151 -27.23 -34.67 63.50
CA HIS E 151 -28.08 -34.21 62.40
C HIS E 151 -27.62 -34.67 61.01
N GLY E 152 -26.63 -35.57 60.95
CA GLY E 152 -26.12 -36.15 59.72
C GLY E 152 -25.53 -35.20 58.70
N VAL E 153 -24.73 -34.21 59.16
CA VAL E 153 -24.10 -33.28 58.23
C VAL E 153 -23.06 -34.02 57.39
N ASP E 154 -22.83 -33.56 56.16
CA ASP E 154 -21.89 -34.21 55.26
C ASP E 154 -20.47 -33.65 55.40
N ILE E 155 -20.37 -32.36 55.69
CA ILE E 155 -19.09 -31.67 55.73
C ILE E 155 -18.96 -30.79 56.95
N VAL E 156 -17.72 -30.60 57.40
CA VAL E 156 -17.40 -29.66 58.46
C VAL E 156 -16.38 -28.67 57.88
N PHE E 157 -16.71 -27.38 57.93
CA PHE E 157 -15.75 -26.35 57.54
C PHE E 157 -15.15 -25.96 58.89
N ALA E 158 -13.97 -26.50 59.22
CA ALA E 158 -13.34 -26.23 60.51
C ALA E 158 -12.64 -24.89 60.57
N SER E 159 -13.17 -23.93 61.35
CA SER E 159 -12.58 -22.61 61.49
C SER E 159 -11.21 -22.58 62.15
N PHE E 160 -10.40 -21.61 61.72
CA PHE E 160 -9.06 -21.31 62.23
C PHE E 160 -8.16 -22.53 62.47
N VAL E 161 -7.99 -23.38 61.44
CA VAL E 161 -7.09 -24.53 61.56
C VAL E 161 -5.66 -23.97 61.42
N ARG E 162 -4.79 -24.26 62.40
CA ARG E 162 -3.42 -23.74 62.43
C ARG E 162 -2.34 -24.82 62.32
N LYS E 163 -2.70 -26.09 62.53
CA LYS E 163 -1.75 -27.20 62.51
C LYS E 163 -2.49 -28.54 62.34
N ALA E 164 -1.75 -29.63 62.07
CA ALA E 164 -2.36 -30.95 61.88
C ALA E 164 -3.11 -31.44 63.13
N SER E 165 -2.67 -31.05 64.34
CA SER E 165 -3.36 -31.48 65.56
C SER E 165 -4.76 -30.89 65.70
N ASP E 166 -5.01 -29.71 65.10
CA ASP E 166 -6.34 -29.08 65.10
C ASP E 166 -7.34 -29.95 64.34
N VAL E 167 -6.90 -30.53 63.20
CA VAL E 167 -7.74 -31.40 62.39
C VAL E 167 -8.05 -32.70 63.16
N ALA E 168 -7.03 -33.24 63.85
CA ALA E 168 -7.19 -34.45 64.64
C ALA E 168 -8.20 -34.24 65.76
N ALA E 169 -8.20 -33.05 66.40
CA ALA E 169 -9.15 -32.71 67.45
C ALA E 169 -10.57 -32.66 66.92
N VAL E 170 -10.77 -32.08 65.73
CA VAL E 170 -12.10 -32.02 65.09
C VAL E 170 -12.56 -33.44 64.76
N ARG E 171 -11.64 -34.28 64.25
CA ARG E 171 -11.91 -35.66 63.91
C ARG E 171 -12.34 -36.45 65.14
N ALA E 172 -11.63 -36.24 66.28
CA ALA E 172 -11.94 -36.89 67.55
C ALA E 172 -13.30 -36.47 68.08
N ALA E 173 -13.62 -35.16 68.02
CA ALA E 173 -14.91 -34.62 68.48
C ALA E 173 -16.11 -35.13 67.67
N LEU E 174 -15.87 -35.60 66.44
CA LEU E 174 -16.95 -36.18 65.64
C LEU E 174 -17.31 -37.63 66.08
N GLY E 175 -16.47 -38.24 66.91
CA GLY E 175 -16.68 -39.57 67.44
C GLY E 175 -16.59 -40.70 66.44
N PRO E 176 -17.02 -41.89 66.86
CA PRO E 176 -16.97 -43.05 65.95
C PRO E 176 -18.00 -42.99 64.82
N GLU E 177 -19.15 -42.31 65.06
CA GLU E 177 -20.20 -42.23 64.05
C GLU E 177 -20.01 -41.11 63.01
N GLY E 178 -19.03 -40.23 63.23
CA GLY E 178 -18.74 -39.15 62.28
C GLY E 178 -17.52 -39.42 61.42
N HIS E 179 -17.18 -40.71 61.22
CA HIS E 179 -16.01 -41.08 60.41
CA HIS E 179 -16.01 -41.08 60.41
C HIS E 179 -16.17 -40.70 58.93
N GLY E 180 -17.41 -40.71 58.44
CA GLY E 180 -17.71 -40.39 57.05
C GLY E 180 -17.78 -38.92 56.70
N ILE E 181 -17.88 -38.04 57.71
CA ILE E 181 -17.96 -36.61 57.49
C ILE E 181 -16.64 -36.04 56.93
N LYS E 182 -16.72 -35.21 55.89
CA LYS E 182 -15.52 -34.62 55.30
C LYS E 182 -15.08 -33.42 56.10
N ILE E 183 -13.79 -33.31 56.37
CA ILE E 183 -13.25 -32.16 57.10
C ILE E 183 -12.51 -31.25 56.14
N ILE E 184 -13.06 -30.05 55.93
CA ILE E 184 -12.48 -29.03 55.07
C ILE E 184 -11.86 -28.02 56.03
N SER E 185 -10.53 -27.92 56.05
CA SER E 185 -9.85 -26.99 56.96
C SER E 185 -9.86 -25.57 56.46
N LYS E 186 -10.35 -24.63 57.28
CA LYS E 186 -10.35 -23.23 56.90
C LYS E 186 -9.01 -22.61 57.27
N ILE E 187 -8.30 -22.06 56.27
CA ILE E 187 -7.03 -21.39 56.52
C ILE E 187 -7.35 -19.92 56.64
N GLU E 188 -7.23 -19.36 57.86
CA GLU E 188 -7.62 -17.97 58.13
C GLU E 188 -6.54 -17.09 58.75
N ASN E 189 -5.32 -17.61 58.92
CA ASN E 189 -4.24 -16.80 59.54
C ASN E 189 -2.85 -17.17 59.02
N HIS E 190 -1.80 -16.43 59.47
CA HIS E 190 -0.44 -16.67 59.04
C HIS E 190 0.03 -18.09 59.34
N GLU E 191 -0.26 -18.61 60.54
CA GLU E 191 0.18 -19.95 60.92
C GLU E 191 -0.41 -21.03 60.02
N GLY E 192 -1.69 -20.91 59.69
CA GLY E 192 -2.37 -21.85 58.81
C GLY E 192 -1.73 -21.88 57.43
N VAL E 193 -1.33 -20.71 56.92
CA VAL E 193 -0.67 -20.60 55.63
C VAL E 193 0.71 -21.25 55.67
N LYS E 194 1.48 -20.97 56.74
CA LYS E 194 2.82 -21.53 56.90
C LYS E 194 2.85 -23.04 57.14
N ARG E 195 1.86 -23.55 57.88
CA ARG E 195 1.77 -24.98 58.13
C ARG E 195 0.80 -25.69 57.17
N PHE E 196 0.50 -25.07 56.01
CA PHE E 196 -0.43 -25.55 55.00
C PHE E 196 -0.23 -27.02 54.61
N ASP E 197 0.99 -27.41 54.25
CA ASP E 197 1.26 -28.78 53.80
C ASP E 197 0.89 -29.83 54.82
N GLU E 198 1.17 -29.57 56.12
CA GLU E 198 0.82 -30.54 57.16
C GLU E 198 -0.67 -30.62 57.41
N ILE E 199 -1.37 -29.49 57.21
CA ILE E 199 -2.82 -29.40 57.37
C ILE E 199 -3.51 -30.13 56.22
N LEU E 200 -3.10 -29.85 54.99
CA LEU E 200 -3.67 -30.47 53.79
C LEU E 200 -3.52 -32.00 53.83
N GLU E 201 -2.38 -32.48 54.31
CA GLU E 201 -2.08 -33.90 54.41
CA GLU E 201 -2.09 -33.90 54.40
C GLU E 201 -3.14 -34.66 55.21
N VAL E 202 -3.61 -34.08 56.33
CA VAL E 202 -4.60 -34.74 57.18
C VAL E 202 -6.04 -34.31 56.91
N SER E 203 -6.27 -33.29 56.07
CA SER E 203 -7.61 -32.81 55.79
C SER E 203 -8.18 -33.44 54.53
N ASP E 204 -9.49 -33.41 54.38
CA ASP E 204 -10.14 -33.87 53.15
C ASP E 204 -10.11 -32.77 52.06
N GLY E 205 -9.95 -31.52 52.48
CA GLY E 205 -9.89 -30.37 51.62
C GLY E 205 -9.61 -29.09 52.38
N ILE E 206 -9.61 -27.95 51.67
CA ILE E 206 -9.26 -26.66 52.24
C ILE E 206 -10.25 -25.55 51.86
N MET E 207 -10.44 -24.57 52.74
CA MET E 207 -11.20 -23.40 52.41
C MET E 207 -10.28 -22.19 52.59
N VAL E 208 -10.20 -21.35 51.55
CA VAL E 208 -9.43 -20.12 51.64
C VAL E 208 -10.42 -19.11 52.22
N ALA E 209 -10.39 -18.96 53.55
CA ALA E 209 -11.30 -18.09 54.30
C ALA E 209 -10.71 -16.68 54.30
N ARG E 210 -10.96 -15.95 53.20
CA ARG E 210 -10.37 -14.65 52.92
C ARG E 210 -10.73 -13.52 53.88
N GLY E 211 -11.89 -13.59 54.53
CA GLY E 211 -12.32 -12.58 55.49
C GLY E 211 -11.34 -12.41 56.64
N ASP E 212 -11.12 -13.48 57.42
CA ASP E 212 -10.15 -13.42 58.52
C ASP E 212 -8.74 -13.36 58.00
N LEU E 213 -8.44 -14.09 56.93
CA LEU E 213 -7.10 -14.09 56.33
C LEU E 213 -6.66 -12.68 55.92
N GLY E 214 -7.59 -11.87 55.44
CA GLY E 214 -7.36 -10.48 55.04
C GLY E 214 -7.12 -9.51 56.18
N ILE E 215 -7.41 -9.95 57.42
CA ILE E 215 -7.17 -9.17 58.63
C ILE E 215 -5.90 -9.69 59.33
N GLU E 216 -5.66 -11.01 59.27
CA GLU E 216 -4.53 -11.67 59.90
C GLU E 216 -3.22 -11.42 59.17
N ILE E 217 -3.28 -11.34 57.83
CA ILE E 217 -2.12 -11.02 56.98
C ILE E 217 -2.43 -9.74 56.17
N PRO E 218 -1.44 -9.03 55.61
CA PRO E 218 -1.77 -7.82 54.82
C PRO E 218 -2.77 -8.12 53.72
N ALA E 219 -3.76 -7.25 53.55
CA ALA E 219 -4.83 -7.47 52.57
C ALA E 219 -4.30 -7.71 51.14
N GLU E 220 -3.22 -7.02 50.77
CA GLU E 220 -2.62 -7.15 49.46
C GLU E 220 -1.90 -8.47 49.22
N LYS E 221 -1.79 -9.34 50.25
CA LYS E 221 -1.12 -10.63 50.13
C LYS E 221 -2.09 -11.81 50.02
N VAL E 222 -3.40 -11.59 50.29
CA VAL E 222 -4.39 -12.66 50.25
C VAL E 222 -4.42 -13.41 48.91
N PHE E 223 -4.33 -12.70 47.77
CA PHE E 223 -4.32 -13.35 46.47
C PHE E 223 -3.17 -14.36 46.30
N LEU E 224 -2.01 -14.10 46.94
CA LEU E 224 -0.88 -15.02 46.86
C LEU E 224 -1.21 -16.29 47.61
N ALA E 225 -1.80 -16.15 48.81
CA ALA E 225 -2.20 -17.26 49.64
C ALA E 225 -3.28 -18.07 48.93
N GLN E 226 -4.27 -17.40 48.30
CA GLN E 226 -5.32 -18.09 47.56
C GLN E 226 -4.76 -18.89 46.39
N LYS E 227 -3.95 -18.26 45.54
CA LYS E 227 -3.38 -18.94 44.36
C LYS E 227 -2.44 -20.08 44.75
N MET E 228 -1.67 -19.93 45.84
CA MET E 228 -0.77 -20.98 46.33
C MET E 228 -1.59 -22.20 46.83
N MET E 229 -2.59 -21.95 47.69
CA MET E 229 -3.40 -23.01 48.26
C MET E 229 -4.21 -23.75 47.21
N ILE E 230 -4.79 -23.01 46.24
CA ILE E 230 -5.54 -23.66 45.17
C ILE E 230 -4.61 -24.55 44.32
N GLY E 231 -3.43 -24.04 43.99
CA GLY E 231 -2.44 -24.82 43.24
C GLY E 231 -2.02 -26.10 43.95
N ARG E 232 -1.69 -25.99 45.24
CA ARG E 232 -1.29 -27.15 46.05
C ARG E 232 -2.41 -28.18 46.21
N CYS E 233 -3.67 -27.72 46.32
CA CYS E 233 -4.81 -28.62 46.42
C CYS E 233 -5.04 -29.32 45.11
N ASN E 234 -4.90 -28.61 43.98
CA ASN E 234 -5.05 -29.20 42.65
C ASN E 234 -3.99 -30.30 42.45
N LEU E 235 -2.77 -30.04 42.93
CA LEU E 235 -1.66 -30.97 42.84
C LEU E 235 -1.97 -32.21 43.71
N ALA E 236 -2.49 -32.01 44.95
CA ALA E 236 -2.85 -33.09 45.86
C ALA E 236 -4.12 -33.86 45.45
N GLY E 237 -4.92 -33.27 44.57
CA GLY E 237 -6.18 -33.88 44.15
C GLY E 237 -7.24 -33.76 45.22
N LYS E 238 -7.15 -32.73 46.10
CA LYS E 238 -8.11 -32.52 47.18
C LYS E 238 -8.95 -31.26 46.95
N PRO E 239 -10.23 -31.27 47.34
CA PRO E 239 -11.07 -30.09 47.11
C PRO E 239 -10.60 -28.80 47.76
N VAL E 240 -10.80 -27.68 47.06
CA VAL E 240 -10.45 -26.37 47.59
C VAL E 240 -11.60 -25.42 47.32
N VAL E 241 -12.01 -24.66 48.35
CA VAL E 241 -13.12 -23.71 48.30
C VAL E 241 -12.58 -22.30 48.34
N CYS E 242 -13.11 -21.41 47.48
CA CYS E 242 -12.75 -19.99 47.58
C CYS E 242 -13.94 -19.32 48.28
N ALA E 243 -13.68 -18.58 49.35
CA ALA E 243 -14.76 -18.00 50.12
C ALA E 243 -14.57 -16.53 50.48
N THR E 244 -15.69 -15.83 50.76
CA THR E 244 -15.88 -14.53 51.37
C THR E 244 -15.72 -13.31 50.44
N GLN E 245 -16.78 -12.49 50.42
CA GLN E 245 -16.89 -11.23 49.71
C GLN E 245 -16.81 -11.36 48.20
N MET E 246 -17.11 -12.55 47.65
CA MET E 246 -17.07 -12.79 46.22
C MET E 246 -18.05 -11.90 45.46
N LEU E 247 -19.28 -11.75 45.99
CA LEU E 247 -20.30 -10.86 45.39
C LEU E 247 -20.88 -9.94 46.48
N GLU E 248 -20.04 -9.48 47.42
CA GLU E 248 -20.43 -8.67 48.57
C GLU E 248 -21.48 -7.59 48.31
N SER E 249 -21.29 -6.74 47.27
CA SER E 249 -22.23 -5.66 46.97
C SER E 249 -23.65 -6.17 46.69
N MET E 250 -23.81 -7.44 46.29
CA MET E 250 -25.13 -8.03 46.02
C MET E 250 -25.97 -8.24 47.31
N ILE E 251 -25.40 -7.91 48.49
CA ILE E 251 -26.14 -7.95 49.75
C ILE E 251 -27.24 -6.87 49.68
N THR E 252 -26.93 -5.69 49.09
CA THR E 252 -27.89 -4.61 48.93
C THR E 252 -28.25 -4.27 47.46
N LYS E 253 -27.40 -4.61 46.48
CA LYS E 253 -27.64 -4.27 45.07
C LYS E 253 -27.97 -5.48 44.20
N PRO E 254 -28.86 -5.32 43.21
CA PRO E 254 -29.26 -6.49 42.39
C PRO E 254 -28.19 -7.01 41.40
N ARG E 255 -27.18 -6.18 41.11
CA ARG E 255 -26.09 -6.56 40.21
C ARG E 255 -24.75 -6.35 40.94
N PRO E 256 -23.75 -7.21 40.67
CA PRO E 256 -22.45 -7.04 41.36
C PRO E 256 -21.55 -6.01 40.66
N THR E 257 -20.43 -5.68 41.31
CA THR E 257 -19.46 -4.77 40.71
C THR E 257 -18.60 -5.54 39.67
N ARG E 258 -17.85 -4.80 38.85
CA ARG E 258 -16.94 -5.40 37.87
C ARG E 258 -15.84 -6.19 38.55
N ALA E 259 -15.41 -5.76 39.75
CA ALA E 259 -14.39 -6.47 40.52
C ALA E 259 -14.91 -7.81 41.06
N GLU E 260 -16.19 -7.87 41.41
CA GLU E 260 -16.83 -9.06 41.95
C GLU E 260 -17.01 -10.16 40.93
N THR E 261 -17.50 -9.84 39.73
CA THR E 261 -17.62 -10.88 38.68
C THR E 261 -16.21 -11.39 38.28
N SER E 262 -15.23 -10.46 38.24
CA SER E 262 -13.85 -10.78 37.94
C SER E 262 -13.28 -11.74 38.99
N ASP E 263 -13.55 -11.48 40.29
CA ASP E 263 -13.11 -12.31 41.40
C ASP E 263 -13.66 -13.74 41.29
N VAL E 264 -14.95 -13.88 40.95
CA VAL E 264 -15.56 -15.19 40.79
C VAL E 264 -14.92 -15.92 39.61
N ALA E 265 -14.79 -15.24 38.46
CA ALA E 265 -14.18 -15.87 37.29
C ALA E 265 -12.75 -16.30 37.55
N ASN E 266 -11.99 -15.44 38.26
CA ASN E 266 -10.60 -15.73 38.57
C ASN E 266 -10.43 -16.84 39.58
N ALA E 267 -11.39 -17.02 40.52
CA ALA E 267 -11.30 -18.15 41.45
C ALA E 267 -11.44 -19.46 40.67
N VAL E 268 -12.34 -19.49 39.67
CA VAL E 268 -12.56 -20.67 38.84
C VAL E 268 -11.30 -20.90 37.98
N LEU E 269 -10.78 -19.83 37.33
CA LEU E 269 -9.57 -19.95 36.53
C LEU E 269 -8.35 -20.38 37.36
N ASP E 270 -8.30 -20.00 38.64
CA ASP E 270 -7.23 -20.41 39.57
C ASP E 270 -7.22 -21.92 39.80
N GLY E 271 -8.40 -22.55 39.77
CA GLY E 271 -8.55 -23.98 39.96
C GLY E 271 -9.44 -24.38 41.14
N ALA E 272 -10.24 -23.42 41.67
CA ALA E 272 -11.12 -23.73 42.81
C ALA E 272 -12.19 -24.75 42.46
N ASP E 273 -12.39 -25.72 43.36
CA ASP E 273 -13.45 -26.71 43.15
C ASP E 273 -14.82 -26.11 43.49
N CYS E 274 -14.88 -25.27 44.52
CA CYS E 274 -16.11 -24.64 44.97
C CYS E 274 -15.95 -23.15 45.13
N ILE E 275 -17.06 -22.42 44.97
CA ILE E 275 -17.15 -21.00 45.24
C ILE E 275 -18.26 -20.80 46.28
N MET E 276 -18.13 -19.82 47.16
CA MET E 276 -19.04 -19.63 48.28
C MET E 276 -19.71 -18.27 48.36
N LEU E 277 -20.93 -18.26 48.91
CA LEU E 277 -21.69 -17.05 49.18
C LEU E 277 -21.95 -17.02 50.69
N SER E 278 -21.60 -15.92 51.37
CA SER E 278 -21.83 -15.81 52.81
C SER E 278 -23.05 -14.89 53.08
N GLY E 279 -22.81 -13.61 53.40
CA GLY E 279 -23.85 -12.62 53.64
C GLY E 279 -24.77 -12.40 52.45
N GLU E 280 -24.26 -12.66 51.23
CA GLU E 280 -25.01 -12.52 49.98
C GLU E 280 -26.29 -13.37 50.01
N THR E 281 -26.22 -14.56 50.64
CA THR E 281 -27.38 -15.43 50.74
C THR E 281 -27.96 -15.50 52.16
N ALA E 282 -27.10 -15.40 53.19
CA ALA E 282 -27.54 -15.51 54.57
C ALA E 282 -28.40 -14.33 55.02
N LYS E 283 -28.02 -13.09 54.69
CA LYS E 283 -28.73 -11.92 55.16
C LYS E 283 -29.10 -10.87 54.10
N GLY E 284 -28.65 -11.04 52.88
CA GLY E 284 -28.86 -10.05 51.83
C GLY E 284 -30.26 -10.00 51.24
N ASN E 285 -30.51 -8.97 50.43
CA ASN E 285 -31.78 -8.74 49.76
C ASN E 285 -31.92 -9.50 48.44
N PHE E 286 -30.83 -10.12 47.91
CA PHE E 286 -30.91 -10.84 46.63
C PHE E 286 -30.23 -12.24 46.69
N PRO E 287 -30.65 -13.13 47.62
CA PRO E 287 -29.98 -14.44 47.72
C PRO E 287 -30.02 -15.31 46.47
N VAL E 288 -31.18 -15.39 45.82
CA VAL E 288 -31.33 -16.22 44.62
C VAL E 288 -30.54 -15.63 43.45
N GLU E 289 -30.53 -14.30 43.35
CA GLU E 289 -29.82 -13.58 42.29
C GLU E 289 -28.28 -13.76 42.45
N ALA E 290 -27.78 -13.85 43.69
CA ALA E 290 -26.37 -14.07 43.95
C ALA E 290 -25.97 -15.48 43.46
N VAL E 291 -26.81 -16.50 43.73
CA VAL E 291 -26.55 -17.86 43.28
C VAL E 291 -26.56 -17.91 41.74
N LYS E 292 -27.55 -17.26 41.12
CA LYS E 292 -27.67 -17.23 39.67
C LYS E 292 -26.45 -16.58 39.02
N MET E 293 -25.94 -15.51 39.63
CA MET E 293 -24.79 -14.78 39.15
C MET E 293 -23.54 -15.66 39.22
N GLN E 294 -23.33 -16.36 40.37
CA GLN E 294 -22.19 -17.27 40.49
C GLN E 294 -22.26 -18.39 39.46
N HIS E 295 -23.47 -18.89 39.21
CA HIS E 295 -23.66 -19.96 38.22
C HIS E 295 -23.26 -19.49 36.81
N ALA E 296 -23.76 -18.32 36.40
CA ALA E 296 -23.51 -17.73 35.09
C ALA E 296 -22.01 -17.46 34.87
N ILE E 297 -21.32 -16.89 35.89
CA ILE E 297 -19.90 -16.61 35.78
C ILE E 297 -19.08 -17.90 35.70
N ALA E 298 -19.33 -18.86 36.62
CA ALA E 298 -18.58 -20.12 36.65
C ALA E 298 -18.64 -20.86 35.32
N ARG E 299 -19.81 -20.91 34.67
CA ARG E 299 -19.94 -21.57 33.36
C ARG E 299 -19.02 -20.92 32.32
N GLU E 300 -19.00 -19.56 32.28
CA GLU E 300 -18.16 -18.83 31.35
C GLU E 300 -16.67 -19.09 31.65
N ALA E 301 -16.28 -19.05 32.93
CA ALA E 301 -14.90 -19.23 33.34
C ALA E 301 -14.38 -20.65 33.10
N GLU E 302 -15.25 -21.67 33.25
CA GLU E 302 -14.84 -23.06 33.01
C GLU E 302 -14.52 -23.31 31.53
N ALA E 303 -15.31 -22.70 30.62
CA ALA E 303 -15.02 -22.81 29.19
C ALA E 303 -13.71 -22.10 28.81
N ALA E 304 -13.33 -21.05 29.54
CA ALA E 304 -12.11 -20.28 29.30
C ALA E 304 -10.86 -20.90 29.92
N VAL E 305 -10.97 -22.06 30.58
CA VAL E 305 -9.81 -22.72 31.17
C VAL E 305 -8.93 -23.27 30.02
N TYR E 306 -7.61 -23.06 30.08
CA TYR E 306 -6.69 -23.53 29.05
C TYR E 306 -6.32 -24.99 29.36
N HIS E 307 -7.21 -25.93 29.00
CA HIS E 307 -7.01 -27.35 29.33
C HIS E 307 -5.71 -27.96 28.80
N ARG E 308 -5.22 -27.50 27.65
CA ARG E 308 -3.97 -28.02 27.09
C ARG E 308 -2.80 -27.93 28.07
N GLN E 309 -2.59 -26.77 28.66
CA GLN E 309 -1.53 -26.58 29.63
C GLN E 309 -1.90 -27.24 30.96
N LEU E 310 -3.15 -27.06 31.41
CA LEU E 310 -3.61 -27.63 32.67
C LEU E 310 -3.47 -29.15 32.74
N PHE E 311 -3.97 -29.89 31.75
CA PHE E 311 -3.87 -31.33 31.72
C PHE E 311 -2.44 -31.80 31.65
N GLU E 312 -1.61 -31.17 30.79
CA GLU E 312 -0.19 -31.50 30.66
CA GLU E 312 -0.20 -31.56 30.71
C GLU E 312 0.54 -31.31 32.01
N GLU E 313 0.25 -30.20 32.70
CA GLU E 313 0.90 -29.92 33.97
C GLU E 313 0.40 -30.83 35.10
N LEU E 314 -0.89 -31.16 35.10
CA LEU E 314 -1.44 -32.05 36.13
C LEU E 314 -0.89 -33.43 35.93
N ARG E 315 -0.92 -33.91 34.69
CA ARG E 315 -0.39 -35.17 34.22
C ARG E 315 1.10 -35.32 34.64
N ARG E 316 1.93 -34.28 34.42
CA ARG E 316 3.35 -34.37 34.72
C ARG E 316 3.67 -34.28 36.19
N ALA E 317 2.97 -33.42 36.93
CA ALA E 317 3.19 -33.30 38.37
C ALA E 317 2.62 -34.49 39.17
N ALA E 318 1.66 -35.23 38.59
CA ALA E 318 1.09 -36.39 39.28
C ALA E 318 2.05 -37.51 39.30
N PRO E 319 2.27 -38.13 40.47
CA PRO E 319 3.28 -39.18 40.55
C PRO E 319 2.87 -40.46 39.86
N LEU E 320 3.86 -41.32 39.55
CA LEU E 320 3.57 -42.64 38.99
C LEU E 320 2.81 -43.45 40.06
N SER E 321 1.87 -44.27 39.62
CA SER E 321 1.05 -45.00 40.56
C SER E 321 0.84 -46.41 40.12
N ARG E 322 0.79 -47.32 41.10
CA ARG E 322 0.48 -48.72 40.85
CA ARG E 322 0.47 -48.71 40.78
C ARG E 322 -0.96 -49.06 41.29
N ASP E 323 -1.80 -48.03 41.59
CA ASP E 323 -3.20 -48.20 42.02
C ASP E 323 -4.04 -48.19 40.76
N PRO E 324 -4.76 -49.30 40.49
CA PRO E 324 -5.56 -49.38 39.26
C PRO E 324 -6.64 -48.33 39.11
N THR E 325 -7.15 -47.75 40.22
CA THR E 325 -8.16 -46.70 40.12
C THR E 325 -7.52 -45.43 39.54
N GLU E 326 -6.34 -45.06 40.07
CA GLU E 326 -5.57 -43.90 39.62
C GLU E 326 -5.12 -44.09 38.15
N VAL E 327 -4.66 -45.31 37.80
CA VAL E 327 -4.26 -45.66 36.43
C VAL E 327 -5.43 -45.61 35.45
N THR E 328 -6.60 -46.12 35.84
CA THR E 328 -7.78 -46.09 35.00
C THR E 328 -8.28 -44.65 34.81
N ALA E 329 -8.24 -43.84 35.89
CA ALA E 329 -8.66 -42.45 35.84
C ALA E 329 -7.91 -41.63 34.80
N ILE E 330 -6.56 -41.73 34.77
CA ILE E 330 -5.79 -40.95 33.80
C ILE E 330 -6.02 -41.47 32.35
N GLY E 331 -6.19 -42.77 32.20
CA GLY E 331 -6.50 -43.36 30.91
C GLY E 331 -7.85 -42.87 30.38
N ALA E 332 -8.87 -42.79 31.28
CA ALA E 332 -10.19 -42.35 30.93
C ALA E 332 -10.22 -40.85 30.58
N VAL E 333 -9.47 -40.02 31.32
CA VAL E 333 -9.42 -38.59 31.03
C VAL E 333 -8.71 -38.34 29.69
N GLU E 334 -7.65 -39.10 29.41
CA GLU E 334 -6.94 -39.02 28.14
C GLU E 334 -7.87 -39.41 27.00
N ALA E 335 -8.61 -40.52 27.16
CA ALA E 335 -9.55 -41.01 26.15
C ALA E 335 -10.68 -40.00 25.91
N ALA E 336 -11.16 -39.36 26.97
CA ALA E 336 -12.23 -38.36 26.86
C ALA E 336 -11.77 -37.17 26.02
N PHE E 337 -10.54 -36.67 26.23
CA PHE E 337 -10.01 -35.55 25.45
C PHE E 337 -9.83 -35.92 23.98
N LYS E 338 -9.39 -37.14 23.71
CA LYS E 338 -9.14 -37.63 22.36
C LYS E 338 -10.38 -37.61 21.47
N CYS E 339 -11.55 -37.96 22.04
CA CYS E 339 -12.79 -38.00 21.25
C CYS E 339 -13.77 -36.88 21.55
N CYS E 340 -13.42 -35.94 22.45
CA CYS E 340 -14.33 -34.88 22.87
C CYS E 340 -15.58 -35.50 23.48
N ALA E 341 -15.37 -36.49 24.37
CA ALA E 341 -16.45 -37.22 25.04
C ALA E 341 -17.34 -36.27 25.79
N ALA E 342 -18.64 -36.45 25.66
CA ALA E 342 -19.60 -35.58 26.35
C ALA E 342 -19.53 -35.79 27.87
N ALA E 343 -19.22 -37.02 28.30
CA ALA E 343 -19.18 -37.33 29.72
C ALA E 343 -18.31 -38.57 29.99
N ILE E 344 -17.92 -38.74 31.25
CA ILE E 344 -17.26 -39.91 31.78
C ILE E 344 -18.25 -40.42 32.85
N ILE E 345 -18.87 -41.58 32.63
CA ILE E 345 -19.81 -42.13 33.59
C ILE E 345 -19.04 -43.09 34.48
N VAL E 346 -19.03 -42.83 35.79
CA VAL E 346 -18.27 -43.67 36.71
C VAL E 346 -19.16 -44.25 37.82
N LEU E 347 -18.92 -45.50 38.17
CA LEU E 347 -19.63 -46.15 39.26
C LEU E 347 -18.73 -45.98 40.49
N THR E 348 -19.24 -45.33 41.54
CA THR E 348 -18.47 -45.14 42.76
C THR E 348 -19.31 -45.46 44.01
N THR E 349 -18.66 -45.91 45.08
CA THR E 349 -19.32 -46.20 46.35
C THR E 349 -19.04 -45.07 47.36
N THR E 350 -17.74 -44.70 47.48
CA THR E 350 -17.29 -43.66 48.39
C THR E 350 -17.09 -42.29 47.72
N GLY E 351 -17.11 -42.26 46.38
CA GLY E 351 -16.86 -41.08 45.59
C GLY E 351 -15.42 -41.01 45.08
N ARG E 352 -14.52 -41.89 45.61
CA ARG E 352 -13.11 -41.89 45.27
C ARG E 352 -12.79 -42.00 43.79
N SER E 353 -13.45 -42.91 43.05
CA SER E 353 -13.18 -43.04 41.62
C SER E 353 -13.53 -41.77 40.87
N ALA E 354 -14.58 -41.06 41.31
CA ALA E 354 -14.98 -39.81 40.67
C ALA E 354 -13.95 -38.71 41.02
N GLN E 355 -13.49 -38.67 42.26
CA GLN E 355 -12.50 -37.71 42.72
C GLN E 355 -11.20 -37.86 41.93
N LEU E 356 -10.74 -39.10 41.68
CA LEU E 356 -9.53 -39.34 40.92
C LEU E 356 -9.67 -38.93 39.45
N LEU E 357 -10.87 -39.01 38.89
CA LEU E 357 -11.11 -38.56 37.52
C LEU E 357 -11.05 -37.02 37.51
N SER E 358 -11.71 -36.38 38.51
CA SER E 358 -11.81 -34.94 38.71
CA SER E 358 -11.80 -34.94 38.68
C SER E 358 -10.47 -34.24 38.85
N ARG E 359 -9.49 -34.88 39.50
CA ARG E 359 -8.17 -34.25 39.71
C ARG E 359 -7.43 -33.95 38.39
N TYR E 360 -7.77 -34.66 37.30
CA TYR E 360 -7.16 -34.41 36.00
C TYR E 360 -7.89 -33.35 35.17
N ARG E 361 -8.92 -32.70 35.77
CA ARG E 361 -9.71 -31.65 35.16
C ARG E 361 -10.17 -31.94 33.73
N PRO E 362 -10.93 -33.04 33.52
CA PRO E 362 -11.43 -33.29 32.17
C PRO E 362 -12.45 -32.23 31.77
N ARG E 363 -12.56 -31.97 30.48
CA ARG E 363 -13.60 -31.08 29.96
C ARG E 363 -14.94 -31.86 30.02
N ALA E 364 -14.92 -33.20 29.83
CA ALA E 364 -16.09 -34.06 29.92
C ALA E 364 -16.61 -34.07 31.35
N ALA E 365 -17.92 -34.02 31.51
CA ALA E 365 -18.57 -34.08 32.82
C ALA E 365 -18.37 -35.45 33.43
N VAL E 366 -18.07 -35.52 34.74
CA VAL E 366 -17.93 -36.81 35.41
C VAL E 366 -19.25 -37.15 36.09
N ILE E 367 -20.05 -37.99 35.43
CA ILE E 367 -21.34 -38.40 35.98
C ILE E 367 -21.12 -39.57 36.94
N ALA E 368 -21.20 -39.31 38.24
CA ALA E 368 -20.93 -40.32 39.27
C ALA E 368 -22.22 -41.00 39.73
N VAL E 369 -22.44 -42.25 39.35
CA VAL E 369 -23.62 -42.99 39.80
C VAL E 369 -23.27 -43.79 41.04
N THR E 370 -23.81 -43.38 42.18
CA THR E 370 -23.55 -44.06 43.45
C THR E 370 -24.85 -44.45 44.16
N ARG E 371 -24.80 -45.48 45.03
CA ARG E 371 -25.98 -45.83 45.84
C ARG E 371 -26.00 -45.07 47.17
N SER E 372 -24.83 -44.57 47.62
CA SER E 372 -24.62 -43.86 48.87
C SER E 372 -25.14 -42.42 48.79
N ALA E 373 -26.19 -42.10 49.56
CA ALA E 373 -26.75 -40.74 49.59
C ALA E 373 -25.70 -39.74 50.10
N GLN E 374 -24.92 -40.14 51.11
CA GLN E 374 -23.87 -39.28 51.65
C GLN E 374 -22.77 -39.00 50.61
N ALA E 375 -22.28 -40.04 49.91
CA ALA E 375 -21.27 -39.85 48.88
C ALA E 375 -21.81 -38.96 47.75
N ALA E 376 -23.08 -39.13 47.38
CA ALA E 376 -23.70 -38.29 46.34
C ALA E 376 -23.68 -36.80 46.75
N ARG E 377 -23.87 -36.50 48.03
CA ARG E 377 -23.84 -35.12 48.51
C ARG E 377 -22.39 -34.60 48.58
N GLN E 378 -21.49 -35.41 49.13
CA GLN E 378 -20.09 -35.05 49.32
C GLN E 378 -19.27 -34.89 48.03
N VAL E 379 -19.66 -35.53 46.91
CA VAL E 379 -18.89 -35.39 45.68
C VAL E 379 -19.05 -33.99 45.04
N HIS E 380 -19.98 -33.16 45.54
CA HIS E 380 -20.12 -31.77 45.10
C HIS E 380 -18.83 -30.98 45.42
N LEU E 381 -18.03 -31.45 46.38
CA LEU E 381 -16.76 -30.83 46.71
C LEU E 381 -15.74 -30.96 45.55
N CYS E 382 -15.91 -31.94 44.63
CA CYS E 382 -14.99 -32.16 43.53
C CYS E 382 -15.49 -31.56 42.24
N ARG E 383 -14.69 -30.65 41.64
CA ARG E 383 -15.08 -30.00 40.41
C ARG E 383 -15.38 -30.96 39.26
N GLY E 384 -16.47 -30.73 38.59
CA GLY E 384 -16.86 -31.51 37.44
C GLY E 384 -17.52 -32.84 37.75
N VAL E 385 -17.84 -33.10 39.03
CA VAL E 385 -18.54 -34.33 39.40
C VAL E 385 -20.02 -34.04 39.58
N PHE E 386 -20.85 -34.73 38.80
CA PHE E 386 -22.29 -34.60 38.81
C PHE E 386 -22.89 -35.87 39.42
N PRO E 387 -23.30 -35.80 40.71
CA PRO E 387 -23.78 -37.00 41.38
C PRO E 387 -25.18 -37.46 41.01
N LEU E 388 -25.30 -38.77 40.81
CA LEU E 388 -26.55 -39.43 40.52
C LEU E 388 -26.79 -40.43 41.62
N LEU E 389 -27.94 -40.31 42.32
CA LEU E 389 -28.26 -41.23 43.39
C LEU E 389 -29.12 -42.37 42.87
N TYR E 390 -28.59 -43.60 42.95
CA TYR E 390 -29.28 -44.81 42.52
C TYR E 390 -30.04 -45.40 43.72
N ARG E 391 -31.38 -45.41 43.61
CA ARG E 391 -32.30 -45.87 44.66
C ARG E 391 -32.75 -47.34 44.44
N GLU E 392 -32.60 -47.87 43.20
CA GLU E 392 -33.04 -49.22 42.82
CA GLU E 392 -33.04 -49.22 42.82
C GLU E 392 -32.31 -50.36 43.54
N PRO E 393 -33.03 -51.48 43.83
CA PRO E 393 -32.40 -52.61 44.51
C PRO E 393 -31.53 -53.45 43.56
N PRO E 394 -30.47 -54.08 44.11
CA PRO E 394 -29.53 -54.82 43.26
C PRO E 394 -30.13 -55.95 42.44
N GLU E 395 -29.61 -56.15 41.22
CA GLU E 395 -29.96 -57.25 40.33
C GLU E 395 -29.34 -58.55 40.87
N ALA E 396 -29.84 -59.71 40.40
CA ALA E 396 -29.30 -61.00 40.83
C ALA E 396 -27.88 -61.18 40.28
N ILE E 397 -27.66 -60.82 39.02
CA ILE E 397 -26.34 -60.91 38.42
C ILE E 397 -25.64 -59.55 38.52
N TRP E 398 -24.50 -59.48 39.24
CA TRP E 398 -23.76 -58.23 39.45
C TRP E 398 -23.42 -57.51 38.15
N ALA E 399 -22.97 -58.24 37.11
CA ALA E 399 -22.67 -57.64 35.82
C ALA E 399 -23.89 -56.88 35.23
N ASP E 400 -25.11 -57.41 35.41
CA ASP E 400 -26.33 -56.78 34.93
C ASP E 400 -26.67 -55.54 35.76
N ASP E 401 -26.37 -55.56 37.07
CA ASP E 401 -26.60 -54.45 37.97
C ASP E 401 -25.71 -53.25 37.55
N VAL E 402 -24.45 -53.54 37.18
CA VAL E 402 -23.48 -52.56 36.70
C VAL E 402 -24.03 -51.92 35.42
N ASP E 403 -24.44 -52.77 34.43
CA ASP E 403 -25.00 -52.27 33.17
CA ASP E 403 -25.01 -52.29 33.16
C ASP E 403 -26.25 -51.43 33.40
N ARG E 404 -27.06 -51.79 34.41
CA ARG E 404 -28.26 -51.03 34.73
C ARG E 404 -27.85 -49.67 35.26
N ARG E 405 -26.87 -49.63 36.17
CA ARG E 405 -26.38 -48.39 36.77
C ARG E 405 -25.73 -47.45 35.73
N VAL E 406 -25.14 -48.03 34.66
CA VAL E 406 -24.53 -47.28 33.55
C VAL E 406 -25.64 -46.66 32.70
N GLN E 407 -26.70 -47.43 32.43
CA GLN E 407 -27.88 -46.95 31.69
C GLN E 407 -28.62 -45.83 32.44
N PHE E 408 -28.64 -45.87 33.78
CA PHE E 408 -29.24 -44.82 34.60
C PHE E 408 -28.50 -43.49 34.39
N GLY E 409 -27.16 -43.59 34.30
CA GLY E 409 -26.29 -42.45 34.05
C GLY E 409 -26.52 -41.87 32.67
N ILE E 410 -26.70 -42.72 31.66
CA ILE E 410 -26.97 -42.30 30.29
C ILE E 410 -28.33 -41.62 30.19
N GLU E 411 -29.38 -42.25 30.76
CA GLU E 411 -30.71 -41.69 30.66
CA GLU E 411 -30.74 -41.74 30.74
C GLU E 411 -30.83 -40.38 31.46
N SER E 412 -30.17 -40.27 32.64
CA SER E 412 -30.22 -39.00 33.40
C SER E 412 -29.47 -37.91 32.62
N GLY E 413 -28.36 -38.26 32.01
CA GLY E 413 -27.56 -37.33 31.22
C GLY E 413 -28.35 -36.81 30.03
N LYS E 414 -29.06 -37.72 29.34
CA LYS E 414 -29.88 -37.36 28.18
C LYS E 414 -30.96 -36.37 28.60
N LEU E 415 -31.64 -36.66 29.73
CA LEU E 415 -32.71 -35.85 30.28
C LEU E 415 -32.19 -34.47 30.71
N ARG E 416 -31.00 -34.42 31.34
CA ARG E 416 -30.45 -33.15 31.81
C ARG E 416 -29.70 -32.34 30.78
N GLY E 417 -29.53 -32.87 29.57
CA GLY E 417 -28.85 -32.13 28.51
C GLY E 417 -27.37 -32.41 28.36
N PHE E 418 -26.78 -33.24 29.23
CA PHE E 418 -25.36 -33.61 29.13
C PHE E 418 -25.09 -34.44 27.87
N LEU E 419 -26.02 -35.32 27.50
CA LEU E 419 -25.82 -36.25 26.40
C LEU E 419 -26.87 -36.16 25.32
N ARG E 420 -26.48 -36.54 24.12
CA ARG E 420 -27.36 -36.65 22.96
C ARG E 420 -26.97 -37.93 22.18
N VAL E 421 -27.84 -38.42 21.31
CA VAL E 421 -27.57 -39.61 20.50
C VAL E 421 -26.42 -39.30 19.53
N GLY E 422 -25.45 -40.20 19.47
CA GLY E 422 -24.29 -39.99 18.61
C GLY E 422 -23.05 -39.56 19.37
N ASP E 423 -23.21 -39.02 20.58
CA ASP E 423 -22.09 -38.60 21.43
C ASP E 423 -21.29 -39.83 21.90
N LEU E 424 -20.03 -39.62 22.27
CA LEU E 424 -19.20 -40.69 22.82
C LEU E 424 -19.07 -40.46 24.33
N VAL E 425 -19.13 -41.53 25.09
CA VAL E 425 -18.95 -41.46 26.53
C VAL E 425 -17.88 -42.46 26.94
N ILE E 426 -17.20 -42.16 28.03
CA ILE E 426 -16.21 -43.05 28.59
C ILE E 426 -16.86 -43.62 29.83
N VAL E 427 -16.88 -44.94 30.00
CA VAL E 427 -17.50 -45.56 31.16
C VAL E 427 -16.44 -46.22 32.06
N VAL E 428 -16.39 -45.81 33.33
CA VAL E 428 -15.40 -46.31 34.28
C VAL E 428 -16.06 -47.20 35.35
N THR E 429 -15.69 -48.49 35.40
CA THR E 429 -16.24 -49.47 36.34
C THR E 429 -15.11 -50.35 36.95
N GLY E 430 -15.46 -51.29 37.83
CA GLY E 430 -14.52 -52.20 38.44
C GLY E 430 -14.77 -53.65 38.03
N TRP E 431 -13.91 -54.57 38.50
CA TRP E 431 -13.99 -55.99 38.15
C TRP E 431 -14.79 -56.84 39.15
N ARG E 432 -14.98 -56.33 40.37
CA ARG E 432 -15.71 -57.02 41.43
C ARG E 432 -16.41 -56.00 42.32
N PRO E 433 -17.54 -56.35 42.97
CA PRO E 433 -18.23 -55.36 43.82
C PRO E 433 -17.39 -54.88 45.01
N GLY E 434 -17.79 -53.77 45.59
CA GLY E 434 -17.06 -53.18 46.70
C GLY E 434 -16.18 -52.03 46.24
N SER E 435 -15.83 -51.15 47.18
CA SER E 435 -14.98 -49.99 46.95
CA SER E 435 -14.97 -50.00 46.92
C SER E 435 -13.52 -50.41 46.72
N GLY E 436 -12.81 -49.66 45.88
CA GLY E 436 -11.40 -49.83 45.61
C GLY E 436 -10.98 -50.73 44.47
N TYR E 437 -11.92 -51.18 43.64
CA TYR E 437 -11.60 -52.11 42.56
C TYR E 437 -11.83 -51.59 41.15
N THR E 438 -11.98 -50.25 40.97
CA THR E 438 -12.14 -49.69 39.62
C THR E 438 -10.87 -50.00 38.80
N ASN E 439 -11.05 -50.50 37.59
CA ASN E 439 -9.93 -50.89 36.73
C ASN E 439 -10.32 -51.01 35.24
N ILE E 440 -11.53 -50.58 34.86
CA ILE E 440 -12.01 -50.75 33.50
C ILE E 440 -12.48 -49.45 32.92
N MET E 441 -12.09 -49.19 31.68
CA MET E 441 -12.56 -48.02 30.95
CA MET E 441 -12.49 -48.00 30.92
C MET E 441 -13.07 -48.48 29.59
N ARG E 442 -14.29 -48.05 29.24
CA ARG E 442 -14.92 -48.46 28.00
C ARG E 442 -15.36 -47.26 27.18
N VAL E 443 -15.15 -47.28 25.85
CA VAL E 443 -15.61 -46.19 25.00
C VAL E 443 -16.92 -46.61 24.36
N LEU E 444 -17.98 -45.87 24.68
CA LEU E 444 -19.34 -46.22 24.29
C LEU E 444 -20.02 -45.13 23.48
N SER E 445 -20.75 -45.51 22.44
CA SER E 445 -21.47 -44.54 21.60
CA SER E 445 -21.47 -44.55 21.61
C SER E 445 -22.92 -44.47 22.08
N ILE E 446 -23.44 -43.26 22.28
CA ILE E 446 -24.81 -43.08 22.75
C ILE E 446 -25.84 -43.40 21.69
N SER E 447 -26.72 -44.36 21.98
CA SER E 447 -27.80 -44.77 21.09
C SER E 447 -29.18 -44.32 21.63
N ALA F 13 9.43 -36.30 43.52
CA ALA F 13 8.16 -36.40 44.25
C ALA F 13 7.13 -37.22 43.46
N ASP F 14 7.14 -37.10 42.12
CA ASP F 14 6.23 -37.88 41.26
C ASP F 14 6.80 -39.30 40.90
N VAL F 15 7.86 -39.72 41.59
CA VAL F 15 8.47 -41.04 41.45
C VAL F 15 8.82 -41.63 42.82
N ALA F 16 8.65 -40.88 43.95
CA ALA F 16 9.02 -41.28 45.30
C ALA F 16 8.30 -42.53 45.83
N GLN F 17 6.98 -42.63 45.67
CA GLN F 17 6.24 -43.81 46.13
C GLN F 17 6.62 -45.02 45.31
N LEU F 18 6.66 -44.86 43.98
CA LEU F 18 7.05 -45.96 43.11
C LEU F 18 8.52 -46.36 43.27
N THR F 19 9.37 -45.46 43.76
CA THR F 19 10.80 -45.73 44.02
C THR F 19 10.93 -46.56 45.28
N GLN F 20 10.14 -46.26 46.32
CA GLN F 20 10.13 -47.06 47.53
C GLN F 20 9.60 -48.48 47.21
N GLU F 21 8.57 -48.55 46.36
CA GLU F 21 7.98 -49.81 45.95
C GLU F 21 8.90 -50.65 45.05
N LEU F 22 9.32 -50.11 43.89
CA LEU F 22 10.10 -50.84 42.90
C LEU F 22 11.59 -50.88 43.14
N GLY F 23 12.09 -49.98 44.01
CA GLY F 23 13.49 -49.94 44.35
C GLY F 23 14.34 -48.99 43.52
N THR F 24 15.47 -48.56 44.10
CA THR F 24 16.37 -47.67 43.40
C THR F 24 16.99 -48.35 42.20
N ALA F 25 17.31 -49.66 42.29
CA ALA F 25 17.90 -50.38 41.15
C ALA F 25 17.00 -50.35 39.93
N PHE F 26 15.67 -50.44 40.13
CA PHE F 26 14.71 -50.41 39.03
C PHE F 26 14.82 -49.05 38.28
N PHE F 27 14.91 -47.95 39.02
CA PHE F 27 14.93 -46.63 38.41
C PHE F 27 16.30 -46.21 37.88
N GLN F 28 17.34 -47.06 37.99
CA GLN F 28 18.63 -46.80 37.39
C GLN F 28 18.76 -47.53 36.02
N GLN F 29 17.97 -48.59 35.79
CA GLN F 29 17.98 -49.38 34.58
C GLN F 29 17.18 -48.70 33.47
N GLN F 30 17.31 -49.21 32.21
CA GLN F 30 16.63 -48.80 30.97
C GLN F 30 16.53 -47.28 30.76
N GLN F 31 17.62 -46.57 31.07
CA GLN F 31 17.75 -45.12 30.95
C GLN F 31 16.59 -44.35 31.60
N LEU F 32 16.06 -44.89 32.73
CA LEU F 32 15.00 -44.22 33.44
C LEU F 32 15.44 -42.87 34.02
N PRO F 33 16.68 -42.65 34.53
CA PRO F 33 17.04 -41.29 34.98
C PRO F 33 16.97 -40.29 33.82
N ALA F 34 17.40 -40.69 32.62
CA ALA F 34 17.36 -39.82 31.43
C ALA F 34 15.92 -39.62 30.91
N ALA F 35 15.02 -40.58 31.18
CA ALA F 35 13.62 -40.51 30.78
C ALA F 35 12.84 -39.47 31.56
N MET F 36 13.20 -39.22 32.82
CA MET F 36 12.50 -38.22 33.64
C MET F 36 13.02 -36.80 33.47
N ALA F 37 13.97 -36.55 32.56
CA ALA F 37 14.51 -35.23 32.35
C ALA F 37 13.47 -34.24 31.80
N ASP F 38 13.59 -32.98 32.21
CA ASP F 38 12.64 -31.94 31.78
C ASP F 38 12.96 -31.34 30.43
N THR F 39 14.20 -31.52 29.92
CA THR F 39 14.60 -31.06 28.59
C THR F 39 15.33 -32.18 27.86
N PHE F 40 15.36 -32.10 26.53
CA PHE F 40 16.07 -33.07 25.70
C PHE F 40 17.59 -33.00 25.98
N LEU F 41 18.11 -31.80 26.23
CA LEU F 41 19.50 -31.58 26.56
C LEU F 41 19.86 -32.28 27.86
N GLU F 42 19.03 -32.14 28.91
CA GLU F 42 19.22 -32.80 30.21
CA GLU F 42 19.29 -32.80 30.17
C GLU F 42 19.13 -34.32 30.05
N HIS F 43 18.25 -34.78 29.13
CA HIS F 43 18.03 -36.18 28.84
C HIS F 43 19.31 -36.75 28.27
N LEU F 44 19.95 -36.05 27.31
CA LEU F 44 21.22 -36.52 26.74
C LEU F 44 22.29 -36.62 27.83
N CYS F 45 22.41 -35.60 28.69
CA CYS F 45 23.38 -35.53 29.79
C CYS F 45 23.20 -36.66 30.78
N LEU F 46 21.97 -37.18 30.93
CA LEU F 46 21.68 -38.26 31.86
C LEU F 46 21.83 -39.67 31.28
N LEU F 47 22.18 -39.82 29.99
CA LEU F 47 22.36 -41.14 29.40
C LEU F 47 23.55 -41.84 30.08
N ASP F 48 23.39 -43.13 30.42
CA ASP F 48 24.38 -43.85 31.19
C ASP F 48 24.74 -45.20 30.56
N ILE F 49 26.01 -45.42 30.26
CA ILE F 49 26.47 -46.70 29.72
C ILE F 49 26.29 -47.87 30.71
N ASP F 50 26.14 -47.57 32.01
CA ASP F 50 25.91 -48.60 33.03
C ASP F 50 24.40 -48.88 33.27
N SER F 51 23.51 -48.11 32.63
CA SER F 51 22.09 -48.30 32.73
C SER F 51 21.71 -49.38 31.73
N GLU F 52 21.50 -50.63 32.20
CA GLU F 52 21.24 -51.76 31.32
C GLU F 52 19.82 -51.85 30.80
N PRO F 53 19.66 -52.13 29.47
CA PRO F 53 18.31 -52.27 28.93
C PRO F 53 17.58 -53.48 29.51
N VAL F 54 16.28 -53.33 29.83
CA VAL F 54 15.52 -54.44 30.42
C VAL F 54 14.44 -54.92 29.47
N ALA F 55 13.78 -53.99 28.77
CA ALA F 55 12.70 -54.34 27.85
C ALA F 55 13.16 -55.20 26.67
N ALA F 56 12.22 -55.95 26.07
CA ALA F 56 12.49 -56.75 24.89
C ALA F 56 12.71 -55.77 23.70
N ARG F 57 13.55 -56.17 22.75
CA ARG F 57 13.87 -55.38 21.58
C ARG F 57 12.64 -55.18 20.72
N SER F 58 12.26 -53.93 20.51
CA SER F 58 11.06 -53.60 19.80
C SER F 58 11.21 -53.25 18.29
N THR F 59 12.40 -52.87 17.80
CA THR F 59 12.60 -52.54 16.38
C THR F 59 12.88 -53.83 15.66
N SER F 60 12.08 -54.16 14.66
CA SER F 60 12.27 -55.44 13.95
C SER F 60 13.46 -55.45 13.06
N ILE F 61 14.04 -56.61 12.91
CA ILE F 61 15.20 -56.78 12.07
C ILE F 61 14.78 -57.52 10.82
N ILE F 62 15.06 -56.91 9.65
CA ILE F 62 14.81 -57.54 8.37
C ILE F 62 16.14 -58.06 7.89
N ALA F 63 16.26 -59.35 7.59
CA ALA F 63 17.51 -59.91 7.12
C ALA F 63 17.31 -60.46 5.71
N THR F 64 18.21 -60.10 4.80
CA THR F 64 18.15 -60.58 3.43
C THR F 64 18.67 -62.00 3.37
N ILE F 65 17.86 -62.93 2.84
CA ILE F 65 18.26 -64.32 2.75
C ILE F 65 18.90 -64.59 1.39
N GLY F 66 20.10 -65.10 1.40
CA GLY F 66 20.84 -65.43 0.18
C GLY F 66 21.81 -66.57 0.38
N PRO F 67 22.85 -66.66 -0.47
CA PRO F 67 23.81 -67.77 -0.34
C PRO F 67 24.40 -68.00 1.05
N ALA F 68 24.68 -66.93 1.81
CA ALA F 68 25.31 -67.08 3.12
C ALA F 68 24.37 -67.43 4.26
N SER F 69 23.07 -67.30 4.03
CA SER F 69 22.08 -67.49 5.07
C SER F 69 20.91 -68.40 4.66
N ARG F 70 21.11 -69.19 3.63
CA ARG F 70 20.08 -70.02 3.04
C ARG F 70 19.74 -71.31 3.76
N SER F 71 20.73 -71.98 4.37
CA SER F 71 20.52 -73.27 4.99
C SER F 71 19.57 -73.23 6.16
N VAL F 72 18.78 -74.30 6.35
CA VAL F 72 17.80 -74.43 7.43
C VAL F 72 18.45 -74.26 8.80
N GLU F 73 19.65 -74.84 8.96
CA GLU F 73 20.40 -74.74 10.20
C GLU F 73 20.86 -73.31 10.50
N ARG F 74 21.30 -72.59 9.46
CA ARG F 74 21.73 -71.19 9.57
C ARG F 74 20.52 -70.30 9.87
N LEU F 75 19.41 -70.55 9.21
CA LEU F 75 18.18 -69.81 9.44
C LEU F 75 17.63 -69.93 10.86
N LYS F 76 17.79 -71.11 11.50
CA LYS F 76 17.36 -71.30 12.88
C LYS F 76 18.20 -70.41 13.80
N GLU F 77 19.53 -70.31 13.51
CA GLU F 77 20.45 -69.45 14.27
CA GLU F 77 20.40 -69.46 14.32
C GLU F 77 20.05 -67.98 14.11
N MET F 78 19.63 -67.58 12.89
CA MET F 78 19.23 -66.20 12.60
CA MET F 78 19.24 -66.19 12.62
C MET F 78 17.94 -65.83 13.31
N ILE F 79 17.00 -66.79 13.42
CA ILE F 79 15.74 -66.60 14.10
C ILE F 79 16.04 -66.41 15.60
N LYS F 80 16.93 -67.24 16.18
CA LYS F 80 17.33 -67.13 17.57
C LYS F 80 18.08 -65.82 17.85
N ALA F 81 18.88 -65.33 16.88
CA ALA F 81 19.60 -64.06 16.99
C ALA F 81 18.64 -62.84 16.95
N GLY F 82 17.45 -63.00 16.36
CA GLY F 82 16.46 -61.92 16.33
C GLY F 82 15.83 -61.55 15.01
N MET F 83 16.12 -62.27 13.91
CA MET F 83 15.49 -61.97 12.61
C MET F 83 13.97 -62.08 12.68
N ASN F 84 13.25 -61.02 12.30
CA ASN F 84 11.78 -61.03 12.34
C ASN F 84 11.16 -61.14 10.98
N ILE F 85 11.84 -60.59 9.95
CA ILE F 85 11.37 -60.58 8.57
C ILE F 85 12.50 -61.05 7.67
N ALA F 86 12.21 -61.99 6.76
CA ALA F 86 13.18 -62.51 5.80
C ALA F 86 12.93 -61.82 4.49
N ARG F 87 13.96 -61.18 3.92
CA ARG F 87 13.82 -60.46 2.67
C ARG F 87 14.41 -61.26 1.50
N LEU F 88 13.69 -61.34 0.40
CA LEU F 88 14.19 -62.04 -0.79
C LEU F 88 14.36 -61.01 -1.89
N ASN F 89 15.60 -60.79 -2.32
CA ASN F 89 15.87 -59.77 -3.32
C ASN F 89 15.68 -60.31 -4.73
N PHE F 90 14.58 -59.92 -5.39
CA PHE F 90 14.30 -60.41 -6.75
C PHE F 90 15.14 -59.72 -7.85
N SER F 91 16.14 -58.93 -7.45
CA SER F 91 17.13 -58.38 -8.38
C SER F 91 18.18 -59.48 -8.71
N HIS F 92 18.36 -60.47 -7.82
CA HIS F 92 19.27 -61.58 -7.99
C HIS F 92 18.47 -62.91 -7.95
N GLY F 93 19.12 -64.02 -8.32
CA GLY F 93 18.52 -65.35 -8.32
C GLY F 93 17.37 -65.58 -9.29
N SER F 94 16.72 -66.70 -9.14
CA SER F 94 15.58 -67.07 -9.98
C SER F 94 14.36 -67.41 -9.10
N HIS F 95 13.20 -67.67 -9.72
CA HIS F 95 12.00 -68.09 -8.99
C HIS F 95 12.27 -69.37 -8.21
N GLU F 96 12.98 -70.32 -8.83
CA GLU F 96 13.31 -71.59 -8.21
C GLU F 96 14.22 -71.40 -6.99
N TYR F 97 15.18 -70.49 -7.12
CA TYR F 97 16.12 -70.19 -6.05
C TYR F 97 15.39 -69.58 -4.83
N HIS F 98 14.56 -68.56 -5.08
CA HIS F 98 13.81 -67.90 -4.02
C HIS F 98 12.76 -68.80 -3.40
N ALA F 99 12.15 -69.71 -4.18
CA ALA F 99 11.17 -70.67 -3.61
C ALA F 99 11.89 -71.59 -2.62
N GLU F 100 13.10 -72.01 -2.94
CA GLU F 100 13.87 -72.88 -2.07
C GLU F 100 14.26 -72.12 -0.78
N SER F 101 14.63 -70.83 -0.89
CA SER F 101 14.96 -70.03 0.29
C SER F 101 13.73 -69.89 1.20
N ILE F 102 12.53 -69.56 0.61
CA ILE F 102 11.24 -69.43 1.32
C ILE F 102 10.91 -70.74 2.06
N ALA F 103 11.08 -71.88 1.39
CA ALA F 103 10.80 -73.17 1.99
C ALA F 103 11.73 -73.43 3.18
N ASN F 104 13.01 -73.05 3.05
CA ASN F 104 13.99 -73.20 4.13
C ASN F 104 13.67 -72.30 5.32
N VAL F 105 13.20 -71.06 5.05
CA VAL F 105 12.80 -70.14 6.12
C VAL F 105 11.62 -70.75 6.87
N ARG F 106 10.59 -71.18 6.13
CA ARG F 106 9.40 -71.82 6.72
C ARG F 106 9.73 -73.10 7.51
N GLU F 107 10.68 -73.90 7.04
CA GLU F 107 11.08 -75.11 7.76
C GLU F 107 11.78 -74.74 9.09
N ALA F 108 12.67 -73.72 9.07
CA ALA F 108 13.37 -73.25 10.27
C ALA F 108 12.37 -72.62 11.24
N VAL F 109 11.38 -71.88 10.74
CA VAL F 109 10.33 -71.24 11.55
C VAL F 109 9.46 -72.27 12.23
N GLU F 110 9.05 -73.30 11.48
CA GLU F 110 8.17 -74.32 12.04
C GLU F 110 8.89 -75.31 12.96
N SER F 111 10.23 -75.36 12.94
CA SER F 111 10.96 -76.19 13.89
C SER F 111 10.73 -75.74 15.38
N PHE F 112 10.22 -74.51 15.60
CA PHE F 112 9.94 -73.99 16.94
C PHE F 112 8.43 -73.96 17.25
N ALA F 113 7.57 -74.54 16.37
CA ALA F 113 6.11 -74.52 16.53
C ALA F 113 5.56 -75.31 17.70
N GLY F 114 6.37 -76.15 18.33
CA GLY F 114 5.91 -76.95 19.46
C GLY F 114 5.42 -76.18 20.67
N SER F 115 5.90 -74.94 20.91
CA SER F 115 5.50 -74.18 22.10
C SER F 115 5.31 -72.69 21.84
N PRO F 116 4.42 -71.97 22.56
CA PRO F 116 4.33 -70.52 22.38
C PRO F 116 5.47 -69.77 23.11
N LEU F 117 6.42 -70.49 23.74
CA LEU F 117 7.60 -69.98 24.44
C LEU F 117 8.80 -69.93 23.48
N SER F 118 8.81 -70.83 22.47
CA SER F 118 9.84 -70.94 21.45
C SER F 118 9.37 -70.39 20.08
N TYR F 119 8.08 -70.52 19.73
CA TYR F 119 7.60 -70.09 18.42
C TYR F 119 7.78 -68.61 18.13
N ARG F 120 8.44 -68.30 17.00
CA ARG F 120 8.65 -66.92 16.55
C ARG F 120 8.12 -66.79 15.11
N PRO F 121 7.02 -66.06 14.89
CA PRO F 121 6.52 -65.87 13.52
C PRO F 121 7.51 -65.01 12.75
N VAL F 122 7.84 -65.42 11.52
CA VAL F 122 8.78 -64.66 10.72
C VAL F 122 8.07 -64.29 9.44
N ALA F 123 7.98 -63.01 9.12
CA ALA F 123 7.35 -62.57 7.89
C ALA F 123 8.26 -62.81 6.69
N ILE F 124 7.67 -63.00 5.50
CA ILE F 124 8.44 -63.18 4.27
C ILE F 124 8.16 -62.01 3.35
N ALA F 125 9.21 -61.27 2.99
CA ALA F 125 9.07 -60.09 2.18
C ALA F 125 9.77 -60.25 0.83
N LEU F 126 9.07 -59.89 -0.24
CA LEU F 126 9.62 -59.96 -1.60
C LEU F 126 10.05 -58.56 -2.03
N ASP F 127 11.33 -58.36 -2.31
CA ASP F 127 11.82 -57.07 -2.77
C ASP F 127 11.90 -57.12 -4.30
N THR F 128 11.10 -56.31 -4.99
CA THR F 128 11.07 -56.33 -6.46
C THR F 128 12.32 -55.74 -7.13
N LYS F 129 12.60 -56.16 -8.38
CA LYS F 129 13.74 -55.66 -9.17
C LYS F 129 13.57 -54.17 -9.50
N GLY F 130 12.35 -53.78 -9.87
CA GLY F 130 12.06 -52.39 -10.18
C GLY F 130 11.74 -52.12 -11.64
N PRO F 131 11.38 -50.88 -11.95
CA PRO F 131 11.01 -50.54 -13.33
C PRO F 131 12.22 -50.31 -14.25
N GLY F 132 12.06 -50.45 -15.56
CA GLY F 132 13.12 -50.16 -16.50
C GLY F 132 13.08 -48.70 -16.95
N GLY F 134 11.42 -46.86 -16.71
CA GLY F 134 10.18 -47.40 -16.15
C GLY F 134 8.93 -46.77 -16.74
N PRO F 135 8.56 -47.08 -17.99
CA PRO F 135 7.32 -46.57 -18.56
C PRO F 135 6.15 -47.03 -17.69
N GLY F 136 6.34 -48.13 -16.97
CA GLY F 136 5.31 -48.64 -16.06
C GLY F 136 5.87 -49.75 -15.19
N LEU F 137 5.02 -50.61 -14.66
CA LEU F 137 5.51 -51.79 -13.91
C LEU F 137 6.19 -52.70 -14.93
N SER F 138 7.43 -53.07 -14.68
CA SER F 138 8.14 -53.95 -15.61
C SER F 138 7.47 -55.33 -15.74
N GLU F 139 7.70 -56.03 -16.86
CA GLU F 139 7.13 -57.35 -17.09
C GLU F 139 7.68 -58.37 -16.11
N GLN F 140 8.96 -58.23 -15.71
CA GLN F 140 9.57 -59.12 -14.73
C GLN F 140 8.92 -58.93 -13.36
N ASP F 141 8.62 -57.68 -12.99
CA ASP F 141 7.95 -57.36 -11.74
C ASP F 141 6.58 -58.00 -11.70
N VAL F 142 5.84 -57.97 -12.81
CA VAL F 142 4.52 -58.60 -12.86
C VAL F 142 4.61 -60.11 -12.58
N ARG F 143 5.60 -60.77 -13.16
CA ARG F 143 5.82 -62.19 -12.92
C ARG F 143 6.27 -62.50 -11.48
N ASP F 144 7.17 -61.67 -10.93
CA ASP F 144 7.69 -61.85 -9.58
C ASP F 144 6.60 -61.57 -8.54
N LEU F 145 5.75 -60.58 -8.78
CA LEU F 145 4.64 -60.27 -7.88
C LEU F 145 3.64 -61.41 -7.87
N ARG F 146 3.39 -62.02 -9.05
CA ARG F 146 2.51 -63.18 -9.16
C ARG F 146 3.11 -64.37 -8.39
N PHE F 147 4.45 -64.53 -8.45
CA PHE F 147 5.18 -65.57 -7.71
C PHE F 147 4.95 -65.39 -6.20
N GLY F 148 5.02 -64.13 -5.73
CA GLY F 148 4.83 -63.78 -4.34
C GLY F 148 3.46 -64.17 -3.82
N VAL F 149 2.42 -63.90 -4.61
CA VAL F 149 1.07 -64.28 -4.27
C VAL F 149 0.95 -65.81 -4.19
N GLU F 150 1.51 -66.51 -5.17
CA GLU F 150 1.47 -67.97 -5.20
C GLU F 150 2.24 -68.60 -4.06
N HIS F 151 3.32 -67.93 -3.58
CA HIS F 151 4.09 -68.44 -2.47
C HIS F 151 3.69 -67.85 -1.10
N GLY F 152 2.60 -67.11 -1.05
CA GLY F 152 2.07 -66.55 0.18
C GLY F 152 2.96 -65.58 0.94
N VAL F 153 3.64 -64.67 0.21
CA VAL F 153 4.48 -63.69 0.88
C VAL F 153 3.60 -62.72 1.67
N ASP F 154 4.14 -62.18 2.76
CA ASP F 154 3.39 -61.27 3.62
C ASP F 154 3.57 -59.82 3.20
N ILE F 155 4.74 -59.49 2.67
CA ILE F 155 5.08 -58.11 2.34
C ILE F 155 5.74 -57.99 0.99
N VAL F 156 5.54 -56.86 0.34
CA VAL F 156 6.24 -56.52 -0.89
C VAL F 156 7.02 -55.22 -0.62
N PHE F 157 8.34 -55.23 -0.84
CA PHE F 157 9.12 -54.01 -0.77
C PHE F 157 9.17 -53.60 -2.24
N ALA F 158 8.30 -52.65 -2.62
CA ALA F 158 8.23 -52.21 -4.03
C ALA F 158 9.35 -51.23 -4.41
N SER F 159 10.28 -51.65 -5.25
CA SER F 159 11.40 -50.81 -5.70
C SER F 159 10.99 -49.62 -6.54
N PHE F 160 11.75 -48.53 -6.40
CA PHE F 160 11.64 -47.28 -7.14
C PHE F 160 10.21 -46.74 -7.30
N VAL F 161 9.50 -46.58 -6.17
CA VAL F 161 8.16 -46.00 -6.21
C VAL F 161 8.36 -44.49 -6.38
N ARG F 162 7.73 -43.90 -7.40
CA ARG F 162 7.87 -42.46 -7.69
C ARG F 162 6.58 -41.66 -7.56
N LYS F 163 5.42 -42.33 -7.50
CA LYS F 163 4.12 -41.68 -7.44
C LYS F 163 3.05 -42.67 -6.95
N ALA F 164 1.85 -42.17 -6.61
CA ALA F 164 0.76 -43.01 -6.14
C ALA F 164 0.32 -44.08 -7.16
N SER F 165 0.44 -43.78 -8.48
CA SER F 165 0.05 -44.75 -9.50
C SER F 165 0.95 -45.98 -9.53
N ASP F 166 2.22 -45.84 -9.09
CA ASP F 166 3.16 -46.97 -9.03
C ASP F 166 2.67 -47.99 -8.00
N VAL F 167 2.15 -47.50 -6.85
CA VAL F 167 1.63 -48.36 -5.79
C VAL F 167 0.37 -49.09 -6.30
N ALA F 168 -0.51 -48.36 -7.03
CA ALA F 168 -1.72 -48.94 -7.61
C ALA F 168 -1.38 -50.04 -8.60
N ALA F 169 -0.31 -49.89 -9.39
CA ALA F 169 0.11 -50.91 -10.34
C ALA F 169 0.58 -52.17 -9.61
N VAL F 170 1.34 -52.02 -8.51
CA VAL F 170 1.80 -53.15 -7.71
C VAL F 170 0.58 -53.86 -7.09
N ARG F 171 -0.37 -53.08 -6.57
CA ARG F 171 -1.58 -53.59 -5.96
CA ARG F 171 -1.58 -53.60 -5.95
C ARG F 171 -2.39 -54.39 -6.96
N ALA F 172 -2.50 -53.88 -8.21
CA ALA F 172 -3.23 -54.55 -9.29
C ALA F 172 -2.54 -55.85 -9.68
N ALA F 173 -1.21 -55.85 -9.83
CA ALA F 173 -0.45 -57.05 -10.20
C ALA F 173 -0.52 -58.17 -9.15
N LEU F 174 -0.87 -57.84 -7.89
CA LEU F 174 -1.05 -58.85 -6.85
C LEU F 174 -2.42 -59.60 -6.97
N GLY F 175 -3.34 -59.07 -7.77
CA GLY F 175 -4.64 -59.66 -8.04
C GLY F 175 -5.60 -59.69 -6.88
N PRO F 176 -6.67 -60.49 -7.01
CA PRO F 176 -7.68 -60.56 -5.94
C PRO F 176 -7.19 -61.30 -4.70
N GLU F 177 -6.29 -62.29 -4.86
CA GLU F 177 -5.80 -63.06 -3.72
C GLU F 177 -4.64 -62.42 -2.95
N GLY F 178 -4.07 -61.34 -3.47
CA GLY F 178 -3.00 -60.61 -2.80
C GLY F 178 -3.47 -59.35 -2.10
N HIS F 179 -4.76 -59.29 -1.74
CA HIS F 179 -5.36 -58.15 -1.06
C HIS F 179 -4.75 -57.91 0.34
N GLY F 180 -4.38 -59.01 1.00
CA GLY F 180 -3.82 -59.01 2.35
C GLY F 180 -2.34 -58.67 2.45
N ILE F 181 -1.60 -58.75 1.34
CA ILE F 181 -0.17 -58.44 1.30
C ILE F 181 0.11 -56.96 1.59
N LYS F 182 1.07 -56.68 2.49
CA LYS F 182 1.42 -55.28 2.79
C LYS F 182 2.38 -54.73 1.74
N ILE F 183 2.11 -53.52 1.27
CA ILE F 183 2.99 -52.88 0.29
C ILE F 183 3.82 -51.79 0.98
N ILE F 184 5.12 -52.00 1.06
CA ILE F 184 6.05 -51.05 1.63
C ILE F 184 6.74 -50.40 0.44
N SER F 185 6.49 -49.12 0.20
CA SER F 185 7.08 -48.42 -0.95
C SER F 185 8.52 -48.00 -0.69
N LYS F 186 9.44 -48.40 -1.59
CA LYS F 186 10.83 -47.99 -1.45
C LYS F 186 11.05 -46.64 -2.09
N ILE F 187 11.52 -45.65 -1.31
CA ILE F 187 11.80 -44.32 -1.82
C ILE F 187 13.27 -44.30 -2.16
N GLU F 188 13.62 -44.26 -3.46
CA GLU F 188 15.00 -44.36 -3.90
C GLU F 188 15.49 -43.23 -4.81
N ASN F 189 14.66 -42.21 -5.07
CA ASN F 189 15.08 -41.12 -5.96
C ASN F 189 14.46 -39.77 -5.58
N HIS F 190 14.84 -38.68 -6.30
CA HIS F 190 14.30 -37.36 -6.02
C HIS F 190 12.79 -37.27 -6.13
N GLU F 191 12.22 -37.89 -7.18
CA GLU F 191 10.77 -37.85 -7.36
C GLU F 191 10.00 -38.50 -6.22
N GLY F 192 10.50 -39.65 -5.75
CA GLY F 192 9.90 -40.37 -4.63
C GLY F 192 9.86 -39.52 -3.38
N VAL F 193 10.96 -38.76 -3.14
CA VAL F 193 11.04 -37.88 -1.98
C VAL F 193 10.07 -36.72 -2.11
N LYS F 194 10.02 -36.10 -3.30
CA LYS F 194 9.13 -34.97 -3.53
C LYS F 194 7.65 -35.33 -3.52
N ARG F 195 7.32 -36.52 -4.03
CA ARG F 195 5.92 -36.97 -4.07
C ARG F 195 5.57 -37.85 -2.86
N PHE F 196 6.41 -37.84 -1.80
CA PHE F 196 6.31 -38.67 -0.60
C PHE F 196 4.90 -38.76 -0.01
N ASP F 197 4.25 -37.60 0.24
CA ASP F 197 2.93 -37.60 0.87
C ASP F 197 1.89 -38.39 0.10
N GLU F 198 1.91 -38.29 -1.26
CA GLU F 198 0.94 -39.03 -2.05
C GLU F 198 1.23 -40.52 -2.07
N ILE F 199 2.51 -40.90 -1.96
CA ILE F 199 2.93 -42.29 -1.94
C ILE F 199 2.57 -42.92 -0.58
N LEU F 200 2.88 -42.24 0.52
CA LEU F 200 2.59 -42.72 1.87
C LEU F 200 1.08 -42.93 2.06
N GLU F 201 0.26 -42.03 1.52
CA GLU F 201 -1.18 -42.12 1.65
C GLU F 201 -1.74 -43.44 1.13
N VAL F 202 -1.21 -43.94 0.00
CA VAL F 202 -1.69 -45.18 -0.60
C VAL F 202 -0.88 -46.43 -0.21
N SER F 203 0.27 -46.27 0.46
CA SER F 203 1.10 -47.39 0.84
C SER F 203 0.79 -47.86 2.26
N ASP F 204 1.19 -49.09 2.59
CA ASP F 204 1.07 -49.59 3.96
C ASP F 204 2.24 -49.10 4.84
N GLY F 205 3.36 -48.73 4.21
CA GLY F 205 4.56 -48.25 4.85
C GLY F 205 5.61 -47.85 3.85
N ILE F 206 6.79 -47.44 4.35
CA ILE F 206 7.86 -46.92 3.51
C ILE F 206 9.22 -47.52 3.84
N MET F 207 10.09 -47.63 2.85
CA MET F 207 11.45 -48.04 3.07
C MET F 207 12.35 -46.91 2.58
N VAL F 208 13.26 -46.43 3.44
CA VAL F 208 14.25 -45.43 3.04
C VAL F 208 15.40 -46.26 2.43
N ALA F 209 15.38 -46.42 1.11
CA ALA F 209 16.32 -47.23 0.37
C ALA F 209 17.52 -46.36 0.06
N ARG F 210 18.44 -46.25 1.03
CA ARG F 210 19.58 -45.34 1.00
C ARG F 210 20.62 -45.59 -0.08
N GLY F 211 20.78 -46.83 -0.54
CA GLY F 211 21.73 -47.17 -1.59
C GLY F 211 21.47 -46.40 -2.87
N ASP F 212 20.29 -46.58 -3.49
CA ASP F 212 19.96 -45.84 -4.70
C ASP F 212 19.73 -44.38 -4.40
N LEU F 213 19.09 -44.06 -3.29
CA LEU F 213 18.83 -42.66 -2.90
C LEU F 213 20.14 -41.86 -2.80
N GLY F 214 21.20 -42.49 -2.32
CA GLY F 214 22.51 -41.88 -2.19
C GLY F 214 23.25 -41.64 -3.51
N ILE F 215 22.75 -42.23 -4.60
CA ILE F 215 23.28 -42.05 -5.96
C ILE F 215 22.38 -41.08 -6.73
N GLU F 216 21.06 -41.11 -6.48
CA GLU F 216 20.06 -40.27 -7.14
C GLU F 216 20.08 -38.84 -6.65
N ILE F 217 20.35 -38.64 -5.37
CA ILE F 217 20.47 -37.32 -4.74
C ILE F 217 21.87 -37.20 -4.13
N PRO F 218 22.38 -35.98 -3.82
CA PRO F 218 23.70 -35.89 -3.21
C PRO F 218 23.79 -36.73 -1.94
N ALA F 219 24.88 -37.45 -1.77
CA ALA F 219 25.07 -38.33 -0.62
C ALA F 219 24.89 -37.62 0.73
N GLU F 220 25.34 -36.35 0.82
CA GLU F 220 25.24 -35.56 2.04
C GLU F 220 23.82 -35.11 2.37
N LYS F 221 22.84 -35.41 1.52
CA LYS F 221 21.44 -35.03 1.74
C LYS F 221 20.56 -36.22 2.16
N VAL F 222 21.06 -37.47 2.06
CA VAL F 222 20.29 -38.65 2.41
C VAL F 222 19.75 -38.62 3.84
N PHE F 223 20.55 -38.18 4.82
CA PHE F 223 20.08 -38.11 6.20
C PHE F 223 18.86 -37.22 6.37
N LEU F 224 18.74 -36.18 5.54
CA LEU F 224 17.59 -35.26 5.63
C LEU F 224 16.35 -36.01 5.15
N ALA F 225 16.48 -36.77 4.05
CA ALA F 225 15.40 -37.54 3.49
C ALA F 225 14.98 -38.63 4.49
N GLN F 226 15.96 -39.31 5.10
CA GLN F 226 15.66 -40.35 6.09
C GLN F 226 14.90 -39.78 7.30
N LYS F 227 15.41 -38.69 7.90
CA LYS F 227 14.77 -38.10 9.07
C LYS F 227 13.38 -37.52 8.77
N MET F 228 13.19 -36.94 7.57
CA MET F 228 11.88 -36.42 7.16
C MET F 228 10.86 -37.59 6.98
N MET F 229 11.24 -38.64 6.23
CA MET F 229 10.35 -39.76 5.98
C MET F 229 9.99 -40.52 7.24
N ILE F 230 10.94 -40.72 8.15
CA ILE F 230 10.66 -41.40 9.40
C ILE F 230 9.67 -40.55 10.23
N GLY F 231 9.90 -39.25 10.33
CA GLY F 231 9.01 -38.36 11.05
C GLY F 231 7.59 -38.37 10.50
N ARG F 232 7.43 -38.29 9.16
CA ARG F 232 6.12 -38.31 8.53
C ARG F 232 5.39 -39.64 8.69
N CYS F 233 6.14 -40.75 8.69
CA CYS F 233 5.56 -42.08 8.90
C CYS F 233 5.11 -42.23 10.34
N ASN F 234 5.91 -41.71 11.29
CA ASN F 234 5.54 -41.73 12.71
C ASN F 234 4.24 -40.93 12.93
N LEU F 235 4.12 -39.78 12.25
CA LEU F 235 2.95 -38.92 12.30
C LEU F 235 1.72 -39.67 11.73
N ALA F 236 1.90 -40.35 10.59
CA ALA F 236 0.84 -41.11 9.93
C ALA F 236 0.48 -42.42 10.63
N GLY F 237 1.35 -42.90 11.52
CA GLY F 237 1.16 -44.16 12.20
C GLY F 237 1.41 -45.35 11.28
N LYS F 238 2.25 -45.18 10.23
CA LYS F 238 2.57 -46.25 9.28
C LYS F 238 4.01 -46.73 9.41
N PRO F 239 4.28 -48.04 9.21
CA PRO F 239 5.66 -48.53 9.37
C PRO F 239 6.70 -47.90 8.44
N VAL F 240 7.92 -47.72 8.95
CA VAL F 240 9.00 -47.17 8.18
C VAL F 240 10.25 -48.01 8.44
N VAL F 241 10.94 -48.39 7.36
CA VAL F 241 12.15 -49.21 7.41
C VAL F 241 13.37 -48.35 7.06
N CYS F 242 14.46 -48.49 7.81
CA CYS F 242 15.71 -47.87 7.43
C CYS F 242 16.56 -48.97 6.80
N ALA F 243 17.08 -48.74 5.58
CA ALA F 243 17.84 -49.80 4.91
C ALA F 243 19.17 -49.33 4.31
N THR F 244 20.09 -50.29 4.09
CA THR F 244 21.32 -50.30 3.30
C THR F 244 22.56 -49.73 3.97
N GLN F 245 23.61 -50.56 4.00
CA GLN F 245 24.93 -50.29 4.53
C GLN F 245 24.96 -49.97 6.00
N MET F 246 23.95 -50.42 6.76
CA MET F 246 23.90 -50.16 8.20
C MET F 246 25.11 -50.76 8.94
N LEU F 247 25.49 -52.00 8.59
CA LEU F 247 26.64 -52.67 9.21
C LEU F 247 27.54 -53.26 8.10
N GLU F 248 27.67 -52.55 6.97
CA GLU F 248 28.42 -52.95 5.78
C GLU F 248 29.75 -53.66 6.05
N SER F 249 30.63 -53.12 6.91
CA SER F 249 31.94 -53.75 7.17
C SER F 249 31.83 -55.17 7.76
N MET F 250 30.69 -55.51 8.38
CA MET F 250 30.47 -56.83 8.94
C MET F 250 30.29 -57.92 7.85
N ILE F 251 30.34 -57.54 6.56
CA ILE F 251 30.31 -58.50 5.47
C ILE F 251 31.60 -59.34 5.54
N THR F 252 32.74 -58.72 5.93
CA THR F 252 34.03 -59.41 6.06
C THR F 252 34.61 -59.38 7.47
N LYS F 253 34.22 -58.43 8.32
CA LYS F 253 34.80 -58.31 9.66
C LYS F 253 33.81 -58.72 10.78
N PRO F 254 34.28 -59.35 11.86
CA PRO F 254 33.35 -59.80 12.91
C PRO F 254 32.74 -58.69 13.77
N ARG F 255 33.34 -57.48 13.76
CA ARG F 255 32.83 -56.34 14.50
C ARG F 255 32.63 -55.14 13.54
N PRO F 256 31.61 -54.30 13.77
CA PRO F 256 31.39 -53.15 12.85
C PRO F 256 32.26 -51.93 13.18
N THR F 257 32.20 -50.89 12.34
CA THR F 257 32.91 -49.65 12.59
C THR F 257 32.08 -48.79 13.58
N ARG F 258 32.69 -47.75 14.14
CA ARG F 258 32.04 -46.83 15.07
C ARG F 258 30.89 -46.06 14.39
N ALA F 259 31.03 -45.77 13.09
CA ALA F 259 30.00 -45.10 12.29
C ALA F 259 28.79 -46.00 12.05
N GLU F 260 29.03 -47.32 11.91
CA GLU F 260 27.98 -48.31 11.69
C GLU F 260 27.10 -48.50 12.90
N THR F 261 27.69 -48.69 14.09
CA THR F 261 26.86 -48.83 15.30
C THR F 261 26.05 -47.54 15.56
N SER F 262 26.67 -46.41 15.30
CA SER F 262 26.05 -45.10 15.45
C SER F 262 24.86 -44.97 14.49
N ASP F 263 25.02 -45.39 13.24
CA ASP F 263 23.98 -45.35 12.23
C ASP F 263 22.75 -46.18 12.63
N VAL F 264 22.99 -47.40 13.16
CA VAL F 264 21.91 -48.26 13.64
C VAL F 264 21.20 -47.59 14.81
N ALA F 265 21.95 -47.10 15.78
CA ALA F 265 21.32 -46.45 16.94
C ALA F 265 20.51 -45.22 16.53
N ASN F 266 21.05 -44.42 15.60
CA ASN F 266 20.39 -43.21 15.15
C ASN F 266 19.16 -43.50 14.32
N ALA F 267 19.12 -44.62 13.56
CA ALA F 267 17.89 -44.98 12.84
C ALA F 267 16.76 -45.28 13.85
N VAL F 268 17.09 -45.97 14.94
CA VAL F 268 16.11 -46.29 16.00
C VAL F 268 15.69 -44.99 16.71
N LEU F 269 16.67 -44.14 17.07
CA LEU F 269 16.34 -42.86 17.72
C LEU F 269 15.55 -41.95 16.80
N ASP F 270 15.69 -42.08 15.50
CA ASP F 270 14.91 -41.28 14.53
C ASP F 270 13.43 -41.65 14.57
N GLY F 271 13.12 -42.92 14.89
CA GLY F 271 11.76 -43.42 14.95
C GLY F 271 11.48 -44.58 14.00
N ALA F 272 12.53 -45.22 13.43
CA ALA F 272 12.31 -46.32 12.49
C ALA F 272 11.66 -47.53 13.16
N ASP F 273 10.68 -48.13 12.48
CA ASP F 273 10.03 -49.33 13.00
C ASP F 273 10.89 -50.53 12.76
N CYS F 274 11.59 -50.58 11.60
CA CYS F 274 12.45 -51.70 11.22
C CYS F 274 13.80 -51.23 10.79
N ILE F 275 14.78 -52.11 10.96
CA ILE F 275 16.15 -51.91 10.48
C ILE F 275 16.49 -53.11 9.59
N MET F 276 17.31 -52.90 8.56
CA MET F 276 17.58 -53.94 7.59
C MET F 276 19.03 -54.29 7.39
N LEU F 277 19.27 -55.55 7.02
CA LEU F 277 20.60 -56.08 6.68
C LEU F 277 20.49 -56.62 5.26
N SER F 278 21.39 -56.19 4.38
CA SER F 278 21.37 -56.63 2.99
C SER F 278 22.49 -57.64 2.76
N GLY F 279 23.63 -57.22 2.20
CA GLY F 279 24.76 -58.12 1.97
C GLY F 279 25.36 -58.69 3.24
N GLU F 280 25.18 -57.99 4.39
CA GLU F 280 25.66 -58.43 5.71
C GLU F 280 25.14 -59.85 6.03
N THR F 281 23.89 -60.16 5.62
CA THR F 281 23.31 -61.50 5.79
C THR F 281 23.16 -62.31 4.45
N ALA F 282 23.00 -61.63 3.30
CA ALA F 282 22.82 -62.32 2.02
C ALA F 282 24.09 -62.99 1.51
N LYS F 283 25.24 -62.30 1.61
CA LYS F 283 26.48 -62.84 1.09
C LYS F 283 27.71 -62.78 2.02
N GLY F 284 27.58 -62.17 3.21
CA GLY F 284 28.74 -61.97 4.08
C GLY F 284 29.16 -63.17 4.88
N ASN F 285 30.30 -63.08 5.57
CA ASN F 285 30.89 -64.12 6.41
C ASN F 285 30.34 -64.15 7.84
N PHE F 286 29.56 -63.13 8.26
CA PHE F 286 29.04 -63.12 9.64
C PHE F 286 27.54 -62.81 9.67
N PRO F 287 26.68 -63.55 8.95
CA PRO F 287 25.24 -63.22 8.97
C PRO F 287 24.57 -63.22 10.34
N VAL F 288 24.86 -64.23 11.16
CA VAL F 288 24.26 -64.34 12.48
C VAL F 288 24.78 -63.23 13.41
N GLU F 289 26.08 -62.90 13.31
CA GLU F 289 26.70 -61.87 14.12
C GLU F 289 26.15 -60.48 13.75
N ALA F 290 25.80 -60.25 12.47
CA ALA F 290 25.20 -58.99 12.03
C ALA F 290 23.79 -58.81 12.66
N VAL F 291 23.02 -59.90 12.71
CA VAL F 291 21.69 -59.86 13.33
C VAL F 291 21.84 -59.60 14.84
N LYS F 292 22.79 -60.29 15.50
CA LYS F 292 23.03 -60.11 16.92
C LYS F 292 23.45 -58.67 17.24
N MET F 293 24.26 -58.06 16.36
CA MET F 293 24.72 -56.70 16.53
C MET F 293 23.59 -55.70 16.40
N GLN F 294 22.72 -55.87 15.40
CA GLN F 294 21.55 -55.00 15.26
C GLN F 294 20.62 -55.14 16.46
N HIS F 295 20.47 -56.37 16.98
CA HIS F 295 19.63 -56.62 18.15
C HIS F 295 20.17 -55.86 19.39
N ALA F 296 21.48 -55.98 19.64
CA ALA F 296 22.16 -55.35 20.78
C ALA F 296 22.06 -53.83 20.71
N ILE F 297 22.30 -53.23 19.51
CA ILE F 297 22.23 -51.79 19.36
C ILE F 297 20.78 -51.29 19.53
N ALA F 298 19.83 -51.94 18.85
CA ALA F 298 18.44 -51.52 18.93
C ALA F 298 17.91 -51.49 20.37
N ARG F 299 18.26 -52.50 21.19
CA ARG F 299 17.82 -52.52 22.60
C ARG F 299 18.36 -51.29 23.36
N GLU F 300 19.64 -50.96 23.17
CA GLU F 300 20.25 -49.81 23.81
C GLU F 300 19.60 -48.52 23.33
N ALA F 301 19.36 -48.40 22.02
CA ALA F 301 18.77 -47.19 21.43
C ALA F 301 17.31 -46.97 21.82
N GLU F 302 16.54 -48.05 21.98
CA GLU F 302 15.15 -47.93 22.37
C GLU F 302 15.01 -47.37 23.79
N ALA F 303 15.89 -47.81 24.72
CA ALA F 303 15.86 -47.30 26.08
C ALA F 303 16.26 -45.81 26.11
N ALA F 304 17.10 -45.36 25.15
CA ALA F 304 17.59 -43.98 25.07
C ALA F 304 16.61 -43.02 24.38
N VAL F 305 15.45 -43.52 23.93
CA VAL F 305 14.43 -42.67 23.30
C VAL F 305 13.84 -41.75 24.39
N TYR F 306 13.68 -40.45 24.09
CA TYR F 306 13.13 -39.50 25.05
C TYR F 306 11.61 -39.55 24.97
N HIS F 307 10.99 -40.57 25.59
CA HIS F 307 9.52 -40.78 25.50
C HIS F 307 8.68 -39.60 25.95
N ARG F 308 9.15 -38.80 26.92
CA ARG F 308 8.40 -37.65 27.41
C ARG F 308 8.03 -36.69 26.26
N GLN F 309 9.02 -36.32 25.44
CA GLN F 309 8.78 -35.42 24.33
C GLN F 309 8.07 -36.15 23.22
N LEU F 310 8.49 -37.38 22.91
CA LEU F 310 7.91 -38.18 21.85
C LEU F 310 6.41 -38.38 22.00
N PHE F 311 5.97 -38.85 23.18
CA PHE F 311 4.55 -39.08 23.46
C PHE F 311 3.75 -37.79 23.40
N GLU F 312 4.26 -36.72 24.02
CA GLU F 312 3.58 -35.42 23.98
C GLU F 312 3.42 -34.91 22.54
N GLU F 313 4.45 -35.06 21.71
CA GLU F 313 4.40 -34.59 20.34
C GLU F 313 3.51 -35.46 19.48
N LEU F 314 3.51 -36.79 19.71
CA LEU F 314 2.64 -37.70 18.96
C LEU F 314 1.18 -37.40 19.32
N ARG F 315 0.91 -37.17 20.61
CA ARG F 315 -0.43 -36.82 21.06
C ARG F 315 -0.90 -35.47 20.47
N ARG F 316 -0.11 -34.40 20.62
CA ARG F 316 -0.45 -33.07 20.10
C ARG F 316 -0.70 -33.10 18.58
N ALA F 317 0.15 -33.79 17.80
CA ALA F 317 0.01 -33.85 16.34
C ALA F 317 -1.12 -34.76 15.86
N ALA F 318 -1.53 -35.75 16.68
CA ALA F 318 -2.58 -36.67 16.27
C ALA F 318 -3.93 -35.94 16.33
N PRO F 319 -4.74 -36.07 15.28
CA PRO F 319 -6.04 -35.38 15.29
C PRO F 319 -7.03 -36.03 16.26
N LEU F 320 -8.10 -35.31 16.61
CA LEU F 320 -9.17 -35.87 17.44
C LEU F 320 -9.83 -37.04 16.66
N SER F 321 -10.26 -38.07 17.38
CA SER F 321 -10.82 -39.23 16.70
C SER F 321 -12.07 -39.69 17.36
N ARG F 322 -13.04 -40.14 16.57
CA ARG F 322 -14.25 -40.73 17.10
C ARG F 322 -14.27 -42.26 16.95
N ASP F 323 -13.12 -42.87 16.56
CA ASP F 323 -12.95 -44.31 16.41
C ASP F 323 -12.57 -44.88 17.76
N PRO F 324 -13.39 -45.77 18.33
CA PRO F 324 -13.09 -46.31 19.65
C PRO F 324 -11.79 -47.08 19.76
N THR F 325 -11.28 -47.66 18.65
CA THR F 325 -10.00 -48.36 18.69
C THR F 325 -8.86 -47.34 18.94
N GLU F 326 -8.89 -46.22 18.21
CA GLU F 326 -7.92 -45.14 18.33
C GLU F 326 -7.99 -44.51 19.73
N VAL F 327 -9.22 -44.28 20.21
CA VAL F 327 -9.47 -43.71 21.54
C VAL F 327 -8.98 -44.64 22.66
N THR F 328 -9.26 -45.95 22.54
CA THR F 328 -8.80 -46.92 23.53
C THR F 328 -7.29 -47.01 23.53
N ALA F 329 -6.68 -46.99 22.34
CA ALA F 329 -5.22 -47.08 22.20
C ALA F 329 -4.48 -45.97 22.96
N ILE F 330 -4.91 -44.70 22.82
CA ILE F 330 -4.24 -43.61 23.53
C ILE F 330 -4.47 -43.71 25.04
N GLY F 331 -5.66 -44.12 25.46
CA GLY F 331 -5.97 -44.34 26.86
C GLY F 331 -5.09 -45.42 27.47
N ALA F 332 -4.90 -46.53 26.73
CA ALA F 332 -4.07 -47.64 27.18
C ALA F 332 -2.59 -47.26 27.26
N VAL F 333 -2.08 -46.49 26.29
CA VAL F 333 -0.69 -46.07 26.31
C VAL F 333 -0.44 -45.10 27.47
N GLU F 334 -1.40 -44.20 27.73
CA GLU F 334 -1.30 -43.25 28.84
CA GLU F 334 -1.31 -43.25 28.83
C GLU F 334 -1.28 -44.01 30.16
N ALA F 335 -2.19 -45.03 30.31
CA ALA F 335 -2.28 -45.85 31.51
C ALA F 335 -0.99 -46.64 31.73
N ALA F 336 -0.43 -47.19 30.66
CA ALA F 336 0.82 -47.93 30.71
C ALA F 336 1.98 -47.06 31.26
N PHE F 337 2.11 -45.81 30.78
CA PHE F 337 3.17 -44.92 31.26
C PHE F 337 2.99 -44.58 32.73
N LYS F 338 1.74 -44.35 33.16
CA LYS F 338 1.38 -44.00 34.54
C LYS F 338 1.85 -45.03 35.59
N CYS F 339 1.76 -46.32 35.25
CA CYS F 339 2.16 -47.36 36.20
C CYS F 339 3.43 -48.11 35.83
N CYS F 340 4.12 -47.70 34.73
CA CYS F 340 5.31 -48.38 34.20
C CYS F 340 4.93 -49.83 33.88
N ALA F 341 3.78 -50.03 33.20
CA ALA F 341 3.25 -51.35 32.84
C ALA F 341 4.27 -52.14 32.08
N ALA F 342 4.45 -53.41 32.43
CA ALA F 342 5.41 -54.25 31.74
C ALA F 342 4.96 -54.52 30.29
N ALA F 343 3.64 -54.62 30.07
CA ALA F 343 3.12 -54.92 28.74
C ALA F 343 1.69 -54.42 28.57
N ILE F 344 1.24 -54.31 27.31
CA ILE F 344 -0.11 -54.00 26.89
C ILE F 344 -0.51 -55.24 26.08
N ILE F 345 -1.46 -56.05 26.59
CA ILE F 345 -1.88 -57.26 25.87
C ILE F 345 -3.09 -56.89 25.07
N VAL F 346 -3.04 -57.10 23.75
CA VAL F 346 -4.15 -56.69 22.88
C VAL F 346 -4.63 -57.86 22.02
N LEU F 347 -5.94 -57.95 21.84
CA LEU F 347 -6.53 -59.00 21.01
C LEU F 347 -6.71 -58.37 19.65
N THR F 348 -6.13 -58.96 18.60
CA THR F 348 -6.29 -58.39 17.26
C THR F 348 -6.54 -59.45 16.24
N THR F 349 -7.29 -59.10 15.17
CA THR F 349 -7.55 -60.01 14.06
C THR F 349 -6.67 -59.63 12.86
N THR F 350 -6.68 -58.35 12.48
CA THR F 350 -5.90 -57.86 11.36
C THR F 350 -4.56 -57.22 11.75
N GLY F 351 -4.36 -56.98 13.04
CA GLY F 351 -3.16 -56.31 13.54
C GLY F 351 -3.40 -54.84 13.82
N ARG F 352 -4.56 -54.28 13.35
CA ARG F 352 -4.84 -52.87 13.48
C ARG F 352 -4.87 -52.32 14.92
N SER F 353 -5.45 -53.04 15.87
CA SER F 353 -5.47 -52.58 17.25
C SER F 353 -4.05 -52.49 17.81
N ALA F 354 -3.17 -53.40 17.42
CA ALA F 354 -1.79 -53.40 17.88
C ALA F 354 -1.03 -52.21 17.20
N GLN F 355 -1.30 -51.96 15.91
CA GLN F 355 -0.69 -50.88 15.16
C GLN F 355 -1.05 -49.52 15.78
N LEU F 356 -2.32 -49.33 16.19
CA LEU F 356 -2.73 -48.09 16.81
C LEU F 356 -2.10 -47.88 18.19
N LEU F 357 -1.80 -48.96 18.91
CA LEU F 357 -1.12 -48.84 20.20
C LEU F 357 0.33 -48.42 19.92
N SER F 358 0.97 -49.09 18.93
CA SER F 358 2.33 -48.90 18.47
C SER F 358 2.63 -47.45 18.02
N ARG F 359 1.67 -46.75 17.38
CA ARG F 359 1.91 -45.39 16.90
C ARG F 359 2.19 -44.39 18.02
N TYR F 360 1.74 -44.69 19.27
CA TYR F 360 2.01 -43.80 20.40
C TYR F 360 3.30 -44.10 21.12
N ARG F 361 4.10 -45.03 20.58
CA ARG F 361 5.40 -45.45 21.07
C ARG F 361 5.44 -45.73 22.56
N PRO F 362 4.63 -46.68 23.07
CA PRO F 362 4.72 -47.01 24.50
C PRO F 362 6.07 -47.65 24.82
N ARG F 363 6.52 -47.48 26.05
CA ARG F 363 7.70 -48.17 26.53
C ARG F 363 7.29 -49.66 26.82
N ALA F 364 6.01 -49.89 27.25
CA ALA F 364 5.48 -51.23 27.48
C ALA F 364 5.40 -52.02 26.17
N ALA F 365 5.75 -53.31 26.20
CA ALA F 365 5.69 -54.19 25.06
C ALA F 365 4.22 -54.41 24.67
N VAL F 366 3.90 -54.40 23.38
CA VAL F 366 2.53 -54.64 22.93
C VAL F 366 2.46 -56.11 22.53
N ILE F 367 1.92 -56.94 23.41
CA ILE F 367 1.77 -58.37 23.13
C ILE F 367 0.47 -58.58 22.36
N ALA F 368 0.56 -58.87 21.06
CA ALA F 368 -0.63 -58.99 20.21
C ALA F 368 -1.04 -60.44 20.06
N VAL F 369 -2.22 -60.80 20.65
CA VAL F 369 -2.76 -62.17 20.61
C VAL F 369 -3.71 -62.32 19.43
N THR F 370 -3.33 -63.15 18.46
CA THR F 370 -4.12 -63.29 17.23
C THR F 370 -4.27 -64.71 16.75
N ARG F 371 -5.34 -64.95 16.01
CA ARG F 371 -5.57 -66.26 15.39
C ARG F 371 -4.97 -66.31 13.97
N SER F 372 -4.84 -65.14 13.31
CA SER F 372 -4.34 -64.95 11.96
C SER F 372 -2.82 -65.13 11.87
N ALA F 373 -2.37 -66.17 11.19
CA ALA F 373 -0.95 -66.42 10.99
C ALA F 373 -0.30 -65.27 10.18
N GLN F 374 -1.02 -64.77 9.16
CA GLN F 374 -0.52 -63.68 8.33
C GLN F 374 -0.38 -62.37 9.14
N ALA F 375 -1.39 -62.01 9.94
CA ALA F 375 -1.32 -60.81 10.78
C ALA F 375 -0.18 -60.94 11.79
N ALA F 376 0.03 -62.14 12.36
CA ALA F 376 1.11 -62.38 13.30
C ALA F 376 2.48 -62.09 12.65
N ARG F 377 2.66 -62.43 11.36
CA ARG F 377 3.89 -62.16 10.66
C ARG F 377 4.01 -60.66 10.30
N GLN F 378 2.94 -60.08 9.76
CA GLN F 378 2.92 -58.69 9.32
C GLN F 378 3.03 -57.64 10.44
N VAL F 379 2.63 -57.97 11.71
CA VAL F 379 2.76 -56.97 12.79
C VAL F 379 4.22 -56.69 13.19
N HIS F 380 5.18 -57.49 12.71
CA HIS F 380 6.60 -57.23 12.92
C HIS F 380 6.98 -55.87 12.28
N LEU F 381 6.20 -55.36 11.32
CA LEU F 381 6.46 -54.08 10.72
C LEU F 381 6.25 -52.93 11.72
N CYS F 382 5.47 -53.14 12.81
CA CYS F 382 5.15 -52.12 13.82
C CYS F 382 6.01 -52.25 15.03
N ARG F 383 6.75 -51.18 15.34
CA ARG F 383 7.64 -51.18 16.49
C ARG F 383 6.95 -51.51 17.81
N GLY F 384 7.55 -52.44 18.54
CA GLY F 384 7.07 -52.82 19.85
C GLY F 384 5.94 -53.82 19.88
N VAL F 385 5.58 -54.40 18.72
CA VAL F 385 4.53 -55.40 18.68
C VAL F 385 5.14 -56.79 18.66
N PHE F 386 4.78 -57.60 19.67
CA PHE F 386 5.26 -58.96 19.83
C PHE F 386 4.09 -59.91 19.53
N PRO F 387 4.10 -60.51 18.32
CA PRO F 387 2.96 -61.36 17.93
C PRO F 387 2.91 -62.75 18.60
N LEU F 388 1.76 -63.10 19.18
CA LEU F 388 1.54 -64.40 19.82
C LEU F 388 0.46 -65.15 18.99
N LEU F 389 0.84 -66.21 18.27
CA LEU F 389 -0.13 -66.97 17.48
C LEU F 389 -0.96 -67.92 18.37
N TYR F 390 -2.27 -67.71 18.40
CA TYR F 390 -3.19 -68.52 19.18
C TYR F 390 -3.80 -69.60 18.29
N ARG F 391 -3.45 -70.87 18.54
CA ARG F 391 -3.94 -71.97 17.72
C ARG F 391 -5.10 -72.79 18.38
N GLU F 392 -5.77 -72.24 19.41
CA GLU F 392 -6.88 -72.97 20.06
C GLU F 392 -8.23 -72.78 19.38
N PRO F 393 -9.05 -73.84 19.37
CA PRO F 393 -10.41 -73.70 18.81
C PRO F 393 -11.29 -72.84 19.70
N PRO F 394 -12.20 -72.07 19.09
CA PRO F 394 -13.03 -71.17 19.89
C PRO F 394 -13.90 -71.84 20.94
N GLU F 395 -14.06 -71.17 22.09
CA GLU F 395 -14.92 -71.61 23.18
C GLU F 395 -16.39 -71.40 22.76
N ALA F 396 -17.34 -72.07 23.46
CA ALA F 396 -18.76 -71.92 23.16
C ALA F 396 -19.21 -70.48 23.50
N ILE F 397 -18.78 -69.98 24.66
CA ILE F 397 -19.11 -68.63 25.07
C ILE F 397 -17.99 -67.68 24.64
N TRP F 398 -18.30 -66.70 23.77
CA TRP F 398 -17.32 -65.75 23.26
C TRP F 398 -16.53 -65.04 24.35
N ALA F 399 -17.19 -64.57 25.42
CA ALA F 399 -16.51 -63.90 26.52
C ALA F 399 -15.43 -64.80 27.15
N ASP F 400 -15.69 -66.10 27.25
CA ASP F 400 -14.73 -67.05 27.81
C ASP F 400 -13.56 -67.25 26.88
N ASP F 401 -13.80 -67.24 25.56
CA ASP F 401 -12.77 -67.41 24.54
C ASP F 401 -11.77 -66.23 24.60
N VAL F 402 -12.30 -65.01 24.81
CA VAL F 402 -11.58 -63.77 24.98
C VAL F 402 -10.72 -63.89 26.24
N ASP F 403 -11.31 -64.27 27.39
CA ASP F 403 -10.55 -64.42 28.62
C ASP F 403 -9.44 -65.45 28.50
N ARG F 404 -9.68 -66.52 27.73
CA ARG F 404 -8.66 -67.55 27.51
C ARG F 404 -7.47 -66.96 26.75
N ARG F 405 -7.76 -66.11 25.75
CA ARG F 405 -6.76 -65.46 24.93
C ARG F 405 -5.94 -64.47 25.74
N VAL F 406 -6.58 -63.72 26.64
CA VAL F 406 -5.90 -62.79 27.52
C VAL F 406 -4.95 -63.55 28.46
N GLN F 407 -5.45 -64.65 29.06
CA GLN F 407 -4.65 -65.48 29.97
C GLN F 407 -3.49 -66.15 29.27
N PHE F 408 -3.68 -66.51 28.00
CA PHE F 408 -2.62 -67.10 27.19
C PHE F 408 -1.47 -66.07 27.01
N GLY F 409 -1.84 -64.81 26.80
CA GLY F 409 -0.87 -63.72 26.67
C GLY F 409 -0.10 -63.50 27.96
N ILE F 410 -0.80 -63.60 29.12
CA ILE F 410 -0.20 -63.41 30.44
C ILE F 410 0.74 -64.56 30.76
N GLU F 411 0.29 -65.80 30.54
CA GLU F 411 1.14 -66.97 30.82
C GLU F 411 2.32 -67.03 29.90
N SER F 412 2.11 -66.77 28.60
CA SER F 412 3.22 -66.76 27.67
C SER F 412 4.22 -65.64 27.99
N GLY F 413 3.72 -64.49 28.44
CA GLY F 413 4.55 -63.34 28.81
C GLY F 413 5.36 -63.59 30.06
N LYS F 414 4.79 -64.30 31.04
CA LYS F 414 5.48 -64.67 32.27
C LYS F 414 6.61 -65.65 31.93
N LEU F 415 6.31 -66.63 31.07
CA LEU F 415 7.27 -67.62 30.66
C LEU F 415 8.38 -67.06 29.80
N ARG F 416 8.11 -66.05 28.96
CA ARG F 416 9.15 -65.43 28.14
C ARG F 416 9.96 -64.32 28.84
N GLY F 417 9.57 -63.96 30.06
CA GLY F 417 10.28 -62.93 30.81
C GLY F 417 9.72 -61.52 30.67
N PHE F 418 8.69 -61.30 29.82
CA PHE F 418 8.07 -59.99 29.66
C PHE F 418 7.35 -59.56 30.94
N LEU F 419 6.71 -60.51 31.63
CA LEU F 419 5.91 -60.20 32.81
C LEU F 419 6.43 -60.88 34.05
N ARG F 420 6.34 -60.18 35.14
CA ARG F 420 6.78 -60.63 36.44
C ARG F 420 5.58 -60.49 37.41
N VAL F 421 5.55 -61.33 38.46
CA VAL F 421 4.49 -61.25 39.47
C VAL F 421 4.59 -59.90 40.17
N GLY F 422 3.46 -59.23 40.33
CA GLY F 422 3.43 -57.89 40.88
C GLY F 422 3.39 -56.82 39.81
N ASP F 423 3.70 -57.18 38.54
CA ASP F 423 3.67 -56.21 37.45
C ASP F 423 2.23 -55.85 37.13
N LEU F 424 2.05 -54.68 36.53
CA LEU F 424 0.76 -54.25 36.04
C LEU F 424 0.78 -54.40 34.54
N VAL F 425 -0.30 -54.93 33.98
CA VAL F 425 -0.45 -55.06 32.54
C VAL F 425 -1.74 -54.33 32.15
N ILE F 426 -1.75 -53.78 30.95
CA ILE F 426 -2.94 -53.11 30.42
C ILE F 426 -3.49 -54.08 29.39
N VAL F 427 -4.79 -54.39 29.46
CA VAL F 427 -5.40 -55.35 28.53
C VAL F 427 -6.41 -54.66 27.62
N VAL F 428 -6.21 -54.77 26.31
CA VAL F 428 -7.07 -54.12 25.33
C VAL F 428 -7.90 -55.16 24.55
N THR F 429 -9.23 -55.08 24.67
CA THR F 429 -10.18 -56.00 24.01
C THR F 429 -11.38 -55.20 23.40
N GLY F 430 -12.32 -55.90 22.75
CA GLY F 430 -13.52 -55.30 22.20
C GLY F 430 -14.78 -55.81 22.86
N TRP F 431 -15.95 -55.29 22.45
CA TRP F 431 -17.26 -55.62 23.05
C TRP F 431 -18.03 -56.73 22.33
N ARG F 432 -17.74 -56.96 21.06
CA ARG F 432 -18.36 -58.00 20.24
C ARG F 432 -17.28 -58.63 19.31
N PRO F 433 -17.49 -59.83 18.73
CA PRO F 433 -16.44 -60.41 17.87
C PRO F 433 -16.24 -59.69 16.53
N GLY F 434 -15.17 -60.05 15.81
CA GLY F 434 -14.84 -59.44 14.53
C GLY F 434 -13.94 -58.23 14.67
N SER F 435 -13.31 -57.82 13.57
CA SER F 435 -12.43 -56.67 13.53
C SER F 435 -13.20 -55.35 13.61
N GLY F 436 -12.56 -54.36 14.22
CA GLY F 436 -13.08 -53.01 14.30
C GLY F 436 -13.85 -52.62 15.54
N TYR F 437 -13.92 -53.52 16.55
CA TYR F 437 -14.73 -53.21 17.74
C TYR F 437 -13.97 -53.06 19.05
N THR F 438 -12.65 -52.84 19.00
CA THR F 438 -11.84 -52.63 20.21
C THR F 438 -12.33 -51.39 20.94
N ASN F 439 -12.62 -51.49 22.23
CA ASN F 439 -13.14 -50.35 23.00
C ASN F 439 -12.95 -50.48 24.51
N ILE F 440 -12.21 -51.49 24.98
CA ILE F 440 -12.06 -51.74 26.40
C ILE F 440 -10.61 -51.79 26.81
N MET F 441 -10.30 -51.11 27.91
CA MET F 441 -8.96 -51.15 28.47
CA MET F 441 -8.96 -51.08 28.48
C MET F 441 -9.09 -51.51 29.94
N ARG F 442 -8.34 -52.52 30.37
CA ARG F 442 -8.40 -52.99 31.75
C ARG F 442 -7.02 -52.99 32.39
N VAL F 443 -6.93 -52.59 33.66
CA VAL F 443 -5.66 -52.59 34.39
C VAL F 443 -5.66 -53.87 35.22
N LEU F 444 -4.71 -54.76 34.98
CA LEU F 444 -4.64 -56.03 35.69
CA LEU F 444 -4.64 -56.03 35.67
C LEU F 444 -3.31 -56.20 36.39
N SER F 445 -3.33 -56.77 37.61
CA SER F 445 -2.12 -57.02 38.38
C SER F 445 -1.75 -58.48 38.15
N ILE F 446 -0.49 -58.73 37.85
CA ILE F 446 -0.03 -60.09 37.59
CA ILE F 446 -0.01 -60.08 37.58
C ILE F 446 0.20 -60.88 38.87
N SER F 447 -0.51 -62.00 39.03
CA SER F 447 -0.41 -62.83 40.24
C SER F 447 0.31 -64.16 40.01
N GLY G 23 22.86 -12.87 49.07
CA GLY G 23 23.04 -14.32 49.12
C GLY G 23 21.75 -15.12 49.05
N THR G 24 21.52 -16.01 50.04
CA THR G 24 20.30 -16.85 50.12
C THR G 24 19.06 -15.97 50.30
N ALA G 25 19.19 -14.90 51.13
CA ALA G 25 18.11 -13.95 51.41
C ALA G 25 17.61 -13.29 50.13
N PHE G 26 18.53 -12.97 49.19
CA PHE G 26 18.17 -12.37 47.90
C PHE G 26 17.24 -13.29 47.12
N PHE G 27 17.56 -14.60 47.07
CA PHE G 27 16.78 -15.55 46.28
C PHE G 27 15.49 -16.02 46.96
N GLN G 28 15.18 -15.52 48.17
CA GLN G 28 13.91 -15.81 48.83
C GLN G 28 12.89 -14.66 48.63
N GLN G 29 13.38 -13.43 48.35
CA GLN G 29 12.58 -12.23 48.10
C GLN G 29 12.01 -12.21 46.67
N GLN G 30 11.04 -11.28 46.42
CA GLN G 30 10.36 -11.01 45.14
C GLN G 30 9.92 -12.27 44.37
N GLN G 31 9.39 -13.27 45.09
CA GLN G 31 8.90 -14.54 44.56
C GLN G 31 9.90 -15.24 43.64
N LEU G 32 11.21 -15.11 43.94
CA LEU G 32 12.25 -15.76 43.14
C LEU G 32 12.16 -17.30 43.17
N PRO G 33 11.82 -17.97 44.30
CA PRO G 33 11.64 -19.44 44.22
C PRO G 33 10.53 -19.84 43.24
N ALA G 34 9.41 -19.08 43.21
CA ALA G 34 8.29 -19.32 42.29
C ALA G 34 8.64 -18.98 40.83
N ALA G 35 9.59 -18.05 40.64
CA ALA G 35 10.03 -17.63 39.32
C ALA G 35 10.86 -18.70 38.60
N MET G 36 11.60 -19.53 39.35
CA MET G 36 12.42 -20.59 38.74
C MET G 36 11.66 -21.88 38.47
N ALA G 37 10.33 -21.93 38.74
CA ALA G 37 9.54 -23.14 38.55
C ALA G 37 9.47 -23.57 37.08
N ASP G 38 9.41 -24.89 36.84
CA ASP G 38 9.36 -25.44 35.48
C ASP G 38 7.96 -25.46 34.87
N THR G 39 6.92 -25.33 35.70
CA THR G 39 5.53 -25.26 35.23
C THR G 39 4.80 -24.10 35.92
N PHE G 40 3.72 -23.63 35.30
CA PHE G 40 2.89 -22.59 35.89
C PHE G 40 2.22 -23.07 37.20
N LEU G 41 1.84 -24.35 37.23
CA LEU G 41 1.24 -24.99 38.39
C LEU G 41 2.23 -24.99 39.56
N GLU G 42 3.49 -25.37 39.32
CA GLU G 42 4.57 -25.36 40.33
CA GLU G 42 4.50 -25.36 40.38
C GLU G 42 4.86 -23.94 40.79
N HIS G 43 4.76 -22.97 39.86
CA HIS G 43 4.98 -21.55 40.12
C HIS G 43 3.93 -21.08 41.14
N LEU G 44 2.65 -21.43 40.92
CA LEU G 44 1.57 -21.06 41.86
C LEU G 44 1.84 -21.66 43.24
N CYS G 45 2.22 -22.96 43.29
CA CYS G 45 2.52 -23.68 44.53
C CYS G 45 3.65 -23.06 45.30
N LEU G 46 4.60 -22.40 44.62
CA LEU G 46 5.76 -21.79 45.25
C LEU G 46 5.56 -20.35 45.69
N LEU G 47 4.37 -19.77 45.47
CA LEU G 47 4.12 -18.39 45.89
C LEU G 47 4.15 -18.32 47.42
N ASP G 48 4.89 -17.34 47.95
CA ASP G 48 5.10 -17.21 49.37
C ASP G 48 4.66 -15.84 49.91
N ILE G 49 3.72 -15.80 50.86
CA ILE G 49 3.27 -14.54 51.46
C ILE G 49 4.41 -13.83 52.25
N ASP G 50 5.44 -14.57 52.64
CA ASP G 50 6.60 -14.01 53.34
C ASP G 50 7.69 -13.51 52.38
N SER G 51 7.56 -13.77 51.08
CA SER G 51 8.51 -13.31 50.08
C SER G 51 8.16 -11.87 49.76
N GLU G 52 8.91 -10.94 50.31
CA GLU G 52 8.62 -9.52 50.15
C GLU G 52 9.03 -8.93 48.82
N PRO G 53 8.16 -8.08 48.23
CA PRO G 53 8.54 -7.44 46.96
C PRO G 53 9.69 -6.45 47.16
N VAL G 54 10.65 -6.45 46.24
CA VAL G 54 11.79 -5.53 46.34
C VAL G 54 11.78 -4.53 45.21
N ALA G 55 11.41 -4.96 44.01
CA ALA G 55 11.32 -4.11 42.84
C ALA G 55 10.31 -2.94 43.02
N ALA G 56 10.55 -1.84 42.30
CA ALA G 56 9.62 -0.73 42.30
C ALA G 56 8.35 -1.17 41.55
N ARG G 57 7.21 -0.58 41.95
CA ARG G 57 5.91 -0.87 41.35
C ARG G 57 5.88 -0.42 39.90
N SER G 58 5.64 -1.36 38.99
CA SER G 58 5.72 -1.08 37.56
C SER G 58 4.37 -0.80 36.83
N THR G 59 3.22 -1.19 37.41
CA THR G 59 1.92 -0.91 36.80
C THR G 59 1.52 0.51 37.20
N SER G 60 1.33 1.42 36.23
CA SER G 60 0.97 2.79 36.57
C SER G 60 -0.42 2.91 37.12
N ILE G 61 -0.61 3.88 37.98
CA ILE G 61 -1.89 4.13 38.60
C ILE G 61 -2.46 5.40 37.98
N ILE G 62 -3.65 5.29 37.41
CA ILE G 62 -4.38 6.45 36.88
C ILE G 62 -5.41 6.82 37.95
N ALA G 63 -5.41 8.07 38.41
CA ALA G 63 -6.38 8.51 39.42
C ALA G 63 -7.23 9.62 38.84
N THR G 64 -8.55 9.48 38.94
CA THR G 64 -9.47 10.52 38.45
C THR G 64 -9.52 11.68 39.42
N ILE G 65 -9.30 12.87 38.92
CA ILE G 65 -9.26 14.07 39.72
C ILE G 65 -10.59 14.84 39.65
N GLY G 66 -11.30 14.87 40.77
CA GLY G 66 -12.57 15.56 40.90
C GLY G 66 -12.69 16.29 42.23
N PRO G 67 -13.94 16.50 42.72
CA PRO G 67 -14.13 17.24 43.98
C PRO G 67 -13.32 16.77 45.19
N ALA G 68 -13.21 15.44 45.38
CA ALA G 68 -12.45 14.88 46.50
C ALA G 68 -10.91 14.96 46.43
N SER G 69 -10.35 15.24 45.26
CA SER G 69 -8.89 15.19 45.04
C SER G 69 -8.33 16.37 44.28
N ARG G 70 -9.01 17.48 44.28
CA ARG G 70 -8.67 18.65 43.52
C ARG G 70 -7.65 19.59 44.14
N SER G 71 -7.51 19.59 45.47
CA SER G 71 -6.63 20.57 46.13
C SER G 71 -5.17 20.26 45.92
N VAL G 72 -4.33 21.31 45.82
CA VAL G 72 -2.88 21.19 45.64
C VAL G 72 -2.25 20.34 46.73
N GLU G 73 -2.70 20.53 47.99
CA GLU G 73 -2.18 19.76 49.11
C GLU G 73 -2.55 18.26 49.05
N ARG G 74 -3.80 17.96 48.64
CA ARG G 74 -4.28 16.59 48.48
C ARG G 74 -3.55 15.93 47.29
N LEU G 75 -3.34 16.66 46.20
CA LEU G 75 -2.63 16.18 45.03
C LEU G 75 -1.19 15.80 45.33
N LYS G 76 -0.49 16.56 46.20
CA LYS G 76 0.89 16.23 46.62
C LYS G 76 0.90 14.88 47.35
N GLU G 77 -0.12 14.62 48.18
CA GLU G 77 -0.26 13.36 48.87
C GLU G 77 -0.50 12.22 47.91
N MET G 78 -1.31 12.47 46.84
CA MET G 78 -1.62 11.45 45.84
CA MET G 78 -1.61 11.44 45.84
C MET G 78 -0.39 11.12 44.98
N ILE G 79 0.46 12.12 44.71
CA ILE G 79 1.70 11.92 43.97
C ILE G 79 2.64 11.05 44.82
N LYS G 80 2.75 11.37 46.13
CA LYS G 80 3.56 10.60 47.06
C LYS G 80 3.05 9.17 47.23
N ALA G 81 1.73 8.98 47.17
CA ALA G 81 1.08 7.66 47.28
C ALA G 81 1.34 6.78 46.01
N GLY G 82 1.62 7.42 44.87
CA GLY G 82 1.91 6.68 43.65
C GLY G 82 1.15 7.03 42.38
N MET G 83 0.33 8.08 42.40
CA MET G 83 -0.41 8.47 41.20
C MET G 83 0.56 8.85 40.06
N ASN G 84 0.41 8.21 38.90
CA ASN G 84 1.29 8.50 37.77
C ASN G 84 0.58 9.33 36.69
N ILE G 85 -0.73 9.11 36.53
CA ILE G 85 -1.54 9.78 35.53
C ILE G 85 -2.79 10.34 36.20
N ALA G 86 -3.09 11.61 35.94
CA ALA G 86 -4.27 12.29 36.47
C ALA G 86 -5.33 12.27 35.37
N ARG G 87 -6.49 11.68 35.63
CA ARG G 87 -7.57 11.60 34.65
C ARG G 87 -8.62 12.67 34.92
N LEU G 88 -9.04 13.38 33.89
CA LEU G 88 -10.09 14.39 34.00
C LEU G 88 -11.29 13.87 33.20
N ASN G 89 -12.39 13.58 33.90
CA ASN G 89 -13.58 13.03 33.25
C ASN G 89 -14.45 14.16 32.68
N PHE G 90 -14.44 14.31 31.36
CA PHE G 90 -15.22 15.35 30.70
C PHE G 90 -16.72 15.00 30.58
N SER G 91 -17.17 13.94 31.22
CA SER G 91 -18.58 13.64 31.36
C SER G 91 -19.18 14.55 32.47
N HIS G 92 -18.35 15.04 33.42
CA HIS G 92 -18.77 15.91 34.51
C HIS G 92 -17.96 17.22 34.44
N GLY G 93 -18.37 18.22 35.22
CA GLY G 93 -17.67 19.50 35.28
C GLY G 93 -17.74 20.35 34.04
N SER G 94 -16.98 21.43 34.03
CA SER G 94 -16.92 22.33 32.90
C SER G 94 -15.44 22.52 32.46
N HIS G 95 -15.21 23.24 31.36
CA HIS G 95 -13.87 23.57 30.91
C HIS G 95 -13.11 24.37 32.00
N GLU G 96 -13.80 25.30 32.63
CA GLU G 96 -13.20 26.14 33.66
C GLU G 96 -12.78 25.28 34.87
N TYR G 97 -13.63 24.33 35.25
CA TYR G 97 -13.41 23.46 36.39
C TYR G 97 -12.17 22.56 36.12
N HIS G 98 -12.13 21.91 34.94
CA HIS G 98 -11.03 21.04 34.58
C HIS G 98 -9.73 21.80 34.40
N ALA G 99 -9.76 23.03 33.89
CA ALA G 99 -8.57 23.85 33.76
C ALA G 99 -7.95 24.12 35.14
N GLU G 100 -8.81 24.40 36.14
CA GLU G 100 -8.36 24.64 37.50
CA GLU G 100 -8.35 24.64 37.49
C GLU G 100 -7.74 23.37 38.09
N SER G 101 -8.36 22.22 37.85
CA SER G 101 -7.84 20.94 38.32
C SER G 101 -6.41 20.64 37.68
N ILE G 102 -6.26 20.87 36.34
CA ILE G 102 -5.01 20.71 35.63
C ILE G 102 -3.93 21.62 36.24
N ALA G 103 -4.28 22.88 36.49
CA ALA G 103 -3.34 23.83 37.09
C ALA G 103 -2.90 23.37 38.51
N ASN G 104 -3.82 22.80 39.29
CA ASN G 104 -3.52 22.29 40.62
C ASN G 104 -2.62 21.05 40.56
N VAL G 105 -2.86 20.15 39.58
CA VAL G 105 -1.99 18.98 39.40
C VAL G 105 -0.57 19.45 39.04
N ARG G 106 -0.45 20.36 38.06
CA ARG G 106 0.85 20.91 37.67
C ARG G 106 1.57 21.61 38.82
N GLU G 107 0.83 22.32 39.68
CA GLU G 107 1.44 23.01 40.83
C GLU G 107 1.96 21.97 41.85
N ALA G 108 1.18 20.91 42.13
CA ALA G 108 1.63 19.86 43.04
C ALA G 108 2.82 19.08 42.45
N VAL G 109 2.84 18.84 41.13
CA VAL G 109 3.94 18.11 40.47
C VAL G 109 5.21 18.94 40.50
N GLU G 110 5.10 20.24 40.17
CA GLU G 110 6.27 21.12 40.15
C GLU G 110 6.79 21.50 41.53
N SER G 111 6.04 21.23 42.61
CA SER G 111 6.53 21.48 43.95
C SER G 111 7.72 20.57 44.32
N PHE G 112 7.93 19.45 43.57
CA PHE G 112 9.05 18.52 43.81
C PHE G 112 10.18 18.69 42.77
N ALA G 113 10.07 19.64 41.83
CA ALA G 113 11.09 19.86 40.77
C ALA G 113 12.45 20.38 41.26
N GLY G 114 12.48 20.93 42.47
CA GLY G 114 13.70 21.46 43.08
C GLY G 114 14.76 20.41 43.35
N SER G 115 14.34 19.12 43.43
CA SER G 115 15.25 17.97 43.62
C SER G 115 15.13 17.10 42.34
N PRO G 116 15.93 17.38 41.30
CA PRO G 116 15.78 16.64 40.03
C PRO G 116 16.05 15.15 40.06
N LEU G 117 16.87 14.65 41.02
CA LEU G 117 17.12 13.21 41.12
C LEU G 117 15.91 12.43 41.63
N SER G 118 14.93 13.10 42.26
CA SER G 118 13.75 12.42 42.81
C SER G 118 12.42 12.89 42.18
N TYR G 119 12.45 13.92 41.28
CA TYR G 119 11.25 14.47 40.65
C TYR G 119 10.45 13.39 39.90
N ARG G 120 9.13 13.36 40.14
CA ARG G 120 8.25 12.41 39.50
C ARG G 120 7.30 13.08 38.48
N PRO G 121 7.46 12.81 37.16
CA PRO G 121 6.51 13.38 36.18
C PRO G 121 5.12 12.76 36.30
N VAL G 122 4.05 13.53 36.05
CA VAL G 122 2.67 13.02 36.14
C VAL G 122 1.93 13.38 34.86
N ALA G 123 1.40 12.41 34.13
CA ALA G 123 0.70 12.68 32.89
C ALA G 123 -0.71 13.22 33.13
N ILE G 124 -1.25 13.97 32.18
CA ILE G 124 -2.62 14.46 32.26
C ILE G 124 -3.41 13.83 31.13
N ALA G 125 -4.46 13.09 31.49
CA ALA G 125 -5.30 12.40 30.53
C ALA G 125 -6.72 12.99 30.52
N LEU G 126 -7.26 13.22 29.33
CA LEU G 126 -8.61 13.74 29.16
C LEU G 126 -9.51 12.59 28.74
N ASP G 127 -10.53 12.27 29.55
CA ASP G 127 -11.48 11.22 29.21
C ASP G 127 -12.72 11.90 28.59
N THR G 128 -13.02 11.62 27.31
CA THR G 128 -14.12 12.27 26.63
C THR G 128 -15.53 11.78 27.08
N LYS G 129 -16.57 12.61 26.88
CA LYS G 129 -17.94 12.27 27.23
C LYS G 129 -18.47 11.13 26.34
N GLY G 130 -18.15 11.18 25.05
CA GLY G 130 -18.55 10.13 24.14
C GLY G 130 -19.56 10.56 23.11
N PRO G 131 -19.90 9.66 22.19
CA PRO G 131 -20.83 10.02 21.12
C PRO G 131 -22.31 9.98 21.51
N PRO G 135 -23.31 8.11 16.18
CA PRO G 135 -23.59 8.92 14.97
C PRO G 135 -22.30 9.40 14.26
N GLY G 136 -21.26 9.62 15.09
CA GLY G 136 -19.92 10.12 14.76
C GLY G 136 -19.27 10.74 16.00
N LEU G 137 -18.33 11.67 15.83
CA LEU G 137 -17.76 12.39 16.97
C LEU G 137 -18.77 13.50 17.42
N SER G 138 -19.17 13.50 18.68
CA SER G 138 -20.10 14.52 19.16
C SER G 138 -19.52 15.93 19.13
N GLU G 139 -20.39 16.95 19.09
CA GLU G 139 -19.94 18.34 19.05
C GLU G 139 -19.21 18.73 20.33
N GLN G 140 -19.65 18.19 21.47
CA GLN G 140 -19.01 18.46 22.76
C GLN G 140 -17.62 17.86 22.78
N ASP G 141 -17.45 16.63 22.22
CA ASP G 141 -16.15 15.97 22.13
C ASP G 141 -15.19 16.81 21.32
N VAL G 142 -15.63 17.38 20.21
CA VAL G 142 -14.79 18.25 19.38
C VAL G 142 -14.25 19.43 20.20
N ARG G 143 -15.12 20.04 21.01
CA ARG G 143 -14.73 21.17 21.86
C ARG G 143 -13.81 20.75 23.02
N ASP G 144 -14.09 19.61 23.64
CA ASP G 144 -13.27 19.10 24.73
C ASP G 144 -11.89 18.65 24.26
N LEU G 145 -11.81 18.00 23.08
CA LEU G 145 -10.53 17.60 22.49
C LEU G 145 -9.70 18.83 22.17
N ARG G 146 -10.34 19.91 21.68
CA ARG G 146 -9.66 21.19 21.39
C ARG G 146 -9.11 21.80 22.71
N PHE G 147 -9.89 21.67 23.80
CA PHE G 147 -9.51 22.14 25.11
C PHE G 147 -8.22 21.40 25.55
N GLY G 148 -8.18 20.09 25.35
CA GLY G 148 -7.04 19.25 25.69
C GLY G 148 -5.77 19.66 24.99
N VAL G 149 -5.86 19.97 23.70
CA VAL G 149 -4.74 20.46 22.93
C VAL G 149 -4.26 21.79 23.50
N GLU G 150 -5.20 22.70 23.78
CA GLU G 150 -4.86 24.01 24.30
C GLU G 150 -4.26 23.96 25.70
N HIS G 151 -4.64 22.95 26.48
CA HIS G 151 -4.11 22.79 27.83
C HIS G 151 -2.95 21.78 27.92
N GLY G 152 -2.44 21.32 26.78
CA GLY G 152 -1.31 20.42 26.70
C GLY G 152 -1.47 19.07 27.38
N VAL G 153 -2.63 18.42 27.19
CA VAL G 153 -2.83 17.11 27.76
C VAL G 153 -1.91 16.10 27.01
N ASP G 154 -1.56 15.03 27.72
CA ASP G 154 -0.67 14.04 27.16
C ASP G 154 -1.45 12.88 26.53
N ILE G 155 -2.62 12.57 27.08
CA ILE G 155 -3.39 11.41 26.66
C ILE G 155 -4.84 11.72 26.50
N VAL G 156 -5.52 10.99 25.61
CA VAL G 156 -6.96 11.06 25.43
C VAL G 156 -7.52 9.65 25.65
N PHE G 157 -8.43 9.49 26.60
CA PHE G 157 -9.12 8.23 26.78
C PHE G 157 -10.40 8.47 25.97
N ALA G 158 -10.47 7.96 24.73
CA ALA G 158 -11.63 8.19 23.86
C ALA G 158 -12.77 7.25 24.17
N SER G 159 -13.88 7.80 24.67
CA SER G 159 -15.06 7.00 25.04
C SER G 159 -15.78 6.39 23.85
N PHE G 160 -16.36 5.20 24.07
CA PHE G 160 -17.13 4.42 23.12
C PHE G 160 -16.56 4.34 21.71
N VAL G 161 -15.32 3.89 21.58
CA VAL G 161 -14.73 3.65 20.27
C VAL G 161 -15.34 2.31 19.75
N ARG G 162 -15.89 2.30 18.54
CA ARG G 162 -16.52 1.10 17.98
C ARG G 162 -15.84 0.54 16.76
N LYS G 163 -15.09 1.39 16.04
CA LYS G 163 -14.47 1.06 14.76
C LYS G 163 -13.26 1.96 14.50
N ALA G 164 -12.43 1.62 13.51
CA ALA G 164 -11.22 2.39 13.19
C ALA G 164 -11.53 3.82 12.81
N SER G 165 -12.70 4.08 12.20
CA SER G 165 -13.06 5.45 11.80
C SER G 165 -13.31 6.38 12.98
N ASP G 166 -13.71 5.82 14.14
CA ASP G 166 -13.89 6.60 15.37
C ASP G 166 -12.55 7.15 15.86
N VAL G 167 -11.48 6.34 15.74
CA VAL G 167 -10.14 6.78 16.14
C VAL G 167 -9.61 7.85 15.18
N ALA G 168 -9.91 7.70 13.89
CA ALA G 168 -9.51 8.68 12.89
C ALA G 168 -10.18 10.01 13.15
N ALA G 169 -11.45 10.01 13.61
CA ALA G 169 -12.16 11.24 13.93
C ALA G 169 -11.53 11.93 15.14
N VAL G 170 -11.16 11.15 16.18
CA VAL G 170 -10.48 11.71 17.35
C VAL G 170 -9.12 12.30 16.95
N ARG G 171 -8.35 11.60 16.07
CA ARG G 171 -7.04 12.02 15.56
C ARG G 171 -7.13 13.31 14.81
N ALA G 172 -8.16 13.40 13.94
CA ALA G 172 -8.47 14.55 13.10
C ALA G 172 -8.85 15.73 14.01
N ALA G 173 -9.58 15.47 15.12
CA ALA G 173 -9.94 16.51 16.06
C ALA G 173 -8.76 17.01 16.90
N LEU G 174 -7.69 16.19 17.03
CA LEU G 174 -6.51 16.67 17.78
C LEU G 174 -5.70 17.71 16.99
N GLY G 175 -6.42 18.45 16.13
CA GLY G 175 -6.09 19.66 15.39
C GLY G 175 -4.76 19.60 14.75
N PRO G 176 -4.19 20.78 14.47
CA PRO G 176 -2.84 20.80 13.87
C PRO G 176 -1.70 20.65 14.91
N GLU G 177 -2.00 20.90 16.20
CA GLU G 177 -0.95 20.93 17.19
C GLU G 177 -1.04 19.84 18.26
N GLY G 178 -1.96 18.88 18.13
CA GLY G 178 -2.06 17.79 19.10
C GLY G 178 -1.75 16.38 18.60
N HIS G 179 -1.01 16.27 17.49
CA HIS G 179 -0.71 14.97 16.90
C HIS G 179 0.17 14.05 17.80
N GLY G 180 0.87 14.63 18.78
CA GLY G 180 1.71 13.88 19.70
C GLY G 180 0.97 13.33 20.90
N ILE G 181 -0.31 13.66 21.05
CA ILE G 181 -1.13 13.18 22.16
C ILE G 181 -1.45 11.72 21.93
N LYS G 182 -1.34 10.88 22.95
CA LYS G 182 -1.63 9.46 22.82
C LYS G 182 -3.12 9.20 22.87
N ILE G 183 -3.63 8.37 21.96
CA ILE G 183 -5.04 8.04 21.94
C ILE G 183 -5.23 6.65 22.46
N ILE G 184 -5.86 6.53 23.61
CA ILE G 184 -6.18 5.25 24.21
C ILE G 184 -7.68 5.04 23.95
N SER G 185 -8.03 4.04 23.13
CA SER G 185 -9.43 3.78 22.79
C SER G 185 -10.15 3.03 23.86
N LYS G 186 -11.27 3.56 24.35
CA LYS G 186 -12.06 2.85 25.35
C LYS G 186 -12.99 1.87 24.68
N ILE G 187 -12.88 0.58 25.00
CA ILE G 187 -13.77 -0.43 24.45
C ILE G 187 -14.89 -0.61 25.48
N GLU G 188 -16.12 -0.17 25.13
CA GLU G 188 -17.24 -0.19 26.07
C GLU G 188 -18.50 -0.92 25.59
N ASN G 189 -18.47 -1.54 24.43
CA ASN G 189 -19.68 -2.23 23.91
C ASN G 189 -19.34 -3.46 23.05
N HIS G 190 -20.35 -4.20 22.59
CA HIS G 190 -20.16 -5.38 21.77
C HIS G 190 -19.43 -5.08 20.48
N GLU G 191 -19.79 -3.98 19.80
CA GLU G 191 -19.14 -3.65 18.53
C GLU G 191 -17.65 -3.36 18.70
N GLY G 192 -17.27 -2.63 19.76
CA GLY G 192 -15.88 -2.33 20.06
C GLY G 192 -15.08 -3.59 20.28
N VAL G 193 -15.67 -4.60 20.98
CA VAL G 193 -15.01 -5.88 21.21
C VAL G 193 -14.84 -6.64 19.90
N LYS G 194 -15.89 -6.67 19.07
CA LYS G 194 -15.84 -7.40 17.81
C LYS G 194 -14.92 -6.78 16.78
N ARG G 195 -14.84 -5.46 16.77
CA ARG G 195 -13.93 -4.77 15.85
C ARG G 195 -12.59 -4.38 16.50
N PHE G 196 -12.23 -5.07 17.62
CA PHE G 196 -11.03 -4.81 18.41
C PHE G 196 -9.75 -4.72 17.58
N ASP G 197 -9.46 -5.71 16.72
CA ASP G 197 -8.23 -5.71 15.95
C ASP G 197 -8.05 -4.48 15.10
N GLU G 198 -9.14 -4.01 14.45
CA GLU G 198 -9.03 -2.82 13.61
C GLU G 198 -8.86 -1.55 14.43
N ILE G 199 -9.41 -1.53 15.67
CA ILE G 199 -9.29 -0.40 16.56
C ILE G 199 -7.86 -0.33 17.12
N LEU G 200 -7.35 -1.46 17.60
CA LEU G 200 -6.01 -1.53 18.18
C LEU G 200 -4.94 -1.11 17.19
N GLU G 201 -5.10 -1.53 15.93
CA GLU G 201 -4.16 -1.19 14.87
C GLU G 201 -3.96 0.30 14.69
N VAL G 202 -5.04 1.10 14.82
CA VAL G 202 -4.92 2.56 14.64
C VAL G 202 -4.81 3.34 15.96
N SER G 203 -4.96 2.68 17.12
CA SER G 203 -4.87 3.37 18.40
C SER G 203 -3.47 3.27 19.00
N ASP G 204 -3.15 4.16 19.96
CA ASP G 204 -1.89 4.04 20.69
C ASP G 204 -2.00 3.01 21.83
N GLY G 205 -3.22 2.71 22.27
CA GLY G 205 -3.49 1.75 23.33
C GLY G 205 -4.97 1.58 23.55
N ILE G 206 -5.34 0.78 24.55
CA ILE G 206 -6.73 0.44 24.81
C ILE G 206 -7.08 0.57 26.29
N MET G 207 -8.36 0.89 26.58
CA MET G 207 -8.85 0.88 27.94
C MET G 207 -10.02 -0.09 27.96
N VAL G 208 -9.98 -1.05 28.87
CA VAL G 208 -11.09 -1.98 29.06
C VAL G 208 -12.01 -1.23 30.03
N ALA G 209 -13.00 -0.51 29.45
CA ALA G 209 -13.95 0.31 30.20
C ALA G 209 -15.08 -0.58 30.66
N ARG G 210 -14.85 -1.28 31.77
CA ARG G 210 -15.74 -2.32 32.30
C ARG G 210 -17.11 -1.88 32.73
N GLY G 211 -17.27 -0.62 33.13
CA GLY G 211 -18.56 -0.08 33.55
C GLY G 211 -19.62 -0.19 32.47
N ASP G 212 -19.40 0.48 31.33
CA ASP G 212 -20.35 0.40 30.22
C ASP G 212 -20.32 -0.97 29.58
N LEU G 213 -19.15 -1.58 29.46
CA LEU G 213 -19.03 -2.92 28.88
C LEU G 213 -19.89 -3.94 29.62
N GLY G 214 -19.96 -3.80 30.94
CA GLY G 214 -20.77 -4.66 31.80
C GLY G 214 -22.27 -4.48 31.68
N ILE G 215 -22.71 -3.39 31.04
CA ILE G 215 -24.12 -3.08 30.78
C ILE G 215 -24.45 -3.43 29.30
N GLU G 216 -23.49 -3.21 28.38
CA GLU G 216 -23.64 -3.49 26.96
C GLU G 216 -23.59 -4.96 26.61
N ILE G 217 -22.81 -5.74 27.35
CA ILE G 217 -22.71 -7.19 27.16
C ILE G 217 -23.04 -7.86 28.51
N PRO G 218 -23.39 -9.18 28.56
CA PRO G 218 -23.67 -9.80 29.86
C PRO G 218 -22.51 -9.59 30.84
N ALA G 219 -22.83 -9.25 32.09
CA ALA G 219 -21.85 -8.96 33.12
C ALA G 219 -20.84 -10.11 33.30
N GLU G 220 -21.31 -11.36 33.20
CA GLU G 220 -20.47 -12.53 33.37
C GLU G 220 -19.48 -12.76 32.20
N LYS G 221 -19.56 -11.95 31.13
CA LYS G 221 -18.67 -12.11 29.99
C LYS G 221 -17.54 -11.07 29.96
N VAL G 222 -17.62 -10.01 30.80
CA VAL G 222 -16.62 -8.96 30.85
C VAL G 222 -15.20 -9.48 31.06
N PHE G 223 -15.00 -10.46 31.96
CA PHE G 223 -13.67 -10.99 32.19
C PHE G 223 -13.04 -11.59 30.93
N LEU G 224 -13.86 -12.16 30.02
CA LEU G 224 -13.34 -12.74 28.78
C LEU G 224 -12.84 -11.61 27.89
N ALA G 225 -13.61 -10.50 27.82
CA ALA G 225 -13.23 -9.38 27.00
C ALA G 225 -11.96 -8.73 27.57
N GLN G 226 -11.87 -8.59 28.91
CA GLN G 226 -10.69 -8.02 29.54
C GLN G 226 -9.44 -8.87 29.26
N LYS G 227 -9.52 -10.18 29.49
CA LYS G 227 -8.38 -11.06 29.29
C LYS G 227 -7.96 -11.13 27.82
N MET G 228 -8.92 -11.12 26.89
CA MET G 228 -8.64 -11.14 25.46
C MET G 228 -7.91 -9.84 25.02
N MET G 229 -8.46 -8.70 25.39
CA MET G 229 -7.88 -7.41 25.03
C MET G 229 -6.50 -7.17 25.62
N ILE G 230 -6.29 -7.58 26.88
CA ILE G 230 -4.98 -7.43 27.51
C ILE G 230 -3.96 -8.32 26.79
N GLY G 231 -4.33 -9.56 26.48
CA GLY G 231 -3.48 -10.45 25.71
C GLY G 231 -3.08 -9.88 24.36
N ARG G 232 -4.05 -9.38 23.60
CA ARG G 232 -3.78 -8.83 22.27
C ARG G 232 -2.94 -7.57 22.32
N CYS G 233 -3.12 -6.74 23.36
CA CYS G 233 -2.30 -5.55 23.53
C CYS G 233 -0.88 -5.92 23.90
N ASN G 234 -0.70 -6.92 24.75
CA ASN G 234 0.62 -7.41 25.13
C ASN G 234 1.36 -7.94 23.86
N LEU G 235 0.63 -8.64 23.00
CA LEU G 235 1.16 -9.17 21.76
C LEU G 235 1.54 -8.02 20.81
N ALA G 236 0.70 -6.98 20.71
CA ALA G 236 0.97 -5.83 19.86
C ALA G 236 2.02 -4.88 20.43
N GLY G 237 2.35 -5.00 21.72
CA GLY G 237 3.28 -4.10 22.39
C GLY G 237 2.68 -2.72 22.60
N LYS G 238 1.33 -2.66 22.81
CA LYS G 238 0.65 -1.37 23.04
C LYS G 238 0.05 -1.31 24.42
N PRO G 239 0.05 -0.15 25.07
CA PRO G 239 -0.50 -0.08 26.44
C PRO G 239 -1.99 -0.49 26.57
N VAL G 240 -2.31 -1.14 27.66
CA VAL G 240 -3.67 -1.53 27.98
C VAL G 240 -3.97 -1.14 29.44
N VAL G 241 -5.11 -0.45 29.65
CA VAL G 241 -5.57 0.00 30.94
C VAL G 241 -6.74 -0.85 31.41
N CYS G 242 -6.73 -1.29 32.67
CA CYS G 242 -7.91 -1.96 33.25
C CYS G 242 -8.63 -0.87 34.08
N ALA G 243 -9.92 -0.66 33.82
CA ALA G 243 -10.64 0.40 34.50
C ALA G 243 -11.98 -0.02 35.07
N THR G 244 -12.47 0.76 36.05
CA THR G 244 -13.81 0.82 36.66
C THR G 244 -14.12 -0.24 37.70
N GLN G 245 -14.49 0.28 38.90
CA GLN G 245 -14.93 -0.46 40.07
C GLN G 245 -13.86 -1.36 40.66
N MET G 246 -12.57 -1.06 40.39
CA MET G 246 -11.50 -1.91 40.93
C MET G 246 -11.49 -1.94 42.46
N LEU G 247 -11.71 -0.77 43.10
CA LEU G 247 -11.76 -0.67 44.55
C LEU G 247 -13.05 0.11 44.96
N GLU G 248 -14.17 -0.12 44.24
CA GLU G 248 -15.44 0.60 44.41
C GLU G 248 -15.89 0.86 45.87
N SER G 249 -15.81 -0.15 46.74
CA SER G 249 -16.21 0.02 48.13
C SER G 249 -15.39 1.10 48.87
N MET G 250 -14.16 1.41 48.38
CA MET G 250 -13.32 2.43 49.00
C MET G 250 -13.84 3.87 48.78
N ILE G 251 -14.97 4.05 48.08
CA ILE G 251 -15.58 5.38 47.95
C ILE G 251 -16.11 5.78 49.35
N THR G 252 -16.68 4.81 50.09
CA THR G 252 -17.19 5.07 51.42
C THR G 252 -16.39 4.39 52.55
N LYS G 253 -15.68 3.28 52.27
CA LYS G 253 -14.96 2.55 53.31
C LYS G 253 -13.43 2.71 53.23
N PRO G 254 -12.71 2.78 54.36
CA PRO G 254 -11.26 2.97 54.29
C PRO G 254 -10.45 1.73 53.85
N ARG G 255 -11.08 0.55 53.76
CA ARG G 255 -10.42 -0.69 53.29
C ARG G 255 -11.30 -1.35 52.22
N PRO G 256 -10.70 -2.00 51.20
CA PRO G 256 -11.53 -2.63 50.15
C PRO G 256 -11.98 -4.05 50.51
N THR G 257 -12.84 -4.63 49.66
CA THR G 257 -13.30 -5.99 49.86
C THR G 257 -12.26 -7.00 49.34
N ARG G 258 -12.42 -8.30 49.66
CA ARG G 258 -11.54 -9.33 49.20
C ARG G 258 -11.60 -9.50 47.68
N ALA G 259 -12.75 -9.25 47.07
CA ALA G 259 -12.91 -9.33 45.62
C ALA G 259 -12.19 -8.18 44.92
N GLU G 260 -12.15 -7.01 45.55
CA GLU G 260 -11.51 -5.83 45.01
C GLU G 260 -9.99 -5.95 44.97
N THR G 261 -9.35 -6.40 46.05
CA THR G 261 -7.89 -6.61 46.04
C THR G 261 -7.52 -7.71 45.01
N SER G 262 -8.34 -8.74 44.93
CA SER G 262 -8.17 -9.84 43.99
C SER G 262 -8.26 -9.31 42.54
N ASP G 263 -9.24 -8.44 42.26
CA ASP G 263 -9.42 -7.84 40.95
C ASP G 263 -8.19 -7.04 40.52
N VAL G 264 -7.64 -6.22 41.44
CA VAL G 264 -6.45 -5.43 41.15
C VAL G 264 -5.27 -6.36 40.86
N ALA G 265 -5.05 -7.38 41.71
CA ALA G 265 -3.96 -8.30 41.50
C ALA G 265 -4.10 -9.07 40.18
N ASN G 266 -5.32 -9.49 39.85
CA ASN G 266 -5.58 -10.24 38.63
C ASN G 266 -5.46 -9.40 37.37
N ALA G 267 -5.76 -8.09 37.44
CA ALA G 267 -5.57 -7.23 36.29
C ALA G 267 -4.04 -7.14 35.98
N VAL G 268 -3.20 -7.04 37.02
CA VAL G 268 -1.74 -7.02 36.87
C VAL G 268 -1.26 -8.39 36.33
N LEU G 269 -1.73 -9.49 36.92
CA LEU G 269 -1.34 -10.82 36.45
C LEU G 269 -1.80 -11.10 35.00
N ASP G 270 -2.89 -10.46 34.56
CA ASP G 270 -3.42 -10.57 33.20
C ASP G 270 -2.46 -9.95 32.20
N GLY G 271 -1.75 -8.88 32.60
CA GLY G 271 -0.81 -8.18 31.75
C GLY G 271 -1.11 -6.72 31.57
N ALA G 272 -2.00 -6.13 32.40
CA ALA G 272 -2.36 -4.71 32.27
C ALA G 272 -1.17 -3.78 32.53
N ASP G 273 -1.01 -2.77 31.69
CA ASP G 273 0.05 -1.79 31.89
C ASP G 273 -0.36 -0.79 32.97
N CYS G 274 -1.65 -0.40 32.98
CA CYS G 274 -2.17 0.57 33.93
C CYS G 274 -3.40 0.04 34.63
N ILE G 275 -3.63 0.55 35.85
CA ILE G 275 -4.81 0.29 36.62
C ILE G 275 -5.41 1.66 36.96
N MET G 276 -6.74 1.73 37.03
CA MET G 276 -7.41 3.01 37.22
C MET G 276 -8.32 3.09 38.43
N LEU G 277 -8.46 4.32 38.96
CA LEU G 277 -9.38 4.66 40.04
C LEU G 277 -10.30 5.74 39.48
N SER G 278 -11.62 5.54 39.61
CA SER G 278 -12.59 6.51 39.11
CA SER G 278 -12.57 6.52 39.12
C SER G 278 -13.23 7.25 40.29
N GLY G 279 -14.42 6.83 40.73
CA GLY G 279 -15.12 7.44 41.86
C GLY G 279 -14.35 7.32 43.16
N GLU G 280 -13.52 6.26 43.30
CA GLU G 280 -12.66 6.06 44.47
C GLU G 280 -11.79 7.29 44.74
N THR G 281 -11.31 8.02 43.69
CA THR G 281 -10.51 9.23 43.93
C THR G 281 -11.21 10.52 43.55
N ALA G 282 -12.16 10.45 42.59
CA ALA G 282 -12.84 11.66 42.12
C ALA G 282 -13.85 12.20 43.16
N LYS G 283 -14.60 11.31 43.79
CA LYS G 283 -15.67 11.71 44.69
C LYS G 283 -15.70 10.97 46.03
N GLY G 284 -14.83 9.98 46.21
CA GLY G 284 -14.83 9.17 47.42
C GLY G 284 -14.29 9.85 48.65
N ASN G 285 -14.40 9.17 49.80
CA ASN G 285 -13.91 9.68 51.08
C ASN G 285 -12.43 9.36 51.37
N PHE G 286 -11.84 8.41 50.61
CA PHE G 286 -10.43 8.03 50.84
C PHE G 286 -9.64 8.02 49.53
N PRO G 287 -9.46 9.19 48.89
CA PRO G 287 -8.74 9.22 47.63
C PRO G 287 -7.28 8.73 47.72
N VAL G 288 -6.54 9.16 48.77
CA VAL G 288 -5.14 8.82 48.98
C VAL G 288 -4.96 7.35 49.37
N GLU G 289 -5.88 6.84 50.17
CA GLU G 289 -5.85 5.45 50.62
C GLU G 289 -6.11 4.49 49.45
N ALA G 290 -6.94 4.88 48.47
CA ALA G 290 -7.21 4.03 47.31
C ALA G 290 -5.95 3.92 46.41
N VAL G 291 -5.22 5.05 46.27
CA VAL G 291 -3.97 5.05 45.52
C VAL G 291 -2.94 4.15 46.23
N LYS G 292 -2.84 4.29 47.55
CA LYS G 292 -1.91 3.49 48.35
C LYS G 292 -2.23 2.00 48.24
N MET G 293 -3.52 1.67 48.23
CA MET G 293 -3.97 0.28 48.13
C MET G 293 -3.62 -0.32 46.77
N GLN G 294 -3.86 0.43 45.68
CA GLN G 294 -3.51 -0.04 44.34
C GLN G 294 -1.99 -0.24 44.24
N HIS G 295 -1.21 0.67 44.85
CA HIS G 295 0.24 0.57 44.85
C HIS G 295 0.71 -0.73 45.54
N ALA G 296 0.19 -0.99 46.74
CA ALA G 296 0.54 -2.16 47.54
C ALA G 296 0.21 -3.47 46.83
N ILE G 297 -0.99 -3.55 46.22
CA ILE G 297 -1.39 -4.76 45.52
C ILE G 297 -0.55 -4.99 44.26
N ALA G 298 -0.38 -3.93 43.45
CA ALA G 298 0.38 -4.04 42.21
C ALA G 298 1.81 -4.55 42.44
N ARG G 299 2.50 -4.05 43.48
CA ARG G 299 3.86 -4.52 43.83
C ARG G 299 3.88 -6.02 44.11
N GLU G 300 2.91 -6.51 44.89
CA GLU G 300 2.80 -7.93 45.20
C GLU G 300 2.52 -8.76 43.95
N ALA G 301 1.59 -8.29 43.10
CA ALA G 301 1.19 -9.01 41.90
C ALA G 301 2.27 -9.04 40.85
N GLU G 302 3.07 -7.97 40.73
CA GLU G 302 4.16 -7.95 39.76
C GLU G 302 5.26 -8.97 40.09
N ALA G 303 5.56 -9.15 41.40
CA ALA G 303 6.53 -10.16 41.81
C ALA G 303 6.02 -11.58 41.53
N ALA G 304 4.70 -11.77 41.56
CA ALA G 304 4.08 -13.08 41.31
C ALA G 304 3.89 -13.41 39.82
N VAL G 305 4.31 -12.52 38.91
CA VAL G 305 4.18 -12.80 37.47
C VAL G 305 5.17 -13.93 37.10
N TYR G 306 4.73 -14.92 36.30
CA TYR G 306 5.58 -16.03 35.88
C TYR G 306 6.36 -15.62 34.63
N HIS G 307 7.42 -14.85 34.82
CA HIS G 307 8.23 -14.33 33.72
C HIS G 307 8.80 -15.39 32.77
N ARG G 308 9.10 -16.59 33.26
CA ARG G 308 9.65 -17.65 32.40
C ARG G 308 8.75 -17.94 31.21
N GLN G 309 7.46 -18.13 31.49
CA GLN G 309 6.50 -18.42 30.43
C GLN G 309 6.19 -17.15 29.65
N LEU G 310 5.99 -16.04 30.35
CA LEU G 310 5.64 -14.77 29.72
C LEU G 310 6.67 -14.32 28.70
N PHE G 311 7.96 -14.29 29.07
CA PHE G 311 9.04 -13.89 28.16
C PHE G 311 9.16 -14.83 26.98
N GLU G 312 9.10 -16.14 27.21
CA GLU G 312 9.15 -17.12 26.13
C GLU G 312 7.99 -16.93 25.15
N GLU G 313 6.78 -16.69 25.65
CA GLU G 313 5.61 -16.52 24.80
C GLU G 313 5.63 -15.20 24.05
N LEU G 314 6.12 -14.13 24.70
CA LEU G 314 6.22 -12.82 24.04
C LEU G 314 7.26 -12.92 22.93
N ARG G 315 8.40 -13.58 23.20
CA ARG G 315 9.47 -13.76 22.23
C ARG G 315 8.99 -14.60 21.04
N ARG G 316 8.39 -15.78 21.30
CA ARG G 316 7.90 -16.66 20.24
C ARG G 316 6.87 -15.98 19.34
N ALA G 317 5.92 -15.24 19.94
CA ALA G 317 4.88 -14.57 19.18
C ALA G 317 5.36 -13.34 18.42
N ALA G 318 6.42 -12.69 18.90
CA ALA G 318 6.90 -11.48 18.24
C ALA G 318 7.58 -11.84 16.91
N PRO G 319 7.24 -11.13 15.83
CA PRO G 319 7.84 -11.44 14.53
C PRO G 319 9.30 -10.99 14.44
N LEU G 320 10.02 -11.49 13.43
CA LEU G 320 11.38 -11.05 13.19
C LEU G 320 11.37 -9.57 12.82
N SER G 321 12.41 -8.84 13.19
CA SER G 321 12.45 -7.41 12.91
C SER G 321 13.81 -7.01 12.42
N ARG G 322 13.85 -6.09 11.48
CA ARG G 322 15.09 -5.52 11.02
C ARG G 322 15.30 -4.09 11.58
N ASP G 323 14.47 -3.66 12.55
CA ASP G 323 14.57 -2.36 13.20
C ASP G 323 15.58 -2.50 14.37
N PRO G 324 16.67 -1.73 14.32
CA PRO G 324 17.70 -1.85 15.36
C PRO G 324 17.22 -1.57 16.77
N THR G 325 16.15 -0.74 16.93
CA THR G 325 15.61 -0.43 18.25
C THR G 325 14.95 -1.67 18.82
N GLU G 326 14.13 -2.36 18.02
CA GLU G 326 13.43 -3.57 18.43
CA GLU G 326 13.44 -3.57 18.42
C GLU G 326 14.45 -4.71 18.70
N VAL G 327 15.48 -4.83 17.84
CA VAL G 327 16.53 -5.83 17.99
C VAL G 327 17.35 -5.58 19.27
N THR G 328 17.73 -4.33 19.55
CA THR G 328 18.47 -3.98 20.76
C THR G 328 17.62 -4.24 22.00
N ALA G 329 16.31 -3.93 21.94
CA ALA G 329 15.40 -4.12 23.05
C ALA G 329 15.33 -5.57 23.52
N ILE G 330 15.17 -6.53 22.58
CA ILE G 330 15.09 -7.94 22.98
C ILE G 330 16.43 -8.45 23.52
N GLY G 331 17.54 -7.96 22.94
CA GLY G 331 18.87 -8.29 23.40
C GLY G 331 19.08 -7.82 24.83
N ALA G 332 18.66 -6.59 25.12
CA ALA G 332 18.79 -6.00 26.45
C ALA G 332 17.94 -6.69 27.47
N VAL G 333 16.72 -7.09 27.12
CA VAL G 333 15.82 -7.79 28.06
C VAL G 333 16.37 -9.20 28.34
N GLU G 334 16.89 -9.88 27.33
CA GLU G 334 17.52 -11.18 27.51
CA GLU G 334 17.53 -11.19 27.50
C GLU G 334 18.74 -11.06 28.45
N ALA G 335 19.60 -10.05 28.22
CA ALA G 335 20.78 -9.78 29.05
C ALA G 335 20.39 -9.46 30.47
N ALA G 336 19.30 -8.69 30.67
CA ALA G 336 18.83 -8.33 32.01
C ALA G 336 18.41 -9.55 32.81
N PHE G 337 17.69 -10.49 32.18
CA PHE G 337 17.28 -11.72 32.87
C PHE G 337 18.47 -12.59 33.24
N LYS G 338 19.47 -12.67 32.35
CA LYS G 338 20.69 -13.46 32.56
C LYS G 338 21.46 -13.07 33.83
N CYS G 339 21.57 -11.77 34.11
CA CYS G 339 22.32 -11.32 35.27
C CYS G 339 21.47 -10.82 36.45
N CYS G 340 20.12 -10.90 36.33
CA CYS G 340 19.22 -10.37 37.34
C CYS G 340 19.49 -8.86 37.49
N ALA G 341 19.61 -8.15 36.36
CA ALA G 341 19.94 -6.73 36.35
C ALA G 341 18.92 -5.95 37.15
N ALA G 342 19.39 -5.02 37.96
CA ALA G 342 18.49 -4.21 38.77
C ALA G 342 17.67 -3.27 37.88
N ALA G 343 18.22 -2.83 36.75
CA ALA G 343 17.53 -1.91 35.88
C ALA G 343 18.09 -1.97 34.48
N ILE G 344 17.32 -1.46 33.50
CA ILE G 344 17.73 -1.21 32.14
C ILE G 344 17.61 0.30 31.99
N ILE G 345 18.73 1.03 31.83
CA ILE G 345 18.69 2.49 31.67
C ILE G 345 18.66 2.80 30.20
N VAL G 346 17.64 3.51 29.72
CA VAL G 346 17.52 3.79 28.29
C VAL G 346 17.40 5.29 28.02
N LEU G 347 18.13 5.77 27.03
CA LEU G 347 18.01 7.14 26.58
C LEU G 347 16.91 7.18 25.51
N THR G 348 15.95 8.13 25.63
CA THR G 348 14.79 8.20 24.73
C THR G 348 14.22 9.59 24.57
N THR G 349 13.92 10.00 23.32
CA THR G 349 13.36 11.31 23.08
C THR G 349 11.85 11.24 22.97
N THR G 350 11.33 10.26 22.23
CA THR G 350 9.89 10.10 22.05
C THR G 350 9.28 9.05 23.01
N GLY G 351 10.12 8.25 23.67
CA GLY G 351 9.64 7.19 24.53
C GLY G 351 9.64 5.81 23.87
N ARG G 352 9.81 5.78 22.55
CA ARG G 352 9.74 4.54 21.78
C ARG G 352 10.71 3.44 22.21
N SER G 353 11.98 3.79 22.48
CA SER G 353 12.97 2.79 22.91
C SER G 353 12.58 2.19 24.24
N ALA G 354 11.95 2.96 25.14
CA ALA G 354 11.51 2.46 26.43
C ALA G 354 10.29 1.55 26.22
N GLN G 355 9.38 1.91 25.32
CA GLN G 355 8.19 1.13 25.02
C GLN G 355 8.58 -0.25 24.45
N LEU G 356 9.55 -0.28 23.55
CA LEU G 356 9.99 -1.55 22.98
C LEU G 356 10.67 -2.45 24.00
N LEU G 357 11.34 -1.86 25.01
CA LEU G 357 11.92 -2.66 26.09
C LEU G 357 10.75 -3.25 26.93
N SER G 358 9.78 -2.40 27.27
CA SER G 358 8.59 -2.70 28.06
C SER G 358 7.74 -3.84 27.51
N ARG G 359 7.59 -3.95 26.17
CA ARG G 359 6.78 -5.01 25.58
C ARG G 359 7.28 -6.42 25.87
N TYR G 360 8.58 -6.60 26.20
CA TYR G 360 9.12 -7.92 26.55
C TYR G 360 9.02 -8.23 28.02
N ARG G 361 8.37 -7.36 28.81
CA ARG G 361 8.13 -7.52 30.23
C ARG G 361 9.35 -7.94 31.04
N PRO G 362 10.41 -7.12 31.04
CA PRO G 362 11.57 -7.46 31.88
C PRO G 362 11.21 -7.32 33.36
N ARG G 363 11.85 -8.10 34.21
CA ARG G 363 11.72 -7.94 35.65
C ARG G 363 12.48 -6.67 36.08
N ALA G 364 13.59 -6.35 35.39
CA ALA G 364 14.38 -5.16 35.65
C ALA G 364 13.57 -3.92 35.31
N ALA G 365 13.68 -2.89 36.14
CA ALA G 365 13.00 -1.65 35.92
C ALA G 365 13.57 -0.96 34.67
N VAL G 366 12.72 -0.36 33.83
CA VAL G 366 13.21 0.37 32.67
C VAL G 366 13.28 1.84 33.04
N ILE G 367 14.47 2.34 33.34
CA ILE G 367 14.66 3.73 33.72
C ILE G 367 14.85 4.53 32.43
N ALA G 368 13.85 5.29 32.03
CA ALA G 368 13.92 6.03 30.79
C ALA G 368 14.37 7.43 31.09
N VAL G 369 15.47 7.88 30.50
CA VAL G 369 16.02 9.21 30.73
C VAL G 369 15.76 10.09 29.49
N THR G 370 15.04 11.20 29.69
CA THR G 370 14.65 12.03 28.58
C THR G 370 14.70 13.48 28.86
N ARG G 371 14.85 14.27 27.81
CA ARG G 371 14.78 15.73 27.92
C ARG G 371 13.33 16.25 27.58
N SER G 372 12.49 15.38 26.97
CA SER G 372 11.11 15.67 26.60
C SER G 372 10.19 15.48 27.81
N ALA G 373 9.62 16.59 28.29
CA ALA G 373 8.69 16.55 29.41
C ALA G 373 7.44 15.75 29.04
N GLN G 374 6.95 15.90 27.80
CA GLN G 374 5.79 15.14 27.35
C GLN G 374 6.08 13.63 27.29
N ALA G 375 7.19 13.21 26.68
CA ALA G 375 7.55 11.78 26.64
C ALA G 375 7.70 11.22 28.04
N ALA G 376 8.30 11.99 28.96
CA ALA G 376 8.42 11.55 30.35
C ALA G 376 7.06 11.28 30.98
N ARG G 377 6.04 12.08 30.65
CA ARG G 377 4.69 11.84 31.18
C ARG G 377 3.99 10.67 30.47
N GLN G 378 4.11 10.60 29.15
CA GLN G 378 3.44 9.57 28.35
C GLN G 378 3.97 8.15 28.52
N VAL G 379 5.22 8.01 28.91
CA VAL G 379 5.84 6.72 29.07
C VAL G 379 5.29 5.95 30.31
N HIS G 380 4.50 6.63 31.20
CA HIS G 380 3.79 5.99 32.33
C HIS G 380 2.74 4.99 31.80
N LEU G 381 2.32 5.11 30.55
CA LEU G 381 1.38 4.17 29.93
C LEU G 381 2.02 2.78 29.78
N CYS G 382 3.35 2.68 29.70
CA CYS G 382 4.05 1.40 29.49
C CYS G 382 4.54 0.79 30.79
N ARG G 383 4.12 -0.43 31.07
CA ARG G 383 4.51 -1.10 32.30
C ARG G 383 6.01 -1.22 32.50
N GLY G 384 6.44 -0.87 33.70
CA GLY G 384 7.83 -0.97 34.08
C GLY G 384 8.70 0.15 33.59
N VAL G 385 8.14 1.24 33.04
CA VAL G 385 8.94 2.35 32.61
C VAL G 385 8.89 3.45 33.67
N PHE G 386 10.07 3.83 34.18
CA PHE G 386 10.23 4.83 35.22
C PHE G 386 10.87 6.05 34.58
N PRO G 387 10.11 7.09 34.30
CA PRO G 387 10.68 8.25 33.58
C PRO G 387 11.50 9.21 34.40
N LEU G 388 12.58 9.75 33.80
CA LEU G 388 13.38 10.73 34.50
C LEU G 388 13.56 11.89 33.58
N LEU G 389 13.16 13.06 34.03
CA LEU G 389 13.26 14.26 33.22
C LEU G 389 14.58 14.94 33.48
N TYR G 390 15.40 15.08 32.43
CA TYR G 390 16.70 15.62 32.55
C TYR G 390 16.70 17.07 32.13
N ARG G 391 17.09 17.93 33.04
CA ARG G 391 17.07 19.39 32.85
C ARG G 391 18.41 20.05 32.80
N GLU G 392 19.49 19.29 32.82
CA GLU G 392 20.82 19.87 32.82
C GLU G 392 21.18 20.50 31.49
N PRO G 393 22.05 21.52 31.52
CA PRO G 393 22.52 22.10 30.26
C PRO G 393 23.38 21.08 29.46
N PRO G 394 23.40 21.22 28.13
CA PRO G 394 24.09 20.22 27.31
C PRO G 394 25.61 20.25 27.44
N GLU G 395 26.28 19.13 27.14
CA GLU G 395 27.73 19.08 27.10
C GLU G 395 28.12 19.35 25.62
N ALA G 396 29.33 19.88 25.40
CA ALA G 396 29.85 20.20 24.07
C ALA G 396 30.05 18.94 23.20
N ILE G 397 30.54 17.88 23.81
CA ILE G 397 30.77 16.61 23.13
C ILE G 397 29.58 15.70 23.35
N TRP G 398 28.96 15.22 22.24
CA TRP G 398 27.79 14.35 22.32
C TRP G 398 27.98 13.12 23.26
N ALA G 399 29.09 12.40 23.17
CA ALA G 399 29.34 11.21 24.01
C ALA G 399 29.41 11.56 25.49
N ASP G 400 29.90 12.73 25.83
CA ASP G 400 29.92 13.18 27.23
C ASP G 400 28.51 13.47 27.69
N ASP G 401 27.70 14.09 26.82
CA ASP G 401 26.32 14.38 27.12
C ASP G 401 25.52 13.07 27.34
N VAL G 402 25.82 12.06 26.54
CA VAL G 402 25.19 10.75 26.69
C VAL G 402 25.58 10.15 28.05
N ASP G 403 26.89 10.13 28.42
CA ASP G 403 27.35 9.62 29.70
C ASP G 403 26.77 10.36 30.86
N ARG G 404 26.62 11.68 30.78
CA ARG G 404 26.03 12.45 31.87
C ARG G 404 24.55 11.99 32.11
N ARG G 405 23.82 11.68 31.04
CA ARG G 405 22.42 11.21 31.17
C ARG G 405 22.34 9.80 31.72
N VAL G 406 23.24 8.93 31.28
CA VAL G 406 23.34 7.58 31.84
C VAL G 406 23.67 7.64 33.38
N GLN G 407 24.60 8.48 33.78
CA GLN G 407 24.94 8.68 35.19
C GLN G 407 23.78 9.30 35.96
N PHE G 408 23.00 10.17 35.32
CA PHE G 408 21.81 10.73 35.93
C PHE G 408 20.79 9.63 36.27
N GLY G 409 20.66 8.65 35.38
CA GLY G 409 19.78 7.53 35.63
C GLY G 409 20.28 6.65 36.75
N ILE G 410 21.62 6.47 36.85
CA ILE G 410 22.24 5.67 37.91
C ILE G 410 22.07 6.37 39.26
N GLU G 411 22.35 7.69 39.32
CA GLU G 411 22.25 8.46 40.55
C GLU G 411 20.83 8.51 41.03
N SER G 412 19.84 8.79 40.13
CA SER G 412 18.44 8.75 40.54
C SER G 412 18.06 7.30 40.99
N GLY G 413 18.50 6.28 40.24
CA GLY G 413 18.23 4.90 40.59
C GLY G 413 18.69 4.52 41.97
N LYS G 414 19.87 5.04 42.39
CA LYS G 414 20.46 4.83 43.71
C LYS G 414 19.68 5.56 44.79
N LEU G 415 19.32 6.81 44.52
CA LEU G 415 18.60 7.63 45.48
C LEU G 415 17.22 7.03 45.76
N ARG G 416 16.55 6.52 44.72
CA ARG G 416 15.19 5.97 44.84
C ARG G 416 15.13 4.52 45.29
N GLY G 417 16.27 3.87 45.44
CA GLY G 417 16.30 2.48 45.90
C GLY G 417 16.27 1.42 44.83
N PHE G 418 16.26 1.80 43.55
CA PHE G 418 16.32 0.84 42.45
C PHE G 418 17.69 0.12 42.39
N LEU G 419 18.78 0.84 42.63
CA LEU G 419 20.13 0.31 42.46
C LEU G 419 21.01 0.48 43.65
N ARG G 420 22.05 -0.35 43.74
CA ARG G 420 23.07 -0.33 44.77
C ARG G 420 24.43 -0.54 44.05
N VAL G 421 25.52 -0.14 44.71
CA VAL G 421 26.87 -0.40 44.22
C VAL G 421 27.08 -1.91 44.14
N GLY G 422 27.66 -2.38 43.05
CA GLY G 422 27.81 -3.80 42.85
C GLY G 422 26.74 -4.41 41.95
N ASP G 423 25.63 -3.72 41.76
CA ASP G 423 24.57 -4.20 40.85
C ASP G 423 25.01 -4.17 39.38
N LEU G 424 24.33 -4.94 38.54
CA LEU G 424 24.53 -4.89 37.12
C LEU G 424 23.33 -4.17 36.50
N VAL G 425 23.62 -3.26 35.58
CA VAL G 425 22.57 -2.56 34.84
C VAL G 425 22.85 -2.77 33.37
N ILE G 426 21.81 -2.72 32.57
CA ILE G 426 21.92 -2.79 31.12
C ILE G 426 21.66 -1.37 30.65
N VAL G 427 22.52 -0.82 29.79
CA VAL G 427 22.35 0.54 29.29
C VAL G 427 22.03 0.53 27.81
N VAL G 428 20.91 1.13 27.41
CA VAL G 428 20.49 1.18 26.00
C VAL G 428 20.57 2.57 25.42
N THR G 429 21.38 2.75 24.38
CA THR G 429 21.57 4.03 23.69
C THR G 429 21.60 3.81 22.15
N GLY G 430 21.93 4.84 21.39
CA GLY G 430 22.10 4.82 19.96
C GLY G 430 23.44 5.36 19.57
N TRP G 431 23.75 5.28 18.27
CA TRP G 431 25.08 5.64 17.77
C TRP G 431 25.27 7.11 17.39
N ARG G 432 24.18 7.84 17.26
CA ARG G 432 24.22 9.23 16.89
C ARG G 432 23.02 9.93 17.52
N PRO G 433 23.09 11.28 17.67
CA PRO G 433 21.94 12.01 18.26
C PRO G 433 20.67 11.89 17.44
N GLY G 434 19.54 12.12 18.07
CA GLY G 434 18.24 12.04 17.46
C GLY G 434 17.49 10.74 17.70
N SER G 435 16.20 10.82 17.74
CA SER G 435 15.32 9.69 17.88
C SER G 435 15.47 8.73 16.67
N GLY G 436 15.18 7.43 16.87
CA GLY G 436 15.17 6.44 15.80
C GLY G 436 16.42 5.65 15.54
N TYR G 437 17.51 5.96 16.25
CA TYR G 437 18.79 5.31 16.05
C TYR G 437 19.29 4.43 17.19
N THR G 438 18.43 4.00 18.15
CA THR G 438 18.87 3.10 19.21
C THR G 438 19.43 1.83 18.61
N ASN G 439 20.66 1.44 19.00
CA ASN G 439 21.26 0.22 18.47
C ASN G 439 22.37 -0.37 19.39
N ILE G 440 22.51 0.14 20.61
CA ILE G 440 23.55 -0.32 21.53
C ILE G 440 22.97 -0.81 22.86
N MET G 441 23.54 -1.88 23.37
CA MET G 441 23.22 -2.45 24.66
C MET G 441 24.60 -2.62 25.37
N ARG G 442 24.77 -2.08 26.57
CA ARG G 442 26.02 -2.21 27.32
C ARG G 442 25.73 -2.80 28.69
N VAL G 443 26.62 -3.66 29.22
CA VAL G 443 26.48 -4.23 30.55
C VAL G 443 27.39 -3.40 31.44
N LEU G 444 26.84 -2.77 32.47
CA LEU G 444 27.62 -1.91 33.35
CA LEU G 444 27.60 -1.90 33.34
C LEU G 444 27.50 -2.36 34.79
N SER G 445 28.62 -2.37 35.51
CA SER G 445 28.60 -2.72 36.92
CA SER G 445 28.60 -2.72 36.92
C SER G 445 28.57 -1.41 37.70
N ILE G 446 27.62 -1.23 38.61
CA ILE G 446 27.49 0.01 39.35
C ILE G 446 28.63 0.25 40.35
N SER G 447 29.31 1.38 40.18
CA SER G 447 30.36 1.81 41.07
C SER G 447 29.93 3.06 41.91
N GLY H 23 12.55 -11.72 1.00
CA GLY H 23 12.11 -12.51 -0.13
C GLY H 23 11.67 -13.92 0.23
N THR H 24 10.76 -14.51 -0.58
CA THR H 24 10.26 -15.87 -0.36
C THR H 24 11.39 -16.91 -0.50
N ALA H 25 12.28 -16.69 -1.49
CA ALA H 25 13.41 -17.58 -1.74
C ALA H 25 14.32 -17.68 -0.52
N PHE H 26 14.51 -16.57 0.21
CA PHE H 26 15.34 -16.55 1.42
C PHE H 26 14.78 -17.51 2.48
N PHE H 27 13.45 -17.48 2.67
CA PHE H 27 12.81 -18.30 3.70
C PHE H 27 12.59 -19.78 3.31
N GLN H 28 13.00 -20.16 2.09
CA GLN H 28 12.94 -21.57 1.66
C GLN H 28 14.34 -22.24 1.81
N GLN H 29 15.42 -21.45 1.84
CA GLN H 29 16.80 -21.91 2.01
C GLN H 29 17.12 -22.21 3.48
N GLN H 30 18.29 -22.87 3.74
CA GLN H 30 18.87 -23.24 5.03
C GLN H 30 17.87 -23.82 6.05
N GLN H 31 16.96 -24.68 5.57
CA GLN H 31 15.92 -25.35 6.36
C GLN H 31 15.11 -24.39 7.22
N LEU H 32 14.87 -23.15 6.71
CA LEU H 32 14.08 -22.16 7.45
C LEU H 32 12.62 -22.60 7.66
N PRO H 33 11.93 -23.30 6.72
CA PRO H 33 10.58 -23.80 7.04
C PRO H 33 10.59 -24.76 8.24
N ALA H 34 11.60 -25.66 8.31
CA ALA H 34 11.75 -26.62 9.41
C ALA H 34 12.17 -25.95 10.73
N ALA H 35 12.84 -24.78 10.64
CA ALA H 35 13.30 -24.03 11.78
C ALA H 35 12.14 -23.35 12.53
N MET H 36 11.07 -22.96 11.81
CA MET H 36 9.93 -22.30 12.46
C MET H 36 8.90 -23.27 13.05
N ALA H 37 9.15 -24.59 12.99
CA ALA H 37 8.21 -25.58 13.49
C ALA H 37 8.01 -25.48 15.01
N ASP H 38 6.79 -25.77 15.47
CA ASP H 38 6.45 -25.68 16.90
C ASP H 38 6.82 -26.92 17.69
N THR H 39 7.09 -28.04 17.00
CA THR H 39 7.54 -29.28 17.65
C THR H 39 8.76 -29.86 16.90
N PHE H 40 9.55 -30.67 17.59
CA PHE H 40 10.69 -31.35 16.99
C PHE H 40 10.21 -32.33 15.91
N LEU H 41 9.09 -33.00 16.14
CA LEU H 41 8.51 -33.93 15.19
C LEU H 41 8.10 -33.21 13.90
N GLU H 42 7.44 -32.04 14.00
CA GLU H 42 7.05 -31.24 12.83
C GLU H 42 8.31 -30.69 12.12
N HIS H 43 9.37 -30.38 12.89
CA HIS H 43 10.66 -29.91 12.38
C HIS H 43 11.24 -30.97 11.47
N LEU H 44 11.25 -32.24 11.93
CA LEU H 44 11.77 -33.35 11.11
C LEU H 44 10.95 -33.49 9.81
N CYS H 45 9.61 -33.43 9.93
CA CYS H 45 8.71 -33.53 8.79
C CYS H 45 8.92 -32.45 7.76
N LEU H 46 9.38 -31.28 8.17
CA LEU H 46 9.61 -30.14 7.29
C LEU H 46 11.01 -30.09 6.65
N LEU H 47 11.90 -31.05 6.96
CA LEU H 47 13.24 -31.06 6.37
C LEU H 47 13.13 -31.28 4.87
N ASP H 48 13.85 -30.47 4.09
CA ASP H 48 13.74 -30.45 2.63
C ASP H 48 15.09 -30.65 1.97
N ILE H 49 15.24 -31.70 1.16
CA ILE H 49 16.48 -31.94 0.42
C ILE H 49 16.77 -30.85 -0.62
N ASP H 50 15.77 -30.09 -1.04
CA ASP H 50 15.93 -28.98 -1.98
C ASP H 50 16.26 -27.65 -1.28
N SER H 51 16.20 -27.59 0.06
CA SER H 51 16.52 -26.40 0.82
C SER H 51 18.05 -26.36 0.96
N GLU H 52 18.71 -25.50 0.17
CA GLU H 52 20.16 -25.44 0.15
C GLU H 52 20.78 -24.65 1.30
N PRO H 53 21.89 -25.19 1.86
CA PRO H 53 22.55 -24.46 2.95
C PRO H 53 23.17 -23.14 2.46
N VAL H 54 23.05 -22.08 3.26
CA VAL H 54 23.60 -20.77 2.88
C VAL H 54 24.72 -20.34 3.83
N ALA H 55 24.55 -20.63 5.12
CA ALA H 55 25.53 -20.30 6.14
C ALA H 55 26.88 -21.03 5.92
N ALA H 56 27.95 -20.40 6.42
CA ALA H 56 29.27 -21.00 6.35
C ALA H 56 29.30 -22.22 7.32
N ARG H 57 30.07 -23.25 6.95
CA ARG H 57 30.20 -24.47 7.75
C ARG H 57 30.83 -24.15 9.08
N SER H 58 30.15 -24.45 10.16
CA SER H 58 30.58 -24.06 11.49
C SER H 58 31.27 -25.14 12.32
N THR H 59 31.12 -26.44 11.98
CA THR H 59 31.77 -27.52 12.72
C THR H 59 33.16 -27.66 12.16
N SER H 60 34.16 -27.52 12.99
CA SER H 60 35.55 -27.60 12.55
CA SER H 60 35.55 -27.59 12.55
C SER H 60 35.96 -29.00 12.14
N ILE H 61 36.85 -29.11 11.16
CA ILE H 61 37.35 -30.38 10.71
C ILE H 61 38.79 -30.52 11.19
N ILE H 62 39.07 -31.61 11.91
CA ILE H 62 40.42 -31.94 12.35
C ILE H 62 40.92 -33.05 11.38
N ALA H 63 42.09 -32.85 10.76
CA ALA H 63 42.64 -33.83 9.83
C ALA H 63 43.97 -34.28 10.38
N THR H 64 44.14 -35.61 10.48
CA THR H 64 45.37 -36.19 10.96
C THR H 64 46.41 -36.16 9.87
N ILE H 65 47.62 -35.73 10.21
CA ILE H 65 48.71 -35.61 9.28
C ILE H 65 49.52 -36.93 9.22
N GLY H 66 49.87 -37.33 8.00
CA GLY H 66 50.69 -38.51 7.77
C GLY H 66 51.22 -38.53 6.36
N PRO H 67 51.70 -39.71 5.92
CA PRO H 67 52.27 -39.82 4.55
C PRO H 67 51.37 -39.31 3.45
N ALA H 68 50.04 -39.54 3.58
CA ALA H 68 49.06 -39.11 2.56
C ALA H 68 48.82 -37.61 2.52
N SER H 69 49.23 -36.89 3.55
CA SER H 69 48.93 -35.50 3.64
C SER H 69 50.06 -34.58 4.09
N ARG H 70 51.33 -35.01 4.13
CA ARG H 70 52.39 -34.05 4.58
C ARG H 70 52.92 -33.14 3.51
N SER H 71 52.65 -33.40 2.24
CA SER H 71 53.18 -32.55 1.16
C SER H 71 52.64 -31.12 1.33
N VAL H 72 53.49 -30.09 1.31
CA VAL H 72 53.08 -28.68 1.42
C VAL H 72 51.96 -28.34 0.39
N GLU H 73 52.11 -28.85 -0.81
CA GLU H 73 51.16 -28.63 -1.90
CA GLU H 73 51.21 -28.65 -1.92
C GLU H 73 49.82 -29.32 -1.65
N ARG H 74 49.82 -30.50 -1.00
CA ARG H 74 48.58 -31.17 -0.67
C ARG H 74 47.94 -30.49 0.58
N LEU H 75 48.77 -30.00 1.52
CA LEU H 75 48.28 -29.25 2.68
C LEU H 75 47.53 -27.99 2.23
N LYS H 76 47.97 -27.34 1.17
CA LYS H 76 47.29 -26.17 0.64
C LYS H 76 45.91 -26.57 0.12
N GLU H 77 45.84 -27.73 -0.59
CA GLU H 77 44.56 -28.21 -1.04
C GLU H 77 43.63 -28.57 0.14
N MET H 78 44.20 -29.13 1.23
CA MET H 78 43.40 -29.50 2.40
CA MET H 78 43.51 -29.50 2.48
C MET H 78 42.90 -28.28 3.18
N ILE H 79 43.64 -27.16 3.16
CA ILE H 79 43.22 -25.93 3.77
C ILE H 79 42.07 -25.37 2.94
N LYS H 80 42.19 -25.35 1.62
CA LYS H 80 41.12 -24.90 0.73
C LYS H 80 39.84 -25.75 0.83
N ALA H 81 39.98 -27.05 1.10
CA ALA H 81 38.84 -27.94 1.24
C ALA H 81 38.11 -27.75 2.58
N GLY H 82 38.79 -27.17 3.58
CA GLY H 82 38.17 -26.92 4.87
C GLY H 82 38.87 -27.43 6.14
N MET H 83 40.11 -27.96 6.06
CA MET H 83 40.80 -28.43 7.27
C MET H 83 41.08 -27.22 8.20
N ASN H 84 40.69 -27.32 9.47
CA ASN H 84 40.88 -26.22 10.42
C ASN H 84 41.95 -26.52 11.43
N ILE H 85 42.10 -27.80 11.82
CA ILE H 85 43.09 -28.25 12.79
C ILE H 85 43.86 -29.43 12.22
N ALA H 86 45.19 -29.38 12.30
CA ALA H 86 46.07 -30.46 11.87
C ALA H 86 46.42 -31.27 13.12
N ARG H 87 46.13 -32.56 13.11
CA ARG H 87 46.44 -33.43 14.25
C ARG H 87 47.71 -34.23 13.98
N LEU H 88 48.63 -34.25 14.95
CA LEU H 88 49.88 -35.02 14.85
C LEU H 88 49.78 -36.13 15.86
N ASN H 89 49.70 -37.38 15.36
CA ASN H 89 49.54 -38.53 16.23
C ASN H 89 50.90 -39.00 16.75
N PHE H 90 51.21 -38.71 18.02
CA PHE H 90 52.50 -39.11 18.59
C PHE H 90 52.56 -40.61 18.94
N SER H 91 51.57 -41.40 18.54
CA SER H 91 51.62 -42.85 18.66
C SER H 91 52.51 -43.41 17.53
N HIS H 92 52.64 -42.70 16.40
CA HIS H 92 53.46 -43.06 15.25
C HIS H 92 54.53 -41.97 15.03
N GLY H 93 55.58 -42.31 14.30
CA GLY H 93 56.64 -41.39 13.97
C GLY H 93 57.56 -41.00 15.09
N SER H 94 58.48 -40.13 14.75
CA SER H 94 59.47 -39.63 15.71
C SER H 94 59.33 -38.11 15.88
N HIS H 95 60.12 -37.51 16.80
CA HIS H 95 60.12 -36.05 16.99
C HIS H 95 60.54 -35.35 15.69
N GLU H 96 61.51 -35.91 14.98
CA GLU H 96 61.98 -35.37 13.72
C GLU H 96 60.88 -35.41 12.65
N TYR H 97 60.11 -36.50 12.63
CA TYR H 97 59.05 -36.66 11.66
C TYR H 97 57.95 -35.59 11.95
N HIS H 98 57.51 -35.48 13.18
CA HIS H 98 56.47 -34.50 13.55
C HIS H 98 56.93 -33.04 13.43
N ALA H 99 58.23 -32.77 13.64
CA ALA H 99 58.75 -31.41 13.43
C ALA H 99 58.65 -31.03 11.95
N GLU H 100 58.92 -31.99 11.05
CA GLU H 100 58.81 -31.81 9.59
C GLU H 100 57.34 -31.55 9.27
N SER H 101 56.41 -32.28 9.92
CA SER H 101 54.95 -32.14 9.69
C SER H 101 54.49 -30.73 10.05
N ILE H 102 54.92 -30.26 11.21
CA ILE H 102 54.59 -28.95 11.69
C ILE H 102 55.10 -27.89 10.77
N ALA H 103 56.35 -28.02 10.31
CA ALA H 103 56.94 -27.05 9.40
C ALA H 103 56.21 -27.00 8.04
N ASN H 104 55.76 -28.18 7.55
CA ASN H 104 55.02 -28.26 6.29
C ASN H 104 53.64 -27.64 6.43
N VAL H 105 52.97 -27.90 7.55
CA VAL H 105 51.65 -27.29 7.80
C VAL H 105 51.79 -25.76 7.84
N ARG H 106 52.73 -25.26 8.66
CA ARG H 106 52.99 -23.84 8.75
C ARG H 106 53.36 -23.20 7.41
N GLU H 107 54.13 -23.87 6.56
CA GLU H 107 54.48 -23.33 5.25
C GLU H 107 53.24 -23.25 4.37
N ALA H 108 52.37 -24.28 4.36
CA ALA H 108 51.13 -24.22 3.57
C ALA H 108 50.18 -23.15 4.10
N VAL H 109 50.08 -23.02 5.43
CA VAL H 109 49.21 -22.00 6.05
C VAL H 109 49.72 -20.59 5.72
N GLU H 110 51.03 -20.36 5.87
CA GLU H 110 51.60 -19.03 5.61
C GLU H 110 51.67 -18.65 4.15
N SER H 111 51.48 -19.60 3.24
CA SER H 111 51.46 -19.30 1.81
C SER H 111 50.27 -18.43 1.42
N PHE H 112 49.24 -18.34 2.26
CA PHE H 112 48.07 -17.51 2.01
C PHE H 112 48.10 -16.19 2.83
N ALA H 113 49.09 -15.97 3.68
CA ALA H 113 49.18 -14.76 4.51
C ALA H 113 49.30 -13.43 3.73
N GLY H 114 49.77 -13.45 2.46
CA GLY H 114 49.90 -12.22 1.70
C GLY H 114 48.56 -11.58 1.31
N SER H 115 47.42 -12.31 1.47
CA SER H 115 46.07 -11.76 1.29
C SER H 115 45.36 -11.85 2.66
N PRO H 116 45.54 -10.85 3.53
CA PRO H 116 45.01 -10.93 4.91
C PRO H 116 43.50 -11.07 5.06
N LEU H 117 42.74 -10.60 4.08
CA LEU H 117 41.29 -10.72 4.11
C LEU H 117 40.80 -12.14 3.88
N SER H 118 41.64 -13.03 3.32
CA SER H 118 41.21 -14.41 3.04
C SER H 118 42.05 -15.49 3.77
N TYR H 119 43.12 -15.08 4.48
CA TYR H 119 44.00 -15.95 5.24
C TYR H 119 43.21 -16.79 6.26
N ARG H 120 43.48 -18.10 6.29
CA ARG H 120 42.80 -19.01 7.20
C ARG H 120 43.79 -19.56 8.20
N PRO H 121 43.59 -19.25 9.49
CA PRO H 121 44.45 -19.86 10.50
C PRO H 121 44.13 -21.36 10.60
N VAL H 122 45.17 -22.17 10.93
CA VAL H 122 45.05 -23.61 11.12
C VAL H 122 45.76 -23.99 12.39
N ALA H 123 45.06 -24.59 13.33
CA ALA H 123 45.67 -25.00 14.60
C ALA H 123 46.51 -26.26 14.46
N ILE H 124 47.48 -26.45 15.36
CA ILE H 124 48.29 -27.64 15.39
C ILE H 124 48.03 -28.35 16.72
N ALA H 125 47.53 -29.57 16.64
CA ALA H 125 47.19 -30.34 17.82
C ALA H 125 48.08 -31.55 17.96
N LEU H 126 48.64 -31.77 19.17
CA LEU H 126 49.51 -32.90 19.44
C LEU H 126 48.68 -33.96 20.15
N ASP H 127 48.51 -35.14 19.55
CA ASP H 127 47.77 -36.23 20.17
C ASP H 127 48.82 -37.14 20.84
N THR H 128 48.79 -37.25 22.17
CA THR H 128 49.79 -38.06 22.89
C THR H 128 49.60 -39.58 22.72
N LYS H 129 50.68 -40.35 22.92
CA LYS H 129 50.67 -41.80 22.83
C LYS H 129 49.82 -42.42 23.94
N GLY H 130 49.94 -41.88 25.15
CA GLY H 130 49.16 -42.35 26.28
C GLY H 130 49.97 -43.02 27.36
N PRO H 131 49.35 -43.37 28.52
CA PRO H 131 50.07 -43.94 29.65
C PRO H 131 50.29 -45.44 29.50
N GLY H 132 49.55 -46.07 28.60
CA GLY H 132 49.66 -47.53 28.40
C GLY H 132 49.35 -48.30 29.68
N SER H 133 50.19 -49.27 30.02
CA SER H 133 49.96 -50.11 31.21
C SER H 133 50.26 -49.31 32.47
N GLY H 134 50.89 -48.14 32.31
CA GLY H 134 51.22 -47.30 33.47
C GLY H 134 50.02 -46.58 34.02
N PRO H 135 50.03 -46.14 35.30
CA PRO H 135 48.93 -45.37 35.84
C PRO H 135 49.11 -43.87 35.55
N GLY H 136 50.33 -43.35 35.73
CA GLY H 136 50.58 -41.91 35.54
C GLY H 136 51.04 -41.52 34.15
N LEU H 137 51.58 -40.30 34.02
CA LEU H 137 52.04 -39.81 32.70
C LEU H 137 53.30 -40.56 32.33
N SER H 138 53.26 -41.26 31.21
CA SER H 138 54.43 -42.01 30.76
C SER H 138 55.63 -41.07 30.50
N GLU H 139 56.84 -41.61 30.53
CA GLU H 139 58.04 -40.81 30.27
C GLU H 139 58.12 -40.35 28.84
N GLN H 140 57.56 -41.12 27.89
CA GLN H 140 57.51 -40.70 26.49
C GLN H 140 56.56 -39.51 26.34
N ASP H 141 55.42 -39.53 27.05
CA ASP H 141 54.46 -38.43 27.04
C ASP H 141 55.10 -37.16 27.57
N VAL H 142 55.90 -37.26 28.63
CA VAL H 142 56.60 -36.10 29.17
C VAL H 142 57.54 -35.47 28.14
N ARG H 143 58.25 -36.31 27.38
CA ARG H 143 59.14 -35.81 26.32
C ARG H 143 58.36 -35.22 25.14
N ASP H 144 57.26 -35.86 24.75
CA ASP H 144 56.44 -35.39 23.63
C ASP H 144 55.74 -34.08 23.97
N LEU H 145 55.23 -33.95 25.20
CA LEU H 145 54.62 -32.71 25.68
C LEU H 145 55.62 -31.57 25.69
N ARG H 146 56.88 -31.83 26.12
CA ARG H 146 57.89 -30.78 26.09
CA ARG H 146 57.95 -30.83 26.10
C ARG H 146 58.25 -30.41 24.65
N PHE H 147 58.21 -31.39 23.71
CA PHE H 147 58.44 -31.14 22.30
C PHE H 147 57.34 -30.17 21.79
N GLY H 148 56.09 -30.39 22.19
CA GLY H 148 54.95 -29.59 21.79
C GLY H 148 55.11 -28.16 22.20
N VAL H 149 55.54 -27.93 23.44
CA VAL H 149 55.79 -26.58 23.95
C VAL H 149 56.92 -25.92 23.13
N GLU H 150 58.00 -26.64 22.87
CA GLU H 150 59.13 -26.12 22.12
C GLU H 150 58.78 -25.82 20.68
N HIS H 151 57.82 -26.54 20.10
CA HIS H 151 57.37 -26.30 18.73
C HIS H 151 56.09 -25.46 18.63
N GLY H 152 55.62 -24.90 19.74
CA GLY H 152 54.46 -24.03 19.80
C GLY H 152 53.13 -24.62 19.36
N VAL H 153 52.83 -25.86 19.77
CA VAL H 153 51.53 -26.45 19.43
C VAL H 153 50.42 -25.71 20.16
N ASP H 154 49.22 -25.68 19.59
CA ASP H 154 48.10 -24.93 20.15
C ASP H 154 47.26 -25.79 21.10
N ILE H 155 47.15 -27.09 20.78
CA ILE H 155 46.27 -27.99 21.49
C ILE H 155 46.96 -29.28 21.81
N VAL H 156 46.56 -29.92 22.89
CA VAL H 156 47.01 -31.25 23.23
C VAL H 156 45.75 -32.13 23.32
N PHE H 157 45.69 -33.23 22.55
CA PHE H 157 44.62 -34.20 22.68
C PHE H 157 45.26 -35.21 23.61
N ALA H 158 44.96 -35.15 24.91
CA ALA H 158 45.57 -36.07 25.88
C ALA H 158 44.92 -37.45 25.91
N SER H 159 45.64 -38.49 25.45
CA SER H 159 45.14 -39.86 25.41
C SER H 159 44.87 -40.47 26.78
N PHE H 160 43.83 -41.31 26.83
CA PHE H 160 43.40 -42.10 27.99
C PHE H 160 43.33 -41.33 29.30
N VAL H 161 42.60 -40.22 29.32
CA VAL H 161 42.43 -39.45 30.55
C VAL H 161 41.40 -40.21 31.38
N ARG H 162 41.73 -40.54 32.64
CA ARG H 162 40.83 -41.34 33.50
C ARG H 162 40.33 -40.60 34.75
N LYS H 163 40.96 -39.45 35.09
CA LYS H 163 40.62 -38.69 36.30
C LYS H 163 41.23 -37.29 36.21
N ALA H 164 40.82 -36.39 37.11
CA ALA H 164 41.30 -35.02 37.11
C ALA H 164 42.82 -34.92 37.31
N SER H 165 43.43 -35.85 38.03
CA SER H 165 44.88 -35.81 38.26
C SER H 165 45.69 -36.05 36.99
N ASP H 166 45.12 -36.79 36.02
CA ASP H 166 45.77 -37.05 34.73
C ASP H 166 45.92 -35.72 33.96
N VAL H 167 44.88 -34.86 34.02
CA VAL H 167 44.91 -33.55 33.37
C VAL H 167 45.96 -32.66 34.03
N ALA H 168 46.06 -32.71 35.36
CA ALA H 168 47.04 -31.93 36.12
C ALA H 168 48.44 -32.35 35.76
N ALA H 169 48.68 -33.65 35.52
CA ALA H 169 50.00 -34.14 35.13
C ALA H 169 50.38 -33.64 33.74
N VAL H 170 49.41 -33.62 32.79
CA VAL H 170 49.67 -33.07 31.45
C VAL H 170 49.97 -31.57 31.56
N ARG H 171 49.23 -30.85 32.40
N ARG H 171 49.22 -30.86 32.39
CA ARG H 171 49.39 -29.43 32.61
CA ARG H 171 49.40 -29.43 32.60
C ARG H 171 50.77 -29.11 33.22
C ARG H 171 50.80 -29.13 33.19
N ALA H 172 51.22 -29.95 34.16
CA ALA H 172 52.54 -29.81 34.79
C ALA H 172 53.64 -30.06 33.76
N ALA H 173 53.49 -31.12 32.93
CA ALA H 173 54.48 -31.46 31.90
C ALA H 173 54.65 -30.41 30.83
N LEU H 174 53.65 -29.57 30.61
CA LEU H 174 53.76 -28.46 29.66
C LEU H 174 54.60 -27.27 30.20
N GLY H 175 54.85 -27.25 31.50
CA GLY H 175 55.66 -26.23 32.15
C GLY H 175 55.07 -24.85 32.20
N PRO H 176 55.93 -23.86 32.54
CA PRO H 176 55.45 -22.47 32.61
C PRO H 176 55.13 -21.85 31.25
N GLU H 177 55.83 -22.29 30.20
CA GLU H 177 55.61 -21.71 28.87
C GLU H 177 54.43 -22.33 28.10
N GLY H 178 53.84 -23.42 28.62
CA GLY H 178 52.70 -24.04 27.96
C GLY H 178 51.38 -23.73 28.64
N HIS H 179 51.29 -22.61 29.37
CA HIS H 179 50.05 -22.20 30.07
CA HIS H 179 50.05 -22.20 30.07
C HIS H 179 48.90 -21.92 29.10
N GLY H 180 49.23 -21.41 27.89
CA GLY H 180 48.24 -21.10 26.87
C GLY H 180 47.74 -22.26 26.02
N ILE H 181 48.41 -23.40 26.05
CA ILE H 181 48.00 -24.58 25.28
C ILE H 181 46.69 -25.16 25.80
N LYS H 182 45.75 -25.48 24.90
CA LYS H 182 44.48 -26.03 25.31
C LYS H 182 44.61 -27.53 25.52
N ILE H 183 44.06 -28.04 26.62
CA ILE H 183 44.08 -29.47 26.89
C ILE H 183 42.70 -30.07 26.62
N ILE H 184 42.59 -30.91 25.59
CA ILE H 184 41.36 -31.62 25.24
C ILE H 184 41.55 -33.03 25.73
N SER H 185 40.78 -33.46 26.73
CA SER H 185 40.92 -34.79 27.29
C SER H 185 40.24 -35.85 26.45
N LYS H 186 40.99 -36.88 26.04
CA LYS H 186 40.38 -37.97 25.29
C LYS H 186 39.76 -38.98 26.25
N ILE H 187 38.46 -39.24 26.10
CA ILE H 187 37.76 -40.22 26.92
C ILE H 187 37.73 -41.48 26.11
N GLU H 188 38.50 -42.50 26.53
CA GLU H 188 38.66 -43.74 25.77
C GLU H 188 38.33 -45.01 26.53
N ASN H 189 37.86 -44.92 27.79
CA ASN H 189 37.58 -46.12 28.57
C ASN H 189 36.45 -45.92 29.58
N HIS H 190 36.06 -46.99 30.31
CA HIS H 190 34.98 -46.93 31.26
C HIS H 190 35.24 -45.89 32.37
N GLU H 191 36.47 -45.86 32.92
CA GLU H 191 36.78 -44.94 34.00
C GLU H 191 36.64 -43.48 33.60
N GLY H 192 37.09 -43.15 32.37
CA GLY H 192 36.98 -41.81 31.83
C GLY H 192 35.52 -41.38 31.71
N VAL H 193 34.64 -42.30 31.28
CA VAL H 193 33.22 -42.03 31.16
C VAL H 193 32.61 -41.80 32.55
N LYS H 194 32.95 -42.65 33.52
CA LYS H 194 32.43 -42.54 34.88
C LYS H 194 32.94 -41.33 35.64
N ARG H 195 34.18 -40.92 35.42
CA ARG H 195 34.72 -39.73 36.07
C ARG H 195 34.67 -38.49 35.17
N PHE H 196 33.78 -38.50 34.15
CA PHE H 196 33.61 -37.45 33.15
C PHE H 196 33.48 -36.04 33.75
N ASP H 197 32.57 -35.84 34.68
CA ASP H 197 32.36 -34.51 35.27
C ASP H 197 33.62 -33.92 35.90
N GLU H 198 34.41 -34.72 36.63
CA GLU H 198 35.62 -34.19 37.24
C GLU H 198 36.71 -33.91 36.19
N ILE H 199 36.73 -34.67 35.08
CA ILE H 199 37.68 -34.47 34.01
C ILE H 199 37.33 -33.19 33.22
N LEU H 200 36.04 -33.03 32.85
CA LEU H 200 35.58 -31.87 32.10
C LEU H 200 35.83 -30.59 32.87
N GLU H 201 35.65 -30.61 34.19
CA GLU H 201 35.86 -29.44 35.01
C GLU H 201 37.27 -28.87 34.92
N VAL H 202 38.28 -29.74 34.83
CA VAL H 202 39.68 -29.26 34.74
C VAL H 202 40.23 -29.20 33.31
N SER H 203 39.50 -29.71 32.32
CA SER H 203 39.95 -29.72 30.94
C SER H 203 39.41 -28.51 30.18
N ASP H 204 40.03 -28.17 29.06
CA ASP H 204 39.51 -27.13 28.20
C ASP H 204 38.40 -27.68 27.28
N GLY H 205 38.36 -29.00 27.08
CA GLY H 205 37.41 -29.66 26.22
C GLY H 205 37.58 -31.16 26.26
N ILE H 206 36.80 -31.87 25.43
CA ILE H 206 36.78 -33.33 25.43
C ILE H 206 36.83 -33.92 24.02
N MET H 207 37.43 -35.08 23.86
CA MET H 207 37.37 -35.81 22.62
C MET H 207 36.74 -37.17 22.91
N VAL H 208 35.69 -37.52 22.17
CA VAL H 208 35.04 -38.82 22.28
C VAL H 208 35.87 -39.71 21.34
N ALA H 209 36.87 -40.40 21.91
CA ALA H 209 37.80 -41.25 21.18
C ALA H 209 37.17 -42.61 21.04
N ARG H 210 36.30 -42.76 20.03
CA ARG H 210 35.47 -43.94 19.81
C ARG H 210 36.22 -45.23 19.49
N GLY H 211 37.41 -45.16 18.92
CA GLY H 211 38.19 -46.36 18.61
C GLY H 211 38.50 -47.18 19.84
N ASP H 212 39.20 -46.60 20.82
CA ASP H 212 39.51 -47.29 22.06
C ASP H 212 38.27 -47.48 22.90
N LEU H 213 37.39 -46.50 22.94
CA LEU H 213 36.15 -46.59 23.70
C LEU H 213 35.29 -47.79 23.25
N GLY H 214 35.29 -48.06 21.94
CA GLY H 214 34.57 -49.19 21.36
C GLY H 214 35.12 -50.55 21.68
N ILE H 215 36.35 -50.62 22.20
CA ILE H 215 36.97 -51.85 22.62
C ILE H 215 37.02 -51.95 24.14
N GLU H 216 37.06 -50.83 24.86
CA GLU H 216 37.04 -50.78 26.32
C GLU H 216 35.66 -51.03 26.89
N ILE H 217 34.61 -50.55 26.22
CA ILE H 217 33.22 -50.76 26.62
C ILE H 217 32.47 -51.49 25.47
N PRO H 218 31.30 -52.12 25.69
CA PRO H 218 30.60 -52.78 24.57
C PRO H 218 30.37 -51.81 23.41
N ALA H 219 30.61 -52.26 22.19
CA ALA H 219 30.49 -51.41 21.01
C ALA H 219 29.14 -50.76 20.87
N GLU H 220 28.05 -51.46 21.25
CA GLU H 220 26.68 -50.97 21.15
C GLU H 220 26.37 -49.87 22.20
N LYS H 221 27.30 -49.56 23.11
CA LYS H 221 27.09 -48.54 24.13
C LYS H 221 27.80 -47.22 23.79
N VAL H 222 28.72 -47.21 22.80
CA VAL H 222 29.47 -46.03 22.45
C VAL H 222 28.57 -44.83 22.12
N PHE H 223 27.48 -45.02 21.38
CA PHE H 223 26.58 -43.91 21.05
C PHE H 223 26.02 -43.21 22.30
N LEU H 224 25.80 -43.98 23.40
CA LEU H 224 25.27 -43.39 24.63
C LEU H 224 26.34 -42.50 25.24
N ALA H 225 27.61 -42.96 25.27
CA ALA H 225 28.70 -42.21 25.80
C ALA H 225 28.94 -40.95 24.95
N GLN H 226 28.87 -41.07 23.61
CA GLN H 226 29.04 -39.93 22.73
C GLN H 226 27.95 -38.87 22.97
N LYS H 227 26.68 -39.28 22.97
CA LYS H 227 25.56 -38.36 23.16
C LYS H 227 25.57 -37.71 24.56
N MET H 228 25.97 -38.46 25.59
CA MET H 228 26.06 -37.93 26.94
C MET H 228 27.17 -36.86 27.03
N MET H 229 28.38 -37.19 26.56
CA MET H 229 29.51 -36.29 26.63
C MET H 229 29.30 -35.03 25.80
N ILE H 230 28.73 -35.15 24.60
CA ILE H 230 28.44 -33.98 23.78
C ILE H 230 27.43 -33.07 24.50
N GLY H 231 26.33 -33.66 25.03
CA GLY H 231 25.34 -32.93 25.80
C GLY H 231 25.95 -32.16 26.98
N ARG H 232 26.78 -32.82 27.79
CA ARG H 232 27.42 -32.21 28.96
C ARG H 232 28.41 -31.13 28.59
N CYS H 233 29.12 -31.28 27.48
CA CYS H 233 30.03 -30.25 27.01
C CYS H 233 29.28 -29.06 26.50
N ASN H 234 28.14 -29.28 25.80
CA ASN H 234 27.29 -28.19 25.33
C ASN H 234 26.75 -27.40 26.54
N LEU H 235 26.37 -28.10 27.60
CA LEU H 235 25.88 -27.52 28.83
C LEU H 235 27.01 -26.69 29.50
N ALA H 236 28.24 -27.26 29.57
CA ALA H 236 29.39 -26.57 30.16
C ALA H 236 29.97 -25.44 29.29
N GLY H 237 29.60 -25.40 28.01
CA GLY H 237 30.14 -24.42 27.07
C GLY H 237 31.59 -24.71 26.71
N LYS H 238 32.00 -25.99 26.74
CA LYS H 238 33.38 -26.38 26.41
C LYS H 238 33.42 -27.21 25.13
N PRO H 239 34.48 -27.07 24.32
CA PRO H 239 34.52 -27.81 23.04
C PRO H 239 34.46 -29.33 23.19
N VAL H 240 33.77 -29.98 22.26
CA VAL H 240 33.73 -31.43 22.22
C VAL H 240 33.99 -31.89 20.79
N VAL H 241 34.90 -32.87 20.63
CA VAL H 241 35.28 -33.45 19.35
C VAL H 241 34.71 -34.85 19.22
N CYS H 242 34.12 -35.17 18.10
CA CYS H 242 33.73 -36.53 17.81
C CYS H 242 34.77 -37.12 16.89
N ALA H 243 35.36 -38.26 17.26
CA ALA H 243 36.47 -38.84 16.49
C ALA H 243 36.31 -40.33 16.17
N THR H 244 37.05 -40.80 15.13
CA THR H 244 37.37 -42.16 14.71
C THR H 244 36.30 -42.89 13.90
N GLN H 245 36.71 -43.35 12.72
CA GLN H 245 35.95 -44.16 11.76
C GLN H 245 34.75 -43.46 11.19
N MET H 246 34.72 -42.11 11.21
CA MET H 246 33.61 -41.34 10.69
C MET H 246 33.40 -41.58 9.21
N LEU H 247 34.48 -41.65 8.43
CA LEU H 247 34.40 -41.91 6.97
C LEU H 247 35.42 -43.01 6.61
N GLU H 248 35.61 -44.01 7.50
CA GLU H 248 36.60 -45.08 7.36
C GLU H 248 36.78 -45.66 5.95
N SER H 249 35.68 -45.99 5.27
CA SER H 249 35.74 -46.57 3.94
C SER H 249 36.43 -45.66 2.91
N MET H 250 36.46 -44.35 3.15
CA MET H 250 37.15 -43.41 2.26
C MET H 250 38.69 -43.49 2.30
N ILE H 251 39.25 -44.38 3.16
CA ILE H 251 40.68 -44.63 3.13
C ILE H 251 41.06 -45.28 1.76
N THR H 252 40.17 -46.14 1.24
CA THR H 252 40.40 -46.87 0.00
C THR H 252 39.39 -46.56 -1.09
N LYS H 253 38.17 -46.07 -0.74
CA LYS H 253 37.13 -45.78 -1.73
C LYS H 253 36.82 -44.28 -1.91
N PRO H 254 36.45 -43.89 -3.16
CA PRO H 254 36.19 -42.46 -3.46
C PRO H 254 34.99 -41.81 -2.75
N ARG H 255 34.00 -42.63 -2.36
CA ARG H 255 32.78 -42.16 -1.72
C ARG H 255 32.52 -42.97 -0.45
N PRO H 256 31.91 -42.38 0.58
CA PRO H 256 31.67 -43.13 1.83
C PRO H 256 30.37 -43.96 1.80
N THR H 257 30.16 -44.77 2.84
CA THR H 257 28.94 -45.57 2.95
C THR H 257 27.81 -44.71 3.50
N ARG H 258 26.57 -45.19 3.42
CA ARG H 258 25.42 -44.51 3.93
C ARG H 258 25.48 -44.34 5.45
N ALA H 259 26.07 -45.31 6.16
CA ALA H 259 26.25 -45.25 7.59
C ALA H 259 27.27 -44.16 8.00
N GLU H 260 28.29 -43.97 7.18
CA GLU H 260 29.33 -42.98 7.39
C GLU H 260 28.83 -41.54 7.26
N THR H 261 28.10 -41.22 6.19
CA THR H 261 27.55 -39.87 6.05
C THR H 261 26.55 -39.59 7.18
N SER H 262 25.78 -40.60 7.56
CA SER H 262 24.80 -40.51 8.61
C SER H 262 25.51 -40.23 9.95
N ASP H 263 26.61 -40.91 10.23
CA ASP H 263 27.39 -40.74 11.44
C ASP H 263 27.92 -39.30 11.56
N VAL H 264 28.46 -38.74 10.45
CA VAL H 264 28.95 -37.37 10.43
C VAL H 264 27.78 -36.40 10.70
N ALA H 265 26.65 -36.57 10.00
CA ALA H 265 25.49 -35.70 10.19
C ALA H 265 24.97 -35.77 11.62
N ASN H 266 24.93 -36.98 12.19
CA ASN H 266 24.44 -37.17 13.55
C ASN H 266 25.38 -36.64 14.60
N ALA H 267 26.70 -36.65 14.38
CA ALA H 267 27.64 -36.04 15.32
C ALA H 267 27.38 -34.52 15.37
N VAL H 268 27.12 -33.88 14.21
CA VAL H 268 26.80 -32.45 14.14
C VAL H 268 25.43 -32.19 14.83
N LEU H 269 24.41 -32.99 14.52
CA LEU H 269 23.11 -32.83 15.14
C LEU H 269 23.16 -33.07 16.66
N ASP H 270 24.07 -33.92 17.14
CA ASP H 270 24.27 -34.16 18.56
C ASP H 270 24.77 -32.90 19.27
N GLY H 271 25.58 -32.08 18.60
CA GLY H 271 26.13 -30.88 19.18
C GLY H 271 27.64 -30.81 19.18
N ALA H 272 28.31 -31.68 18.40
CA ALA H 272 29.77 -31.68 18.38
C ALA H 272 30.33 -30.39 17.80
N ASP H 273 31.38 -29.85 18.43
CA ASP H 273 32.02 -28.64 17.92
C ASP H 273 32.92 -29.02 16.78
N CYS H 274 33.66 -30.15 16.89
CA CYS H 274 34.58 -30.61 15.88
C CYS H 274 34.30 -32.04 15.45
N ILE H 275 34.71 -32.36 14.23
CA ILE H 275 34.65 -33.70 13.69
C ILE H 275 36.08 -34.03 13.20
N MET H 276 36.47 -35.31 13.27
CA MET H 276 37.83 -35.68 12.94
C MET H 276 37.99 -36.75 11.86
N LEU H 277 39.12 -36.72 11.16
CA LEU H 277 39.56 -37.74 10.22
C LEU H 277 40.91 -38.26 10.71
N SER H 278 41.10 -39.58 10.74
CA SER H 278 42.35 -40.20 11.18
C SER H 278 42.99 -40.81 9.97
N GLY H 279 42.76 -42.11 9.71
CA GLY H 279 43.35 -42.75 8.56
C GLY H 279 42.93 -42.16 7.24
N GLU H 280 41.75 -41.55 7.20
CA GLU H 280 41.18 -40.95 6.00
C GLU H 280 42.09 -39.85 5.47
N THR H 281 42.84 -39.12 6.36
CA THR H 281 43.74 -38.09 5.86
C THR H 281 45.23 -38.44 6.07
N ALA H 282 45.53 -39.22 7.07
CA ALA H 282 46.90 -39.59 7.38
C ALA H 282 47.50 -40.58 6.40
N LYS H 283 46.74 -41.60 5.98
CA LYS H 283 47.31 -42.64 5.15
C LYS H 283 46.52 -43.06 3.92
N GLY H 284 45.26 -42.66 3.80
CA GLY H 284 44.42 -43.09 2.70
C GLY H 284 44.72 -42.49 1.35
N ASN H 285 43.92 -42.91 0.35
CA ASN H 285 44.05 -42.45 -1.04
C ASN H 285 43.19 -41.21 -1.36
N PHE H 286 42.29 -40.79 -0.45
CA PHE H 286 41.43 -39.65 -0.70
C PHE H 286 41.47 -38.59 0.47
N PRO H 287 42.65 -38.08 0.92
CA PRO H 287 42.65 -37.09 2.02
C PRO H 287 41.84 -35.81 1.80
N VAL H 288 41.90 -35.22 0.59
CA VAL H 288 41.23 -33.97 0.26
C VAL H 288 39.75 -34.20 0.07
N GLU H 289 39.37 -35.29 -0.62
CA GLU H 289 37.96 -35.61 -0.79
C GLU H 289 37.30 -35.93 0.53
N ALA H 290 38.04 -36.50 1.50
CA ALA H 290 37.49 -36.86 2.80
C ALA H 290 37.15 -35.59 3.57
N VAL H 291 38.01 -34.56 3.48
CA VAL H 291 37.80 -33.25 4.09
C VAL H 291 36.59 -32.58 3.43
N LYS H 292 36.53 -32.59 2.08
CA LYS H 292 35.39 -32.07 1.33
C LYS H 292 34.09 -32.75 1.70
N MET H 293 34.09 -34.07 1.92
CA MET H 293 32.90 -34.82 2.32
C MET H 293 32.42 -34.41 3.70
N GLN H 294 33.34 -34.28 4.65
CA GLN H 294 32.96 -33.81 6.00
C GLN H 294 32.40 -32.41 5.95
N HIS H 295 32.99 -31.54 5.09
CA HIS H 295 32.53 -30.17 4.91
C HIS H 295 31.10 -30.13 4.38
N ALA H 296 30.81 -30.89 3.32
CA ALA H 296 29.51 -30.94 2.67
C ALA H 296 28.43 -31.46 3.63
N ILE H 297 28.72 -32.53 4.38
CA ILE H 297 27.75 -33.08 5.34
C ILE H 297 27.50 -32.12 6.51
N ALA H 298 28.57 -31.58 7.09
CA ALA H 298 28.42 -30.65 8.22
C ALA H 298 27.55 -29.43 7.87
N ARG H 299 27.72 -28.83 6.68
CA ARG H 299 26.88 -27.70 6.25
C ARG H 299 25.40 -28.10 6.21
N GLU H 300 25.08 -29.28 5.65
CA GLU H 300 23.71 -29.75 5.59
C GLU H 300 23.16 -29.99 7.00
N ALA H 301 23.94 -30.65 7.86
CA ALA H 301 23.51 -30.97 9.22
C ALA H 301 23.32 -29.74 10.10
N GLU H 302 24.16 -28.69 9.90
CA GLU H 302 24.02 -27.47 10.70
C GLU H 302 22.71 -26.74 10.38
N ALA H 303 22.31 -26.71 9.10
CA ALA H 303 21.04 -26.10 8.71
C ALA H 303 19.85 -26.89 9.28
N ALA H 304 19.99 -28.20 9.47
CA ALA H 304 18.93 -29.05 10.00
C ALA H 304 18.84 -29.06 11.54
N VAL H 305 19.66 -28.28 12.23
CA VAL H 305 19.64 -28.19 13.69
C VAL H 305 18.35 -27.43 14.10
N TYR H 306 17.60 -27.95 15.09
CA TYR H 306 16.37 -27.32 15.54
C TYR H 306 16.70 -26.23 16.54
N HIS H 307 17.16 -25.05 16.06
CA HIS H 307 17.60 -23.98 16.94
C HIS H 307 16.58 -23.51 17.96
N ARG H 308 15.29 -23.57 17.64
CA ARG H 308 14.25 -23.14 18.56
C ARG H 308 14.33 -23.87 19.91
N GLN H 309 14.41 -25.20 19.86
CA GLN H 309 14.52 -25.98 21.09
C GLN H 309 15.92 -25.85 21.68
N LEU H 310 16.96 -25.92 20.83
CA LEU H 310 18.33 -25.84 21.28
C LEU H 310 18.63 -24.56 22.07
N PHE H 311 18.31 -23.39 21.52
CA PHE H 311 18.56 -22.11 22.19
C PHE H 311 17.78 -22.00 23.48
N GLU H 312 16.49 -22.38 23.47
CA GLU H 312 15.66 -22.35 24.68
C GLU H 312 16.22 -23.26 25.75
N GLU H 313 16.65 -24.47 25.40
CA GLU H 313 17.23 -25.40 26.36
C GLU H 313 18.60 -24.95 26.86
N LEU H 314 19.43 -24.33 26.01
CA LEU H 314 20.73 -23.83 26.42
C LEU H 314 20.53 -22.68 27.40
N ARG H 315 19.55 -21.78 27.16
CA ARG H 315 19.37 -20.67 28.08
C ARG H 315 18.69 -21.15 29.39
N ARG H 316 17.70 -22.06 29.33
CA ARG H 316 17.08 -22.59 30.56
C ARG H 316 18.12 -23.31 31.44
N ALA H 317 18.98 -24.14 30.84
CA ALA H 317 20.00 -24.87 31.60
C ALA H 317 21.15 -24.02 32.09
N ALA H 318 21.47 -22.92 31.40
CA ALA H 318 22.60 -22.09 31.79
C ALA H 318 22.25 -21.31 33.05
N PRO H 319 23.16 -21.31 34.03
CA PRO H 319 22.88 -20.54 35.26
C PRO H 319 22.97 -19.03 35.05
N LEU H 320 22.45 -18.26 36.02
CA LEU H 320 22.59 -16.81 36.04
C LEU H 320 24.07 -16.43 36.09
N SER H 321 24.45 -15.31 35.49
CA SER H 321 25.85 -14.90 35.48
C SER H 321 25.98 -13.45 35.77
N ARG H 322 27.00 -13.08 36.50
CA ARG H 322 27.30 -11.69 36.77
C ARG H 322 28.52 -11.20 35.95
N ASP H 323 29.02 -12.03 35.00
CA ASP H 323 30.14 -11.70 34.16
C ASP H 323 29.62 -10.97 32.92
N PRO H 324 30.07 -9.72 32.70
CA PRO H 324 29.57 -8.95 31.56
C PRO H 324 29.81 -9.57 30.20
N THR H 325 30.87 -10.41 30.04
CA THR H 325 31.13 -11.05 28.77
C THR H 325 30.00 -12.07 28.50
N GLU H 326 29.65 -12.88 29.51
CA GLU H 326 28.61 -13.90 29.39
C GLU H 326 27.23 -13.24 29.19
N VAL H 327 26.96 -12.12 29.90
CA VAL H 327 25.73 -11.36 29.77
C VAL H 327 25.61 -10.73 28.37
N THR H 328 26.71 -10.15 27.84
CA THR H 328 26.71 -9.56 26.50
C THR H 328 26.52 -10.64 25.44
N ALA H 329 27.16 -11.81 25.63
CA ALA H 329 27.06 -12.92 24.69
C ALA H 329 25.62 -13.40 24.49
N ILE H 330 24.84 -13.62 25.56
CA ILE H 330 23.47 -14.06 25.42
C ILE H 330 22.58 -12.95 24.80
N GLY H 331 22.83 -11.71 25.13
CA GLY H 331 22.11 -10.58 24.54
C GLY H 331 22.37 -10.50 23.05
N ALA H 332 23.63 -10.70 22.63
CA ALA H 332 24.01 -10.66 21.22
C ALA H 332 23.43 -11.84 20.45
N VAL H 333 23.39 -13.04 21.03
CA VAL H 333 22.83 -14.20 20.35
C VAL H 333 21.31 -14.02 20.19
N GLU H 334 20.64 -13.47 21.20
CA GLU H 334 19.21 -13.20 21.14
CA GLU H 334 19.21 -13.19 21.14
C GLU H 334 18.93 -12.16 20.04
N ALA H 335 19.73 -11.08 20.00
CA ALA H 335 19.61 -10.03 19.00
C ALA H 335 19.86 -10.57 17.60
N ALA H 336 20.84 -11.47 17.43
CA ALA H 336 21.16 -12.04 16.13
C ALA H 336 19.97 -12.87 15.58
N PHE H 337 19.32 -13.67 16.44
CA PHE H 337 18.16 -14.46 16.03
C PHE H 337 16.98 -13.58 15.64
N LYS H 338 16.77 -12.47 16.37
CA LYS H 338 15.69 -11.53 16.14
C LYS H 338 15.70 -10.92 14.76
N CYS H 339 16.89 -10.58 14.24
CA CYS H 339 16.98 -9.92 12.94
C CYS H 339 17.52 -10.81 11.84
N CYS H 340 17.78 -12.13 12.13
CA CYS H 340 18.42 -13.04 11.16
C CYS H 340 19.74 -12.44 10.72
N ALA H 341 20.55 -11.98 11.72
CA ALA H 341 21.86 -11.37 11.46
C ALA H 341 22.74 -12.34 10.69
N ALA H 342 23.44 -11.83 9.65
CA ALA H 342 24.35 -12.66 8.86
C ALA H 342 25.54 -13.11 9.71
N ALA H 343 25.97 -12.29 10.69
CA ALA H 343 27.13 -12.57 11.49
C ALA H 343 27.11 -11.79 12.83
N ILE H 344 27.91 -12.23 13.80
CA ILE H 344 28.23 -11.57 15.03
C ILE H 344 29.74 -11.34 14.94
N ILE H 345 30.19 -10.09 14.80
CA ILE H 345 31.62 -9.79 14.72
C ILE H 345 32.10 -9.47 16.13
N VAL H 346 33.07 -10.23 16.64
CA VAL H 346 33.56 -10.05 18.00
C VAL H 346 35.07 -9.81 18.04
N LEU H 347 35.51 -8.88 18.87
CA LEU H 347 36.91 -8.63 19.11
C LEU H 347 37.30 -9.50 20.30
N THR H 348 38.38 -10.26 20.18
CA THR H 348 38.83 -11.11 21.26
C THR H 348 40.37 -11.18 21.28
N THR H 349 40.96 -11.30 22.48
CA THR H 349 42.40 -11.43 22.67
C THR H 349 42.74 -12.88 22.97
N THR H 350 41.97 -13.52 23.84
CA THR H 350 42.19 -14.93 24.25
C THR H 350 41.23 -15.91 23.54
N GLY H 351 40.18 -15.41 22.89
CA GLY H 351 39.16 -16.24 22.26
C GLY H 351 37.91 -16.42 23.12
N ARG H 352 37.99 -16.03 24.40
CA ARG H 352 36.92 -16.25 25.35
C ARG H 352 35.60 -15.60 24.98
N SER H 353 35.62 -14.37 24.46
CA SER H 353 34.35 -13.70 24.06
C SER H 353 33.69 -14.45 22.92
N ALA H 354 34.48 -15.04 22.01
CA ALA H 354 33.92 -15.81 20.90
C ALA H 354 33.34 -17.14 21.43
N GLN H 355 34.03 -17.77 22.38
CA GLN H 355 33.61 -19.02 22.98
C GLN H 355 32.27 -18.85 23.68
N LEU H 356 32.08 -17.74 24.41
CA LEU H 356 30.83 -17.52 25.12
C LEU H 356 29.69 -17.23 24.15
N LEU H 357 29.97 -16.63 22.98
CA LEU H 357 28.93 -16.46 21.96
C LEU H 357 28.54 -17.85 21.42
N SER H 358 29.54 -18.66 21.10
CA SER H 358 29.44 -20.00 20.55
C SER H 358 28.63 -20.98 21.40
N ARG H 359 28.72 -20.89 22.72
CA ARG H 359 27.99 -21.83 23.59
C ARG H 359 26.45 -21.70 23.47
N TYR H 360 25.96 -20.56 22.96
CA TYR H 360 24.50 -20.39 22.75
C TYR H 360 24.04 -20.81 21.37
N ARG H 361 24.95 -21.39 20.55
CA ARG H 361 24.66 -21.90 19.23
C ARG H 361 23.87 -20.95 18.32
N PRO H 362 24.40 -19.75 18.06
CA PRO H 362 23.70 -18.87 17.12
C PRO H 362 23.76 -19.43 15.71
N ARG H 363 22.75 -19.12 14.91
CA ARG H 363 22.76 -19.46 13.50
C ARG H 363 23.73 -18.48 12.79
N ALA H 364 23.84 -17.21 13.26
CA ALA H 364 24.77 -16.24 12.70
C ALA H 364 26.21 -16.69 12.96
N ALA H 365 27.10 -16.52 11.97
CA ALA H 365 28.49 -16.86 12.07
C ALA H 365 29.15 -15.93 13.10
N VAL H 366 30.07 -16.46 13.93
CA VAL H 366 30.78 -15.64 14.89
C VAL H 366 32.13 -15.34 14.27
N ILE H 367 32.29 -14.13 13.68
CA ILE H 367 33.54 -13.74 13.07
C ILE H 367 34.40 -13.14 14.17
N ALA H 368 35.49 -13.83 14.53
CA ALA H 368 36.33 -13.40 15.60
C ALA H 368 37.56 -12.68 15.11
N VAL H 369 37.70 -11.41 15.48
CA VAL H 369 38.88 -10.64 15.14
C VAL H 369 39.81 -10.53 16.32
N THR H 370 41.03 -11.06 16.13
CA THR H 370 42.11 -11.11 17.11
C THR H 370 43.43 -10.80 16.51
N ARG H 371 44.35 -10.27 17.33
CA ARG H 371 45.76 -10.06 16.97
C ARG H 371 46.61 -11.25 17.43
N SER H 372 46.09 -12.11 18.33
CA SER H 372 46.80 -13.28 18.81
C SER H 372 46.67 -14.41 17.76
N ALA H 373 47.80 -14.78 17.15
CA ALA H 373 47.89 -15.87 16.21
C ALA H 373 47.45 -17.19 16.90
N GLN H 374 47.88 -17.40 18.16
CA GLN H 374 47.50 -18.62 18.88
C GLN H 374 45.99 -18.69 19.13
N ALA H 375 45.37 -17.59 19.60
CA ALA H 375 43.93 -17.57 19.84
C ALA H 375 43.19 -17.78 18.53
N ALA H 376 43.64 -17.20 17.43
CA ALA H 376 43.03 -17.40 16.11
C ALA H 376 42.99 -18.88 15.74
N ARG H 377 44.06 -19.62 16.06
CA ARG H 377 44.11 -21.05 15.78
C ARG H 377 43.22 -21.86 16.75
N GLN H 378 43.30 -21.57 18.03
CA GLN H 378 42.55 -22.27 19.06
C GLN H 378 41.03 -22.07 19.02
N VAL H 379 40.51 -20.94 18.48
CA VAL H 379 39.04 -20.77 18.48
C VAL H 379 38.33 -21.68 17.49
N HIS H 380 39.06 -22.42 16.61
CA HIS H 380 38.49 -23.44 15.72
C HIS H 380 37.86 -24.56 16.56
N LEU H 381 38.25 -24.72 17.83
CA LEU H 381 37.66 -25.72 18.71
C LEU H 381 36.20 -25.39 19.01
N CYS H 382 35.75 -24.10 18.87
CA CYS H 382 34.39 -23.66 19.17
C CYS H 382 33.54 -23.55 17.95
N ARG H 383 32.43 -24.28 17.92
CA ARG H 383 31.54 -24.27 16.75
C ARG H 383 31.04 -22.88 16.36
N GLY H 384 31.15 -22.59 15.09
CA GLY H 384 30.64 -21.37 14.53
C GLY H 384 31.55 -20.18 14.68
N VAL H 385 32.79 -20.39 15.14
CA VAL H 385 33.74 -19.29 15.26
C VAL H 385 34.69 -19.28 14.06
N PHE H 386 34.70 -18.20 13.31
CA PHE H 386 35.53 -18.02 12.13
C PHE H 386 36.60 -17.00 12.50
N PRO H 387 37.84 -17.45 12.76
CA PRO H 387 38.89 -16.51 13.21
C PRO H 387 39.56 -15.70 12.10
N LEU H 388 39.81 -14.42 12.36
CA LEU H 388 40.53 -13.56 11.44
C LEU H 388 41.73 -13.01 12.19
N LEU H 389 42.92 -13.16 11.60
CA LEU H 389 44.12 -12.66 12.19
C LEU H 389 44.39 -11.20 11.73
N TYR H 390 44.19 -10.21 12.62
CA TYR H 390 44.42 -8.80 12.33
C TYR H 390 45.92 -8.52 12.51
N ARG H 391 46.58 -7.95 11.48
CA ARG H 391 48.03 -7.82 11.54
C ARG H 391 48.56 -6.42 11.81
N GLU H 392 47.73 -5.39 11.62
CA GLU H 392 48.11 -4.00 11.78
C GLU H 392 48.54 -3.60 13.18
N PRO H 393 49.53 -2.72 13.28
CA PRO H 393 49.90 -2.21 14.63
C PRO H 393 48.78 -1.30 15.17
N PRO H 394 48.62 -1.25 16.50
CA PRO H 394 47.51 -0.46 17.07
C PRO H 394 47.51 1.01 16.70
N GLU H 395 46.32 1.57 16.48
CA GLU H 395 46.11 2.99 16.21
C GLU H 395 46.35 3.78 17.53
N ALA H 396 46.63 5.08 17.41
CA ALA H 396 46.88 5.92 18.58
C ALA H 396 45.58 6.07 19.40
N ILE H 397 44.44 6.22 18.71
CA ILE H 397 43.16 6.32 19.40
C ILE H 397 42.52 4.93 19.47
N TRP H 398 42.32 4.39 20.67
CA TRP H 398 41.79 3.07 20.90
C TRP H 398 40.43 2.83 20.22
N ALA H 399 39.51 3.82 20.26
CA ALA H 399 38.25 3.67 19.54
C ALA H 399 38.46 3.44 18.02
N ASP H 400 39.42 4.12 17.39
CA ASP H 400 39.72 3.96 15.97
C ASP H 400 40.31 2.61 15.71
N ASP H 401 41.18 2.11 16.61
CA ASP H 401 41.77 0.78 16.50
C ASP H 401 40.65 -0.31 16.57
N VAL H 402 39.67 -0.09 17.44
CA VAL H 402 38.54 -0.96 17.54
C VAL H 402 37.72 -0.92 16.23
N ASP H 403 37.39 0.28 15.69
CA ASP H 403 36.65 0.40 14.44
C ASP H 403 37.41 -0.21 13.25
N ARG H 404 38.74 -0.11 13.23
CA ARG H 404 39.52 -0.69 12.15
C ARG H 404 39.39 -2.20 12.15
N ARG H 405 39.40 -2.83 13.32
CA ARG H 405 39.26 -4.28 13.41
C ARG H 405 37.84 -4.73 13.05
N VAL H 406 36.82 -3.94 13.44
CA VAL H 406 35.43 -4.26 13.07
C VAL H 406 35.28 -4.19 11.52
N GLN H 407 35.86 -3.17 10.88
CA GLN H 407 35.85 -3.03 9.43
C GLN H 407 36.65 -4.14 8.74
N PHE H 408 37.74 -4.59 9.37
CA PHE H 408 38.50 -5.72 8.84
C PHE H 408 37.60 -6.99 8.83
N GLY H 409 36.79 -7.20 9.88
CA GLY H 409 35.82 -8.29 9.96
C GLY H 409 34.76 -8.21 8.87
N ILE H 410 34.23 -6.98 8.61
CA ILE H 410 33.25 -6.73 7.57
C ILE H 410 33.84 -6.99 6.16
N GLU H 411 35.02 -6.45 5.87
CA GLU H 411 35.64 -6.62 4.57
C GLU H 411 36.01 -8.07 4.28
N SER H 412 36.50 -8.82 5.30
CA SER H 412 36.81 -10.23 5.15
C SER H 412 35.51 -11.02 4.90
N GLY H 413 34.45 -10.68 5.64
CA GLY H 413 33.18 -11.33 5.53
C GLY H 413 32.56 -11.14 4.17
N LYS H 414 32.69 -9.94 3.60
CA LYS H 414 32.17 -9.62 2.27
C LYS H 414 32.93 -10.43 1.22
N LEU H 415 34.27 -10.47 1.33
CA LEU H 415 35.14 -11.21 0.44
C LEU H 415 34.84 -12.72 0.46
N ARG H 416 34.64 -13.28 1.66
CA ARG H 416 34.41 -14.71 1.79
C ARG H 416 32.99 -15.16 1.58
N GLY H 417 32.04 -14.24 1.38
CA GLY H 417 30.65 -14.58 1.13
C GLY H 417 29.75 -14.63 2.35
N PHE H 418 30.29 -14.34 3.55
CA PHE H 418 29.46 -14.31 4.76
C PHE H 418 28.47 -13.10 4.75
N LEU H 419 28.91 -11.97 4.19
CA LEU H 419 28.17 -10.73 4.25
C LEU H 419 27.95 -10.12 2.91
N ARG H 420 26.92 -9.33 2.86
CA ARG H 420 26.49 -8.61 1.68
C ARG H 420 25.91 -7.26 2.15
N VAL H 421 25.93 -6.23 1.27
CA VAL H 421 25.34 -4.93 1.58
C VAL H 421 23.85 -5.08 1.91
N GLY H 422 23.42 -4.44 2.99
CA GLY H 422 22.04 -4.56 3.43
C GLY H 422 21.85 -5.55 4.58
N ASP H 423 22.87 -6.35 4.87
CA ASP H 423 22.81 -7.31 5.96
C ASP H 423 22.86 -6.60 7.30
N LEU H 424 22.38 -7.29 8.33
CA LEU H 424 22.50 -6.80 9.68
C LEU H 424 23.57 -7.65 10.37
N VAL H 425 24.45 -7.03 11.11
CA VAL H 425 25.44 -7.71 11.91
C VAL H 425 25.34 -7.23 13.36
N ILE H 426 25.74 -8.08 14.28
CA ILE H 426 25.80 -7.73 15.67
C ILE H 426 27.29 -7.59 15.95
N VAL H 427 27.74 -6.47 16.53
CA VAL H 427 29.16 -6.26 16.82
C VAL H 427 29.40 -6.27 18.33
N VAL H 428 30.31 -7.15 18.80
CA VAL H 428 30.59 -7.34 20.23
C VAL H 428 31.97 -6.84 20.56
N THR H 429 32.05 -5.78 21.41
CA THR H 429 33.31 -5.17 21.85
C THR H 429 33.33 -4.92 23.38
N GLY H 430 34.39 -4.32 23.89
CA GLY H 430 34.52 -4.01 25.31
C GLY H 430 34.68 -2.53 25.54
N TRP H 431 34.78 -2.13 26.83
CA TRP H 431 34.85 -0.72 27.19
C TRP H 431 36.30 -0.21 27.33
N ARG H 432 37.29 -1.10 27.44
CA ARG H 432 38.67 -0.70 27.57
C ARG H 432 39.56 -1.78 26.95
N PRO H 433 40.81 -1.45 26.59
CA PRO H 433 41.70 -2.49 26.03
C PRO H 433 42.03 -3.57 27.06
N GLY H 434 42.54 -4.69 26.56
CA GLY H 434 42.88 -5.83 27.38
C GLY H 434 41.77 -6.84 27.45
N SER H 435 42.14 -8.05 27.79
CA SER H 435 41.25 -9.18 27.91
CA SER H 435 41.21 -9.17 27.91
C SER H 435 40.33 -9.06 29.13
N GLY H 436 39.11 -9.58 29.00
CA GLY H 436 38.12 -9.67 30.09
C GLY H 436 37.14 -8.53 30.26
N TYR H 437 37.09 -7.58 29.33
CA TYR H 437 36.22 -6.41 29.47
C TYR H 437 35.12 -6.24 28.45
N THR H 438 34.75 -7.32 27.73
CA THR H 438 33.68 -7.27 26.76
C THR H 438 32.38 -6.91 27.49
N ASN H 439 31.61 -5.98 26.95
CA ASN H 439 30.36 -5.58 27.58
C ASN H 439 29.44 -4.81 26.64
N ILE H 440 29.73 -4.72 25.33
CA ILE H 440 28.92 -3.94 24.43
C ILE H 440 28.46 -4.75 23.24
N MET H 441 27.18 -4.67 22.88
CA MET H 441 26.68 -5.24 21.64
C MET H 441 26.00 -4.11 20.81
N ARG H 442 26.36 -3.99 19.52
CA ARG H 442 25.79 -2.98 18.61
CA ARG H 442 25.73 -3.00 18.65
C ARG H 442 25.13 -3.63 17.41
N VAL H 443 23.99 -3.09 16.97
CA VAL H 443 23.29 -3.58 15.77
C VAL H 443 23.75 -2.69 14.61
N LEU H 444 24.38 -3.26 13.61
CA LEU H 444 24.97 -2.51 12.51
C LEU H 444 24.47 -2.98 11.15
N SER H 445 24.19 -2.06 10.23
CA SER H 445 23.74 -2.42 8.89
C SER H 445 24.93 -2.35 7.95
N ILE H 446 25.13 -3.38 7.14
CA ILE H 446 26.28 -3.43 6.22
C ILE H 446 26.12 -2.51 5.04
N SER H 447 27.09 -1.62 4.84
CA SER H 447 27.10 -0.67 3.73
C SER H 447 28.24 -0.97 2.72
#